data_8ZSF
#
_entry.id   8ZSF
#
_cell.length_a   1.00
_cell.length_b   1.00
_cell.length_c   1.00
_cell.angle_alpha   90.00
_cell.angle_beta   90.00
_cell.angle_gamma   90.00
#
_symmetry.space_group_name_H-M   'P 1'
#
_entity_poly.entity_id   1
_entity_poly.type   'polypeptide(L)'
_entity_poly.pdbx_seq_one_letter_code
;MEQLLADYKKGNVILFVGAGVSMNLGLPSWSQLVDHIATELGYDPDIYRTFGSALELAEYYKLKKGKIGPLRSWMDRMWH
SSDIDINKSKVHEYIAKANFPIIYTTNYDRWIETALSNYGKEYIKISSVSDIAKIDNNKTQIIKFHGDFDDDSSIVLDET
SYFQRLEFETPLDIKFRSDVLGKSVLFIGYSLSDINIRLLFYKLSKLWKEQKLEEAQPKSYIFLPRPNPIQEEILEQWRI
GMISSENDNPGESLEEFLKNFVLV
;
_entity_poly.pdbx_strand_id   D,A,C,B,K,E,I,G,L,F,J,H
#
# COMPACT_ATOMS: atom_id res chain seq x y z
N MET A 1 -26.06 -8.35 19.43
CA MET A 1 -27.25 -7.68 19.92
C MET A 1 -27.03 -7.44 21.41
N GLU A 2 -26.91 -8.54 22.15
CA GLU A 2 -26.60 -8.48 23.57
C GLU A 2 -25.13 -8.08 23.77
N GLN A 3 -24.24 -8.58 22.90
CA GLN A 3 -22.83 -8.27 23.02
C GLN A 3 -22.53 -6.81 22.72
N LEU A 4 -23.33 -6.18 21.86
CA LEU A 4 -23.18 -4.74 21.60
C LEU A 4 -23.46 -3.93 22.84
N LEU A 5 -24.52 -4.27 23.58
CA LEU A 5 -24.80 -3.59 24.84
C LEU A 5 -23.77 -3.94 25.92
N ALA A 6 -23.26 -5.17 25.91
CA ALA A 6 -22.23 -5.56 26.89
C ALA A 6 -20.93 -4.80 26.65
N ASP A 7 -20.60 -4.51 25.39
CA ASP A 7 -19.49 -3.62 25.10
C ASP A 7 -19.84 -2.16 25.37
N TYR A 8 -21.12 -1.82 25.27
CA TYR A 8 -21.53 -0.43 25.47
C TYR A 8 -21.44 -0.02 26.93
N LYS A 9 -21.76 -0.93 27.86
CA LYS A 9 -21.59 -0.60 29.28
C LYS A 9 -20.13 -0.52 29.70
N LYS A 10 -19.21 -1.06 28.92
CA LYS A 10 -17.79 -0.93 29.18
C LYS A 10 -17.18 0.28 28.49
N GLY A 11 -17.99 1.06 27.77
CA GLY A 11 -17.48 2.20 27.03
C GLY A 11 -16.58 1.83 25.88
N ASN A 12 -16.98 0.84 25.08
CA ASN A 12 -16.15 0.35 23.98
C ASN A 12 -16.92 0.30 22.66
N VAL A 13 -17.83 1.24 22.45
CA VAL A 13 -18.61 1.30 21.22
C VAL A 13 -18.43 2.69 20.62
N ILE A 14 -18.05 2.73 19.34
CA ILE A 14 -17.84 3.97 18.60
C ILE A 14 -19.03 4.15 17.67
N LEU A 15 -19.73 5.27 17.79
CA LEU A 15 -20.83 5.54 16.89
C LEU A 15 -20.31 5.98 15.53
N PHE A 16 -21.02 5.62 14.47
CA PHE A 16 -20.65 5.97 13.10
C PHE A 16 -21.88 6.47 12.35
N VAL A 17 -22.53 7.49 12.91
CA VAL A 17 -23.73 8.14 12.40
C VAL A 17 -23.62 8.52 10.92
N GLY A 18 -24.53 8.01 10.10
CA GLY A 18 -24.56 8.28 8.69
C GLY A 18 -25.51 9.39 8.32
N ALA A 19 -26.01 9.34 7.10
CA ALA A 19 -26.93 10.34 6.58
C ALA A 19 -28.39 9.95 6.76
N GLY A 20 -28.66 8.78 7.29
CA GLY A 20 -30.02 8.31 7.46
C GLY A 20 -30.66 8.62 8.78
N VAL A 21 -29.96 9.29 9.69
CA VAL A 21 -30.57 9.68 10.96
C VAL A 21 -31.30 11.01 10.87
N SER A 22 -31.13 11.74 9.77
CA SER A 22 -31.72 13.06 9.60
C SER A 22 -32.84 13.05 8.56
N MET A 23 -33.53 11.92 8.43
CA MET A 23 -34.65 11.81 7.52
C MET A 23 -35.96 12.31 8.12
N ASN A 24 -35.94 12.73 9.40
CA ASN A 24 -37.11 13.28 10.04
C ASN A 24 -36.98 14.76 10.39
N LEU A 25 -35.78 15.34 10.24
CA LEU A 25 -35.63 16.77 10.47
C LEU A 25 -36.27 17.59 9.35
N GLY A 26 -36.04 17.18 8.10
CA GLY A 26 -36.53 17.94 6.97
C GLY A 26 -35.41 18.66 6.25
N LEU A 27 -34.22 18.09 6.26
CA LEU A 27 -33.10 18.65 5.51
C LEU A 27 -33.32 18.44 4.02
N PRO A 28 -32.72 19.28 3.18
CA PRO A 28 -32.78 19.04 1.73
C PRO A 28 -32.09 17.73 1.35
N SER A 29 -32.71 17.01 0.43
CA SER A 29 -32.20 15.72 -0.01
C SER A 29 -31.11 15.93 -1.05
N TRP A 30 -30.55 14.85 -1.57
CA TRP A 30 -29.52 14.96 -2.59
C TRP A 30 -30.10 15.26 -3.97
N SER A 31 -31.41 15.14 -4.15
CA SER A 31 -32.05 15.54 -5.39
C SER A 31 -32.21 17.04 -5.51
N GLN A 32 -32.01 17.78 -4.42
CA GLN A 32 -32.08 19.24 -4.41
C GLN A 32 -30.72 19.89 -4.62
N LEU A 33 -29.65 19.27 -4.10
CA LEU A 33 -28.30 19.78 -4.34
C LEU A 33 -27.94 19.68 -5.82
N VAL A 34 -28.27 18.54 -6.45
CA VAL A 34 -28.05 18.35 -7.87
C VAL A 34 -28.90 19.31 -8.69
N ASP A 35 -30.12 19.59 -8.22
CA ASP A 35 -30.99 20.58 -8.83
C ASP A 35 -30.36 21.98 -8.79
N HIS A 36 -29.75 22.33 -7.66
CA HIS A 36 -29.13 23.65 -7.55
C HIS A 36 -27.87 23.75 -8.41
N ILE A 37 -27.09 22.66 -8.48
CA ILE A 37 -25.91 22.63 -9.36
C ILE A 37 -26.33 22.77 -10.82
N ALA A 38 -27.43 22.10 -11.20
CA ALA A 38 -27.98 22.22 -12.54
C ALA A 38 -28.48 23.63 -12.83
N THR A 39 -29.12 24.27 -11.86
CA THR A 39 -29.67 25.61 -12.07
C THR A 39 -28.56 26.64 -12.20
N GLU A 40 -27.58 26.60 -11.31
CA GLU A 40 -26.56 27.64 -11.34
C GLU A 40 -25.45 27.35 -12.35
N LEU A 41 -25.35 26.11 -12.84
CA LEU A 41 -24.37 25.83 -13.89
C LEU A 41 -24.86 26.31 -15.24
N GLY A 42 -26.15 26.18 -15.51
CA GLY A 42 -26.69 26.61 -16.79
C GLY A 42 -27.51 25.54 -17.48
N TYR A 43 -27.55 24.35 -16.89
CA TYR A 43 -28.27 23.23 -17.46
C TYR A 43 -29.72 23.26 -17.03
N ASP A 44 -30.46 22.21 -17.34
CA ASP A 44 -31.82 21.98 -16.92
C ASP A 44 -31.83 20.94 -15.81
N PRO A 45 -32.74 21.06 -14.82
CA PRO A 45 -32.77 20.12 -13.69
C PRO A 45 -32.90 18.63 -14.03
N ASP A 46 -33.95 18.24 -14.74
CA ASP A 46 -34.18 16.82 -15.01
C ASP A 46 -33.33 16.30 -16.16
N ILE A 47 -32.62 17.17 -16.88
CA ILE A 47 -31.64 16.73 -17.86
C ILE A 47 -30.30 16.44 -17.18
N TYR A 48 -30.06 17.02 -16.02
CA TYR A 48 -28.78 16.92 -15.31
C TYR A 48 -28.87 15.84 -14.23
N ARG A 49 -29.61 14.78 -14.55
CA ARG A 49 -29.73 13.66 -13.63
C ARG A 49 -29.31 12.40 -14.36
N THR A 50 -29.54 12.38 -15.67
CA THR A 50 -29.15 11.27 -16.52
C THR A 50 -27.66 11.31 -16.85
N PHE A 51 -27.02 12.44 -16.56
CA PHE A 51 -25.66 12.68 -17.00
C PHE A 51 -24.62 12.03 -16.10
N GLY A 52 -25.01 11.50 -14.94
CA GLY A 52 -24.05 10.84 -14.08
C GLY A 52 -24.67 10.48 -12.75
N SER A 53 -23.81 10.13 -11.80
CA SER A 53 -24.20 9.77 -10.45
C SER A 53 -24.47 11.02 -9.62
N ALA A 54 -24.63 10.85 -8.32
CA ALA A 54 -24.95 11.96 -7.44
C ALA A 54 -23.74 12.77 -7.02
N LEU A 55 -22.53 12.26 -7.23
CA LEU A 55 -21.32 12.93 -6.78
C LEU A 55 -20.40 13.39 -7.90
N GLU A 56 -20.44 12.73 -9.06
CA GLU A 56 -19.62 13.22 -10.17
C GLU A 56 -20.18 14.50 -10.77
N LEU A 57 -21.46 14.82 -10.53
CA LEU A 57 -21.95 16.13 -10.91
C LEU A 57 -21.38 17.23 -10.01
N ALA A 58 -21.21 16.93 -8.73
CA ALA A 58 -20.50 17.86 -7.85
C ALA A 58 -19.03 17.96 -8.22
N GLU A 59 -18.45 16.86 -8.71
CA GLU A 59 -17.09 16.90 -9.22
C GLU A 59 -16.98 17.77 -10.47
N TYR A 60 -17.97 17.69 -11.36
CA TYR A 60 -18.03 18.57 -12.53
C TYR A 60 -18.19 20.03 -12.13
N TYR A 61 -19.00 20.30 -11.10
CA TYR A 61 -19.10 21.64 -10.55
C TYR A 61 -17.76 22.12 -10.01
N LYS A 62 -17.03 21.24 -9.32
CA LYS A 62 -15.73 21.60 -8.77
C LYS A 62 -14.66 21.84 -9.83
N LEU A 63 -14.78 21.20 -11.00
CA LEU A 63 -13.80 21.52 -12.04
C LEU A 63 -14.24 22.63 -12.98
N LYS A 64 -15.53 22.96 -13.06
CA LYS A 64 -15.94 24.10 -13.87
C LYS A 64 -16.04 25.41 -13.09
N LYS A 65 -16.13 25.35 -11.77
CA LYS A 65 -16.09 26.56 -10.96
C LYS A 65 -14.79 26.72 -10.21
N GLY A 66 -14.04 25.65 -10.00
CA GLY A 66 -12.76 25.72 -9.32
C GLY A 66 -12.81 25.49 -7.82
N LYS A 67 -13.99 25.44 -7.21
CA LYS A 67 -14.07 25.35 -5.76
C LYS A 67 -15.43 24.80 -5.34
N ILE A 68 -15.49 24.33 -4.09
CA ILE A 68 -16.75 23.90 -3.50
C ILE A 68 -17.39 25.05 -2.71
N GLY A 69 -16.75 26.21 -2.68
CA GLY A 69 -17.15 27.33 -1.84
C GLY A 69 -18.55 27.90 -2.03
N PRO A 70 -18.90 28.31 -3.25
CA PRO A 70 -20.29 28.72 -3.51
C PRO A 70 -21.30 27.61 -3.34
N LEU A 71 -20.89 26.34 -3.49
CA LEU A 71 -21.77 25.24 -3.16
C LEU A 71 -21.89 25.07 -1.65
N ARG A 72 -20.77 25.22 -0.94
CA ARG A 72 -20.77 25.03 0.51
C ARG A 72 -21.59 26.10 1.20
N SER A 73 -21.59 27.33 0.67
CA SER A 73 -22.38 28.41 1.24
C SER A 73 -23.88 28.12 1.12
N TRP A 74 -24.30 27.62 -0.05
CA TRP A 74 -25.71 27.28 -0.24
C TRP A 74 -26.12 26.08 0.60
N MET A 75 -25.24 25.08 0.72
CA MET A 75 -25.57 23.93 1.57
C MET A 75 -25.59 24.29 3.05
N ASP A 76 -24.73 25.22 3.47
CA ASP A 76 -24.75 25.68 4.85
C ASP A 76 -25.98 26.52 5.14
N ARG A 77 -26.46 27.29 4.16
CA ARG A 77 -27.67 28.06 4.37
C ARG A 77 -28.91 27.16 4.38
N MET A 78 -28.94 26.15 3.50
CA MET A 78 -30.15 25.35 3.33
C MET A 78 -30.24 24.19 4.32
N TRP A 79 -29.11 23.60 4.71
CA TRP A 79 -29.15 22.52 5.70
C TRP A 79 -29.46 23.05 7.09
N HIS A 80 -28.85 24.18 7.46
CA HIS A 80 -29.06 24.78 8.77
C HIS A 80 -30.17 25.82 8.73
N SER A 81 -31.33 25.44 8.21
CA SER A 81 -32.45 26.35 8.18
C SER A 81 -33.03 26.51 9.58
N SER A 82 -33.64 27.67 9.82
CA SER A 82 -34.27 27.94 11.11
C SER A 82 -35.58 27.19 11.30
N ASP A 83 -36.12 26.58 10.25
CA ASP A 83 -37.35 25.81 10.38
C ASP A 83 -37.12 24.49 11.11
N ILE A 84 -35.91 23.95 11.05
CA ILE A 84 -35.61 22.66 11.67
C ILE A 84 -35.41 22.89 13.17
N ASP A 85 -36.20 22.19 13.98
CA ASP A 85 -35.95 22.09 15.42
C ASP A 85 -35.50 20.67 15.74
N ILE A 86 -34.51 20.57 16.63
CA ILE A 86 -33.97 19.25 16.96
C ILE A 86 -34.54 18.71 18.27
N ASN A 87 -35.29 19.52 19.00
CA ASN A 87 -35.95 19.03 20.20
C ASN A 87 -37.10 18.08 19.89
N LYS A 88 -37.61 18.10 18.66
CA LYS A 88 -38.69 17.23 18.24
C LYS A 88 -38.20 15.89 17.70
N SER A 89 -36.95 15.79 17.28
CA SER A 89 -36.43 14.55 16.72
C SER A 89 -35.86 13.69 17.84
N LYS A 90 -36.41 12.49 18.00
CA LYS A 90 -35.98 11.60 19.07
C LYS A 90 -34.64 10.93 18.78
N VAL A 91 -34.25 10.82 17.51
CA VAL A 91 -33.01 10.13 17.16
C VAL A 91 -31.80 10.89 17.65
N HIS A 92 -31.76 12.20 17.40
CA HIS A 92 -30.66 13.02 17.88
C HIS A 92 -30.72 13.19 19.40
N GLU A 93 -31.92 13.14 19.97
CA GLU A 93 -32.08 13.18 21.42
C GLU A 93 -31.45 11.97 22.08
N TYR A 94 -31.70 10.78 21.53
CA TYR A 94 -31.12 9.57 22.07
C TYR A 94 -29.64 9.43 21.73
N ILE A 95 -29.18 10.03 20.63
CA ILE A 95 -27.76 10.07 20.33
C ILE A 95 -27.02 10.96 21.34
N ALA A 96 -27.61 12.12 21.66
CA ALA A 96 -26.97 13.04 22.60
C ALA A 96 -27.01 12.52 24.03
N LYS A 97 -28.13 11.91 24.42
CA LYS A 97 -28.27 11.47 25.81
C LYS A 97 -27.49 10.19 26.12
N ALA A 98 -27.12 9.42 25.10
CA ALA A 98 -26.39 8.18 25.33
C ALA A 98 -24.93 8.49 25.68
N ASN A 99 -24.27 7.49 26.28
CA ASN A 99 -22.90 7.66 26.74
C ASN A 99 -22.05 7.04 25.62
N PHE A 100 -21.90 7.81 24.54
CA PHE A 100 -21.01 7.44 23.45
C PHE A 100 -19.75 8.27 23.54
N PRO A 101 -18.57 7.67 23.65
CA PRO A 101 -17.35 8.48 23.77
C PRO A 101 -16.95 9.16 22.48
N ILE A 102 -17.03 8.45 21.35
CA ILE A 102 -16.63 8.98 20.05
C ILE A 102 -17.77 8.79 19.07
N ILE A 103 -18.16 9.86 18.38
CA ILE A 103 -19.35 9.90 17.53
C ILE A 103 -18.99 10.26 16.09
N TYR A 104 -18.02 9.54 15.50
CA TYR A 104 -17.69 9.59 14.07
C TYR A 104 -18.92 9.75 13.19
N THR A 105 -18.84 10.64 12.21
CA THR A 105 -20.00 10.90 11.36
C THR A 105 -19.57 11.31 9.98
N THR A 106 -20.33 10.85 8.97
CA THR A 106 -20.11 11.22 7.59
C THR A 106 -21.06 12.30 7.12
N ASN A 107 -21.66 13.04 8.05
CA ASN A 107 -22.52 14.16 7.73
C ASN A 107 -21.70 15.43 7.61
N TYR A 108 -22.19 16.35 6.78
CA TYR A 108 -21.57 17.67 6.68
C TYR A 108 -22.18 18.67 7.64
N ASP A 109 -23.45 18.48 7.99
CA ASP A 109 -24.15 19.46 8.82
C ASP A 109 -23.70 19.37 10.27
N ARG A 110 -24.13 20.35 11.05
CA ARG A 110 -23.75 20.50 12.45
C ARG A 110 -24.92 20.20 13.38
N TRP A 111 -25.74 19.21 13.05
CA TRP A 111 -26.90 18.92 13.88
C TRP A 111 -26.59 17.98 15.02
N ILE A 112 -25.55 17.14 14.91
CA ILE A 112 -25.16 16.31 16.05
C ILE A 112 -24.57 17.17 17.15
N GLU A 113 -23.73 18.14 16.78
CA GLU A 113 -23.19 19.07 17.77
C GLU A 113 -24.27 19.99 18.33
N THR A 114 -25.26 20.37 17.52
CA THR A 114 -26.38 21.14 18.03
C THR A 114 -27.22 20.33 19.00
N ALA A 115 -27.41 19.04 18.72
CA ALA A 115 -28.14 18.17 19.63
C ALA A 115 -27.37 17.97 20.93
N LEU A 116 -26.05 17.86 20.87
CA LEU A 116 -25.27 17.71 22.09
C LEU A 116 -25.18 19.01 22.88
N SER A 117 -25.24 20.17 22.21
CA SER A 117 -25.37 21.43 22.93
C SER A 117 -26.73 21.57 23.58
N ASN A 118 -27.77 21.05 22.93
CA ASN A 118 -29.14 21.22 23.41
C ASN A 118 -29.43 20.40 24.66
N TYR A 119 -28.61 19.40 24.98
CA TYR A 119 -28.86 18.51 26.10
C TYR A 119 -27.74 18.52 27.13
N GLY A 120 -26.82 19.47 27.07
CA GLY A 120 -25.85 19.69 28.12
C GLY A 120 -24.49 19.09 27.89
N LYS A 121 -24.29 18.31 26.82
CA LYS A 121 -23.00 17.70 26.59
C LYS A 121 -22.03 18.69 25.94
N GLU A 122 -20.77 18.27 25.84
CA GLU A 122 -19.73 19.11 25.28
C GLU A 122 -18.92 18.30 24.28
N TYR A 123 -18.35 18.99 23.29
CA TYR A 123 -17.71 18.32 22.16
C TYR A 123 -16.38 18.96 21.81
N ILE A 124 -15.57 18.19 21.11
CA ILE A 124 -14.25 18.56 20.62
C ILE A 124 -14.29 18.30 19.12
N LYS A 125 -15.29 18.86 18.43
CA LYS A 125 -15.55 18.62 17.01
C LYS A 125 -14.30 18.67 16.14
N ILE A 126 -13.97 17.52 15.54
CA ILE A 126 -12.72 17.30 14.82
C ILE A 126 -13.01 17.25 13.33
N SER A 127 -12.29 18.06 12.57
CA SER A 127 -12.40 18.00 11.12
C SER A 127 -11.06 18.04 10.40
N SER A 128 -9.95 18.15 11.11
CA SER A 128 -8.62 18.18 10.50
C SER A 128 -7.59 17.73 11.53
N VAL A 129 -6.31 17.92 11.20
CA VAL A 129 -5.23 17.51 12.08
C VAL A 129 -5.17 18.40 13.32
N SER A 130 -5.34 19.72 13.12
CA SER A 130 -5.18 20.68 14.21
C SER A 130 -6.25 20.57 15.28
N ASP A 131 -7.38 19.91 14.99
CA ASP A 131 -8.36 19.65 16.02
C ASP A 131 -8.03 18.43 16.87
N ILE A 132 -7.12 17.57 16.42
CA ILE A 132 -6.72 16.43 17.22
C ILE A 132 -5.80 16.86 18.36
N ALA A 133 -5.07 17.97 18.19
CA ALA A 133 -4.20 18.45 19.25
C ALA A 133 -4.99 19.08 20.40
N LYS A 134 -6.20 19.57 20.15
CA LYS A 134 -7.02 20.19 21.18
C LYS A 134 -7.91 19.19 21.90
N ILE A 135 -7.65 17.89 21.72
CA ILE A 135 -8.50 16.83 22.24
C ILE A 135 -8.43 16.77 23.77
N ASP A 136 -9.48 16.22 24.35
CA ASP A 136 -9.61 16.06 25.79
C ASP A 136 -10.47 14.83 26.05
N ASN A 137 -10.25 14.20 27.20
CA ASN A 137 -10.87 12.92 27.51
C ASN A 137 -11.96 13.05 28.57
N ASN A 138 -12.42 14.27 28.81
CA ASN A 138 -13.53 14.51 29.70
C ASN A 138 -14.85 14.71 28.96
N LYS A 139 -14.80 15.15 27.70
CA LYS A 139 -15.98 15.43 26.90
C LYS A 139 -15.91 14.65 25.59
N THR A 140 -17.04 14.65 24.88
CA THR A 140 -17.25 13.81 23.72
C THR A 140 -16.45 14.30 22.52
N GLN A 141 -16.14 13.40 21.59
CA GLN A 141 -15.54 13.75 20.32
C GLN A 141 -16.49 13.39 19.19
N ILE A 142 -16.99 14.41 18.50
CA ILE A 142 -17.69 14.22 17.24
C ILE A 142 -16.70 14.48 16.11
N ILE A 143 -16.41 13.46 15.32
CA ILE A 143 -15.39 13.55 14.29
C ILE A 143 -16.08 13.56 12.95
N LYS A 144 -15.99 14.68 12.24
CA LYS A 144 -16.55 14.77 10.90
C LYS A 144 -15.66 13.99 9.95
N PHE A 145 -16.07 12.76 9.65
CA PHE A 145 -15.26 11.88 8.80
C PHE A 145 -15.17 12.41 7.38
N HIS A 146 -16.27 12.96 6.86
CA HIS A 146 -16.31 13.49 5.50
C HIS A 146 -16.30 15.00 5.46
N GLY A 147 -15.71 15.64 6.47
CA GLY A 147 -15.50 17.06 6.44
C GLY A 147 -16.73 17.86 6.86
N ASP A 148 -16.46 19.02 7.43
CA ASP A 148 -17.48 19.95 7.90
C ASP A 148 -17.65 21.07 6.89
N PHE A 149 -18.64 21.93 7.14
CA PHE A 149 -18.87 23.12 6.33
C PHE A 149 -17.91 24.26 6.63
N ASP A 150 -16.92 24.03 7.50
CA ASP A 150 -15.88 24.99 7.79
C ASP A 150 -14.64 24.79 6.92
N ASP A 151 -14.81 24.26 5.71
CA ASP A 151 -13.69 23.98 4.83
C ASP A 151 -14.16 23.91 3.39
N ASP A 152 -13.23 24.15 2.47
CA ASP A 152 -13.39 23.71 1.09
C ASP A 152 -12.38 22.64 0.72
N SER A 153 -11.31 22.50 1.50
CA SER A 153 -10.29 21.49 1.23
C SER A 153 -10.51 20.20 1.98
N SER A 154 -11.60 20.09 2.74
CA SER A 154 -11.87 18.89 3.51
C SER A 154 -13.25 18.28 3.26
N ILE A 155 -14.11 18.94 2.51
CA ILE A 155 -15.42 18.39 2.20
C ILE A 155 -15.24 17.28 1.17
N VAL A 156 -15.66 16.07 1.51
CA VAL A 156 -15.66 14.97 0.55
C VAL A 156 -17.03 15.00 -0.14
N LEU A 157 -17.13 15.86 -1.14
CA LEU A 157 -18.34 16.00 -1.94
C LEU A 157 -18.17 15.48 -3.35
N ASP A 158 -16.97 15.08 -3.73
CA ASP A 158 -16.60 14.77 -5.08
C ASP A 158 -16.73 13.28 -5.38
N GLU A 159 -16.24 12.88 -6.54
CA GLU A 159 -15.91 11.49 -6.80
C GLU A 159 -14.41 11.24 -6.70
N THR A 160 -13.59 12.22 -7.11
CA THR A 160 -12.16 12.13 -6.90
C THR A 160 -11.80 12.13 -5.42
N SER A 161 -12.45 12.99 -4.64
CA SER A 161 -12.21 13.04 -3.19
C SER A 161 -12.72 11.77 -2.52
N TYR A 162 -13.86 11.24 -2.98
CA TYR A 162 -14.39 9.99 -2.45
C TYR A 162 -13.45 8.82 -2.71
N PHE A 163 -12.93 8.72 -3.94
CA PHE A 163 -12.00 7.64 -4.26
C PHE A 163 -10.64 7.85 -3.62
N GLN A 164 -10.29 9.09 -3.27
CA GLN A 164 -9.09 9.33 -2.49
C GLN A 164 -9.25 8.88 -1.04
N ARG A 165 -10.39 9.15 -0.44
CA ARG A 165 -10.63 8.71 0.93
C ARG A 165 -10.94 7.22 1.04
N LEU A 166 -11.24 6.55 -0.07
CA LEU A 166 -11.41 5.10 -0.03
C LEU A 166 -10.12 4.33 0.19
N GLU A 167 -8.95 4.96 0.08
CA GLU A 167 -7.71 4.26 0.36
C GLU A 167 -7.37 4.20 1.85
N PHE A 168 -7.99 5.06 2.66
CA PHE A 168 -7.74 5.20 4.10
C PHE A 168 -6.27 5.51 4.40
N GLU A 169 -5.84 6.67 3.92
CA GLU A 169 -4.48 7.16 4.15
C GLU A 169 -4.43 8.57 4.73
N THR A 170 -5.50 9.35 4.59
CA THR A 170 -5.57 10.69 5.16
C THR A 170 -5.59 10.60 6.69
N PRO A 171 -5.10 11.63 7.40
CA PRO A 171 -5.01 11.56 8.86
C PRO A 171 -6.33 11.41 9.60
N LEU A 172 -7.47 11.70 8.98
CA LEU A 172 -8.73 11.38 9.62
C LEU A 172 -9.10 9.92 9.51
N ASP A 173 -8.41 9.14 8.69
CA ASP A 173 -8.65 7.70 8.58
C ASP A 173 -7.66 6.87 9.37
N ILE A 174 -6.42 7.33 9.54
CA ILE A 174 -5.50 6.66 10.45
C ILE A 174 -5.98 6.75 11.88
N LYS A 175 -6.59 7.90 12.24
CA LYS A 175 -7.23 8.03 13.54
C LYS A 175 -8.39 7.07 13.68
N PHE A 176 -9.12 6.80 12.59
CA PHE A 176 -10.23 5.85 12.70
C PHE A 176 -9.74 4.42 12.83
N ARG A 177 -8.75 4.03 12.03
CA ARG A 177 -8.27 2.66 12.12
C ARG A 177 -7.34 2.43 13.29
N SER A 178 -7.02 3.47 14.07
CA SER A 178 -6.44 3.27 15.39
C SER A 178 -7.44 3.40 16.53
N ASP A 179 -8.53 4.14 16.35
CA ASP A 179 -9.59 4.16 17.35
C ASP A 179 -10.40 2.88 17.33
N VAL A 180 -10.44 2.19 16.18
CA VAL A 180 -11.16 0.94 16.04
C VAL A 180 -10.53 -0.22 16.79
N LEU A 181 -9.29 -0.07 17.26
CA LEU A 181 -8.56 -1.18 17.87
C LEU A 181 -9.12 -1.48 19.25
N GLY A 182 -9.67 -2.67 19.42
CA GLY A 182 -10.22 -3.09 20.70
C GLY A 182 -11.63 -2.65 20.99
N LYS A 183 -12.28 -1.94 20.06
CA LYS A 183 -13.62 -1.42 20.29
C LYS A 183 -14.54 -1.81 19.13
N SER A 184 -15.81 -1.99 19.45
CA SER A 184 -16.83 -2.19 18.43
C SER A 184 -17.22 -0.85 17.83
N VAL A 185 -17.73 -0.89 16.60
CA VAL A 185 -18.26 0.29 15.93
C VAL A 185 -19.72 0.05 15.64
N LEU A 186 -20.57 0.99 16.02
CA LEU A 186 -22.00 0.93 15.71
C LEU A 186 -22.31 1.90 14.59
N PHE A 187 -22.93 1.39 13.53
CA PHE A 187 -23.29 2.19 12.37
C PHE A 187 -24.80 2.39 12.38
N ILE A 188 -25.23 3.63 12.24
CA ILE A 188 -26.65 3.94 12.12
C ILE A 188 -26.85 4.94 11.00
N GLY A 189 -27.78 4.64 10.10
CA GLY A 189 -28.12 5.56 9.03
C GLY A 189 -27.55 5.25 7.67
N TYR A 190 -27.08 4.03 7.43
CA TYR A 190 -26.58 3.62 6.13
C TYR A 190 -27.53 2.59 5.52
N SER A 191 -27.70 2.67 4.20
CA SER A 191 -28.63 1.83 3.48
C SER A 191 -27.94 0.68 2.74
N LEU A 192 -26.64 0.49 3.00
CA LEU A 192 -25.79 -0.56 2.43
C LEU A 192 -25.65 -0.50 0.92
N SER A 193 -26.04 0.60 0.30
CA SER A 193 -25.60 0.89 -1.05
C SER A 193 -24.43 1.87 -1.07
N ASP A 194 -23.96 2.27 0.11
CA ASP A 194 -22.80 3.13 0.24
C ASP A 194 -21.54 2.27 0.18
N ILE A 195 -20.69 2.54 -0.80
CA ILE A 195 -19.56 1.66 -1.08
C ILE A 195 -18.46 1.79 -0.03
N ASN A 196 -18.32 2.97 0.59
CA ASN A 196 -17.26 3.21 1.56
C ASN A 196 -17.45 2.38 2.81
N ILE A 197 -18.71 2.09 3.18
CA ILE A 197 -18.99 1.20 4.30
C ILE A 197 -18.53 -0.22 4.01
N ARG A 198 -18.72 -0.65 2.76
CA ARG A 198 -18.32 -2.00 2.37
C ARG A 198 -16.80 -2.14 2.33
N LEU A 199 -16.09 -1.15 1.76
CA LEU A 199 -14.63 -1.22 1.81
C LEU A 199 -14.05 -0.99 3.20
N LEU A 200 -14.75 -0.24 4.04
CA LEU A 200 -14.34 -0.09 5.43
C LEU A 200 -14.47 -1.42 6.19
N PHE A 201 -15.57 -2.13 5.95
CA PHE A 201 -15.77 -3.45 6.54
C PHE A 201 -14.72 -4.43 6.04
N TYR A 202 -14.39 -4.37 4.75
CA TYR A 202 -13.37 -5.23 4.16
C TYR A 202 -11.99 -4.94 4.76
N LYS A 203 -11.67 -3.66 4.97
CA LYS A 203 -10.38 -3.29 5.54
C LYS A 203 -10.28 -3.72 7.00
N LEU A 204 -11.36 -3.58 7.76
CA LEU A 204 -11.34 -4.06 9.14
C LEU A 204 -11.29 -5.59 9.20
N SER A 205 -11.91 -6.26 8.23
CA SER A 205 -11.85 -7.71 8.17
C SER A 205 -10.44 -8.21 7.87
N LYS A 206 -9.73 -7.57 6.94
CA LYS A 206 -8.35 -8.02 6.72
C LYS A 206 -7.43 -7.59 7.86
N LEU A 207 -7.74 -6.49 8.56
CA LEU A 207 -6.97 -6.15 9.75
C LEU A 207 -7.15 -7.19 10.83
N TRP A 208 -8.35 -7.75 10.96
CA TRP A 208 -8.56 -8.81 11.96
C TRP A 208 -7.97 -10.14 11.52
N LYS A 209 -8.11 -10.52 10.24
CA LYS A 209 -7.74 -11.86 9.80
C LYS A 209 -6.32 -11.97 9.26
N GLU A 210 -5.61 -10.85 9.09
CA GLU A 210 -4.21 -10.91 8.68
C GLU A 210 -3.25 -10.81 9.85
N GLN A 211 -3.66 -10.19 10.95
CA GLN A 211 -2.83 -10.09 12.14
C GLN A 211 -3.16 -11.17 13.16
N LYS A 212 -4.07 -12.10 12.80
CA LYS A 212 -4.53 -13.20 13.65
C LYS A 212 -5.08 -12.70 14.99
N LEU A 213 -5.83 -11.61 14.94
CA LEU A 213 -6.48 -11.08 16.14
C LEU A 213 -7.60 -12.03 16.54
N GLU A 214 -7.65 -12.38 17.82
CA GLU A 214 -8.72 -13.20 18.35
C GLU A 214 -9.88 -12.31 18.79
N GLU A 215 -10.78 -12.84 19.60
CA GLU A 215 -11.96 -12.13 20.10
C GLU A 215 -11.62 -11.00 21.11
N ALA A 216 -10.35 -10.66 21.36
CA ALA A 216 -10.02 -9.43 22.07
C ALA A 216 -10.36 -8.19 21.26
N GLN A 217 -10.46 -8.31 19.94
CA GLN A 217 -11.02 -7.28 19.08
C GLN A 217 -12.49 -7.63 18.84
N PRO A 218 -13.43 -6.87 19.39
CA PRO A 218 -14.83 -7.08 19.07
C PRO A 218 -15.10 -6.62 17.64
N LYS A 219 -16.19 -7.12 17.06
CA LYS A 219 -16.23 -7.09 15.60
C LYS A 219 -16.61 -5.73 15.01
N SER A 220 -17.91 -5.38 14.96
CA SER A 220 -18.57 -4.08 14.84
C SER A 220 -20.06 -4.41 14.71
N TYR A 221 -20.93 -3.42 14.64
CA TYR A 221 -22.35 -3.68 14.44
C TYR A 221 -22.94 -2.63 13.51
N ILE A 222 -24.03 -3.00 12.83
CA ILE A 222 -24.73 -2.10 11.92
C ILE A 222 -26.23 -2.24 12.21
N PHE A 223 -26.97 -1.17 11.90
CA PHE A 223 -28.43 -1.20 11.98
C PHE A 223 -28.99 -0.75 10.65
N LEU A 224 -29.85 -1.59 10.06
CA LEU A 224 -30.70 -1.21 8.95
C LEU A 224 -32.12 -1.68 9.22
N PRO A 225 -33.13 -0.85 8.91
CA PRO A 225 -34.50 -1.19 9.29
C PRO A 225 -35.10 -2.32 8.48
N ARG A 226 -34.61 -2.57 7.27
CA ARG A 226 -35.16 -3.66 6.47
C ARG A 226 -34.31 -4.92 6.67
N PRO A 227 -34.87 -5.97 7.28
CA PRO A 227 -34.09 -7.20 7.46
C PRO A 227 -33.90 -7.92 6.14
N ASN A 228 -32.65 -8.24 5.84
CA ASN A 228 -32.31 -8.92 4.60
C ASN A 228 -31.66 -10.25 4.95
N PRO A 229 -32.14 -11.36 4.40
CA PRO A 229 -31.54 -12.65 4.71
C PRO A 229 -30.14 -12.83 4.14
N ILE A 230 -29.83 -12.16 3.03
CA ILE A 230 -28.53 -12.38 2.40
C ILE A 230 -27.50 -11.39 2.92
N GLN A 231 -27.93 -10.21 3.38
CA GLN A 231 -26.96 -9.22 3.84
C GLN A 231 -26.43 -9.59 5.21
N GLU A 232 -27.20 -10.33 6.01
CA GLU A 232 -26.69 -10.84 7.27
C GLU A 232 -25.52 -11.78 7.06
N GLU A 233 -25.62 -12.67 6.07
CA GLU A 233 -24.53 -13.59 5.79
C GLU A 233 -23.32 -12.88 5.17
N ILE A 234 -23.57 -11.97 4.22
CA ILE A 234 -22.48 -11.26 3.56
C ILE A 234 -21.74 -10.36 4.54
N LEU A 235 -22.48 -9.68 5.42
CA LEU A 235 -21.85 -8.85 6.43
C LEU A 235 -21.18 -9.70 7.51
N GLU A 236 -21.73 -10.87 7.85
CA GLU A 236 -21.11 -11.76 8.81
C GLU A 236 -19.81 -12.37 8.28
N GLN A 237 -19.62 -12.39 6.96
CA GLN A 237 -18.29 -12.67 6.43
C GLN A 237 -17.28 -11.62 6.86
N TRP A 238 -17.69 -10.36 6.97
CA TRP A 238 -16.82 -9.26 7.33
C TRP A 238 -16.85 -8.95 8.82
N ARG A 239 -17.33 -9.89 9.64
CA ARG A 239 -17.53 -9.73 11.09
C ARG A 239 -18.39 -8.50 11.39
N ILE A 240 -19.64 -8.55 10.95
CA ILE A 240 -20.54 -7.42 11.14
C ILE A 240 -21.87 -7.98 11.66
N GLY A 241 -22.34 -7.45 12.78
CA GLY A 241 -23.64 -7.87 13.29
C GLY A 241 -24.78 -7.21 12.53
N MET A 242 -25.78 -8.02 12.23
CA MET A 242 -27.01 -7.56 11.57
C MET A 242 -28.06 -7.32 12.64
N ILE A 243 -28.38 -6.06 12.89
CA ILE A 243 -29.42 -5.69 13.84
C ILE A 243 -30.52 -4.97 13.06
N SER A 244 -31.74 -5.49 13.14
CA SER A 244 -32.85 -4.93 12.39
C SER A 244 -34.07 -4.88 13.30
N SER A 245 -35.15 -4.31 12.78
CA SER A 245 -36.40 -4.19 13.51
C SER A 245 -37.55 -4.54 12.58
N GLU A 246 -38.66 -4.96 13.18
CA GLU A 246 -39.84 -5.40 12.44
C GLU A 246 -40.81 -4.26 12.12
N ASN A 247 -40.53 -3.05 12.58
CA ASN A 247 -41.42 -1.92 12.31
C ASN A 247 -41.34 -1.52 10.85
N ASP A 248 -42.49 -1.11 10.30
CA ASP A 248 -42.56 -0.77 8.88
C ASP A 248 -41.83 0.54 8.58
N ASN A 249 -42.10 1.57 9.36
CA ASN A 249 -41.45 2.86 9.14
C ASN A 249 -40.06 2.78 9.77
N PRO A 250 -39.01 3.23 9.06
CA PRO A 250 -37.66 3.19 9.65
C PRO A 250 -37.46 4.14 10.82
N GLY A 251 -38.32 5.15 10.97
CA GLY A 251 -38.09 6.19 11.97
C GLY A 251 -38.20 5.67 13.40
N GLU A 252 -39.28 4.97 13.72
CA GLU A 252 -39.41 4.43 15.06
C GLU A 252 -38.49 3.23 15.28
N SER A 253 -38.07 2.55 14.20
CA SER A 253 -37.06 1.51 14.33
C SER A 253 -35.74 2.09 14.83
N LEU A 254 -35.28 3.17 14.20
CA LEU A 254 -34.06 3.83 14.65
C LEU A 254 -34.24 4.45 16.04
N GLU A 255 -35.42 5.01 16.31
CA GLU A 255 -35.70 5.60 17.61
C GLU A 255 -35.66 4.57 18.73
N GLU A 256 -36.23 3.38 18.50
CA GLU A 256 -36.21 2.34 19.51
C GLU A 256 -34.83 1.73 19.67
N PHE A 257 -34.09 1.55 18.57
CA PHE A 257 -32.76 0.99 18.66
C PHE A 257 -31.81 1.94 19.41
N LEU A 258 -31.96 3.25 19.21
CA LEU A 258 -31.20 4.18 20.02
C LEU A 258 -31.76 4.35 21.43
N LYS A 259 -33.05 4.06 21.62
CA LYS A 259 -33.65 4.06 22.96
C LYS A 259 -33.08 2.95 23.81
N ASN A 260 -32.63 1.86 23.17
CA ASN A 260 -31.97 0.77 23.88
C ASN A 260 -30.66 1.18 24.56
N PHE A 261 -30.06 2.30 24.18
CA PHE A 261 -28.79 2.75 24.74
C PHE A 261 -28.92 3.90 25.73
N VAL A 262 -30.14 4.39 25.98
CA VAL A 262 -30.31 5.69 26.62
C VAL A 262 -30.51 5.60 28.13
N LEU A 263 -30.43 4.40 28.72
CA LEU A 263 -30.88 4.14 30.08
C LEU A 263 -30.15 4.95 31.15
N VAL A 264 -28.82 4.96 31.11
CA VAL A 264 -28.05 5.78 32.03
C VAL A 264 -27.26 6.84 31.25
N MET B 1 -8.42 11.33 -30.83
CA MET B 1 -9.09 10.49 -31.82
C MET B 1 -8.04 10.10 -32.84
N GLU B 2 -7.40 11.11 -33.44
CA GLU B 2 -6.31 10.86 -34.38
C GLU B 2 -5.06 10.37 -33.67
N GLN B 3 -4.85 10.78 -32.41
CA GLN B 3 -3.71 10.30 -31.64
C GLN B 3 -3.83 8.81 -31.34
N LEU B 4 -5.07 8.32 -31.21
CA LEU B 4 -5.30 6.88 -31.07
C LEU B 4 -4.84 6.12 -32.30
N LEU B 5 -5.12 6.64 -33.50
CA LEU B 5 -4.64 6.01 -34.72
C LEU B 5 -3.13 6.16 -34.88
N ALA B 6 -2.57 7.26 -34.39
CA ALA B 6 -1.12 7.45 -34.44
C ALA B 6 -0.40 6.44 -33.54
N ASP B 7 -0.97 6.15 -32.38
CA ASP B 7 -0.41 5.11 -31.52
C ASP B 7 -0.69 3.70 -32.06
N TYR B 8 -1.85 3.50 -32.67
CA TYR B 8 -2.21 2.19 -33.20
C TYR B 8 -1.37 1.81 -34.41
N LYS B 9 -1.00 2.79 -35.24
CA LYS B 9 -0.12 2.49 -36.36
C LYS B 9 1.30 2.20 -35.92
N LYS B 10 1.68 2.59 -34.71
CA LYS B 10 2.96 2.23 -34.13
C LYS B 10 2.88 0.96 -33.29
N GLY B 11 1.71 0.35 -33.21
CA GLY B 11 1.52 -0.85 -32.40
C GLY B 11 1.64 -0.62 -30.91
N ASN B 12 1.12 0.48 -30.41
CA ASN B 12 1.23 0.86 -29.00
C ASN B 12 -0.15 1.07 -28.38
N VAL B 13 -1.09 0.18 -28.68
CA VAL B 13 -2.45 0.30 -28.16
C VAL B 13 -2.85 -1.04 -27.56
N ILE B 14 -3.31 -1.01 -26.31
CA ILE B 14 -3.82 -2.18 -25.60
C ILE B 14 -5.33 -2.13 -25.68
N LEU B 15 -5.96 -3.24 -26.06
CA LEU B 15 -7.42 -3.30 -26.08
C LEU B 15 -7.92 -3.78 -24.73
N PHE B 16 -9.04 -3.23 -24.29
CA PHE B 16 -9.69 -3.62 -23.05
C PHE B 16 -11.17 -3.84 -23.35
N VAL B 17 -11.51 -5.08 -23.73
CA VAL B 17 -12.87 -5.41 -24.14
C VAL B 17 -13.74 -5.54 -22.91
N GLY B 18 -14.88 -4.85 -22.90
CA GLY B 18 -15.85 -4.93 -21.83
C GLY B 18 -16.97 -5.90 -22.15
N ALA B 19 -18.10 -5.69 -21.47
CA ALA B 19 -19.27 -6.53 -21.68
C ALA B 19 -20.20 -5.99 -22.76
N GLY B 20 -19.97 -4.79 -23.26
CA GLY B 20 -20.84 -4.19 -24.23
C GLY B 20 -20.54 -4.51 -25.67
N VAL B 21 -19.51 -5.33 -25.95
CA VAL B 21 -19.24 -5.73 -27.33
C VAL B 21 -20.06 -6.93 -27.76
N SER B 22 -20.78 -7.55 -26.83
CA SER B 22 -21.59 -8.73 -27.12
C SER B 22 -23.05 -8.48 -26.75
N MET B 23 -23.53 -7.27 -27.01
CA MET B 23 -24.94 -6.97 -26.78
C MET B 23 -25.83 -7.59 -27.84
N ASN B 24 -25.35 -7.65 -29.09
CA ASN B 24 -26.12 -8.19 -30.19
C ASN B 24 -25.97 -9.69 -30.34
N LEU B 25 -25.11 -10.32 -29.55
CA LEU B 25 -24.84 -11.76 -29.71
C LEU B 25 -25.97 -12.62 -29.17
N GLY B 26 -26.86 -12.08 -28.36
CA GLY B 26 -27.90 -12.89 -27.77
C GLY B 26 -27.44 -13.71 -26.58
N LEU B 27 -26.37 -13.29 -25.92
CA LEU B 27 -25.93 -13.94 -24.70
C LEU B 27 -26.95 -13.70 -23.59
N PRO B 28 -27.06 -14.62 -22.63
CA PRO B 28 -27.95 -14.40 -21.49
C PRO B 28 -27.49 -13.22 -20.65
N SER B 29 -28.47 -12.48 -20.12
CA SER B 29 -28.20 -11.20 -19.50
C SER B 29 -27.72 -11.39 -18.07
N TRP B 30 -27.61 -10.30 -17.33
CA TRP B 30 -27.22 -10.32 -15.94
C TRP B 30 -28.41 -10.56 -15.02
N SER B 31 -29.62 -10.68 -15.55
CA SER B 31 -30.81 -10.95 -14.77
C SER B 31 -31.23 -12.41 -14.79
N GLN B 32 -30.99 -13.11 -15.90
CA GLN B 32 -31.33 -14.53 -15.95
C GLN B 32 -30.42 -15.36 -15.05
N LEU B 33 -29.19 -14.89 -14.82
CA LEU B 33 -28.32 -15.54 -13.86
C LEU B 33 -28.87 -15.41 -12.44
N VAL B 34 -29.39 -14.23 -12.09
CA VAL B 34 -30.03 -14.03 -10.80
C VAL B 34 -31.29 -14.87 -10.68
N ASP B 35 -32.04 -15.02 -11.77
CA ASP B 35 -33.21 -15.89 -11.77
C ASP B 35 -32.82 -17.34 -11.52
N HIS B 36 -31.73 -17.80 -12.14
CA HIS B 36 -31.25 -19.15 -11.91
C HIS B 36 -30.74 -19.35 -10.48
N ILE B 37 -30.04 -18.34 -9.94
CA ILE B 37 -29.54 -18.41 -8.56
C ILE B 37 -30.71 -18.44 -7.58
N ALA B 38 -31.75 -17.66 -7.85
CA ALA B 38 -32.95 -17.67 -7.01
C ALA B 38 -33.66 -19.01 -7.06
N THR B 39 -33.82 -19.59 -8.24
CA THR B 39 -34.50 -20.88 -8.34
C THR B 39 -33.65 -22.03 -7.80
N GLU B 40 -32.34 -21.91 -7.80
CA GLU B 40 -31.48 -22.93 -7.23
C GLU B 40 -31.20 -22.71 -5.74
N LEU B 41 -31.58 -21.55 -5.20
CA LEU B 41 -31.35 -21.24 -3.80
C LEU B 41 -32.59 -21.36 -2.94
N GLY B 42 -33.78 -21.43 -3.54
CA GLY B 42 -35.00 -21.56 -2.77
C GLY B 42 -35.73 -20.26 -2.59
N TYR B 43 -35.68 -19.38 -3.59
CA TYR B 43 -36.36 -18.10 -3.55
C TYR B 43 -37.14 -17.90 -4.84
N ASP B 44 -38.27 -17.20 -4.74
CA ASP B 44 -38.97 -16.74 -5.91
C ASP B 44 -38.18 -15.61 -6.55
N PRO B 45 -38.05 -15.56 -7.88
CA PRO B 45 -37.02 -14.70 -8.48
C PRO B 45 -37.44 -13.27 -8.71
N ASP B 46 -38.56 -12.84 -8.13
CA ASP B 46 -38.97 -11.44 -8.19
C ASP B 46 -38.71 -10.69 -6.90
N ILE B 47 -38.47 -11.40 -5.79
CA ILE B 47 -38.04 -10.75 -4.56
C ILE B 47 -36.57 -11.02 -4.24
N TYR B 48 -35.95 -12.01 -4.90
CA TYR B 48 -34.51 -12.19 -4.75
C TYR B 48 -33.74 -11.17 -5.57
N ARG B 49 -34.36 -10.61 -6.61
CA ARG B 49 -33.70 -9.58 -7.40
C ARG B 49 -33.58 -8.27 -6.65
N THR B 50 -34.43 -8.05 -5.65
CA THR B 50 -34.47 -6.82 -4.87
C THR B 50 -33.59 -6.88 -3.64
N PHE B 51 -32.79 -7.93 -3.48
CA PHE B 51 -31.96 -8.07 -2.29
C PHE B 51 -30.56 -7.50 -2.46
N GLY B 52 -30.24 -6.97 -3.64
CA GLY B 52 -28.94 -6.36 -3.85
C GLY B 52 -28.54 -6.39 -5.31
N SER B 53 -27.33 -5.90 -5.57
CA SER B 53 -26.74 -5.96 -6.89
C SER B 53 -26.30 -7.39 -7.21
N ALA B 54 -25.96 -7.64 -8.48
CA ALA B 54 -25.73 -9.00 -8.96
C ALA B 54 -24.51 -9.63 -8.31
N LEU B 55 -23.51 -8.83 -7.93
CA LEU B 55 -22.34 -9.36 -7.25
C LEU B 55 -22.68 -9.87 -5.85
N GLU B 56 -23.53 -9.16 -5.11
CA GLU B 56 -23.90 -9.61 -3.78
C GLU B 56 -25.08 -10.59 -3.79
N LEU B 57 -25.50 -11.06 -4.95
CA LEU B 57 -26.34 -12.25 -5.06
C LEU B 57 -25.54 -13.47 -5.50
N ALA B 58 -24.59 -13.29 -6.41
CA ALA B 58 -23.69 -14.39 -6.73
C ALA B 58 -22.67 -14.63 -5.62
N GLU B 59 -22.51 -13.69 -4.68
CA GLU B 59 -21.76 -13.97 -3.46
C GLU B 59 -22.57 -14.80 -2.48
N TYR B 60 -23.89 -14.58 -2.40
CA TYR B 60 -24.74 -15.45 -1.63
C TYR B 60 -24.82 -16.84 -2.22
N TYR B 61 -24.67 -16.97 -3.54
CA TYR B 61 -24.35 -18.28 -4.13
C TYR B 61 -22.84 -18.49 -4.19
N LYS B 62 -22.16 -18.15 -3.09
CA LYS B 62 -20.85 -18.66 -2.75
C LYS B 62 -20.71 -18.94 -1.26
N LEU B 63 -21.47 -18.26 -0.42
CA LEU B 63 -21.40 -18.51 1.02
C LEU B 63 -22.05 -19.84 1.38
N LYS B 64 -23.34 -19.97 1.10
CA LYS B 64 -23.92 -21.31 1.03
C LYS B 64 -23.64 -21.88 -0.34
N LYS B 65 -23.63 -23.22 -0.43
CA LYS B 65 -23.12 -23.97 -1.58
C LYS B 65 -21.72 -23.48 -1.96
N GLY B 66 -20.77 -23.76 -1.06
CA GLY B 66 -19.51 -23.05 -1.04
C GLY B 66 -18.58 -23.32 -2.20
N LYS B 67 -19.00 -22.87 -3.38
CA LYS B 67 -18.30 -22.99 -4.65
C LYS B 67 -19.08 -22.17 -5.67
N ILE B 68 -18.37 -21.72 -6.69
CA ILE B 68 -19.03 -21.16 -7.87
C ILE B 68 -18.93 -22.19 -8.97
N GLY B 69 -18.83 -23.46 -8.58
CA GLY B 69 -18.69 -24.56 -9.49
C GLY B 69 -19.90 -24.82 -10.38
N PRO B 70 -21.05 -25.18 -9.79
CA PRO B 70 -22.27 -25.35 -10.60
C PRO B 70 -22.73 -24.08 -11.29
N LEU B 71 -22.44 -22.91 -10.71
CA LEU B 71 -22.70 -21.65 -11.38
C LEU B 71 -21.85 -21.51 -12.64
N ARG B 72 -20.57 -21.87 -12.56
CA ARG B 72 -19.71 -21.86 -13.73
C ARG B 72 -20.17 -22.87 -14.77
N SER B 73 -20.60 -24.05 -14.32
CA SER B 73 -21.07 -25.07 -15.25
C SER B 73 -22.37 -24.68 -15.93
N TRP B 74 -23.20 -23.86 -15.27
CA TRP B 74 -24.39 -23.36 -15.94
C TRP B 74 -24.11 -22.20 -16.88
N MET B 75 -23.24 -21.26 -16.50
CA MET B 75 -22.96 -20.14 -17.39
C MET B 75 -22.09 -20.56 -18.58
N ASP B 76 -21.28 -21.60 -18.42
CA ASP B 76 -20.54 -22.14 -19.56
C ASP B 76 -21.47 -22.82 -20.56
N ARG B 77 -22.58 -23.38 -20.09
CA ARG B 77 -23.54 -24.00 -20.98
C ARG B 77 -24.46 -22.96 -21.63
N MET B 78 -24.83 -21.94 -20.88
CA MET B 78 -25.80 -20.97 -21.37
C MET B 78 -25.17 -19.85 -22.19
N TRP B 79 -23.93 -19.46 -21.89
CA TRP B 79 -23.27 -18.39 -22.60
C TRP B 79 -22.51 -18.86 -23.83
N HIS B 80 -22.46 -20.17 -24.06
CA HIS B 80 -21.83 -20.73 -25.24
C HIS B 80 -22.78 -21.66 -25.95
N SER B 81 -24.02 -21.21 -26.15
CA SER B 81 -25.05 -22.03 -26.75
C SER B 81 -24.80 -22.19 -28.25
N SER B 82 -25.55 -23.11 -28.87
CA SER B 82 -25.41 -23.41 -30.27
C SER B 82 -26.14 -22.42 -31.17
N ASP B 83 -26.87 -21.48 -30.60
CA ASP B 83 -27.62 -20.49 -31.37
C ASP B 83 -26.84 -19.21 -31.62
N ILE B 84 -25.65 -19.06 -31.04
CA ILE B 84 -24.85 -17.86 -31.21
C ILE B 84 -23.86 -18.08 -32.34
N ASP B 85 -23.92 -17.22 -33.35
CA ASP B 85 -23.00 -17.26 -34.49
C ASP B 85 -22.06 -16.06 -34.37
N ILE B 86 -20.76 -16.34 -34.28
CA ILE B 86 -19.80 -15.25 -34.16
C ILE B 86 -19.46 -14.65 -35.53
N ASN B 87 -19.76 -15.35 -36.61
CA ASN B 87 -19.54 -14.79 -37.95
C ASN B 87 -20.58 -13.75 -38.32
N LYS B 88 -21.73 -13.74 -37.65
CA LYS B 88 -22.78 -12.76 -37.87
C LYS B 88 -22.62 -11.52 -37.00
N SER B 89 -21.57 -11.47 -36.17
CA SER B 89 -21.28 -10.31 -35.35
C SER B 89 -20.17 -9.50 -36.00
N LYS B 90 -20.48 -8.26 -36.38
CA LYS B 90 -19.51 -7.42 -37.04
C LYS B 90 -18.46 -6.89 -36.08
N VAL B 91 -18.81 -6.73 -34.80
CA VAL B 91 -17.88 -6.17 -33.83
C VAL B 91 -16.74 -7.13 -33.55
N HIS B 92 -17.05 -8.42 -33.38
CA HIS B 92 -16.00 -9.40 -33.12
C HIS B 92 -15.14 -9.65 -34.35
N GLU B 93 -15.74 -9.58 -35.55
CA GLU B 93 -14.96 -9.65 -36.77
C GLU B 93 -14.02 -8.46 -36.91
N TYR B 94 -14.49 -7.27 -36.54
CA TYR B 94 -13.66 -6.07 -36.61
C TYR B 94 -12.57 -6.07 -35.56
N ILE B 95 -12.82 -6.69 -34.40
CA ILE B 95 -11.77 -6.90 -33.41
C ILE B 95 -10.76 -7.90 -33.93
N ALA B 96 -11.23 -8.97 -34.58
CA ALA B 96 -10.35 -10.03 -35.06
C ALA B 96 -9.45 -9.59 -36.19
N LYS B 97 -9.94 -8.73 -37.07
CA LYS B 97 -9.14 -8.30 -38.22
C LYS B 97 -8.24 -7.11 -37.91
N ALA B 98 -8.25 -6.61 -36.68
CA ALA B 98 -7.39 -5.50 -36.29
C ALA B 98 -6.00 -6.01 -35.93
N ASN B 99 -5.16 -5.11 -35.42
CA ASN B 99 -3.77 -5.43 -35.10
C ASN B 99 -3.50 -5.02 -33.65
N PHE B 100 -4.35 -5.51 -32.75
CA PHE B 100 -4.12 -5.35 -31.32
C PHE B 100 -3.21 -6.47 -30.84
N PRO B 101 -2.02 -6.16 -30.35
CA PRO B 101 -1.11 -7.23 -29.91
C PRO B 101 -1.48 -7.81 -28.56
N ILE B 102 -2.09 -6.99 -27.70
CA ILE B 102 -2.53 -7.41 -26.38
C ILE B 102 -3.99 -7.02 -26.23
N ILE B 103 -4.84 -7.98 -25.92
CA ILE B 103 -6.28 -7.74 -25.74
C ILE B 103 -6.65 -8.17 -24.33
N TYR B 104 -7.13 -7.23 -23.53
CA TYR B 104 -7.69 -7.52 -22.23
C TYR B 104 -9.20 -7.66 -22.33
N THR B 105 -9.76 -8.54 -21.52
CA THR B 105 -11.20 -8.71 -21.52
C THR B 105 -11.69 -9.01 -20.12
N THR B 106 -12.80 -8.40 -19.75
CA THR B 106 -13.45 -8.61 -18.46
C THR B 106 -14.43 -9.78 -18.54
N ASN B 107 -14.82 -10.17 -19.74
CA ASN B 107 -15.79 -11.24 -19.96
C ASN B 107 -15.25 -12.59 -19.49
N TYR B 108 -16.16 -13.45 -19.09
CA TYR B 108 -15.79 -14.80 -18.72
C TYR B 108 -15.84 -15.77 -19.89
N ASP B 109 -16.57 -15.43 -20.95
CA ASP B 109 -16.75 -16.32 -22.08
C ASP B 109 -15.52 -16.32 -22.98
N ARG B 110 -15.61 -17.06 -24.08
CA ARG B 110 -14.48 -17.23 -24.98
C ARG B 110 -14.80 -16.77 -26.41
N TRP B 111 -15.71 -15.80 -26.57
CA TRP B 111 -16.13 -15.41 -27.90
C TRP B 111 -15.10 -14.56 -28.63
N ILE B 112 -14.25 -13.83 -27.88
CA ILE B 112 -13.16 -13.12 -28.52
C ILE B 112 -12.14 -14.10 -29.09
N GLU B 113 -11.81 -15.15 -28.33
CA GLU B 113 -10.90 -16.18 -28.81
C GLU B 113 -11.50 -16.98 -29.96
N THR B 114 -12.80 -17.25 -29.91
CA THR B 114 -13.46 -17.92 -31.03
C THR B 114 -13.47 -17.04 -32.27
N ALA B 115 -13.65 -15.72 -32.09
CA ALA B 115 -13.59 -14.80 -33.22
C ALA B 115 -12.19 -14.73 -33.81
N LEU B 116 -11.15 -14.82 -32.99
CA LEU B 116 -9.80 -14.86 -33.54
C LEU B 116 -9.54 -16.19 -34.24
N SER B 117 -10.09 -17.29 -33.70
CA SER B 117 -9.86 -18.59 -34.31
C SER B 117 -10.60 -18.74 -35.64
N ASN B 118 -11.74 -18.09 -35.78
CA ASN B 118 -12.49 -18.18 -37.03
C ASN B 118 -11.97 -17.25 -38.12
N TYR B 119 -11.01 -16.38 -37.81
CA TYR B 119 -10.45 -15.48 -38.80
C TYR B 119 -8.95 -15.66 -38.96
N GLY B 120 -8.41 -16.80 -38.52
CA GLY B 120 -7.03 -17.14 -38.75
C GLY B 120 -6.03 -16.54 -37.80
N LYS B 121 -6.47 -15.71 -36.86
CA LYS B 121 -5.55 -15.10 -35.90
C LYS B 121 -5.21 -16.12 -34.83
N GLU B 122 -3.93 -16.40 -34.65
CA GLU B 122 -3.47 -17.37 -33.68
C GLU B 122 -3.16 -16.65 -32.37
N TYR B 123 -3.82 -17.08 -31.30
CA TYR B 123 -3.81 -16.35 -30.03
C TYR B 123 -3.16 -17.19 -28.94
N ILE B 124 -3.00 -16.56 -27.77
CA ILE B 124 -2.59 -17.22 -26.54
C ILE B 124 -3.52 -16.72 -25.44
N LYS B 125 -4.19 -17.65 -24.74
CA LYS B 125 -5.11 -17.28 -23.69
C LYS B 125 -4.37 -17.26 -22.35
N ILE B 126 -4.42 -16.12 -21.67
CA ILE B 126 -3.75 -15.94 -20.39
C ILE B 126 -4.81 -15.73 -19.33
N SER B 127 -4.85 -16.62 -18.35
CA SER B 127 -5.83 -16.54 -17.27
C SER B 127 -5.24 -16.64 -15.88
N SER B 128 -4.00 -17.10 -15.73
CA SER B 128 -3.36 -17.19 -14.43
C SER B 128 -1.86 -17.00 -14.63
N VAL B 129 -1.07 -17.32 -13.61
CA VAL B 129 0.37 -17.10 -13.67
C VAL B 129 1.03 -18.10 -14.61
N SER B 130 0.54 -19.35 -14.61
CA SER B 130 1.15 -20.41 -15.41
C SER B 130 0.99 -20.17 -16.91
N ASP B 131 -0.01 -19.41 -17.33
CA ASP B 131 -0.15 -19.07 -18.75
C ASP B 131 0.76 -17.92 -19.16
N ILE B 132 1.24 -17.12 -18.21
CA ILE B 132 2.16 -16.03 -18.52
C ILE B 132 3.51 -16.58 -18.95
N ALA B 133 3.93 -17.71 -18.39
CA ALA B 133 5.17 -18.34 -18.79
C ALA B 133 5.11 -18.93 -20.20
N LYS B 134 3.90 -19.19 -20.71
CA LYS B 134 3.72 -19.71 -22.06
C LYS B 134 3.45 -18.60 -23.07
N ILE B 135 4.01 -17.40 -22.83
CA ILE B 135 3.74 -16.27 -23.69
C ILE B 135 4.59 -16.36 -24.96
N ASP B 136 4.14 -15.67 -26.00
CA ASP B 136 4.87 -15.61 -27.25
C ASP B 136 4.55 -14.28 -27.92
N ASN B 137 5.58 -13.59 -28.38
CA ASN B 137 5.43 -12.23 -28.89
C ASN B 137 4.87 -12.19 -30.31
N ASN B 138 4.77 -13.32 -30.99
CA ASN B 138 4.20 -13.37 -32.33
C ASN B 138 2.71 -13.67 -32.34
N LYS B 139 2.11 -13.94 -31.17
CA LYS B 139 0.71 -14.29 -31.07
C LYS B 139 -0.01 -13.31 -30.15
N THR B 140 -1.29 -13.07 -30.45
CA THR B 140 -2.09 -12.13 -29.68
C THR B 140 -2.38 -12.70 -28.30
N GLN B 141 -2.27 -11.87 -27.26
CA GLN B 141 -2.51 -12.30 -25.89
C GLN B 141 -3.92 -11.90 -25.49
N ILE B 142 -4.79 -12.90 -25.32
CA ILE B 142 -6.12 -12.66 -24.77
C ILE B 142 -6.03 -12.89 -23.27
N ILE B 143 -5.88 -11.81 -22.53
CA ILE B 143 -5.70 -11.88 -21.08
C ILE B 143 -7.07 -11.72 -20.44
N LYS B 144 -7.64 -12.83 -19.97
CA LYS B 144 -8.92 -12.78 -19.27
C LYS B 144 -8.70 -12.10 -17.93
N PHE B 145 -9.15 -10.86 -17.82
CA PHE B 145 -8.86 -10.05 -16.64
C PHE B 145 -9.65 -10.55 -15.43
N HIS B 146 -10.96 -10.66 -15.56
CA HIS B 146 -11.80 -11.18 -14.48
C HIS B 146 -12.06 -12.67 -14.63
N GLY B 147 -10.99 -13.45 -14.83
CA GLY B 147 -11.10 -14.89 -14.89
C GLY B 147 -11.83 -15.40 -16.13
N ASP B 148 -12.05 -16.71 -16.15
CA ASP B 148 -12.87 -17.34 -17.17
C ASP B 148 -13.39 -18.66 -16.61
N PHE B 149 -14.04 -19.44 -17.48
CA PHE B 149 -14.68 -20.68 -17.07
C PHE B 149 -13.72 -21.85 -16.98
N ASP B 150 -12.43 -21.63 -17.23
CA ASP B 150 -11.43 -22.69 -17.10
C ASP B 150 -10.85 -22.78 -15.70
N ASP B 151 -11.52 -22.21 -14.71
CA ASP B 151 -11.23 -22.35 -13.29
C ASP B 151 -12.42 -21.83 -12.50
N ASP B 152 -12.49 -22.19 -11.22
CA ASP B 152 -13.39 -21.53 -10.30
C ASP B 152 -12.67 -20.80 -9.18
N SER B 153 -11.35 -20.86 -9.13
CA SER B 153 -10.59 -20.13 -8.12
C SER B 153 -10.17 -18.75 -8.59
N SER B 154 -10.57 -18.35 -9.80
CA SER B 154 -10.15 -17.07 -10.34
C SER B 154 -11.25 -16.28 -11.01
N ILE B 155 -12.50 -16.77 -11.02
CA ILE B 155 -13.61 -15.98 -11.56
C ILE B 155 -13.93 -14.88 -10.56
N VAL B 156 -13.91 -13.64 -11.03
CA VAL B 156 -14.40 -12.51 -10.24
C VAL B 156 -15.91 -12.51 -10.47
N LEU B 157 -16.63 -13.13 -9.53
CA LEU B 157 -18.06 -13.34 -9.67
C LEU B 157 -18.76 -13.11 -8.33
N ASP B 158 -18.17 -12.27 -7.49
CA ASP B 158 -18.75 -11.96 -6.19
C ASP B 158 -18.22 -10.62 -5.73
N GLU B 159 -18.90 -10.06 -4.73
CA GLU B 159 -18.52 -8.75 -4.18
C GLU B 159 -17.15 -8.80 -3.50
N THR B 160 -16.84 -9.89 -2.81
CA THR B 160 -15.60 -10.00 -2.04
C THR B 160 -14.37 -10.01 -2.95
N SER B 161 -14.38 -10.84 -3.99
CA SER B 161 -13.24 -10.87 -4.90
C SER B 161 -13.18 -9.64 -5.78
N TYR B 162 -14.32 -9.02 -6.09
CA TYR B 162 -14.31 -7.75 -6.81
C TYR B 162 -13.64 -6.65 -5.99
N PHE B 163 -13.99 -6.55 -4.71
CA PHE B 163 -13.37 -5.54 -3.85
C PHE B 163 -11.93 -5.89 -3.50
N GLN B 164 -11.55 -7.16 -3.60
CA GLN B 164 -10.14 -7.52 -3.47
C GLN B 164 -9.36 -7.10 -4.70
N ARG B 165 -9.91 -7.35 -5.90
CA ARG B 165 -9.24 -6.99 -7.14
C ARG B 165 -9.26 -5.50 -7.42
N LEU B 166 -10.09 -4.73 -6.69
CA LEU B 166 -9.99 -3.27 -6.77
C LEU B 166 -8.65 -2.74 -6.26
N GLU B 167 -8.00 -3.45 -5.35
CA GLU B 167 -6.62 -3.17 -4.98
C GLU B 167 -5.73 -4.00 -5.89
N PHE B 168 -5.11 -3.35 -6.88
CA PHE B 168 -4.46 -4.05 -7.99
C PHE B 168 -3.12 -4.61 -7.52
N GLU B 169 -3.19 -5.84 -7.01
CA GLU B 169 -1.99 -6.54 -6.57
C GLU B 169 -1.94 -8.00 -6.97
N THR B 170 -2.96 -8.52 -7.64
CA THR B 170 -2.91 -9.86 -8.19
C THR B 170 -1.97 -9.90 -9.40
N PRO B 171 -1.45 -11.07 -9.78
CA PRO B 171 -0.50 -11.12 -10.91
C PRO B 171 -1.03 -10.61 -12.24
N LEU B 172 -2.31 -10.81 -12.55
CA LEU B 172 -2.86 -10.19 -13.76
C LEU B 172 -2.92 -8.68 -13.64
N ASP B 173 -3.13 -8.18 -12.41
CA ASP B 173 -3.14 -6.73 -12.20
C ASP B 173 -1.74 -6.14 -12.40
N ILE B 174 -0.70 -6.84 -11.92
CA ILE B 174 0.66 -6.39 -12.13
C ILE B 174 1.05 -6.47 -13.60
N LYS B 175 0.57 -7.51 -14.29
CA LYS B 175 0.79 -7.61 -15.73
C LYS B 175 0.14 -6.46 -16.48
N PHE B 176 -1.06 -6.04 -16.06
CA PHE B 176 -1.67 -4.87 -16.67
C PHE B 176 -0.94 -3.59 -16.32
N ARG B 177 -0.48 -3.46 -15.07
CA ARG B 177 0.21 -2.25 -14.65
C ARG B 177 1.57 -2.10 -15.30
N SER B 178 2.16 -3.19 -15.80
CA SER B 178 3.37 -3.05 -16.61
C SER B 178 3.11 -3.03 -18.10
N ASP B 179 1.98 -3.58 -18.57
CA ASP B 179 1.61 -3.44 -19.97
C ASP B 179 1.16 -2.03 -20.30
N VAL B 180 0.64 -1.29 -19.33
CA VAL B 180 0.22 0.09 -19.54
C VAL B 180 1.38 1.06 -19.70
N LEU B 181 2.61 0.64 -19.37
CA LEU B 181 3.75 1.55 -19.35
C LEU B 181 4.21 1.82 -20.77
N GLY B 182 4.17 3.08 -21.18
CA GLY B 182 4.55 3.45 -22.52
C GLY B 182 3.55 3.11 -23.60
N LYS B 183 2.31 2.80 -23.22
CA LYS B 183 1.27 2.42 -24.16
C LYS B 183 -0.05 3.05 -23.74
N SER B 184 -0.99 3.08 -24.67
CA SER B 184 -2.33 3.58 -24.40
C SER B 184 -3.32 2.43 -24.46
N VAL B 185 -4.37 2.54 -23.65
CA VAL B 185 -5.40 1.52 -23.53
C VAL B 185 -6.68 2.04 -24.17
N LEU B 186 -7.25 1.25 -25.05
CA LEU B 186 -8.56 1.56 -25.64
C LEU B 186 -9.60 0.70 -24.95
N PHE B 187 -10.58 1.34 -24.32
CA PHE B 187 -11.66 0.65 -23.64
C PHE B 187 -12.89 0.69 -24.54
N ILE B 188 -13.47 -0.47 -24.81
CA ILE B 188 -14.70 -0.56 -25.59
C ILE B 188 -15.67 -1.46 -24.86
N GLY B 189 -16.94 -1.05 -24.82
CA GLY B 189 -17.97 -1.87 -24.23
C GLY B 189 -18.23 -1.65 -22.75
N TYR B 190 -17.85 -0.49 -22.21
CA TYR B 190 -18.01 -0.20 -20.80
C TYR B 190 -19.02 0.92 -20.59
N SER B 191 -19.85 0.78 -19.57
CA SER B 191 -20.69 1.87 -19.07
C SER B 191 -19.90 2.63 -18.00
N LEU B 192 -20.59 3.45 -17.20
CA LEU B 192 -19.98 4.13 -16.05
C LEU B 192 -20.98 4.11 -14.91
N SER B 193 -20.92 3.07 -14.07
CA SER B 193 -21.74 3.04 -12.86
C SER B 193 -20.99 2.24 -11.78
N ASP B 194 -20.18 2.95 -10.98
CA ASP B 194 -19.44 2.44 -9.82
C ASP B 194 -18.50 1.28 -10.14
N ILE B 195 -18.14 1.10 -11.41
CA ILE B 195 -17.33 -0.05 -11.82
C ILE B 195 -15.85 0.24 -11.61
N ASN B 196 -15.03 -0.80 -11.81
CA ASN B 196 -13.58 -0.72 -11.62
C ASN B 196 -12.88 0.16 -12.62
N ILE B 197 -13.56 0.57 -13.70
CA ILE B 197 -12.94 1.35 -14.77
C ILE B 197 -12.50 2.72 -14.26
N ARG B 198 -13.32 3.35 -13.42
CA ARG B 198 -12.97 4.64 -12.84
C ARG B 198 -11.79 4.53 -11.88
N LEU B 199 -11.76 3.47 -11.07
CA LEU B 199 -10.64 3.28 -10.16
C LEU B 199 -9.36 2.93 -10.90
N LEU B 200 -9.48 2.22 -12.02
CA LEU B 200 -8.35 1.98 -12.91
C LEU B 200 -7.80 3.27 -13.49
N PHE B 201 -8.69 4.15 -13.95
CA PHE B 201 -8.28 5.45 -14.49
C PHE B 201 -7.61 6.29 -13.42
N TYR B 202 -8.16 6.26 -12.22
CA TYR B 202 -7.62 7.03 -11.10
C TYR B 202 -6.24 6.52 -10.69
N LYS B 203 -6.05 5.19 -10.71
CA LYS B 203 -4.74 4.62 -10.40
C LYS B 203 -3.70 4.96 -11.46
N LEU B 204 -4.09 4.91 -12.74
CA LEU B 204 -3.16 5.29 -13.80
C LEU B 204 -2.87 6.79 -13.79
N SER B 205 -3.84 7.60 -13.37
CA SER B 205 -3.60 9.04 -13.22
C SER B 205 -2.63 9.32 -12.08
N LYS B 206 -2.74 8.57 -10.98
CA LYS B 206 -1.74 8.68 -9.92
C LYS B 206 -0.36 8.25 -10.37
N LEU B 207 -0.28 7.18 -11.16
CA LEU B 207 1.01 6.74 -11.71
C LEU B 207 1.60 7.79 -12.65
N TRP B 208 0.74 8.51 -13.38
CA TRP B 208 1.20 9.64 -14.18
C TRP B 208 1.68 10.80 -13.30
N LYS B 209 0.96 11.07 -12.21
CA LYS B 209 1.24 12.28 -11.43
C LYS B 209 2.48 12.13 -10.56
N GLU B 210 2.51 11.13 -9.68
CA GLU B 210 3.59 11.05 -8.70
C GLU B 210 4.94 10.64 -9.30
N GLN B 211 4.94 10.00 -10.46
CA GLN B 211 6.20 9.66 -11.11
C GLN B 211 6.64 10.69 -12.15
N LYS B 212 5.84 11.74 -12.36
CA LYS B 212 6.17 12.90 -13.19
C LYS B 212 6.50 12.54 -14.64
N LEU B 213 5.79 11.55 -15.19
CA LEU B 213 5.96 11.17 -16.59
C LEU B 213 5.13 12.13 -17.42
N GLU B 214 5.78 13.07 -18.10
CA GLU B 214 5.06 14.16 -18.76
C GLU B 214 4.31 13.67 -19.99
N GLU B 215 5.03 13.18 -21.00
CA GLU B 215 4.37 12.62 -22.18
C GLU B 215 5.01 11.30 -22.59
N ALA B 216 5.77 10.67 -21.69
CA ALA B 216 6.33 9.35 -21.97
C ALA B 216 5.23 8.30 -22.03
N GLN B 217 4.25 8.39 -21.14
CA GLN B 217 3.09 7.49 -21.16
C GLN B 217 1.93 8.21 -21.82
N PRO B 218 1.45 7.74 -22.97
CA PRO B 218 0.35 8.42 -23.66
C PRO B 218 -0.96 8.27 -22.93
N LYS B 219 -1.88 9.19 -23.22
CA LYS B 219 -3.20 9.17 -22.62
C LYS B 219 -4.01 8.01 -23.19
N SER B 220 -4.61 7.23 -22.31
CA SER B 220 -5.44 6.12 -22.75
C SER B 220 -6.87 6.60 -23.01
N TYR B 221 -7.68 5.75 -23.64
CA TYR B 221 -8.93 6.19 -24.25
C TYR B 221 -10.07 5.25 -23.87
N ILE B 222 -11.29 5.77 -23.97
CA ILE B 222 -12.51 5.01 -23.75
C ILE B 222 -13.48 5.36 -24.88
N PHE B 223 -14.38 4.43 -25.19
CA PHE B 223 -15.44 4.67 -26.16
C PHE B 223 -16.79 4.56 -25.49
N LEU B 224 -17.65 5.56 -25.71
CA LEU B 224 -19.02 5.53 -25.26
C LEU B 224 -19.97 5.69 -26.44
N PRO B 225 -21.07 4.93 -26.47
CA PRO B 225 -22.01 5.06 -27.60
C PRO B 225 -22.81 6.34 -27.58
N ARG B 226 -23.02 6.95 -26.40
CA ARG B 226 -23.70 8.23 -26.34
C ARG B 226 -22.77 9.28 -25.75
N PRO B 227 -22.80 10.51 -26.27
CA PRO B 227 -21.94 11.55 -25.72
C PRO B 227 -22.45 12.07 -24.39
N ASN B 228 -21.51 12.41 -23.52
CA ASN B 228 -21.83 12.98 -22.23
C ASN B 228 -20.91 14.15 -21.96
N PRO B 229 -21.43 15.37 -21.87
CA PRO B 229 -20.56 16.52 -21.56
C PRO B 229 -19.94 16.47 -20.19
N ILE B 230 -20.60 15.83 -19.22
CA ILE B 230 -20.05 15.73 -17.87
C ILE B 230 -18.89 14.77 -17.85
N GLN B 231 -19.09 13.58 -18.43
CA GLN B 231 -18.11 12.52 -18.32
C GLN B 231 -16.87 12.80 -19.16
N GLU B 232 -16.96 13.63 -20.19
CA GLU B 232 -15.78 13.98 -20.96
C GLU B 232 -14.77 14.75 -20.12
N GLU B 233 -15.25 15.76 -19.39
CA GLU B 233 -14.37 16.50 -18.48
C GLU B 233 -13.99 15.68 -17.25
N ILE B 234 -14.93 14.84 -16.76
CA ILE B 234 -14.68 14.01 -15.59
C ILE B 234 -13.56 13.02 -15.87
N LEU B 235 -13.57 12.41 -17.05
CA LEU B 235 -12.50 11.50 -17.45
C LEU B 235 -11.26 12.25 -17.95
N GLU B 236 -11.41 13.47 -18.48
CA GLU B 236 -10.25 14.26 -18.85
C GLU B 236 -9.44 14.68 -17.63
N GLN B 237 -10.06 14.71 -16.45
CA GLN B 237 -9.29 14.79 -15.21
C GLN B 237 -8.32 13.62 -15.07
N TRP B 238 -8.74 12.42 -15.47
CA TRP B 238 -7.95 11.21 -15.34
C TRP B 238 -7.19 10.85 -16.61
N ARG B 239 -6.87 11.86 -17.43
CA ARG B 239 -6.10 11.72 -18.68
C ARG B 239 -6.75 10.73 -19.66
N ILE B 240 -8.07 10.80 -19.78
CA ILE B 240 -8.83 9.82 -20.55
C ILE B 240 -9.53 10.58 -21.66
N GLY B 241 -9.31 10.16 -22.91
CA GLY B 241 -10.13 10.65 -24.00
C GLY B 241 -11.44 9.90 -24.07
N MET B 242 -12.51 10.64 -24.31
CA MET B 242 -13.86 10.10 -24.39
C MET B 242 -14.32 10.21 -25.83
N ILE B 243 -14.09 9.16 -26.61
CA ILE B 243 -14.53 9.13 -28.00
C ILE B 243 -15.98 8.67 -28.03
N SER B 244 -16.84 9.47 -28.65
CA SER B 244 -18.26 9.14 -28.80
C SER B 244 -18.63 9.31 -30.27
N SER B 245 -19.90 9.06 -30.57
CA SER B 245 -20.38 9.13 -31.94
C SER B 245 -21.71 9.88 -31.95
N GLU B 246 -22.33 9.95 -33.12
CA GLU B 246 -23.61 10.63 -33.30
C GLU B 246 -24.78 9.68 -33.49
N ASN B 247 -24.52 8.39 -33.70
CA ASN B 247 -25.58 7.43 -33.91
C ASN B 247 -26.30 7.12 -32.61
N ASP B 248 -27.63 7.18 -32.63
CA ASP B 248 -28.42 6.82 -31.46
C ASP B 248 -28.44 5.33 -31.21
N ASN B 249 -28.23 4.52 -32.25
CA ASN B 249 -28.12 3.08 -32.09
C ASN B 249 -26.80 2.74 -31.44
N PRO B 250 -26.77 2.13 -30.26
CA PRO B 250 -25.47 1.77 -29.66
C PRO B 250 -24.81 0.58 -30.33
N GLY B 251 -25.58 -0.30 -30.98
CA GLY B 251 -24.97 -1.43 -31.67
C GLY B 251 -24.18 -1.01 -32.90
N GLU B 252 -24.70 -0.04 -33.65
CA GLU B 252 -24.07 0.38 -34.89
C GLU B 252 -22.89 1.32 -34.68
N SER B 253 -22.74 1.90 -33.50
CA SER B 253 -21.65 2.84 -33.27
C SER B 253 -20.31 2.13 -33.09
N LEU B 254 -20.33 0.97 -32.43
CA LEU B 254 -19.08 0.29 -32.09
C LEU B 254 -18.38 -0.28 -33.32
N GLU B 255 -19.15 -0.84 -34.25
CA GLU B 255 -18.57 -1.36 -35.48
C GLU B 255 -17.99 -0.25 -36.34
N GLU B 256 -18.69 0.89 -36.41
CA GLU B 256 -18.15 2.04 -37.13
C GLU B 256 -16.94 2.66 -36.43
N PHE B 257 -16.81 2.48 -35.11
CA PHE B 257 -15.60 2.90 -34.43
C PHE B 257 -14.43 1.98 -34.71
N LEU B 258 -14.66 0.66 -34.71
CA LEU B 258 -13.59 -0.29 -34.99
C LEU B 258 -13.21 -0.36 -36.47
N LYS B 259 -14.07 0.16 -37.36
CA LYS B 259 -13.76 0.19 -38.78
C LYS B 259 -12.53 1.03 -39.09
N ASN B 260 -12.24 2.05 -38.27
CA ASN B 260 -11.00 2.79 -38.42
C ASN B 260 -9.79 1.96 -38.05
N PHE B 261 -9.95 0.97 -37.17
CA PHE B 261 -8.87 0.09 -36.76
C PHE B 261 -8.76 -1.17 -37.59
N VAL B 262 -9.72 -1.42 -38.49
CA VAL B 262 -9.77 -2.71 -39.19
C VAL B 262 -8.62 -2.83 -40.19
N LEU B 263 -8.38 -1.81 -41.00
CA LEU B 263 -7.52 -1.95 -42.18
C LEU B 263 -6.04 -2.03 -41.85
N VAL B 264 -5.64 -1.72 -40.62
CA VAL B 264 -4.23 -1.80 -40.24
C VAL B 264 -3.96 -3.17 -39.62
N MET C 1 23.45 -25.17 -10.83
CA MET C 1 23.83 -26.30 -9.99
C MET C 1 22.58 -26.96 -9.40
N GLU C 2 21.46 -26.79 -10.10
CA GLU C 2 20.15 -27.24 -9.65
C GLU C 2 19.26 -27.34 -10.89
N GLN C 3 17.94 -27.29 -10.67
CA GLN C 3 16.96 -27.08 -11.75
C GLN C 3 16.98 -25.68 -12.34
N LEU C 4 17.90 -24.81 -11.88
CA LEU C 4 18.15 -23.53 -12.53
C LEU C 4 18.55 -23.70 -13.98
N LEU C 5 19.38 -24.71 -14.29
CA LEU C 5 19.72 -24.98 -15.68
C LEU C 5 18.55 -25.58 -16.44
N ALA C 6 17.66 -26.30 -15.77
CA ALA C 6 16.46 -26.81 -16.43
C ALA C 6 15.51 -25.68 -16.80
N ASP C 7 15.41 -24.67 -15.93
CA ASP C 7 14.63 -23.47 -16.27
C ASP C 7 15.33 -22.63 -17.32
N TYR C 8 16.66 -22.57 -17.28
CA TYR C 8 17.45 -21.82 -18.24
C TYR C 8 17.40 -22.43 -19.63
N LYS C 9 17.23 -23.74 -19.72
CA LYS C 9 17.09 -24.39 -21.02
C LYS C 9 15.78 -24.01 -21.70
N LYS C 10 14.76 -23.61 -20.95
CA LYS C 10 13.51 -23.13 -21.52
C LYS C 10 13.48 -21.62 -21.72
N GLY C 11 14.40 -20.89 -21.09
CA GLY C 11 14.40 -19.44 -21.20
C GLY C 11 13.48 -18.78 -20.20
N ASN C 12 13.52 -19.24 -18.95
CA ASN C 12 12.68 -18.69 -17.89
C ASN C 12 13.53 -18.15 -16.74
N VAL C 13 14.74 -17.69 -17.03
CA VAL C 13 15.66 -17.18 -16.01
C VAL C 13 15.97 -15.73 -16.33
N ILE C 14 15.78 -14.87 -15.33
CA ILE C 14 16.06 -13.44 -15.45
C ILE C 14 17.34 -13.15 -14.68
N LEU C 15 18.33 -12.59 -15.35
CA LEU C 15 19.58 -12.24 -14.69
C LEU C 15 19.41 -10.93 -13.92
N PHE C 16 20.08 -10.84 -12.78
CA PHE C 16 20.01 -9.67 -11.90
C PHE C 16 21.43 -9.29 -11.46
N VAL C 17 22.30 -9.06 -12.45
CA VAL C 17 23.68 -8.66 -12.27
C VAL C 17 23.81 -7.51 -11.29
N GLY C 18 24.65 -7.69 -10.28
CA GLY C 18 24.85 -6.72 -9.23
C GLY C 18 26.14 -5.94 -9.37
N ALA C 19 26.64 -5.43 -8.25
CA ALA C 19 27.84 -4.61 -8.24
C ALA C 19 29.11 -5.41 -8.02
N GLY C 20 29.02 -6.64 -7.53
CA GLY C 20 30.18 -7.48 -7.33
C GLY C 20 30.60 -8.28 -8.53
N VAL C 21 29.94 -8.08 -9.68
CA VAL C 21 30.27 -8.83 -10.88
C VAL C 21 31.50 -8.27 -11.59
N SER C 22 31.94 -7.08 -11.20
CA SER C 22 32.95 -6.33 -11.93
C SER C 22 34.08 -5.91 -11.00
N MET C 23 34.54 -6.84 -10.17
CA MET C 23 35.68 -6.60 -9.32
C MET C 23 36.99 -6.90 -10.00
N ASN C 24 36.97 -7.63 -11.12
CA ASN C 24 38.19 -7.97 -11.82
C ASN C 24 38.58 -6.95 -12.88
N LEU C 25 37.66 -6.04 -13.24
CA LEU C 25 37.99 -5.03 -14.24
C LEU C 25 38.91 -3.97 -13.67
N GLY C 26 38.62 -3.50 -12.47
CA GLY C 26 39.40 -2.44 -11.87
C GLY C 26 38.67 -1.11 -11.86
N LEU C 27 37.35 -1.17 -11.73
CA LEU C 27 36.56 0.05 -11.63
C LEU C 27 36.82 0.71 -10.27
N PRO C 28 36.62 2.03 -10.17
CA PRO C 28 36.74 2.69 -8.87
C PRO C 28 35.69 2.20 -7.87
N SER C 29 36.10 2.10 -6.62
CA SER C 29 35.21 1.65 -5.57
C SER C 29 34.39 2.84 -5.05
N TRP C 30 33.54 2.58 -4.07
CA TRP C 30 32.79 3.66 -3.46
C TRP C 30 33.64 4.51 -2.52
N SER C 31 34.79 3.99 -2.09
CA SER C 31 35.69 4.75 -1.23
C SER C 31 36.28 5.95 -1.97
N GLN C 32 36.68 5.78 -3.23
CA GLN C 32 37.20 6.91 -3.99
C GLN C 32 36.08 7.87 -4.40
N LEU C 33 34.85 7.38 -4.56
CA LEU C 33 33.72 8.27 -4.76
C LEU C 33 33.48 9.14 -3.53
N VAL C 34 33.57 8.55 -2.34
CA VAL C 34 33.41 9.29 -1.10
C VAL C 34 34.57 10.28 -0.92
N ASP C 35 35.78 9.89 -1.32
CA ASP C 35 36.93 10.78 -1.26
C ASP C 35 36.78 11.96 -2.21
N HIS C 36 36.24 11.73 -3.41
CA HIS C 36 36.02 12.83 -4.35
C HIS C 36 34.93 13.76 -3.86
N ILE C 37 33.87 13.20 -3.25
CA ILE C 37 32.81 14.02 -2.66
C ILE C 37 33.36 14.87 -1.53
N ALA C 38 34.23 14.30 -0.71
CA ALA C 38 34.87 15.03 0.38
C ALA C 38 35.79 16.12 -0.13
N THR C 39 36.53 15.85 -1.20
CA THR C 39 37.43 16.85 -1.77
C THR C 39 36.65 18.01 -2.36
N GLU C 40 35.58 17.73 -3.10
CA GLU C 40 34.78 18.81 -3.69
C GLU C 40 33.91 19.52 -2.66
N LEU C 41 33.64 18.91 -1.52
CA LEU C 41 32.85 19.55 -0.48
C LEU C 41 33.69 20.30 0.54
N GLY C 42 35.00 20.07 0.58
CA GLY C 42 35.91 20.77 1.47
C GLY C 42 36.34 19.99 2.69
N TYR C 43 35.66 18.88 3.01
CA TYR C 43 36.00 18.10 4.19
C TYR C 43 37.24 17.25 3.95
N ASP C 44 37.91 16.92 5.04
CA ASP C 44 39.00 15.95 4.99
C ASP C 44 38.42 14.57 4.79
N PRO C 45 38.85 13.81 3.77
CA PRO C 45 38.23 12.51 3.48
C PRO C 45 38.33 11.47 4.58
N ASP C 46 39.43 11.45 5.35
CA ASP C 46 39.54 10.56 6.50
C ASP C 46 38.52 10.95 7.57
N ILE C 47 38.29 12.24 7.74
CA ILE C 47 37.22 12.70 8.63
C ILE C 47 35.87 12.39 8.02
N TYR C 48 35.70 12.66 6.71
CA TYR C 48 34.40 12.63 6.06
C TYR C 48 33.83 11.23 5.89
N ARG C 49 34.66 10.20 5.77
CA ARG C 49 34.13 8.86 5.59
C ARG C 49 33.50 8.30 6.86
N THR C 50 33.81 8.87 8.02
CA THR C 50 33.24 8.43 9.29
C THR C 50 31.97 9.18 9.66
N PHE C 51 31.51 10.09 8.81
CA PHE C 51 30.36 10.92 9.12
C PHE C 51 29.04 10.29 8.70
N GLY C 52 29.07 9.10 8.13
CA GLY C 52 27.87 8.42 7.71
C GLY C 52 28.21 7.28 6.78
N SER C 53 27.17 6.65 6.24
CA SER C 53 27.37 5.61 5.25
C SER C 53 27.63 6.24 3.89
N ALA C 54 27.91 5.39 2.89
CA ALA C 54 28.18 5.90 1.55
C ALA C 54 26.94 6.49 0.89
N LEU C 55 25.75 5.96 1.20
CA LEU C 55 24.51 6.47 0.63
C LEU C 55 24.15 7.85 1.18
N GLU C 56 24.35 8.09 2.48
CA GLU C 56 24.13 9.42 3.03
C GLU C 56 25.21 10.39 2.57
N LEU C 57 26.43 9.89 2.38
CA LEU C 57 27.51 10.73 1.87
C LEU C 57 27.32 11.07 0.41
N ALA C 58 26.55 10.28 -0.33
CA ALA C 58 26.12 10.66 -1.67
C ALA C 58 24.76 11.35 -1.68
N GLU C 59 24.06 11.37 -0.54
CA GLU C 59 22.91 12.28 -0.40
C GLU C 59 23.39 13.72 -0.22
N TYR C 60 24.45 13.91 0.57
CA TYR C 60 25.29 15.08 0.36
C TYR C 60 25.94 15.03 -1.01
N TYR C 61 26.19 16.22 -1.59
CA TYR C 61 26.47 16.59 -2.97
C TYR C 61 25.20 16.57 -3.82
N LYS C 62 24.07 16.10 -3.31
CA LYS C 62 22.76 16.44 -3.84
C LYS C 62 22.10 17.50 -2.99
N LEU C 63 22.12 17.31 -1.67
CA LEU C 63 22.03 18.44 -0.76
C LEU C 63 23.37 19.17 -0.76
N LYS C 64 23.30 20.48 -0.50
CA LYS C 64 24.39 21.46 -0.48
C LYS C 64 24.99 21.74 -1.87
N LYS C 65 24.56 21.05 -2.92
CA LYS C 65 24.92 21.37 -4.29
C LYS C 65 23.69 21.57 -5.17
N GLY C 66 22.66 20.76 -4.99
CA GLY C 66 21.42 20.90 -5.72
C GLY C 66 21.26 19.96 -6.89
N LYS C 67 22.30 19.23 -7.27
CA LYS C 67 22.24 18.45 -8.50
C LYS C 67 23.13 17.22 -8.39
N ILE C 68 22.73 16.15 -9.07
CA ILE C 68 23.57 14.97 -9.18
C ILE C 68 24.70 15.23 -10.19
N GLY C 69 24.44 16.13 -11.15
CA GLY C 69 25.19 16.33 -12.37
C GLY C 69 26.72 16.23 -12.40
N PRO C 70 27.42 17.05 -11.62
CA PRO C 70 28.89 16.96 -11.60
C PRO C 70 29.41 15.63 -11.05
N LEU C 71 28.72 15.08 -10.04
CA LEU C 71 29.07 13.75 -9.55
C LEU C 71 28.83 12.69 -10.61
N ARG C 72 27.73 12.82 -11.36
CA ARG C 72 27.44 11.90 -12.45
C ARG C 72 28.49 11.99 -13.53
N SER C 73 28.95 13.21 -13.85
CA SER C 73 29.99 13.39 -14.85
C SER C 73 31.32 12.80 -14.41
N TRP C 74 31.67 12.97 -13.14
CA TRP C 74 32.91 12.37 -12.64
C TRP C 74 32.82 10.84 -12.61
N MET C 75 31.67 10.30 -12.23
CA MET C 75 31.51 8.84 -12.23
C MET C 75 31.50 8.28 -13.64
N ASP C 76 30.92 8.99 -14.59
CA ASP C 76 30.94 8.58 -15.98
C ASP C 76 32.34 8.65 -16.57
N ARG C 77 33.14 9.60 -16.14
CA ARG C 77 34.53 9.69 -16.61
C ARG C 77 35.43 8.64 -15.99
N MET C 78 35.28 8.38 -14.67
CA MET C 78 36.21 7.49 -13.99
C MET C 78 35.79 6.03 -14.06
N TRP C 79 34.50 5.75 -14.21
CA TRP C 79 34.00 4.39 -14.34
C TRP C 79 34.18 3.82 -15.74
N HIS C 80 34.62 4.62 -16.70
CA HIS C 80 34.72 4.21 -18.09
C HIS C 80 36.07 4.60 -18.65
N SER C 81 37.13 4.35 -17.88
CA SER C 81 38.47 4.72 -18.28
C SER C 81 38.97 3.79 -19.38
N SER C 82 40.08 4.19 -20.01
CA SER C 82 40.66 3.41 -21.09
C SER C 82 41.47 2.22 -20.59
N ASP C 83 41.73 2.14 -19.28
CA ASP C 83 42.49 1.04 -18.69
C ASP C 83 41.61 -0.14 -18.34
N ILE C 84 40.32 -0.09 -18.65
CA ILE C 84 39.39 -1.18 -18.37
C ILE C 84 38.98 -1.80 -19.69
N ASP C 85 39.20 -3.10 -19.83
CA ASP C 85 38.89 -3.83 -21.05
C ASP C 85 38.04 -5.04 -20.73
N ILE C 86 36.93 -5.19 -21.46
CA ILE C 86 36.02 -6.32 -21.27
C ILE C 86 36.67 -7.62 -21.72
N ASN C 87 37.45 -7.58 -22.81
CA ASN C 87 37.97 -8.77 -23.46
C ASN C 87 38.94 -9.57 -22.59
N LYS C 88 39.50 -8.96 -21.55
CA LYS C 88 40.32 -9.67 -20.58
C LYS C 88 39.56 -10.05 -19.31
N SER C 89 38.25 -9.85 -19.30
CA SER C 89 37.40 -10.27 -18.18
C SER C 89 36.46 -11.35 -18.68
N LYS C 90 36.65 -12.58 -18.20
CA LYS C 90 35.87 -13.71 -18.70
C LYS C 90 34.45 -13.73 -18.17
N VAL C 91 34.17 -13.08 -17.04
CA VAL C 91 32.84 -13.11 -16.46
C VAL C 91 31.84 -12.39 -17.35
N HIS C 92 32.21 -11.20 -17.82
CA HIS C 92 31.38 -10.47 -18.76
C HIS C 92 31.27 -11.17 -20.11
N GLU C 93 32.31 -11.90 -20.50
CA GLU C 93 32.24 -12.73 -21.71
C GLU C 93 31.20 -13.84 -21.55
N TYR C 94 31.18 -14.50 -20.39
CA TYR C 94 30.18 -15.56 -20.18
C TYR C 94 28.78 -15.00 -20.03
N ILE C 95 28.65 -13.78 -19.51
CA ILE C 95 27.34 -13.12 -19.47
C ILE C 95 26.88 -12.78 -20.88
N ALA C 96 27.80 -12.28 -21.72
CA ALA C 96 27.43 -11.88 -23.08
C ALA C 96 27.13 -13.08 -23.97
N LYS C 97 27.83 -14.19 -23.80
CA LYS C 97 27.64 -15.35 -24.66
C LYS C 97 26.56 -16.30 -24.16
N ALA C 98 25.90 -15.98 -23.05
CA ALA C 98 24.82 -16.82 -22.55
C ALA C 98 23.52 -16.45 -23.26
N ASN C 99 22.40 -17.03 -22.83
CA ASN C 99 21.11 -16.80 -23.47
C ASN C 99 20.11 -16.36 -22.40
N PHE C 100 20.46 -15.27 -21.73
CA PHE C 100 19.53 -14.62 -20.82
C PHE C 100 18.70 -13.62 -21.61
N PRO C 101 17.37 -13.73 -21.63
CA PRO C 101 16.59 -12.78 -22.42
C PRO C 101 16.48 -11.41 -21.77
N ILE C 102 16.35 -11.33 -20.45
CA ILE C 102 16.29 -10.08 -19.71
C ILE C 102 17.42 -10.07 -18.70
N ILE C 103 18.20 -9.00 -18.70
CA ILE C 103 19.32 -8.86 -17.76
C ILE C 103 19.07 -7.59 -16.96
N TYR C 104 18.45 -7.72 -15.79
CA TYR C 104 18.35 -6.59 -14.88
C TYR C 104 19.71 -6.31 -14.27
N THR C 105 19.97 -5.05 -13.96
CA THR C 105 21.20 -4.69 -13.30
C THR C 105 21.01 -3.43 -12.48
N THR C 106 21.68 -3.37 -11.33
CA THR C 106 21.72 -2.19 -10.50
C THR C 106 23.02 -1.40 -10.67
N ASN C 107 23.83 -1.78 -11.64
CA ASN C 107 25.02 -1.01 -11.96
C ASN C 107 24.64 0.26 -12.70
N TYR C 108 25.51 1.25 -12.65
CA TYR C 108 25.34 2.45 -13.45
C TYR C 108 26.16 2.44 -14.72
N ASP C 109 27.28 1.72 -14.74
CA ASP C 109 28.16 1.74 -15.89
C ASP C 109 27.56 0.95 -17.05
N ARG C 110 28.20 1.10 -18.22
CA ARG C 110 27.74 0.48 -19.45
C ARG C 110 28.62 -0.68 -19.89
N TRP C 111 29.29 -1.33 -18.94
CA TRP C 111 30.18 -2.42 -19.31
C TRP C 111 29.44 -3.71 -19.63
N ILE C 112 28.22 -3.88 -19.12
CA ILE C 112 27.40 -5.02 -19.53
C ILE C 112 26.99 -4.88 -21.00
N GLU C 113 26.53 -3.68 -21.37
CA GLU C 113 26.17 -3.43 -22.77
C GLU C 113 27.39 -3.43 -23.67
N THR C 114 28.53 -2.95 -23.18
CA THR C 114 29.78 -3.05 -23.95
C THR C 114 30.19 -4.50 -24.14
N ALA C 115 29.97 -5.33 -23.12
CA ALA C 115 30.27 -6.76 -23.24
C ALA C 115 29.37 -7.44 -24.25
N LEU C 116 28.08 -7.10 -24.26
CA LEU C 116 27.18 -7.68 -25.24
C LEU C 116 27.45 -7.14 -26.65
N SER C 117 27.94 -5.91 -26.76
CA SER C 117 28.30 -5.38 -28.08
C SER C 117 29.59 -6.00 -28.59
N ASN C 118 30.51 -6.36 -27.71
CA ASN C 118 31.78 -6.94 -28.14
C ASN C 118 31.65 -8.39 -28.57
N TYR C 119 30.51 -9.04 -28.35
CA TYR C 119 30.37 -10.45 -28.67
C TYR C 119 29.16 -10.72 -29.56
N GLY C 120 28.68 -9.72 -30.28
CA GLY C 120 27.72 -9.90 -31.35
C GLY C 120 26.27 -9.72 -30.96
N LYS C 121 25.95 -9.74 -29.67
CA LYS C 121 24.57 -9.60 -29.26
C LYS C 121 24.13 -8.13 -29.37
N GLU C 122 22.81 -7.96 -29.50
CA GLU C 122 22.22 -6.63 -29.64
C GLU C 122 21.28 -6.37 -28.48
N TYR C 123 21.33 -5.14 -27.96
CA TYR C 123 20.67 -4.80 -26.71
C TYR C 123 19.74 -3.61 -26.89
N ILE C 124 18.68 -3.57 -26.08
CA ILE C 124 17.66 -2.55 -26.18
C ILE C 124 17.56 -1.99 -24.74
N LYS C 125 18.71 -1.55 -24.23
CA LYS C 125 18.89 -0.98 -22.88
C LYS C 125 17.77 -0.04 -22.44
N ILE C 126 17.22 -0.31 -21.26
CA ILE C 126 16.06 0.38 -20.71
C ILE C 126 16.48 1.09 -19.43
N SER C 127 16.16 2.38 -19.33
CA SER C 127 16.41 3.13 -18.11
C SER C 127 15.26 4.02 -17.68
N SER C 128 14.14 4.02 -18.40
CA SER C 128 12.99 4.85 -18.05
C SER C 128 11.74 4.24 -18.67
N VAL C 129 10.66 5.02 -18.69
CA VAL C 129 9.39 4.56 -19.23
C VAL C 129 9.47 4.44 -20.75
N SER C 130 10.06 5.44 -21.41
CA SER C 130 10.04 5.54 -22.86
C SER C 130 10.89 4.50 -23.57
N ASP C 131 11.74 3.77 -22.85
CA ASP C 131 12.44 2.65 -23.45
C ASP C 131 11.67 1.35 -23.34
N ILE C 132 10.64 1.30 -22.48
CA ILE C 132 9.78 0.12 -22.41
C ILE C 132 8.90 0.03 -23.64
N ALA C 133 8.62 1.16 -24.29
CA ALA C 133 7.86 1.14 -25.53
C ALA C 133 8.67 0.67 -26.72
N LYS C 134 9.98 0.52 -26.58
CA LYS C 134 10.87 0.21 -27.69
C LYS C 134 11.29 -1.25 -27.75
N ILE C 135 10.68 -2.11 -26.93
CA ILE C 135 11.11 -3.51 -26.80
C ILE C 135 10.81 -4.25 -28.10
N ASP C 136 11.82 -4.89 -28.67
CA ASP C 136 11.71 -5.55 -29.97
C ASP C 136 11.94 -7.04 -29.74
N ASN C 137 11.23 -7.59 -28.75
CA ASN C 137 10.97 -9.01 -28.57
C ASN C 137 12.20 -9.90 -28.47
N ASN C 138 12.83 -10.17 -29.61
CA ASN C 138 14.01 -11.03 -29.68
C ASN C 138 15.30 -10.23 -29.60
N LYS C 139 15.39 -9.39 -28.56
CA LYS C 139 16.61 -8.66 -28.25
C LYS C 139 16.78 -8.64 -26.75
N THR C 140 18.03 -8.73 -26.30
CA THR C 140 18.31 -8.75 -24.87
C THR C 140 18.02 -7.39 -24.26
N GLN C 141 17.29 -7.37 -23.15
CA GLN C 141 16.89 -6.14 -22.50
C GLN C 141 17.74 -5.96 -21.25
N ILE C 142 18.79 -5.16 -21.35
CA ILE C 142 19.53 -4.77 -20.15
C ILE C 142 18.78 -3.63 -19.50
N ILE C 143 18.11 -3.93 -18.40
CA ILE C 143 17.28 -2.97 -17.68
C ILE C 143 18.10 -2.47 -16.50
N LYS C 144 18.52 -1.21 -16.57
CA LYS C 144 19.27 -0.61 -15.48
C LYS C 144 18.29 -0.28 -14.37
N PHE C 145 18.29 -1.11 -13.32
CA PHE C 145 17.30 -0.96 -12.25
C PHE C 145 17.52 0.30 -11.44
N HIS C 146 18.79 0.69 -11.25
CA HIS C 146 19.12 1.87 -10.46
C HIS C 146 19.61 3.01 -11.33
N GLY C 147 19.06 3.15 -12.53
CA GLY C 147 19.42 4.24 -13.41
C GLY C 147 20.78 4.05 -14.03
N ASP C 148 21.24 5.11 -14.70
CA ASP C 148 22.57 5.11 -15.31
C ASP C 148 23.06 6.54 -15.40
N PHE C 149 24.13 6.74 -16.16
CA PHE C 149 24.72 8.04 -16.37
C PHE C 149 24.08 8.79 -17.52
N ASP C 150 23.08 8.21 -18.18
CA ASP C 150 22.28 8.92 -19.16
C ASP C 150 21.07 9.60 -18.53
N ASP C 151 21.08 9.80 -17.22
CA ASP C 151 19.98 10.44 -16.51
C ASP C 151 20.49 10.99 -15.19
N ASP C 152 20.08 12.20 -14.87
CA ASP C 152 20.35 12.76 -13.56
C ASP C 152 19.18 12.63 -12.61
N SER C 153 17.97 12.40 -13.14
CA SER C 153 16.78 12.30 -12.31
C SER C 153 16.45 10.86 -11.95
N SER C 154 16.74 9.91 -12.84
CA SER C 154 16.39 8.52 -12.63
C SER C 154 17.53 7.71 -12.02
N ILE C 155 18.65 8.35 -11.68
CA ILE C 155 19.74 7.64 -11.01
C ILE C 155 19.34 7.40 -9.56
N VAL C 156 19.91 6.34 -8.97
CA VAL C 156 19.65 6.00 -7.58
C VAL C 156 21.00 5.99 -6.90
N LEU C 157 21.33 7.09 -6.24
CA LEU C 157 22.59 7.26 -5.54
C LEU C 157 22.42 7.74 -4.12
N ASP C 158 21.25 8.25 -3.77
CA ASP C 158 21.02 8.93 -2.52
C ASP C 158 20.61 7.92 -1.44
N GLU C 159 20.18 8.43 -0.30
CA GLU C 159 19.46 7.64 0.69
C GLU C 159 17.96 7.80 0.54
N THR C 160 17.50 9.02 0.23
CA THR C 160 16.09 9.26 -0.03
C THR C 160 15.62 8.53 -1.29
N SER C 161 16.41 8.56 -2.36
CA SER C 161 16.06 7.83 -3.58
C SER C 161 16.07 6.33 -3.36
N TYR C 162 17.05 5.83 -2.59
CA TYR C 162 17.13 4.41 -2.32
C TYR C 162 15.96 3.93 -1.46
N PHE C 163 15.51 4.76 -0.51
CA PHE C 163 14.33 4.40 0.26
C PHE C 163 13.04 4.60 -0.53
N GLN C 164 13.05 5.47 -1.54
CA GLN C 164 11.93 5.54 -2.47
C GLN C 164 11.79 4.25 -3.26
N ARG C 165 12.92 3.69 -3.70
CA ARG C 165 12.86 2.47 -4.51
C ARG C 165 12.53 1.23 -3.69
N LEU C 166 12.51 1.32 -2.36
CA LEU C 166 12.11 0.20 -1.52
C LEU C 166 10.60 -0.01 -1.50
N GLU C 167 9.83 1.03 -1.81
CA GLU C 167 8.40 0.87 -2.08
C GLU C 167 8.23 0.74 -3.59
N PHE C 168 7.77 -0.44 -4.01
CA PHE C 168 7.92 -0.88 -5.39
C PHE C 168 6.78 -0.27 -6.23
N GLU C 169 6.91 1.03 -6.50
CA GLU C 169 5.89 1.74 -7.26
C GLU C 169 6.44 2.50 -8.46
N THR C 170 7.75 2.56 -8.65
CA THR C 170 8.31 3.17 -9.83
C THR C 170 8.07 2.26 -11.04
N PRO C 171 8.03 2.82 -12.26
CA PRO C 171 7.74 1.98 -13.44
C PRO C 171 8.71 0.85 -13.71
N LEU C 172 10.01 1.04 -13.43
CA LEU C 172 10.94 -0.08 -13.56
C LEU C 172 10.67 -1.14 -12.48
N ASP C 173 10.18 -0.71 -11.31
CA ASP C 173 9.86 -1.65 -10.25
C ASP C 173 8.64 -2.49 -10.62
N ILE C 174 7.63 -1.87 -11.24
CA ILE C 174 6.46 -2.60 -11.73
C ILE C 174 6.84 -3.51 -12.89
N LYS C 175 7.77 -3.06 -13.74
CA LYS C 175 8.27 -3.90 -14.83
C LYS C 175 8.98 -5.14 -14.30
N PHE C 176 9.75 -4.99 -13.22
CA PHE C 176 10.34 -6.16 -12.58
C PHE C 176 9.30 -7.06 -11.92
N ARG C 177 8.31 -6.45 -11.26
CA ARG C 177 7.28 -7.22 -10.58
C ARG C 177 6.39 -7.99 -11.54
N SER C 178 6.31 -7.56 -12.80
CA SER C 178 5.60 -8.31 -13.81
C SER C 178 6.49 -9.20 -14.66
N ASP C 179 7.79 -8.92 -14.73
CA ASP C 179 8.69 -9.84 -15.40
C ASP C 179 8.94 -11.07 -14.55
N VAL C 180 8.87 -10.94 -13.23
CA VAL C 180 9.13 -12.05 -12.32
C VAL C 180 8.05 -13.11 -12.34
N LEU C 181 6.89 -12.84 -12.94
CA LEU C 181 5.77 -13.78 -12.88
C LEU C 181 6.04 -14.98 -13.78
N GLY C 182 6.13 -16.16 -13.17
CA GLY C 182 6.36 -17.38 -13.91
C GLY C 182 7.79 -17.64 -14.29
N LYS C 183 8.72 -16.78 -13.88
CA LYS C 183 10.12 -16.93 -14.22
C LYS C 183 10.97 -16.87 -12.96
N SER C 184 12.17 -17.41 -13.05
CA SER C 184 13.12 -17.44 -11.96
C SER C 184 14.14 -16.32 -12.12
N VAL C 185 14.66 -15.83 -11.00
CA VAL C 185 15.65 -14.76 -11.00
C VAL C 185 16.96 -15.33 -10.47
N LEU C 186 18.04 -15.09 -11.21
CA LEU C 186 19.38 -15.45 -10.77
C LEU C 186 20.12 -14.16 -10.42
N PHE C 187 20.61 -14.06 -9.20
CA PHE C 187 21.34 -12.90 -8.73
C PHE C 187 22.81 -13.24 -8.68
N ILE C 188 23.64 -12.43 -9.33
CA ILE C 188 25.09 -12.58 -9.25
C ILE C 188 25.70 -11.23 -8.93
N GLY C 189 26.57 -11.19 -7.93
CA GLY C 189 27.26 -9.98 -7.57
C GLY C 189 26.78 -9.30 -6.30
N TYR C 190 26.10 -10.00 -5.41
CA TYR C 190 25.63 -9.43 -4.16
C TYR C 190 26.28 -10.15 -2.98
N SER C 191 26.18 -9.53 -1.80
CA SER C 191 26.89 -10.01 -0.62
C SER C 191 25.99 -10.20 0.59
N LEU C 192 24.70 -9.85 0.49
CA LEU C 192 23.67 -9.93 1.53
C LEU C 192 23.93 -9.06 2.76
N SER C 193 25.01 -8.29 2.76
CA SER C 193 25.16 -7.20 3.72
C SER C 193 24.50 -5.93 3.22
N ASP C 194 23.97 -5.97 1.99
CA ASP C 194 23.27 -4.84 1.39
C ASP C 194 21.78 -5.13 1.36
N ILE C 195 21.00 -4.11 1.70
CA ILE C 195 19.55 -4.16 1.69
C ILE C 195 19.02 -4.17 0.26
N ASN C 196 17.69 -4.34 0.15
CA ASN C 196 16.82 -4.40 -1.03
C ASN C 196 16.89 -5.73 -1.76
N ILE C 197 17.91 -6.55 -1.52
CA ILE C 197 17.98 -7.85 -2.15
C ILE C 197 17.43 -8.84 -1.15
N ARG C 198 17.00 -8.33 0.00
CA ARG C 198 16.19 -9.12 0.92
C ARG C 198 14.76 -8.60 0.88
N LEU C 199 14.58 -7.33 0.50
CA LEU C 199 13.24 -6.79 0.39
C LEU C 199 12.55 -7.27 -0.89
N LEU C 200 13.32 -7.46 -1.97
CA LEU C 200 12.81 -8.18 -3.14
C LEU C 200 12.35 -9.57 -2.77
N PHE C 201 13.14 -10.25 -1.93
CA PHE C 201 12.87 -11.64 -1.59
C PHE C 201 11.61 -11.75 -0.75
N TYR C 202 11.46 -10.81 0.20
CA TYR C 202 10.27 -10.77 1.04
C TYR C 202 9.03 -10.40 0.23
N LYS C 203 9.17 -9.49 -0.73
CA LYS C 203 8.04 -9.11 -1.56
C LYS C 203 7.60 -10.26 -2.46
N LEU C 204 8.56 -11.02 -3.01
CA LEU C 204 8.21 -12.22 -3.78
C LEU C 204 7.66 -13.32 -2.87
N SER C 205 8.09 -13.37 -1.62
CA SER C 205 7.55 -14.34 -0.68
C SER C 205 6.09 -14.07 -0.37
N LYS C 206 5.74 -12.79 -0.13
CA LYS C 206 4.32 -12.49 0.01
C LYS C 206 3.54 -12.66 -1.28
N LEU C 207 4.19 -12.43 -2.44
CA LEU C 207 3.51 -12.62 -3.71
C LEU C 207 3.17 -14.08 -3.95
N TRP C 208 4.07 -15.00 -3.62
CA TRP C 208 3.75 -16.42 -3.81
C TRP C 208 2.89 -16.96 -2.68
N LYS C 209 2.95 -16.36 -1.49
CA LYS C 209 2.21 -16.87 -0.35
C LYS C 209 0.76 -16.41 -0.32
N GLU C 210 0.52 -15.11 -0.49
CA GLU C 210 -0.84 -14.58 -0.38
C GLU C 210 -1.69 -14.93 -1.59
N GLN C 211 -1.09 -15.02 -2.77
CA GLN C 211 -1.83 -15.41 -3.97
C GLN C 211 -1.85 -16.92 -4.17
N LYS C 212 -1.24 -17.68 -3.26
CA LYS C 212 -1.25 -19.14 -3.23
C LYS C 212 -0.70 -19.75 -4.52
N LEU C 213 0.39 -19.17 -5.03
CA LEU C 213 1.01 -19.64 -6.26
C LEU C 213 1.78 -20.91 -5.94
N GLU C 214 1.09 -22.04 -5.99
CA GLU C 214 1.67 -23.33 -5.63
C GLU C 214 2.56 -23.81 -6.78
N GLU C 215 3.80 -23.28 -6.80
CA GLU C 215 4.76 -23.50 -7.89
C GLU C 215 4.20 -23.19 -9.27
N ALA C 216 3.30 -22.21 -9.37
CA ALA C 216 3.04 -21.59 -10.65
C ALA C 216 4.20 -20.69 -11.05
N GLN C 217 4.77 -19.99 -10.06
CA GLN C 217 5.97 -19.20 -10.20
C GLN C 217 7.11 -19.87 -9.47
N PRO C 218 8.20 -20.22 -10.18
CA PRO C 218 9.23 -21.08 -9.57
C PRO C 218 10.12 -20.37 -8.56
N LYS C 219 11.04 -21.13 -7.97
CA LYS C 219 12.00 -20.58 -7.02
C LYS C 219 13.01 -19.70 -7.75
N SER C 220 13.54 -18.71 -7.02
CA SER C 220 14.61 -17.87 -7.53
C SER C 220 15.91 -18.31 -6.88
N TYR C 221 17.03 -17.83 -7.42
CA TYR C 221 18.33 -18.32 -6.99
C TYR C 221 19.28 -17.14 -6.81
N ILE C 222 20.30 -17.36 -5.99
CA ILE C 222 21.36 -16.40 -5.78
C ILE C 222 22.69 -17.16 -5.80
N PHE C 223 23.77 -16.47 -6.15
CA PHE C 223 25.10 -17.04 -6.12
C PHE C 223 25.98 -16.21 -5.19
N LEU C 224 26.67 -16.88 -4.28
CA LEU C 224 27.66 -16.26 -3.41
C LEU C 224 28.95 -17.08 -3.43
N PRO C 225 30.12 -16.44 -3.41
CA PRO C 225 31.36 -17.22 -3.43
C PRO C 225 31.70 -17.88 -2.11
N ARG C 226 31.12 -17.42 -1.00
CA ARG C 226 31.44 -17.95 0.31
C ARG C 226 30.20 -18.62 0.89
N PRO C 227 30.23 -19.93 1.15
CA PRO C 227 29.04 -20.61 1.66
C PRO C 227 28.72 -20.21 3.09
N ASN C 228 27.44 -20.24 3.42
CA ASN C 228 26.97 -19.83 4.74
C ASN C 228 25.67 -20.57 5.05
N PRO C 229 25.65 -21.40 6.10
CA PRO C 229 24.42 -22.16 6.39
C PRO C 229 23.29 -21.28 6.93
N ILE C 230 23.61 -20.22 7.68
CA ILE C 230 22.57 -19.35 8.22
C ILE C 230 21.86 -18.59 7.11
N GLN C 231 22.62 -18.04 6.17
CA GLN C 231 21.99 -17.31 5.07
C GLN C 231 21.25 -18.23 4.13
N GLU C 232 21.74 -19.46 3.93
CA GLU C 232 21.01 -20.43 3.11
C GLU C 232 19.68 -20.82 3.77
N GLU C 233 19.70 -21.05 5.08
CA GLU C 233 18.47 -21.43 5.77
C GLU C 233 17.48 -20.26 5.87
N ILE C 234 17.99 -19.04 5.99
CA ILE C 234 17.11 -17.86 6.01
C ILE C 234 16.50 -17.63 4.64
N LEU C 235 17.33 -17.75 3.59
CA LEU C 235 16.87 -17.54 2.22
C LEU C 235 15.96 -18.66 1.74
N GLU C 236 15.98 -19.82 2.41
CA GLU C 236 15.04 -20.88 2.08
C GLU C 236 13.60 -20.49 2.43
N GLN C 237 13.42 -19.65 3.46
CA GLN C 237 12.08 -19.18 3.80
C GLN C 237 11.49 -18.26 2.74
N TRP C 238 12.35 -17.59 1.97
CA TRP C 238 11.93 -16.79 0.83
C TRP C 238 12.05 -17.56 -0.47
N ARG C 239 12.11 -18.89 -0.38
CA ARG C 239 12.40 -19.88 -1.43
C ARG C 239 13.47 -19.39 -2.42
N ILE C 240 14.64 -19.09 -1.85
CA ILE C 240 15.78 -18.64 -2.63
C ILE C 240 16.87 -19.69 -2.47
N GLY C 241 17.22 -20.35 -3.57
CA GLY C 241 18.24 -21.37 -3.52
C GLY C 241 19.62 -20.77 -3.52
N MET C 242 20.28 -20.79 -2.36
CA MET C 242 21.59 -20.20 -2.21
C MET C 242 22.63 -21.14 -2.82
N ILE C 243 23.22 -20.74 -3.94
CA ILE C 243 24.24 -21.51 -4.62
C ILE C 243 25.60 -20.97 -4.24
N SER C 244 26.50 -21.84 -3.79
CA SER C 244 27.81 -21.43 -3.34
C SER C 244 28.88 -22.25 -4.04
N SER C 245 30.14 -21.89 -3.80
CA SER C 245 31.28 -22.58 -4.37
C SER C 245 32.36 -22.73 -3.31
N GLU C 246 33.19 -23.76 -3.48
CA GLU C 246 34.28 -24.05 -2.58
C GLU C 246 35.57 -23.31 -2.94
N ASN C 247 35.59 -22.59 -4.06
CA ASN C 247 36.78 -21.88 -4.47
C ASN C 247 37.02 -20.66 -3.58
N ASP C 248 38.29 -20.40 -3.26
CA ASP C 248 38.63 -19.31 -2.37
C ASP C 248 38.46 -17.95 -3.05
N ASN C 249 38.94 -17.83 -4.29
CA ASN C 249 38.84 -16.57 -5.02
C ASN C 249 37.43 -16.42 -5.60
N PRO C 250 36.73 -15.32 -5.29
CA PRO C 250 35.38 -15.14 -5.87
C PRO C 250 35.37 -14.99 -7.39
N GLY C 251 36.45 -14.48 -7.99
CA GLY C 251 36.46 -14.26 -9.42
C GLY C 251 36.36 -15.54 -10.23
N GLU C 252 37.18 -16.54 -9.88
CA GLU C 252 37.10 -17.82 -10.58
C GLU C 252 35.84 -18.59 -10.20
N SER C 253 35.29 -18.35 -9.01
CA SER C 253 34.02 -18.99 -8.62
C SER C 253 32.88 -18.50 -9.50
N LEU C 254 32.75 -17.18 -9.65
CA LEU C 254 31.74 -16.62 -10.54
C LEU C 254 32.01 -16.95 -12.00
N GLU C 255 33.29 -17.03 -12.38
CA GLU C 255 33.66 -17.42 -13.73
C GLU C 255 33.20 -18.85 -14.05
N GLU C 256 33.41 -19.78 -13.12
CA GLU C 256 32.98 -21.16 -13.34
C GLU C 256 31.46 -21.29 -13.27
N PHE C 257 30.80 -20.52 -12.40
CA PHE C 257 29.35 -20.57 -12.30
C PHE C 257 28.69 -20.06 -13.58
N LEU C 258 29.21 -18.99 -14.16
CA LEU C 258 28.68 -18.56 -15.45
C LEU C 258 29.15 -19.43 -16.61
N LYS C 259 30.28 -20.12 -16.46
CA LYS C 259 30.72 -21.12 -17.43
C LYS C 259 29.74 -22.29 -17.49
N ASN C 260 29.10 -22.60 -16.36
CA ASN C 260 28.00 -23.56 -16.35
C ASN C 260 26.81 -23.11 -17.19
N PHE C 261 26.66 -21.80 -17.41
CA PHE C 261 25.56 -21.26 -18.21
C PHE C 261 25.94 -20.99 -19.66
N VAL C 262 27.23 -20.83 -19.97
CA VAL C 262 27.66 -20.42 -21.30
C VAL C 262 27.56 -21.55 -22.33
N LEU C 263 27.22 -22.77 -21.91
CA LEU C 263 27.14 -23.90 -22.82
C LEU C 263 26.04 -23.70 -23.85
N VAL C 264 26.27 -24.27 -25.05
CA VAL C 264 25.49 -24.03 -26.27
C VAL C 264 25.40 -22.54 -26.59
N MET D 1 15.12 23.17 19.40
CA MET D 1 15.53 23.19 20.80
C MET D 1 14.54 23.93 21.67
N GLU D 2 14.23 25.18 21.28
CA GLU D 2 13.26 25.96 22.04
C GLU D 2 11.83 25.49 21.75
N GLN D 3 11.55 25.15 20.49
CA GLN D 3 10.21 24.71 20.11
C GLN D 3 9.85 23.35 20.69
N LEU D 4 10.84 22.53 21.03
CA LEU D 4 10.57 21.28 21.73
C LEU D 4 9.98 21.53 23.11
N LEU D 5 10.56 22.46 23.87
CA LEU D 5 9.99 22.84 25.14
C LEU D 5 8.75 23.71 24.99
N ALA D 6 8.55 24.33 23.84
CA ALA D 6 7.28 24.99 23.56
C ALA D 6 6.15 24.00 23.34
N ASP D 7 6.42 22.88 22.68
CA ASP D 7 5.45 21.80 22.55
C ASP D 7 5.29 21.00 23.82
N TYR D 8 6.32 20.96 24.68
CA TYR D 8 6.26 20.19 25.92
C TYR D 8 5.26 20.78 26.92
N LYS D 9 5.20 22.12 27.01
CA LYS D 9 4.36 22.75 28.02
C LYS D 9 2.87 22.57 27.75
N LYS D 10 2.49 22.34 26.50
CA LYS D 10 1.10 22.05 26.17
C LYS D 10 0.78 20.57 26.25
N GLY D 11 1.74 19.74 26.65
CA GLY D 11 1.54 18.30 26.64
C GLY D 11 1.40 17.72 25.25
N ASN D 12 2.23 18.20 24.31
CA ASN D 12 2.12 17.80 22.91
C ASN D 12 3.38 17.11 22.42
N VAL D 13 4.03 16.33 23.29
CA VAL D 13 5.25 15.64 22.92
C VAL D 13 5.10 14.17 23.28
N ILE D 14 5.85 13.33 22.57
CA ILE D 14 5.81 11.88 22.72
C ILE D 14 7.24 11.39 22.81
N LEU D 15 7.58 10.70 23.89
CA LEU D 15 8.91 10.12 24.01
C LEU D 15 8.98 8.85 23.19
N PHE D 16 10.14 8.61 22.59
CA PHE D 16 10.43 7.37 21.87
C PHE D 16 11.76 6.85 22.41
N VAL D 17 11.68 6.04 23.45
CA VAL D 17 12.87 5.56 24.15
C VAL D 17 13.56 4.51 23.31
N GLY D 18 14.87 4.67 23.12
CA GLY D 18 15.66 3.75 22.34
C GLY D 18 16.36 2.71 23.18
N ALA D 19 17.37 2.08 22.57
CA ALA D 19 18.18 1.08 23.25
C ALA D 19 19.45 1.64 23.86
N GLY D 20 19.88 2.81 23.43
CA GLY D 20 21.05 3.46 23.96
C GLY D 20 20.82 4.28 25.21
N VAL D 21 19.59 4.26 25.74
CA VAL D 21 19.27 4.98 26.97
C VAL D 21 19.75 4.23 28.20
N SER D 22 20.13 2.97 28.05
CA SER D 22 20.39 2.07 29.17
C SER D 22 21.76 1.44 29.03
N MET D 23 22.76 2.26 28.74
CA MET D 23 24.14 1.78 28.72
C MET D 23 24.83 1.96 30.06
N ASN D 24 24.28 2.79 30.95
CA ASN D 24 24.83 2.99 32.28
C ASN D 24 24.32 1.98 33.29
N LEU D 25 23.27 1.23 32.96
CA LEU D 25 22.76 0.22 33.89
C LEU D 25 23.69 -0.99 33.94
N GLY D 26 24.18 -1.43 32.79
CA GLY D 26 24.98 -2.63 32.71
C GLY D 26 24.25 -3.86 32.21
N LEU D 27 23.23 -3.70 31.37
CA LEU D 27 22.55 -4.83 30.79
C LEU D 27 23.45 -5.55 29.80
N PRO D 28 23.21 -6.84 29.55
CA PRO D 28 23.94 -7.54 28.49
C PRO D 28 23.67 -6.93 27.12
N SER D 29 24.71 -6.86 26.30
CA SER D 29 24.60 -6.31 24.97
C SER D 29 24.16 -7.40 24.00
N TRP D 30 24.22 -7.12 22.70
CA TRP D 30 23.90 -8.13 21.72
C TRP D 30 25.02 -9.15 21.54
N SER D 31 26.23 -8.82 22.00
CA SER D 31 27.34 -9.78 21.93
C SER D 31 27.09 -10.99 22.83
N GLN D 32 26.61 -10.76 24.05
CA GLN D 32 26.31 -11.87 24.94
C GLN D 32 25.13 -12.70 24.45
N LEU D 33 24.12 -12.05 23.86
CA LEU D 33 22.99 -12.78 23.29
C LEU D 33 23.42 -13.64 22.10
N VAL D 34 24.30 -13.09 21.25
CA VAL D 34 24.78 -13.83 20.09
C VAL D 34 25.67 -15.00 20.53
N ASP D 35 26.49 -14.79 21.56
CA ASP D 35 27.28 -15.88 22.13
C ASP D 35 26.40 -16.96 22.76
N HIS D 36 25.29 -16.58 23.39
CA HIS D 36 24.38 -17.58 23.95
C HIS D 36 23.67 -18.36 22.85
N ILE D 37 23.31 -17.69 21.75
CA ILE D 37 22.70 -18.37 20.61
C ILE D 37 23.69 -19.35 19.98
N ALA D 38 24.95 -18.94 19.87
CA ALA D 38 26.00 -19.81 19.34
C ALA D 38 26.25 -21.00 20.24
N THR D 39 26.24 -20.79 21.55
CA THR D 39 26.43 -21.89 22.50
C THR D 39 25.26 -22.87 22.43
N GLU D 40 24.03 -22.35 22.34
CA GLU D 40 22.86 -23.22 22.27
C GLU D 40 22.72 -23.92 20.93
N LEU D 41 23.34 -23.39 19.87
CA LEU D 41 23.24 -24.02 18.56
C LEU D 41 24.45 -24.87 18.20
N GLY D 42 25.51 -24.87 19.01
CA GLY D 42 26.64 -25.75 18.84
C GLY D 42 27.87 -25.10 18.22
N TYR D 43 27.72 -23.94 17.59
CA TYR D 43 28.85 -23.27 16.96
C TYR D 43 29.74 -22.61 18.00
N ASP D 44 30.93 -22.24 17.58
CA ASP D 44 31.75 -21.35 18.37
C ASP D 44 31.22 -19.92 18.26
N PRO D 45 31.41 -19.09 19.29
CA PRO D 45 30.90 -17.71 19.20
C PRO D 45 31.63 -16.85 18.19
N ASP D 46 32.95 -17.01 18.06
CA ASP D 46 33.73 -16.17 17.16
C ASP D 46 33.56 -16.53 15.70
N ILE D 47 33.07 -17.73 15.38
CA ILE D 47 32.72 -18.04 14.00
C ILE D 47 31.26 -17.70 13.73
N TYR D 48 30.44 -17.64 14.77
CA TYR D 48 29.02 -17.29 14.62
C TYR D 48 28.81 -15.79 14.51
N ARG D 49 29.68 -14.98 15.11
CA ARG D 49 29.57 -13.54 15.00
C ARG D 49 29.83 -13.04 13.58
N THR D 50 30.62 -13.77 12.81
CA THR D 50 30.96 -13.38 11.45
C THR D 50 29.98 -13.90 10.41
N PHE D 51 28.95 -14.63 10.82
CA PHE D 51 28.06 -15.28 9.86
C PHE D 51 26.93 -14.37 9.38
N GLY D 52 26.66 -13.28 10.07
CA GLY D 52 25.60 -12.38 9.65
C GLY D 52 25.39 -11.29 10.66
N SER D 53 24.36 -10.48 10.41
CA SER D 53 24.01 -9.39 11.32
C SER D 53 23.32 -9.95 12.57
N ALA D 54 23.20 -9.10 13.58
CA ALA D 54 22.79 -9.52 14.91
C ALA D 54 21.33 -9.98 15.00
N LEU D 55 20.51 -9.70 13.98
CA LEU D 55 19.13 -10.17 13.97
C LEU D 55 18.94 -11.41 13.11
N GLU D 56 19.77 -11.60 12.08
CA GLU D 56 19.72 -12.84 11.30
C GLU D 56 20.10 -14.04 12.15
N LEU D 57 20.94 -13.86 13.15
CA LEU D 57 21.31 -14.95 14.03
C LEU D 57 20.16 -15.37 14.94
N ALA D 58 19.39 -14.42 15.46
CA ALA D 58 18.18 -14.77 16.20
C ALA D 58 17.11 -15.35 15.29
N GLU D 59 17.06 -14.90 14.03
CA GLU D 59 16.15 -15.51 13.05
C GLU D 59 16.52 -16.96 12.78
N TYR D 60 17.81 -17.25 12.67
CA TYR D 60 18.30 -18.63 12.58
C TYR D 60 18.01 -19.47 13.81
N TYR D 61 18.11 -18.88 15.01
CA TYR D 61 17.71 -19.59 16.23
C TYR D 61 16.23 -19.95 16.20
N LYS D 62 15.37 -19.02 15.80
CA LYS D 62 13.94 -19.29 15.69
C LYS D 62 13.66 -20.33 14.61
N LEU D 63 14.43 -20.29 13.52
CA LEU D 63 14.24 -21.27 12.44
C LEU D 63 14.70 -22.66 12.83
N LYS D 64 15.87 -22.78 13.45
CA LYS D 64 16.40 -24.09 13.82
C LYS D 64 15.62 -24.71 14.97
N LYS D 65 15.20 -23.90 15.94
CA LYS D 65 14.35 -24.42 16.99
C LYS D 65 12.91 -24.21 16.56
N GLY D 66 11.96 -24.36 17.47
CA GLY D 66 10.59 -24.16 17.08
C GLY D 66 10.03 -22.82 17.51
N LYS D 67 10.83 -22.03 18.24
CA LYS D 67 10.27 -20.93 19.00
C LYS D 67 11.35 -19.94 19.36
N ILE D 68 10.91 -18.77 19.82
CA ILE D 68 11.78 -17.74 20.36
C ILE D 68 11.71 -17.86 21.88
N GLY D 69 11.05 -18.92 22.34
CA GLY D 69 10.74 -19.16 23.73
C GLY D 69 11.89 -19.22 24.71
N PRO D 70 12.78 -20.21 24.59
CA PRO D 70 13.93 -20.28 25.50
C PRO D 70 14.87 -19.09 25.39
N LEU D 71 14.98 -18.49 24.20
CA LEU D 71 15.74 -17.26 24.05
C LEU D 71 15.09 -16.12 24.84
N ARG D 72 13.77 -16.03 24.80
CA ARG D 72 13.05 -15.03 25.58
C ARG D 72 13.21 -15.28 27.07
N SER D 73 13.21 -16.55 27.50
CA SER D 73 13.38 -16.85 28.91
C SER D 73 14.78 -16.49 29.39
N TRP D 74 15.81 -16.79 28.58
CA TRP D 74 17.17 -16.42 28.95
C TRP D 74 17.34 -14.91 28.96
N MET D 75 16.72 -14.21 28.01
CA MET D 75 16.84 -12.75 28.00
C MET D 75 16.09 -12.11 29.16
N ASP D 76 14.97 -12.69 29.56
CA ASP D 76 14.24 -12.21 30.73
C ASP D 76 15.04 -12.46 32.00
N ARG D 77 15.74 -13.59 32.08
CA ARG D 77 16.50 -13.89 33.29
C ARG D 77 17.79 -13.08 33.37
N MET D 78 18.44 -12.82 32.24
CA MET D 78 19.73 -12.14 32.26
C MET D 78 19.62 -10.63 32.18
N TRP D 79 18.60 -10.10 31.49
CA TRP D 79 18.47 -8.66 31.34
C TRP D 79 17.74 -8.01 32.51
N HIS D 80 17.24 -8.81 33.46
CA HIS D 80 16.53 -8.28 34.61
C HIS D 80 17.13 -8.81 35.90
N SER D 81 18.46 -8.81 35.97
CA SER D 81 19.13 -9.34 37.15
C SER D 81 18.98 -8.38 38.33
N SER D 82 19.25 -8.91 39.52
CA SER D 82 19.15 -8.12 40.74
C SER D 82 20.30 -7.15 40.92
N ASP D 83 21.37 -7.26 40.11
CA ASP D 83 22.47 -6.32 40.19
C ASP D 83 22.09 -4.95 39.65
N ILE D 84 21.25 -4.90 38.62
CA ILE D 84 20.85 -3.64 38.01
C ILE D 84 19.79 -2.99 38.89
N ASP D 85 20.04 -1.74 39.29
CA ASP D 85 19.07 -0.95 40.02
C ASP D 85 18.79 0.36 39.28
N ILE D 86 17.54 0.83 39.39
CA ILE D 86 17.12 2.03 38.69
C ILE D 86 17.70 3.27 39.37
N ASN D 87 17.78 3.24 40.71
CA ASN D 87 18.01 4.44 41.52
C ASN D 87 19.38 5.06 41.32
N LYS D 88 20.35 4.30 40.81
CA LYS D 88 21.69 4.83 40.55
C LYS D 88 21.85 5.32 39.12
N SER D 89 20.82 5.24 38.29
CA SER D 89 20.84 5.78 36.94
C SER D 89 19.97 7.03 36.90
N LYS D 90 20.53 8.12 36.37
CA LYS D 90 19.84 9.40 36.37
C LYS D 90 18.92 9.59 35.18
N VAL D 91 19.16 8.88 34.07
CA VAL D 91 18.35 9.07 32.87
C VAL D 91 16.94 8.52 33.08
N HIS D 92 16.83 7.34 33.68
CA HIS D 92 15.53 6.76 33.97
C HIS D 92 14.81 7.55 35.05
N GLU D 93 15.56 8.13 35.99
CA GLU D 93 14.96 9.03 36.99
C GLU D 93 14.39 10.27 36.33
N TYR D 94 15.10 10.85 35.36
CA TYR D 94 14.60 12.04 34.68
C TYR D 94 13.45 11.70 33.74
N ILE D 95 13.42 10.48 33.21
CA ILE D 95 12.27 10.03 32.41
C ILE D 95 11.05 9.88 33.30
N ALA D 96 11.22 9.28 34.48
CA ALA D 96 10.09 9.05 35.38
C ALA D 96 9.56 10.36 35.97
N LYS D 97 10.45 11.30 36.28
CA LYS D 97 10.01 12.55 36.88
C LYS D 97 9.47 13.55 35.87
N ALA D 98 9.61 13.29 34.58
CA ALA D 98 9.10 14.19 33.56
C ALA D 98 7.61 14.00 33.37
N ASN D 99 7.04 14.73 32.41
CA ASN D 99 5.60 14.69 32.20
C ASN D 99 5.25 14.24 30.80
N PHE D 100 5.90 13.18 30.34
CA PHE D 100 5.55 12.59 29.05
C PHE D 100 4.26 11.79 29.20
N PRO D 101 3.19 12.13 28.48
CA PRO D 101 1.94 11.39 28.65
C PRO D 101 1.94 10.05 27.93
N ILE D 102 2.70 9.96 26.85
CA ILE D 102 2.84 8.72 26.08
C ILE D 102 4.34 8.47 25.92
N ILE D 103 4.80 7.28 26.29
CA ILE D 103 6.19 6.89 26.18
C ILE D 103 6.26 5.67 25.28
N TYR D 104 6.94 5.81 24.13
CA TYR D 104 7.19 4.68 23.26
C TYR D 104 8.58 4.12 23.54
N THR D 105 8.72 2.82 23.36
CA THR D 105 10.01 2.19 23.56
C THR D 105 10.13 0.98 22.65
N THR D 106 11.33 0.78 22.10
CA THR D 106 11.66 -0.43 21.36
C THR D 106 12.51 -1.39 22.19
N ASN D 107 12.62 -1.13 23.48
CA ASN D 107 13.27 -2.07 24.39
C ASN D 107 12.32 -3.19 24.76
N TYR D 108 12.88 -4.36 25.02
CA TYR D 108 12.10 -5.47 25.53
C TYR D 108 12.06 -5.48 27.05
N ASP D 109 12.79 -4.58 27.71
CA ASP D 109 12.89 -4.58 29.15
C ASP D 109 11.66 -3.95 29.77
N ARG D 110 11.62 -3.96 31.11
CA ARG D 110 10.62 -3.22 31.86
C ARG D 110 11.25 -2.15 32.74
N TRP D 111 12.48 -1.76 32.44
CA TRP D 111 13.18 -0.78 33.28
C TRP D 111 12.61 0.61 33.15
N ILE D 112 11.98 0.95 32.02
CA ILE D 112 11.19 2.17 31.97
C ILE D 112 10.00 2.07 32.91
N GLU D 113 9.29 0.94 32.88
CA GLU D 113 8.15 0.73 33.76
C GLU D 113 8.60 0.58 35.21
N THR D 114 9.75 -0.03 35.45
CA THR D 114 10.29 -0.11 36.81
C THR D 114 10.69 1.27 37.32
N ALA D 115 11.21 2.12 36.43
CA ALA D 115 11.56 3.49 36.83
C ALA D 115 10.33 4.32 37.14
N LEU D 116 9.28 4.20 36.33
CA LEU D 116 8.05 4.93 36.61
C LEU D 116 7.32 4.38 37.84
N SER D 117 7.40 3.09 38.09
CA SER D 117 6.77 2.55 39.29
C SER D 117 7.58 2.84 40.55
N ASN D 118 8.90 3.00 40.41
CA ASN D 118 9.75 3.26 41.55
C ASN D 118 9.60 4.67 42.08
N TYR D 119 9.33 5.64 41.21
CA TYR D 119 9.21 7.04 41.59
C TYR D 119 7.76 7.46 41.82
N GLY D 120 6.86 6.50 42.02
CA GLY D 120 5.50 6.79 42.42
C GLY D 120 4.54 7.10 41.28
N LYS D 121 5.02 7.22 40.05
CA LYS D 121 4.13 7.44 38.93
C LYS D 121 3.36 6.17 38.59
N GLU D 122 2.20 6.36 37.99
CA GLU D 122 1.35 5.25 37.56
C GLU D 122 1.42 5.14 36.04
N TYR D 123 1.41 3.91 35.55
CA TYR D 123 1.55 3.66 34.13
C TYR D 123 0.60 2.55 33.72
N ILE D 124 0.41 2.41 32.41
CA ILE D 124 -0.31 1.29 31.82
C ILE D 124 0.55 0.75 30.67
N LYS D 125 0.86 -0.54 30.72
CA LYS D 125 1.73 -1.14 29.71
C LYS D 125 0.90 -1.65 28.54
N ILE D 126 1.27 -1.22 27.34
CA ILE D 126 0.57 -1.58 26.12
C ILE D 126 1.52 -2.36 25.23
N SER D 127 1.13 -3.58 24.87
CA SER D 127 1.97 -4.41 24.01
C SER D 127 1.21 -5.15 22.94
N SER D 128 -0.12 -5.03 22.88
CA SER D 128 -0.93 -5.71 21.88
C SER D 128 -2.23 -4.94 21.72
N VAL D 129 -3.20 -5.54 21.03
CA VAL D 129 -4.50 -4.91 20.83
C VAL D 129 -5.30 -4.87 22.13
N SER D 130 -5.24 -5.95 22.90
CA SER D 130 -6.07 -6.07 24.09
C SER D 130 -5.66 -5.15 25.22
N ASP D 131 -4.44 -4.60 25.18
CA ASP D 131 -4.04 -3.60 26.15
C ASP D 131 -4.42 -2.19 25.74
N ILE D 132 -4.78 -1.97 24.47
CA ILE D 132 -5.23 -0.66 24.01
C ILE D 132 -6.58 -0.31 24.62
N ALA D 133 -7.39 -1.31 24.97
CA ALA D 133 -8.70 -1.05 25.58
C ALA D 133 -8.62 -0.72 27.07
N LYS D 134 -7.44 -0.40 27.61
CA LYS D 134 -7.26 -0.07 29.02
C LYS D 134 -6.49 1.24 29.16
N ILE D 135 -6.89 2.27 28.42
CA ILE D 135 -6.14 3.52 28.41
C ILE D 135 -6.43 4.32 29.68
N ASP D 136 -7.70 4.69 29.88
CA ASP D 136 -8.30 5.47 30.97
C ASP D 136 -7.77 6.91 31.11
N ASN D 137 -6.79 7.29 30.28
CA ASN D 137 -6.36 8.67 30.01
C ASN D 137 -5.93 9.43 31.26
N ASN D 138 -5.48 8.74 32.29
CA ASN D 138 -4.98 9.36 33.52
C ASN D 138 -3.69 8.67 33.95
N LYS D 139 -2.95 8.13 32.98
CA LYS D 139 -1.84 7.25 33.27
C LYS D 139 -0.87 7.31 32.08
N THR D 140 0.41 7.12 32.36
CA THR D 140 1.42 7.17 31.31
C THR D 140 1.36 5.90 30.49
N GLN D 141 1.04 6.03 29.20
CA GLN D 141 0.91 4.88 28.32
C GLN D 141 2.27 4.48 27.82
N ILE D 142 2.94 3.59 28.55
CA ILE D 142 4.21 3.02 28.09
C ILE D 142 3.88 1.95 27.06
N ILE D 143 4.34 2.14 25.84
CA ILE D 143 3.97 1.29 24.72
C ILE D 143 5.21 0.59 24.21
N LYS D 144 5.24 -0.73 24.32
CA LYS D 144 6.37 -1.51 23.86
C LYS D 144 6.22 -1.69 22.35
N PHE D 145 6.96 -0.89 21.59
CA PHE D 145 6.81 -0.88 20.13
C PHE D 145 7.33 -2.16 19.50
N HIS D 146 8.38 -2.74 20.07
CA HIS D 146 9.01 -3.95 19.54
C HIS D 146 8.76 -5.15 20.42
N GLY D 147 7.56 -5.29 20.95
CA GLY D 147 7.23 -6.45 21.75
C GLY D 147 7.77 -6.35 23.16
N ASP D 148 7.56 -7.43 23.91
CA ASP D 148 7.92 -7.47 25.31
C ASP D 148 8.30 -8.89 25.68
N PHE D 149 8.77 -9.07 26.90
CA PHE D 149 9.07 -10.39 27.45
C PHE D 149 7.83 -11.06 28.02
N ASP D 150 6.69 -10.39 28.02
CA ASP D 150 5.42 -11.01 28.36
C ASP D 150 4.70 -11.57 27.15
N ASP D 151 5.44 -11.93 26.11
CA ASP D 151 4.87 -12.41 24.85
C ASP D 151 5.96 -13.11 24.06
N ASP D 152 5.59 -14.19 23.37
CA ASP D 152 6.51 -14.89 22.49
C ASP D 152 6.12 -14.77 21.03
N SER D 153 5.03 -14.07 20.72
CA SER D 153 4.57 -13.94 19.35
C SER D 153 4.64 -12.53 18.82
N SER D 154 4.95 -11.54 19.66
CA SER D 154 5.05 -10.15 19.23
C SER D 154 6.43 -9.57 19.44
N ILE D 155 7.37 -10.31 20.01
CA ILE D 155 8.71 -9.78 20.23
C ILE D 155 9.45 -9.75 18.90
N VAL D 156 9.95 -8.58 18.54
CA VAL D 156 10.62 -8.38 17.26
C VAL D 156 12.10 -8.64 17.48
N LEU D 157 12.51 -9.86 17.19
CA LEU D 157 13.90 -10.28 17.28
C LEU D 157 14.46 -10.78 15.96
N ASP D 158 13.62 -11.05 14.98
CA ASP D 158 14.05 -11.63 13.71
C ASP D 158 14.57 -10.56 12.78
N GLU D 159 14.82 -10.96 11.54
CA GLU D 159 14.85 -10.03 10.42
C GLU D 159 13.56 -10.09 9.61
N THR D 160 12.90 -11.24 9.60
CA THR D 160 11.58 -11.35 8.99
C THR D 160 10.57 -10.48 9.73
N SER D 161 10.58 -10.54 11.07
CA SER D 161 9.68 -9.72 11.87
C SER D 161 10.03 -8.24 11.75
N TYR D 162 11.33 -7.92 11.71
CA TYR D 162 11.77 -6.53 11.55
C TYR D 162 11.33 -5.96 10.21
N PHE D 163 11.53 -6.72 9.13
CA PHE D 163 11.15 -6.24 7.81
C PHE D 163 9.65 -6.25 7.60
N GLN D 164 8.90 -7.04 8.37
CA GLN D 164 7.45 -6.96 8.35
C GLN D 164 6.97 -5.71 9.08
N ARG D 165 7.57 -5.40 10.24
CA ARG D 165 7.20 -4.21 10.99
C ARG D 165 7.68 -2.92 10.34
N LEU D 166 8.61 -3.00 9.38
CA LEU D 166 9.01 -1.81 8.63
C LEU D 166 7.94 -1.30 7.68
N GLU D 167 6.88 -2.04 7.42
CA GLU D 167 5.84 -1.59 6.51
C GLU D 167 4.69 -0.88 7.21
N PHE D 168 4.67 -0.87 8.55
CA PHE D 168 3.78 -0.06 9.38
C PHE D 168 2.31 -0.37 9.13
N GLU D 169 1.94 -1.63 9.40
CA GLU D 169 0.56 -2.07 9.27
C GLU D 169 0.04 -2.80 10.49
N THR D 170 0.90 -3.22 11.41
CA THR D 170 0.47 -3.85 12.64
C THR D 170 -0.19 -2.81 13.54
N PRO D 171 -1.10 -3.23 14.44
CA PRO D 171 -1.88 -2.25 15.23
C PRO D 171 -1.08 -1.32 16.12
N LEU D 172 0.11 -1.72 16.58
CA LEU D 172 0.95 -0.78 17.31
C LEU D 172 1.48 0.32 16.39
N ASP D 173 1.78 -0.03 15.14
CA ASP D 173 2.23 0.98 14.19
C ASP D 173 1.09 1.93 13.81
N ILE D 174 -0.14 1.43 13.70
CA ILE D 174 -1.29 2.27 13.42
C ILE D 174 -1.58 3.18 14.61
N LYS D 175 -1.43 2.66 15.83
CA LYS D 175 -1.56 3.46 17.04
C LYS D 175 -0.51 4.57 17.08
N PHE D 176 0.72 4.27 16.66
CA PHE D 176 1.74 5.31 16.59
C PHE D 176 1.45 6.34 15.51
N ARG D 177 0.98 5.89 14.34
CA ARG D 177 0.71 6.82 13.25
C ARG D 177 -0.50 7.70 13.53
N SER D 178 -1.37 7.29 14.46
CA SER D 178 -2.42 8.20 14.92
C SER D 178 -2.01 9.03 16.13
N ASP D 179 -1.09 8.54 16.96
CA ASP D 179 -0.61 9.33 18.08
C ASP D 179 0.28 10.47 17.62
N VAL D 180 1.00 10.28 16.51
CA VAL D 180 1.89 11.30 15.99
C VAL D 180 1.17 12.52 15.42
N LEU D 181 -0.14 12.43 15.19
CA LEU D 181 -0.87 13.50 14.51
C LEU D 181 -1.06 14.69 15.45
N GLY D 182 -0.47 15.82 15.07
CA GLY D 182 -0.56 17.02 15.87
C GLY D 182 0.41 17.09 17.02
N LYS D 183 1.37 16.17 17.11
CA LYS D 183 2.30 16.10 18.22
C LYS D 183 3.71 15.90 17.72
N SER D 184 4.68 16.26 18.56
CA SER D 184 6.09 16.05 18.27
C SER D 184 6.56 14.76 18.91
N VAL D 185 7.57 14.15 18.32
CA VAL D 185 8.16 12.92 18.83
C VAL D 185 9.62 13.19 19.18
N LEU D 186 9.97 12.98 20.44
CA LEU D 186 11.35 13.03 20.86
C LEU D 186 11.97 11.64 20.80
N PHE D 187 13.12 11.55 20.14
CA PHE D 187 13.81 10.28 19.95
C PHE D 187 15.08 10.32 20.79
N ILE D 188 15.14 9.54 21.86
CA ILE D 188 16.35 9.45 22.66
C ILE D 188 16.82 8.00 22.68
N GLY D 189 18.13 7.83 22.63
CA GLY D 189 18.73 6.51 22.70
C GLY D 189 19.01 5.87 21.36
N TYR D 190 18.89 6.58 20.26
CA TYR D 190 19.13 6.03 18.94
C TYR D 190 20.42 6.61 18.35
N SER D 191 21.16 5.76 17.65
CA SER D 191 22.46 6.12 17.09
C SER D 191 22.38 6.57 15.64
N LEU D 192 21.21 6.47 15.00
CA LEU D 192 20.92 6.77 13.60
C LEU D 192 21.70 5.92 12.61
N SER D 193 22.30 4.82 13.04
CA SER D 193 22.90 3.84 12.14
C SER D 193 21.99 2.65 11.93
N ASP D 194 20.74 2.73 12.36
CA ASP D 194 19.76 1.65 12.22
C ASP D 194 18.59 2.09 11.34
N ILE D 195 17.89 1.11 10.78
CA ILE D 195 17.12 1.36 9.56
C ILE D 195 15.71 1.85 9.89
N ASN D 196 15.13 1.32 10.98
CA ASN D 196 13.74 1.58 11.35
C ASN D 196 13.49 3.04 11.67
N ILE D 197 14.51 3.70 12.19
CA ILE D 197 14.47 5.05 12.73
C ILE D 197 15.12 5.91 11.66
N ARG D 198 14.96 5.47 10.40
CA ARG D 198 15.06 6.30 9.22
C ARG D 198 13.80 6.13 8.38
N LEU D 199 13.31 4.89 8.26
CA LEU D 199 12.05 4.67 7.53
C LEU D 199 10.83 5.23 8.25
N LEU D 200 10.83 5.27 9.59
CA LEU D 200 9.76 5.93 10.31
C LEU D 200 9.75 7.43 10.03
N PHE D 201 10.95 8.03 9.98
CA PHE D 201 11.10 9.44 9.63
C PHE D 201 10.59 9.71 8.23
N TYR D 202 10.92 8.83 7.28
CA TYR D 202 10.44 9.03 5.91
C TYR D 202 8.94 8.84 5.82
N LYS D 203 8.36 7.95 6.63
CA LYS D 203 6.91 7.79 6.65
C LYS D 203 6.21 9.05 7.19
N LEU D 204 6.75 9.64 8.26
CA LEU D 204 6.16 10.86 8.80
C LEU D 204 6.33 12.04 7.83
N SER D 205 7.49 12.11 7.16
CA SER D 205 7.70 13.16 6.16
C SER D 205 6.78 12.98 4.95
N LYS D 206 6.54 11.73 4.54
CA LYS D 206 5.59 11.47 3.46
C LYS D 206 4.18 11.85 3.85
N LEU D 207 3.79 11.59 5.10
CA LEU D 207 2.49 12.02 5.58
C LEU D 207 2.38 13.54 5.62
N TRP D 208 3.46 14.23 5.97
CA TRP D 208 3.42 15.69 6.00
C TRP D 208 3.39 16.28 4.59
N LYS D 209 4.09 15.65 3.63
CA LYS D 209 4.20 16.25 2.31
C LYS D 209 3.03 15.90 1.41
N GLU D 210 2.52 14.66 1.48
CA GLU D 210 1.47 14.24 0.55
C GLU D 210 0.13 14.88 0.90
N GLN D 211 -0.19 15.00 2.18
CA GLN D 211 -1.47 15.57 2.59
C GLN D 211 -1.45 17.08 2.60
N LYS D 212 -0.28 17.71 2.38
CA LYS D 212 -0.11 19.16 2.25
C LYS D 212 -0.60 19.91 3.49
N LEU D 213 -0.29 19.37 4.67
CA LEU D 213 -0.66 20.04 5.90
C LEU D 213 0.49 20.93 6.35
N GLU D 214 0.13 22.09 6.88
CA GLU D 214 1.06 23.11 7.36
C GLU D 214 1.59 22.76 8.74
N GLU D 215 2.10 23.75 9.46
CA GLU D 215 2.68 23.60 10.79
C GLU D 215 1.66 23.18 11.90
N ALA D 216 0.42 22.78 11.56
CA ALA D 216 -0.51 22.25 12.55
C ALA D 216 0.05 21.00 13.22
N GLN D 217 0.70 20.14 12.46
CA GLN D 217 1.50 19.07 13.06
C GLN D 217 2.93 19.55 13.21
N PRO D 218 3.47 19.62 14.42
CA PRO D 218 4.81 20.18 14.62
C PRO D 218 5.89 19.19 14.17
N LYS D 219 7.12 19.65 14.24
CA LYS D 219 8.26 18.85 13.79
C LYS D 219 8.76 17.95 14.91
N SER D 220 9.29 16.80 14.52
CA SER D 220 9.83 15.85 15.48
C SER D 220 11.31 16.13 15.74
N TYR D 221 11.85 15.48 16.76
CA TYR D 221 13.20 15.76 17.23
C TYR D 221 13.90 14.46 17.56
N ILE D 222 15.23 14.53 17.70
CA ILE D 222 16.04 13.37 18.02
C ILE D 222 17.30 13.86 18.73
N PHE D 223 17.73 13.15 19.77
CA PHE D 223 18.94 13.48 20.49
C PHE D 223 20.02 12.46 20.20
N LEU D 224 21.23 12.95 19.89
CA LEU D 224 22.43 12.14 19.84
C LEU D 224 23.56 12.83 20.59
N PRO D 225 24.42 12.07 21.28
CA PRO D 225 25.51 12.71 22.03
C PRO D 225 26.57 13.34 21.16
N ARG D 226 26.73 12.90 19.92
CA ARG D 226 27.72 13.56 19.09
C ARG D 226 27.06 14.24 17.90
N PRO D 227 27.39 15.51 17.65
CA PRO D 227 26.77 16.22 16.53
C PRO D 227 27.29 15.72 15.19
N ASN D 228 26.50 15.94 14.16
CA ASN D 228 26.83 15.49 12.82
C ASN D 228 26.13 16.40 11.81
N PRO D 229 26.87 17.28 11.12
CA PRO D 229 26.25 18.14 10.10
C PRO D 229 25.63 17.38 8.93
N ILE D 230 26.20 16.23 8.56
CA ILE D 230 25.62 15.42 7.49
C ILE D 230 24.25 14.92 7.89
N GLN D 231 24.15 14.33 9.08
CA GLN D 231 22.87 13.80 9.54
C GLN D 231 21.90 14.91 9.90
N GLU D 232 22.41 16.06 10.35
CA GLU D 232 21.52 17.20 10.61
C GLU D 232 20.88 17.72 9.32
N GLU D 233 21.66 17.84 8.25
CA GLU D 233 21.08 18.35 7.01
C GLU D 233 20.24 17.30 6.30
N ILE D 234 20.52 16.01 6.50
CA ILE D 234 19.66 14.98 5.94
C ILE D 234 18.34 14.91 6.71
N LEU D 235 18.41 15.01 8.04
CA LEU D 235 17.21 14.97 8.88
C LEU D 235 16.35 16.20 8.70
N GLU D 236 16.93 17.35 8.38
CA GLU D 236 16.14 18.56 8.18
C GLU D 236 15.26 18.49 6.94
N GLN D 237 15.55 17.60 6.00
CA GLN D 237 14.64 17.36 4.89
C GLN D 237 13.38 16.63 5.35
N TRP D 238 13.48 15.86 6.43
CA TRP D 238 12.34 15.15 7.00
C TRP D 238 11.65 15.97 8.09
N ARG D 239 11.92 17.28 8.15
CA ARG D 239 11.38 18.22 9.14
C ARG D 239 11.72 17.79 10.57
N ILE D 240 13.02 17.55 10.81
CA ILE D 240 13.50 17.01 12.07
C ILE D 240 14.58 17.93 12.63
N GLY D 241 14.44 18.30 13.91
CA GLY D 241 15.53 18.94 14.60
C GLY D 241 16.51 17.92 15.15
N MET D 242 17.78 18.33 15.18
CA MET D 242 18.87 17.54 15.75
C MET D 242 19.31 18.25 17.02
N ILE D 243 19.11 17.59 18.16
CA ILE D 243 19.58 18.16 19.43
C ILE D 243 20.84 17.44 19.84
N SER D 244 21.86 18.21 20.19
CA SER D 244 23.14 17.63 20.59
C SER D 244 23.87 18.59 21.52
N SER D 245 24.67 18.00 22.41
CA SER D 245 25.64 18.73 23.22
C SER D 245 26.96 18.00 23.09
N GLU D 246 28.07 18.74 23.13
CA GLU D 246 29.39 18.13 22.95
C GLU D 246 29.74 17.17 24.09
N ASN D 247 29.96 17.69 25.31
CA ASN D 247 29.89 16.98 26.59
C ASN D 247 30.75 15.71 26.74
N ASP D 248 31.64 15.45 25.78
CA ASP D 248 32.57 14.31 25.75
C ASP D 248 31.87 12.96 25.90
N ASN D 249 31.54 12.59 27.13
CA ASN D 249 30.97 11.28 27.41
C ASN D 249 29.53 11.20 26.92
N PRO D 250 29.14 10.13 26.21
CA PRO D 250 27.74 9.98 25.82
C PRO D 250 26.79 9.72 26.98
N GLY D 251 27.30 9.24 28.12
CA GLY D 251 26.43 8.99 29.27
C GLY D 251 25.89 10.26 29.88
N GLU D 252 26.72 11.31 29.95
CA GLU D 252 26.31 12.56 30.58
C GLU D 252 25.38 13.39 29.70
N SER D 253 25.53 13.28 28.38
CA SER D 253 24.78 14.13 27.45
C SER D 253 23.28 13.88 27.55
N LEU D 254 22.88 12.63 27.75
CA LEU D 254 21.45 12.32 27.90
C LEU D 254 20.91 12.84 29.22
N GLU D 255 21.73 12.84 30.29
CA GLU D 255 21.29 13.33 31.59
C GLU D 255 21.05 14.84 31.56
N GLU D 256 22.02 15.61 31.06
CA GLU D 256 21.75 17.03 30.83
C GLU D 256 20.80 17.31 29.66
N PHE D 257 20.42 16.32 28.85
CA PHE D 257 19.33 16.62 27.93
C PHE D 257 17.97 16.48 28.60
N LEU D 258 17.73 15.38 29.33
CA LEU D 258 16.47 15.20 30.03
C LEU D 258 16.35 16.03 31.32
N LYS D 259 17.41 16.72 31.74
CA LYS D 259 17.29 17.61 32.89
C LYS D 259 16.33 18.77 32.62
N ASN D 260 16.19 19.19 31.37
CA ASN D 260 15.31 20.31 31.05
C ASN D 260 13.83 19.93 31.10
N PHE D 261 13.49 18.65 31.19
CA PHE D 261 12.10 18.21 31.19
C PHE D 261 11.60 17.82 32.58
N VAL D 262 12.37 18.08 33.63
CA VAL D 262 12.08 17.48 34.93
C VAL D 262 10.99 18.25 35.67
N LEU D 263 11.23 19.53 35.95
CA LEU D 263 10.40 20.29 36.87
C LEU D 263 9.15 20.87 36.22
N VAL D 264 8.73 20.34 35.07
CA VAL D 264 7.49 20.79 34.43
C VAL D 264 6.43 19.69 34.51
N MET E 1 -12.32 20.35 -30.70
CA MET E 1 -13.16 20.94 -31.73
C MET E 1 -14.60 21.05 -31.26
N GLU E 2 -15.12 19.97 -30.69
CA GLU E 2 -16.48 19.97 -30.17
C GLU E 2 -16.61 20.90 -28.96
N GLN E 3 -15.58 20.94 -28.12
CA GLN E 3 -15.56 21.88 -27.00
C GLN E 3 -15.48 23.32 -27.48
N LEU E 4 -14.77 23.56 -28.58
CA LEU E 4 -14.70 24.90 -29.16
C LEU E 4 -16.06 25.37 -29.65
N LEU E 5 -16.81 24.48 -30.33
CA LEU E 5 -18.14 24.86 -30.80
C LEU E 5 -19.13 24.95 -29.65
N ALA E 6 -18.92 24.18 -28.57
CA ALA E 6 -19.77 24.30 -27.40
C ALA E 6 -19.55 25.62 -26.68
N ASP E 7 -18.30 26.08 -26.62
CA ASP E 7 -18.03 27.39 -26.04
C ASP E 7 -18.46 28.52 -26.97
N TYR E 8 -18.36 28.32 -28.28
CA TYR E 8 -18.81 29.32 -29.24
C TYR E 8 -20.32 29.50 -29.19
N LYS E 9 -21.06 28.40 -29.06
CA LYS E 9 -22.51 28.50 -28.94
C LYS E 9 -22.94 29.15 -27.63
N LYS E 10 -22.12 29.03 -26.59
CA LYS E 10 -22.35 29.80 -25.37
C LYS E 10 -21.96 31.26 -25.56
N GLY E 11 -20.98 31.53 -26.41
CA GLY E 11 -20.52 32.89 -26.64
C GLY E 11 -19.32 33.26 -25.80
N ASN E 12 -18.33 32.38 -25.75
CA ASN E 12 -17.14 32.56 -24.93
C ASN E 12 -15.87 32.37 -25.74
N VAL E 13 -15.88 32.76 -27.02
CA VAL E 13 -14.74 32.56 -27.91
C VAL E 13 -14.34 33.93 -28.47
N ILE E 14 -13.06 34.26 -28.30
CA ILE E 14 -12.50 35.51 -28.80
C ILE E 14 -11.72 35.20 -30.07
N LEU E 15 -12.08 35.84 -31.18
CA LEU E 15 -11.33 35.67 -32.41
C LEU E 15 -10.02 36.44 -32.34
N PHE E 16 -8.98 35.88 -32.95
CA PHE E 16 -7.65 36.50 -32.96
C PHE E 16 -7.07 36.43 -34.38
N VAL E 17 -7.83 36.99 -35.34
CA VAL E 17 -7.48 37.16 -36.75
C VAL E 17 -6.04 37.64 -36.96
N GLY E 18 -5.29 36.91 -37.78
CA GLY E 18 -3.90 37.22 -38.03
C GLY E 18 -3.66 37.79 -39.42
N ALA E 19 -2.39 37.80 -39.82
CA ALA E 19 -2.00 38.35 -41.11
C ALA E 19 -2.17 37.38 -42.26
N GLY E 20 -2.32 36.09 -41.98
CA GLY E 20 -2.50 35.08 -43.00
C GLY E 20 -3.92 34.79 -43.39
N VAL E 21 -4.90 35.54 -42.86
CA VAL E 21 -6.29 35.31 -43.21
C VAL E 21 -6.65 35.95 -44.54
N SER E 22 -5.80 36.84 -45.05
CA SER E 22 -6.13 37.62 -46.23
C SER E 22 -5.12 37.39 -47.34
N MET E 23 -4.80 36.12 -47.59
CA MET E 23 -3.94 35.78 -48.72
C MET E 23 -4.70 35.74 -50.05
N ASN E 24 -6.02 35.77 -50.01
CA ASN E 24 -6.84 35.66 -51.22
C ASN E 24 -7.33 37.00 -51.74
N LEU E 25 -7.22 38.07 -50.96
CA LEU E 25 -7.68 39.38 -51.41
C LEU E 25 -6.76 39.93 -52.50
N GLY E 26 -5.45 39.82 -52.29
CA GLY E 26 -4.51 40.37 -53.24
C GLY E 26 -3.82 41.61 -52.72
N LEU E 27 -3.64 41.70 -51.41
CA LEU E 27 -2.92 42.81 -50.83
C LEU E 27 -1.42 42.68 -51.14
N PRO E 28 -0.69 43.81 -51.14
CA PRO E 28 0.78 43.72 -51.24
C PRO E 28 1.37 43.00 -50.05
N SER E 29 2.37 42.16 -50.32
CA SER E 29 3.02 41.38 -49.28
C SER E 29 4.12 42.23 -48.64
N TRP E 30 4.88 41.62 -47.74
CA TRP E 30 5.95 42.34 -47.07
C TRP E 30 7.16 42.53 -47.96
N SER E 31 7.31 41.71 -49.00
CA SER E 31 8.41 41.87 -49.95
C SER E 31 8.28 43.15 -50.76
N GLN E 32 7.08 43.49 -51.22
CA GLN E 32 6.85 44.76 -51.91
C GLN E 32 7.05 45.95 -50.99
N LEU E 33 6.69 45.81 -49.72
CA LEU E 33 6.94 46.85 -48.74
C LEU E 33 8.43 47.05 -48.52
N VAL E 34 9.18 45.94 -48.47
CA VAL E 34 10.63 46.00 -48.29
C VAL E 34 11.28 46.66 -49.51
N ASP E 35 10.81 46.33 -50.71
CA ASP E 35 11.29 46.98 -51.94
C ASP E 35 10.97 48.47 -51.96
N HIS E 36 9.78 48.86 -51.47
CA HIS E 36 9.44 50.28 -51.41
C HIS E 36 10.33 51.03 -50.42
N ILE E 37 10.63 50.41 -49.27
CA ILE E 37 11.52 51.03 -48.29
C ILE E 37 12.93 51.16 -48.87
N ALA E 38 13.38 50.14 -49.61
CA ALA E 38 14.69 50.17 -50.23
C ALA E 38 14.79 51.25 -51.30
N THR E 39 13.74 51.43 -52.11
CA THR E 39 13.77 52.45 -53.13
C THR E 39 13.61 53.85 -52.55
N GLU E 40 12.91 53.97 -51.42
CA GLU E 40 12.76 55.28 -50.78
C GLU E 40 14.04 55.70 -50.06
N LEU E 41 14.74 54.75 -49.44
CA LEU E 41 15.94 55.09 -48.71
C LEU E 41 17.12 55.35 -49.63
N GLY E 42 17.15 54.70 -50.79
CA GLY E 42 18.24 54.84 -51.74
C GLY E 42 19.05 53.58 -51.97
N TYR E 43 18.68 52.44 -51.37
CA TYR E 43 19.39 51.19 -51.58
C TYR E 43 18.85 50.47 -52.80
N ASP E 44 19.33 49.27 -53.03
CA ASP E 44 18.79 48.47 -54.11
C ASP E 44 17.83 47.43 -53.55
N PRO E 45 16.72 47.17 -54.25
CA PRO E 45 15.72 46.20 -53.75
C PRO E 45 16.25 44.78 -53.58
N ASP E 46 17.15 44.30 -54.44
CA ASP E 46 17.67 42.96 -54.28
C ASP E 46 18.86 42.89 -53.34
N ILE E 47 19.50 44.02 -53.04
CA ILE E 47 20.57 44.01 -52.05
C ILE E 47 20.03 44.16 -50.64
N TYR E 48 18.75 44.54 -50.49
CA TYR E 48 18.16 44.90 -49.21
C TYR E 48 17.49 43.73 -48.52
N ARG E 49 17.79 42.50 -48.92
CA ARG E 49 17.20 41.31 -48.30
C ARG E 49 18.22 40.52 -47.49
N THR E 50 19.51 40.79 -47.67
CA THR E 50 20.55 40.19 -46.85
C THR E 50 20.94 41.05 -45.66
N PHE E 51 20.43 42.28 -45.58
CA PHE E 51 20.80 43.16 -44.49
C PHE E 51 20.10 42.82 -43.19
N GLY E 52 18.88 42.29 -43.26
CA GLY E 52 18.17 41.95 -42.06
C GLY E 52 16.78 41.42 -42.37
N SER E 53 16.00 41.25 -41.31
CA SER E 53 14.65 40.73 -41.41
C SER E 53 13.69 41.79 -41.94
N ALA E 54 12.44 41.40 -42.14
CA ALA E 54 11.44 42.26 -42.77
C ALA E 54 10.92 43.35 -41.84
N LEU E 55 11.29 43.34 -40.57
CA LEU E 55 10.80 44.30 -39.60
C LEU E 55 11.87 45.27 -39.12
N GLU E 56 13.10 44.80 -38.91
CA GLU E 56 14.20 45.69 -38.62
C GLU E 56 14.57 46.59 -39.79
N LEU E 57 14.16 46.23 -41.02
CA LEU E 57 14.27 47.15 -42.15
C LEU E 57 13.39 48.39 -41.95
N ALA E 58 12.15 48.21 -41.50
CA ALA E 58 11.30 49.36 -41.19
C ALA E 58 11.77 50.08 -39.93
N GLU E 59 12.39 49.34 -39.01
CA GLU E 59 13.03 49.96 -37.85
C GLU E 59 14.15 50.91 -38.28
N TYR E 60 14.95 50.48 -39.25
CA TYR E 60 15.99 51.35 -39.81
C TYR E 60 15.39 52.49 -40.62
N TYR E 61 14.24 52.25 -41.27
CA TYR E 61 13.58 53.32 -42.01
C TYR E 61 13.15 54.45 -41.09
N LYS E 62 12.57 54.13 -39.93
CA LYS E 62 12.25 55.19 -38.96
C LYS E 62 13.38 55.37 -37.95
N LEU E 63 14.61 55.39 -38.47
CA LEU E 63 15.75 56.02 -37.84
C LEU E 63 16.32 57.15 -38.68
N LYS E 64 16.14 57.11 -39.99
CA LYS E 64 16.49 58.19 -40.89
C LYS E 64 15.31 59.07 -41.25
N LYS E 65 14.14 58.48 -41.50
CA LYS E 65 12.97 59.30 -41.77
C LYS E 65 12.33 59.82 -40.50
N GLY E 66 12.55 59.14 -39.37
CA GLY E 66 12.05 59.61 -38.09
C GLY E 66 10.62 59.26 -37.77
N LYS E 67 9.72 59.24 -38.75
CA LYS E 67 8.32 58.98 -38.49
C LYS E 67 7.83 57.82 -39.36
N ILE E 68 6.88 57.08 -38.81
CA ILE E 68 6.19 56.04 -39.57
C ILE E 68 5.36 56.64 -40.70
N GLY E 69 4.76 57.82 -40.45
CA GLY E 69 3.82 58.51 -41.31
C GLY E 69 4.00 58.54 -42.82
N PRO E 70 5.19 58.89 -43.32
CA PRO E 70 5.45 58.77 -44.77
C PRO E 70 5.32 57.36 -45.30
N LEU E 71 5.69 56.35 -44.51
CA LEU E 71 5.51 54.96 -44.91
C LEU E 71 4.08 54.51 -44.65
N ARG E 72 3.46 55.07 -43.60
CA ARG E 72 2.08 54.74 -43.26
C ARG E 72 1.12 55.17 -44.35
N SER E 73 1.37 56.34 -44.97
CA SER E 73 0.52 56.80 -46.07
C SER E 73 0.62 55.86 -47.27
N TRP E 74 1.83 55.41 -47.60
CA TRP E 74 2.01 54.49 -48.72
C TRP E 74 1.33 53.15 -48.46
N MET E 75 1.46 52.63 -47.23
CA MET E 75 0.76 51.40 -46.89
C MET E 75 -0.75 51.60 -46.88
N ASP E 76 -1.22 52.79 -46.53
CA ASP E 76 -2.65 53.07 -46.51
C ASP E 76 -3.24 53.08 -47.92
N ARG E 77 -2.52 53.66 -48.89
CA ARG E 77 -3.02 53.58 -50.26
C ARG E 77 -2.87 52.18 -50.85
N MET E 78 -1.73 51.52 -50.62
CA MET E 78 -1.47 50.27 -51.31
C MET E 78 -2.24 49.09 -50.74
N TRP E 79 -2.49 49.08 -49.43
CA TRP E 79 -3.27 47.99 -48.84
C TRP E 79 -4.75 48.10 -49.21
N HIS E 80 -5.28 49.32 -49.24
CA HIS E 80 -6.68 49.55 -49.57
C HIS E 80 -6.83 49.92 -51.04
N SER E 81 -6.40 49.02 -51.91
CA SER E 81 -6.50 49.24 -53.34
C SER E 81 -7.95 49.16 -53.80
N SER E 82 -8.27 49.96 -54.82
CA SER E 82 -9.65 50.00 -55.32
C SER E 82 -10.03 48.73 -56.07
N ASP E 83 -9.06 48.01 -56.62
CA ASP E 83 -9.35 46.76 -57.31
C ASP E 83 -9.67 45.63 -56.35
N ILE E 84 -9.30 45.74 -55.09
CA ILE E 84 -9.57 44.69 -54.10
C ILE E 84 -11.04 44.74 -53.71
N ASP E 85 -11.73 43.62 -53.86
CA ASP E 85 -13.14 43.52 -53.51
C ASP E 85 -13.28 42.63 -52.29
N ILE E 86 -13.85 43.18 -51.22
CA ILE E 86 -14.03 42.40 -50.00
C ILE E 86 -15.19 41.42 -50.12
N ASN E 87 -16.09 41.63 -51.10
CA ASN E 87 -17.27 40.79 -51.24
C ASN E 87 -16.95 39.41 -51.81
N LYS E 88 -15.84 39.26 -52.52
CA LYS E 88 -15.48 38.00 -53.14
C LYS E 88 -14.57 37.14 -52.29
N SER E 89 -14.16 37.63 -51.11
CA SER E 89 -13.41 36.82 -50.17
C SER E 89 -14.39 36.19 -49.18
N LYS E 90 -14.48 34.86 -49.21
CA LYS E 90 -15.43 34.15 -48.37
C LYS E 90 -15.02 34.12 -46.91
N VAL E 91 -13.73 34.25 -46.61
CA VAL E 91 -13.25 34.14 -45.24
C VAL E 91 -13.73 35.33 -44.41
N HIS E 92 -13.62 36.54 -44.96
CA HIS E 92 -14.14 37.71 -44.27
C HIS E 92 -15.66 37.71 -44.23
N GLU E 93 -16.30 37.10 -45.22
CA GLU E 93 -17.75 36.93 -45.21
C GLU E 93 -18.20 36.04 -44.05
N TYR E 94 -17.51 34.93 -43.83
CA TYR E 94 -17.84 34.05 -42.71
C TYR E 94 -17.42 34.63 -41.37
N ILE E 95 -16.39 35.48 -41.35
CA ILE E 95 -16.06 36.21 -40.12
C ILE E 95 -17.16 37.20 -39.76
N ALA E 96 -17.67 37.92 -40.78
CA ALA E 96 -18.71 38.92 -40.54
C ALA E 96 -20.05 38.29 -40.18
N LYS E 97 -20.38 37.16 -40.81
CA LYS E 97 -21.66 36.50 -40.53
C LYS E 97 -21.67 35.80 -39.19
N ALA E 98 -20.52 35.40 -38.67
CA ALA E 98 -20.47 34.68 -37.40
C ALA E 98 -20.73 35.63 -36.24
N ASN E 99 -21.10 35.04 -35.10
CA ASN E 99 -21.40 35.83 -33.89
C ASN E 99 -20.16 35.76 -32.99
N PHE E 100 -19.15 36.54 -33.38
CA PHE E 100 -17.94 36.70 -32.58
C PHE E 100 -18.03 38.02 -31.84
N PRO E 101 -18.02 38.04 -30.51
CA PRO E 101 -18.15 39.33 -29.80
C PRO E 101 -16.90 40.20 -29.90
N ILE E 102 -15.71 39.63 -29.74
CA ILE E 102 -14.46 40.38 -29.81
C ILE E 102 -13.59 39.78 -30.91
N ILE E 103 -13.11 40.64 -31.81
CA ILE E 103 -12.50 40.24 -33.07
C ILE E 103 -11.10 40.86 -33.09
N TYR E 104 -10.34 40.62 -32.02
CA TYR E 104 -8.91 40.96 -31.94
C TYR E 104 -8.16 40.66 -33.22
N THR E 105 -7.37 41.62 -33.70
CA THR E 105 -6.62 41.41 -34.93
C THR E 105 -5.32 42.22 -34.89
N THR E 106 -4.25 41.61 -35.41
CA THR E 106 -2.96 42.26 -35.51
C THR E 106 -2.74 42.91 -36.87
N ASN E 107 -3.75 42.92 -37.72
CA ASN E 107 -3.64 43.54 -39.03
C ASN E 107 -3.62 45.06 -38.91
N TYR E 108 -2.93 45.71 -39.84
CA TYR E 108 -2.99 47.14 -39.96
C TYR E 108 -4.06 47.60 -40.94
N ASP E 109 -4.46 46.74 -41.89
CA ASP E 109 -5.50 47.11 -42.83
C ASP E 109 -6.86 47.10 -42.15
N ARG E 110 -7.83 47.73 -42.81
CA ARG E 110 -9.17 47.89 -42.27
C ARG E 110 -10.18 47.02 -43.00
N TRP E 111 -9.81 45.79 -43.34
CA TRP E 111 -10.72 44.94 -44.09
C TRP E 111 -11.68 44.15 -43.22
N ILE E 112 -11.38 43.95 -41.93
CA ILE E 112 -12.33 43.29 -41.06
C ILE E 112 -13.52 44.19 -40.79
N GLU E 113 -13.27 45.47 -40.49
CA GLU E 113 -14.36 46.41 -40.27
C GLU E 113 -15.13 46.71 -41.55
N THR E 114 -14.44 46.74 -42.70
CA THR E 114 -15.11 46.91 -43.97
C THR E 114 -15.97 45.69 -44.31
N ALA E 115 -15.51 44.49 -43.94
CA ALA E 115 -16.32 43.30 -44.13
C ALA E 115 -17.54 43.29 -43.22
N LEU E 116 -17.39 43.77 -41.98
CA LEU E 116 -18.53 43.81 -41.08
C LEU E 116 -19.54 44.89 -41.49
N SER E 117 -19.07 46.03 -41.99
CA SER E 117 -19.99 47.05 -42.47
C SER E 117 -20.63 46.67 -43.80
N ASN E 118 -19.95 45.84 -44.59
CA ASN E 118 -20.51 45.40 -45.86
C ASN E 118 -21.65 44.42 -45.66
N TYR E 119 -21.59 43.60 -44.60
CA TYR E 119 -22.60 42.59 -44.34
C TYR E 119 -23.54 42.98 -43.19
N GLY E 120 -23.63 44.26 -42.85
CA GLY E 120 -24.67 44.77 -42.00
C GLY E 120 -24.31 44.93 -40.54
N LYS E 121 -23.18 44.39 -40.10
CA LYS E 121 -22.80 44.52 -38.70
C LYS E 121 -22.25 45.91 -38.41
N GLU E 122 -22.10 46.21 -37.12
CA GLU E 122 -21.57 47.49 -36.67
C GLU E 122 -20.46 47.25 -35.66
N TYR E 123 -19.46 48.12 -35.66
CA TYR E 123 -18.21 47.87 -34.95
C TYR E 123 -17.78 49.07 -34.13
N ILE E 124 -16.94 48.77 -33.13
CA ILE E 124 -16.41 49.73 -32.16
C ILE E 124 -14.89 49.58 -32.25
N LYS E 125 -14.34 49.77 -33.46
CA LYS E 125 -12.91 49.66 -33.73
C LYS E 125 -12.04 50.40 -32.70
N ILE E 126 -11.23 49.61 -31.99
CA ILE E 126 -10.45 50.08 -30.84
C ILE E 126 -8.99 50.01 -31.21
N SER E 127 -8.27 51.13 -31.07
CA SER E 127 -6.83 51.13 -31.30
C SER E 127 -6.09 51.98 -30.26
N SER E 128 -6.78 52.48 -29.24
CA SER E 128 -6.15 53.34 -28.25
C SER E 128 -6.91 53.20 -26.93
N VAL E 129 -6.46 53.96 -25.92
CA VAL E 129 -7.13 53.97 -24.62
C VAL E 129 -8.47 54.67 -24.72
N SER E 130 -8.55 55.76 -25.49
CA SER E 130 -9.77 56.55 -25.60
C SER E 130 -10.90 55.83 -26.32
N ASP E 131 -10.59 54.78 -27.09
CA ASP E 131 -11.64 53.99 -27.71
C ASP E 131 -12.23 52.94 -26.77
N ILE E 132 -11.58 52.68 -25.63
CA ILE E 132 -12.14 51.74 -24.66
C ILE E 132 -13.27 52.39 -23.88
N ALA E 133 -13.24 53.71 -23.74
CA ALA E 133 -14.39 54.42 -23.16
C ALA E 133 -15.52 54.55 -24.17
N LYS E 134 -15.25 54.31 -25.44
CA LYS E 134 -16.24 54.36 -26.51
C LYS E 134 -16.93 53.01 -26.70
N ILE E 135 -16.64 52.04 -25.83
CA ILE E 135 -17.08 50.66 -26.04
C ILE E 135 -18.58 50.54 -25.86
N ASP E 136 -19.15 49.52 -26.50
CA ASP E 136 -20.57 49.25 -26.42
C ASP E 136 -20.78 47.74 -26.24
N ASN E 137 -21.85 47.39 -25.52
CA ASN E 137 -22.09 46.01 -25.14
C ASN E 137 -23.01 45.26 -26.09
N ASN E 138 -23.61 45.95 -27.06
CA ASN E 138 -24.55 45.32 -27.99
C ASN E 138 -24.07 45.36 -29.43
N LYS E 139 -22.77 45.53 -29.66
CA LYS E 139 -22.21 45.50 -31.01
C LYS E 139 -20.76 45.04 -30.94
N THR E 140 -20.24 44.64 -32.10
CA THR E 140 -18.96 43.94 -32.18
C THR E 140 -17.79 44.87 -31.86
N GLN E 141 -16.76 44.31 -31.23
CA GLN E 141 -15.52 45.01 -30.96
C GLN E 141 -14.42 44.41 -31.82
N ILE E 142 -13.83 45.23 -32.69
CA ILE E 142 -12.63 44.86 -33.41
C ILE E 142 -11.49 45.65 -32.78
N ILE E 143 -10.53 44.96 -32.19
CA ILE E 143 -9.44 45.62 -31.51
C ILE E 143 -8.18 45.43 -32.33
N LYS E 144 -7.67 46.53 -32.88
CA LYS E 144 -6.43 46.49 -33.65
C LYS E 144 -5.29 46.27 -32.68
N PHE E 145 -4.84 45.02 -32.59
CA PHE E 145 -3.84 44.62 -31.60
C PHE E 145 -2.49 45.26 -31.88
N HIS E 146 -2.14 45.42 -33.15
CA HIS E 146 -0.86 45.97 -33.55
C HIS E 146 -1.03 47.31 -34.26
N GLY E 147 -1.91 48.16 -33.72
CA GLY E 147 -2.08 49.49 -34.25
C GLY E 147 -2.91 49.51 -35.50
N ASP E 148 -3.11 50.73 -36.01
CA ASP E 148 -3.90 50.95 -37.20
C ASP E 148 -3.22 52.03 -38.04
N PHE E 149 -3.86 52.38 -39.15
CA PHE E 149 -3.38 53.47 -40.00
C PHE E 149 -3.95 54.82 -39.58
N ASP E 150 -4.74 54.87 -38.51
CA ASP E 150 -5.30 56.11 -38.01
C ASP E 150 -4.44 56.73 -36.92
N ASP E 151 -3.32 56.11 -36.55
CA ASP E 151 -2.43 56.65 -35.54
C ASP E 151 -1.02 56.14 -35.82
N ASP E 152 -0.11 57.05 -36.15
CA ASP E 152 1.26 56.67 -36.45
C ASP E 152 2.04 56.25 -35.20
N SER E 153 1.68 56.77 -34.04
CA SER E 153 2.40 56.47 -32.80
C SER E 153 1.93 55.19 -32.13
N SER E 154 0.92 54.52 -32.68
CA SER E 154 0.41 53.29 -32.11
C SER E 154 0.67 52.06 -32.96
N ILE E 155 0.90 52.23 -34.26
CA ILE E 155 1.16 51.11 -35.16
C ILE E 155 2.56 50.57 -34.88
N VAL E 156 2.67 49.25 -34.74
CA VAL E 156 3.97 48.63 -34.60
C VAL E 156 4.46 48.17 -35.97
N LEU E 157 5.70 48.51 -36.27
CA LEU E 157 6.36 48.13 -37.51
C LEU E 157 7.82 47.85 -37.27
N ASP E 158 8.27 47.92 -36.03
CA ASP E 158 9.67 47.91 -35.65
C ASP E 158 10.07 46.56 -35.10
N GLU E 159 11.34 46.45 -34.73
CA GLU E 159 11.78 45.43 -33.78
C GLU E 159 11.79 45.96 -32.36
N THR E 160 12.12 47.24 -32.17
CA THR E 160 12.07 47.84 -30.85
C THR E 160 10.64 47.94 -30.34
N SER E 161 9.69 48.36 -31.19
CA SER E 161 8.30 48.40 -30.80
C SER E 161 7.74 47.01 -30.57
N TYR E 162 8.19 46.04 -31.39
CA TYR E 162 7.76 44.65 -31.22
C TYR E 162 8.23 44.08 -29.89
N PHE E 163 9.48 44.37 -29.50
CA PHE E 163 9.97 43.90 -28.21
C PHE E 163 9.38 44.69 -27.06
N GLN E 164 8.93 45.93 -27.31
CA GLN E 164 8.15 46.66 -26.33
C GLN E 164 6.81 45.97 -26.05
N ARG E 165 6.10 45.57 -27.11
CA ARG E 165 4.80 44.93 -26.94
C ARG E 165 4.92 43.47 -26.55
N LEU E 166 6.10 42.86 -26.66
CA LEU E 166 6.26 41.47 -26.25
C LEU E 166 6.27 41.27 -24.74
N GLU E 167 6.38 42.33 -23.94
CA GLU E 167 6.30 42.21 -22.50
C GLU E 167 4.87 42.21 -21.97
N PHE E 168 3.90 42.56 -22.82
CA PHE E 168 2.46 42.54 -22.54
C PHE E 168 2.08 43.43 -21.35
N GLU E 169 2.52 44.69 -21.41
CA GLU E 169 2.16 45.68 -20.41
C GLU E 169 1.54 46.94 -21.00
N THR E 170 1.37 47.00 -22.32
CA THR E 170 0.69 48.12 -22.94
C THR E 170 -0.81 48.06 -22.63
N PRO E 171 -1.52 49.20 -22.72
CA PRO E 171 -2.97 49.19 -22.40
C PRO E 171 -3.83 48.32 -23.31
N LEU E 172 -3.37 47.99 -24.51
CA LEU E 172 -4.11 47.03 -25.34
C LEU E 172 -3.74 45.59 -25.03
N ASP E 173 -2.81 45.37 -24.10
CA ASP E 173 -2.43 44.04 -23.67
C ASP E 173 -3.10 43.65 -22.36
N ILE E 174 -3.29 44.61 -21.46
CA ILE E 174 -4.05 44.34 -20.23
C ILE E 174 -5.50 44.05 -20.56
N LYS E 175 -6.05 44.73 -21.57
CA LYS E 175 -7.39 44.43 -22.07
C LYS E 175 -7.47 43.03 -22.63
N PHE E 176 -6.42 42.56 -23.31
CA PHE E 176 -6.45 41.20 -23.85
C PHE E 176 -6.32 40.16 -22.76
N ARG E 177 -5.40 40.35 -21.81
CA ARG E 177 -5.24 39.34 -20.78
C ARG E 177 -6.29 39.45 -19.68
N SER E 178 -7.17 40.45 -19.74
CA SER E 178 -8.40 40.43 -18.96
C SER E 178 -9.60 39.92 -19.73
N ASP E 179 -9.64 40.08 -21.05
CA ASP E 179 -10.70 39.50 -21.84
C ASP E 179 -10.54 38.00 -21.97
N VAL E 180 -9.30 37.50 -21.88
CA VAL E 180 -9.03 36.07 -21.93
C VAL E 180 -9.52 35.32 -20.71
N LEU E 181 -9.90 36.01 -19.64
CA LEU E 181 -10.26 35.37 -18.38
C LEU E 181 -11.62 34.69 -18.52
N GLY E 182 -11.62 33.36 -18.50
CA GLY E 182 -12.83 32.59 -18.62
C GLY E 182 -13.33 32.37 -20.03
N LYS E 183 -12.56 32.77 -21.04
CA LYS E 183 -12.98 32.63 -22.43
C LYS E 183 -11.87 31.98 -23.25
N SER E 184 -12.27 31.24 -24.27
CA SER E 184 -11.33 30.66 -25.21
C SER E 184 -10.96 31.67 -26.28
N VAL E 185 -9.78 31.47 -26.87
CA VAL E 185 -9.32 32.28 -27.99
C VAL E 185 -9.17 31.37 -29.20
N LEU E 186 -9.61 31.84 -30.36
CA LEU E 186 -9.41 31.14 -31.62
C LEU E 186 -8.49 31.95 -32.50
N PHE E 187 -7.33 31.39 -32.83
CA PHE E 187 -6.31 32.06 -33.63
C PHE E 187 -6.39 31.56 -35.06
N ILE E 188 -6.50 32.48 -36.02
CA ILE E 188 -6.48 32.15 -37.43
C ILE E 188 -5.54 33.11 -38.14
N GLY E 189 -4.80 32.58 -39.13
CA GLY E 189 -3.90 33.40 -39.89
C GLY E 189 -2.47 33.40 -39.42
N TYR E 190 -2.09 32.50 -38.52
CA TYR E 190 -0.72 32.41 -38.03
C TYR E 190 -0.11 31.08 -38.44
N SER E 191 1.20 31.08 -38.65
CA SER E 191 1.90 29.91 -39.16
C SER E 191 2.90 29.33 -38.17
N LEU E 192 2.93 29.84 -36.93
CA LEU E 192 3.88 29.44 -35.86
C LEU E 192 5.34 29.61 -36.27
N SER E 193 5.62 30.50 -37.22
CA SER E 193 6.96 31.04 -37.41
C SER E 193 7.08 32.43 -36.79
N ASP E 194 6.04 32.86 -36.08
CA ASP E 194 5.97 34.17 -35.47
C ASP E 194 6.15 33.96 -33.97
N ILE E 195 7.09 34.71 -33.39
CA ILE E 195 7.45 34.53 -32.00
C ILE E 195 6.39 35.02 -31.03
N ASN E 196 5.66 36.09 -31.40
CA ASN E 196 4.74 36.76 -30.47
C ASN E 196 3.58 35.85 -30.08
N ILE E 197 3.10 35.03 -31.02
CA ILE E 197 2.06 34.05 -30.71
C ILE E 197 2.57 33.04 -29.69
N ARG E 198 3.85 32.65 -29.79
CA ARG E 198 4.43 31.70 -28.84
C ARG E 198 4.59 32.30 -27.45
N LEU E 199 5.10 33.53 -27.33
CA LEU E 199 5.16 34.12 -25.98
C LEU E 199 3.78 34.51 -25.44
N LEU E 200 2.80 34.80 -26.30
CA LEU E 200 1.44 35.00 -25.83
C LEU E 200 0.85 33.71 -25.27
N PHE E 201 1.12 32.60 -25.97
CA PHE E 201 0.71 31.27 -25.53
C PHE E 201 1.34 30.93 -24.20
N TYR E 202 2.63 31.27 -24.05
CA TYR E 202 3.35 31.03 -22.82
C TYR E 202 2.78 31.90 -21.68
N LYS E 203 2.41 33.14 -21.98
CA LYS E 203 1.83 34.02 -20.97
C LYS E 203 0.49 33.49 -20.47
N LEU E 204 -0.37 33.04 -21.39
CA LEU E 204 -1.66 32.48 -20.99
C LEU E 204 -1.49 31.17 -20.23
N SER E 205 -0.56 30.31 -20.67
CA SER E 205 -0.35 29.03 -20.00
C SER E 205 0.26 29.22 -18.61
N LYS E 206 1.18 30.17 -18.47
CA LYS E 206 1.77 30.49 -17.17
C LYS E 206 0.75 31.12 -16.24
N LEU E 207 -0.16 31.93 -16.78
CA LEU E 207 -1.29 32.43 -15.99
C LEU E 207 -2.19 31.29 -15.54
N TRP E 208 -2.33 30.25 -16.36
CA TRP E 208 -3.14 29.11 -15.94
C TRP E 208 -2.46 28.28 -14.85
N LYS E 209 -1.18 27.94 -15.02
CA LYS E 209 -0.52 27.02 -14.11
C LYS E 209 0.16 27.70 -12.94
N GLU E 210 0.19 29.03 -12.89
CA GLU E 210 0.79 29.74 -11.77
C GLU E 210 -0.22 30.18 -10.73
N GLN E 211 -1.47 30.41 -11.14
CA GLN E 211 -2.54 30.75 -10.21
C GLN E 211 -3.34 29.55 -9.77
N LYS E 212 -2.86 28.33 -10.08
CA LYS E 212 -3.52 27.06 -9.79
C LYS E 212 -4.95 27.02 -10.34
N LEU E 213 -5.11 27.52 -11.56
CA LEU E 213 -6.41 27.55 -12.20
C LEU E 213 -6.77 26.16 -12.70
N GLU E 214 -8.01 25.77 -12.50
CA GLU E 214 -8.56 24.55 -13.08
C GLU E 214 -9.18 24.91 -14.44
N GLU E 215 -10.03 24.05 -14.98
CA GLU E 215 -10.71 24.33 -16.24
C GLU E 215 -11.95 25.20 -16.07
N ALA E 216 -12.01 26.02 -15.01
CA ALA E 216 -12.93 27.15 -15.00
C ALA E 216 -12.64 28.11 -16.14
N GLN E 217 -11.36 28.31 -16.47
CA GLN E 217 -10.97 29.04 -17.66
C GLN E 217 -10.74 28.06 -18.80
N PRO E 218 -11.53 28.09 -19.88
CA PRO E 218 -11.24 27.24 -21.04
C PRO E 218 -9.96 27.67 -21.72
N LYS E 219 -9.31 26.78 -22.48
CA LYS E 219 -7.89 27.00 -22.71
C LYS E 219 -7.60 28.02 -23.81
N SER E 220 -7.68 27.60 -25.08
CA SER E 220 -7.75 28.37 -26.32
C SER E 220 -7.69 27.37 -27.48
N TYR E 221 -7.80 27.85 -28.71
CA TYR E 221 -7.61 27.00 -29.89
C TYR E 221 -6.90 27.79 -30.98
N ILE E 222 -6.27 27.06 -31.90
CA ILE E 222 -5.58 27.66 -33.05
C ILE E 222 -5.94 26.84 -34.27
N PHE E 223 -5.96 27.48 -35.43
CA PHE E 223 -6.19 26.79 -36.70
C PHE E 223 -4.93 26.84 -37.56
N LEU E 224 -4.50 25.67 -38.03
CA LEU E 224 -3.40 25.53 -38.96
C LEU E 224 -3.86 24.74 -40.17
N PRO E 225 -3.69 25.25 -41.39
CA PRO E 225 -4.10 24.47 -42.56
C PRO E 225 -3.25 23.24 -42.80
N ARG E 226 -1.98 23.27 -42.44
CA ARG E 226 -1.09 22.13 -42.59
C ARG E 226 -0.85 21.50 -41.23
N PRO E 227 -1.13 20.21 -41.07
CA PRO E 227 -0.98 19.58 -39.76
C PRO E 227 0.48 19.35 -39.41
N ASN E 228 0.71 19.20 -38.11
CA ASN E 228 2.07 18.98 -37.61
C ASN E 228 2.03 18.15 -36.34
N PRO E 229 2.65 16.96 -36.33
CA PRO E 229 2.67 16.16 -35.10
C PRO E 229 3.51 16.78 -34.00
N ILE E 230 4.50 17.60 -34.36
CA ILE E 230 5.35 18.25 -33.36
C ILE E 230 4.58 19.37 -32.66
N GLN E 231 4.00 20.26 -33.46
CA GLN E 231 3.37 21.44 -32.91
C GLN E 231 2.09 21.12 -32.17
N GLU E 232 1.39 20.03 -32.52
CA GLU E 232 0.20 19.64 -31.76
C GLU E 232 0.56 19.29 -30.32
N GLU E 233 1.64 18.51 -30.12
CA GLU E 233 2.06 18.16 -28.77
C GLU E 233 2.65 19.36 -28.04
N ILE E 234 3.40 20.22 -28.73
CA ILE E 234 4.01 21.36 -28.04
C ILE E 234 2.95 22.39 -27.65
N LEU E 235 1.99 22.66 -28.53
CA LEU E 235 0.90 23.57 -28.18
C LEU E 235 -0.03 22.95 -27.13
N GLU E 236 -0.20 21.62 -27.13
CA GLU E 236 -0.94 20.99 -26.05
C GLU E 236 -0.20 21.11 -24.72
N GLN E 237 1.13 21.14 -24.76
CA GLN E 237 1.90 21.47 -23.56
C GLN E 237 1.68 22.93 -23.14
N TRP E 238 1.47 23.83 -24.10
CA TRP E 238 1.12 25.21 -23.78
C TRP E 238 -0.38 25.42 -23.63
N ARG E 239 -1.15 24.34 -23.44
CA ARG E 239 -2.61 24.35 -23.27
C ARG E 239 -3.32 25.03 -24.44
N ILE E 240 -2.93 24.63 -25.65
CA ILE E 240 -3.45 25.23 -26.86
C ILE E 240 -3.95 24.08 -27.73
N GLY E 241 -5.21 24.12 -28.12
CA GLY E 241 -5.73 23.09 -28.99
C GLY E 241 -5.47 23.38 -30.45
N MET E 242 -4.64 22.55 -31.09
CA MET E 242 -4.32 22.74 -32.51
C MET E 242 -5.38 22.05 -33.36
N ILE E 243 -6.11 22.83 -34.15
CA ILE E 243 -7.13 22.33 -35.04
C ILE E 243 -6.59 22.42 -36.47
N SER E 244 -6.68 21.32 -37.20
CA SER E 244 -6.12 21.26 -38.53
C SER E 244 -7.12 20.63 -39.50
N SER E 245 -6.74 20.60 -40.77
CA SER E 245 -7.55 20.00 -41.81
C SER E 245 -6.64 19.42 -42.88
N GLU E 246 -7.19 18.50 -43.66
CA GLU E 246 -6.42 17.72 -44.63
C GLU E 246 -6.38 18.36 -46.02
N ASN E 247 -6.98 19.53 -46.19
CA ASN E 247 -6.94 20.20 -47.49
C ASN E 247 -5.57 20.79 -47.73
N ASP E 248 -5.00 20.53 -48.92
CA ASP E 248 -3.67 21.03 -49.24
C ASP E 248 -3.68 22.53 -49.47
N ASN E 249 -4.68 23.03 -50.19
CA ASN E 249 -4.77 24.45 -50.45
C ASN E 249 -5.37 25.15 -49.23
N PRO E 250 -4.69 26.16 -48.67
CA PRO E 250 -5.07 26.66 -47.34
C PRO E 250 -6.28 27.58 -47.29
N GLY E 251 -6.56 28.29 -48.39
CA GLY E 251 -7.64 29.26 -48.39
C GLY E 251 -9.01 28.61 -48.24
N GLU E 252 -9.28 27.56 -49.02
CA GLU E 252 -10.52 26.82 -48.86
C GLU E 252 -10.54 26.00 -47.59
N SER E 253 -9.37 25.65 -47.04
CA SER E 253 -9.33 25.02 -45.72
C SER E 253 -9.85 25.96 -44.64
N LEU E 254 -9.40 27.22 -44.67
CA LEU E 254 -9.91 28.22 -43.73
C LEU E 254 -11.39 28.54 -44.02
N GLU E 255 -11.77 28.51 -45.30
CA GLU E 255 -13.17 28.73 -45.67
C GLU E 255 -14.08 27.65 -45.10
N GLU E 256 -13.65 26.38 -45.17
CA GLU E 256 -14.44 25.30 -44.58
C GLU E 256 -14.44 25.35 -43.06
N PHE E 257 -13.31 25.73 -42.46
CA PHE E 257 -13.23 25.86 -41.01
C PHE E 257 -14.16 26.94 -40.48
N LEU E 258 -14.35 28.02 -41.24
CA LEU E 258 -15.31 29.04 -40.83
C LEU E 258 -16.72 28.77 -41.33
N LYS E 259 -16.89 27.90 -42.34
CA LYS E 259 -18.21 27.34 -42.63
C LYS E 259 -18.73 26.52 -41.47
N ASN E 260 -17.83 25.88 -40.73
CA ASN E 260 -18.21 25.24 -39.47
C ASN E 260 -18.71 26.26 -38.44
N PHE E 261 -18.26 27.52 -38.54
CA PHE E 261 -18.59 28.53 -37.56
C PHE E 261 -19.72 29.46 -37.97
N VAL E 262 -20.16 29.41 -39.23
CA VAL E 262 -21.10 30.43 -39.72
C VAL E 262 -22.50 30.25 -39.13
N LEU E 263 -22.88 29.00 -38.83
CA LEU E 263 -24.16 28.47 -38.33
C LEU E 263 -25.37 29.41 -38.29
N VAL E 264 -25.63 30.00 -37.12
CA VAL E 264 -26.68 30.98 -36.97
C VAL E 264 -26.06 32.33 -36.64
N MET F 1 35.95 51.37 -30.81
CA MET F 1 36.91 50.29 -30.69
C MET F 1 38.02 50.67 -29.71
N GLU F 2 38.42 51.94 -29.74
CA GLU F 2 39.46 52.40 -28.82
C GLU F 2 38.95 52.47 -27.39
N GLN F 3 37.67 52.78 -27.19
CA GLN F 3 37.09 52.77 -25.86
C GLN F 3 37.00 51.35 -25.31
N LEU F 4 36.77 50.36 -26.17
CA LEU F 4 36.77 48.96 -25.74
C LEU F 4 38.15 48.53 -25.25
N LEU F 5 39.20 48.92 -25.96
CA LEU F 5 40.55 48.61 -25.49
C LEU F 5 40.92 49.40 -24.25
N ALA F 6 40.43 50.64 -24.12
CA ALA F 6 40.67 51.44 -22.93
C ALA F 6 39.99 50.84 -21.71
N ASP F 7 38.80 50.25 -21.89
CA ASP F 7 38.17 49.52 -20.81
C ASP F 7 38.84 48.18 -20.55
N TYR F 8 39.43 47.57 -21.58
CA TYR F 8 40.10 46.29 -21.42
C TYR F 8 41.40 46.43 -20.62
N LYS F 9 42.13 47.53 -20.79
CA LYS F 9 43.32 47.76 -19.98
C LYS F 9 42.98 47.99 -18.52
N LYS F 10 41.81 48.57 -18.23
CA LYS F 10 41.40 48.77 -16.85
C LYS F 10 40.82 47.51 -16.22
N GLY F 11 40.35 46.57 -17.02
CA GLY F 11 39.75 45.36 -16.51
C GLY F 11 38.26 45.49 -16.34
N ASN F 12 37.59 46.05 -17.34
CA ASN F 12 36.16 46.33 -17.30
C ASN F 12 35.40 45.71 -18.45
N VAL F 13 35.92 44.63 -19.04
CA VAL F 13 35.29 43.99 -20.19
C VAL F 13 34.90 42.57 -19.81
N ILE F 14 33.62 42.25 -20.00
CA ILE F 14 33.08 40.91 -19.77
C ILE F 14 32.90 40.26 -21.13
N LEU F 15 33.64 39.19 -21.39
CA LEU F 15 33.50 38.50 -22.65
C LEU F 15 32.24 37.63 -22.63
N PHE F 16 31.55 37.59 -23.77
CA PHE F 16 30.32 36.83 -23.93
C PHE F 16 30.50 35.97 -25.18
N VAL F 17 31.07 34.79 -25.00
CA VAL F 17 31.40 33.92 -26.12
C VAL F 17 30.12 33.24 -26.62
N GLY F 18 29.99 33.14 -27.95
CA GLY F 18 28.87 32.48 -28.57
C GLY F 18 29.26 31.18 -29.23
N ALA F 19 28.37 30.71 -30.11
CA ALA F 19 28.60 29.47 -30.83
C ALA F 19 29.42 29.66 -32.10
N GLY F 20 29.75 30.89 -32.46
CA GLY F 20 30.48 31.15 -33.67
C GLY F 20 31.99 31.09 -33.56
N VAL F 21 32.55 30.90 -32.37
CA VAL F 21 34.00 30.80 -32.26
C VAL F 21 34.52 29.40 -32.55
N SER F 22 33.63 28.43 -32.72
CA SER F 22 34.02 27.04 -32.92
C SER F 22 33.63 26.53 -34.31
N MET F 23 33.61 27.43 -35.30
CA MET F 23 33.39 26.97 -36.67
C MET F 23 34.64 26.31 -37.22
N ASN F 24 35.82 26.76 -36.79
CA ASN F 24 37.09 26.19 -37.24
C ASN F 24 37.56 25.04 -36.36
N LEU F 25 36.83 24.73 -35.29
CA LEU F 25 37.21 23.60 -34.44
C LEU F 25 36.87 22.28 -35.12
N GLY F 26 35.75 22.22 -35.83
CA GLY F 26 35.27 20.98 -36.38
C GLY F 26 34.22 20.28 -35.56
N LEU F 27 33.53 21.01 -34.68
CA LEU F 27 32.47 20.43 -33.88
C LEU F 27 31.28 20.06 -34.75
N PRO F 28 30.47 19.09 -34.32
CA PRO F 28 29.22 18.80 -35.04
C PRO F 28 28.28 19.99 -35.02
N SER F 29 27.60 20.19 -36.15
CA SER F 29 26.77 21.36 -36.35
C SER F 29 25.42 21.15 -35.67
N TRP F 30 24.48 22.06 -35.92
CA TRP F 30 23.14 21.93 -35.36
C TRP F 30 22.22 21.14 -36.26
N SER F 31 22.71 20.64 -37.39
CA SER F 31 21.95 19.75 -38.25
C SER F 31 22.19 18.28 -37.93
N GLN F 32 23.40 17.92 -37.51
CA GLN F 32 23.66 16.54 -37.11
C GLN F 32 22.90 16.17 -35.83
N LEU F 33 22.73 17.15 -34.94
CA LEU F 33 21.97 16.92 -33.71
C LEU F 33 20.51 16.63 -34.01
N VAL F 34 19.90 17.43 -34.89
CA VAL F 34 18.49 17.21 -35.20
C VAL F 34 18.31 15.99 -36.11
N ASP F 35 19.33 15.62 -36.89
CA ASP F 35 19.29 14.34 -37.60
C ASP F 35 19.32 13.17 -36.63
N HIS F 36 20.12 13.28 -35.56
CA HIS F 36 20.13 12.25 -34.53
C HIS F 36 18.80 12.17 -33.78
N ILE F 37 18.20 13.33 -33.49
CA ILE F 37 16.89 13.35 -32.84
C ILE F 37 15.83 12.72 -33.74
N ALA F 38 15.91 12.99 -35.04
CA ALA F 38 14.98 12.38 -36.00
C ALA F 38 15.16 10.88 -36.09
N THR F 39 16.40 10.41 -36.18
CA THR F 39 16.63 8.98 -36.29
C THR F 39 16.45 8.24 -34.98
N GLU F 40 16.35 8.95 -33.85
CA GLU F 40 16.03 8.31 -32.59
C GLU F 40 14.54 8.28 -32.33
N LEU F 41 13.82 9.35 -32.70
CA LEU F 41 12.38 9.41 -32.45
C LEU F 41 11.60 8.57 -33.44
N GLY F 42 12.19 8.22 -34.58
CA GLY F 42 11.54 7.39 -35.57
C GLY F 42 10.99 8.12 -36.78
N TYR F 43 11.63 9.20 -37.20
CA TYR F 43 11.20 9.96 -38.37
C TYR F 43 12.28 9.92 -39.43
N ASP F 44 11.90 10.27 -40.64
CA ASP F 44 12.89 10.46 -41.69
C ASP F 44 13.61 11.79 -41.44
N PRO F 45 14.95 11.81 -41.48
CA PRO F 45 15.69 13.01 -41.04
C PRO F 45 15.48 14.25 -41.90
N ASP F 46 15.04 14.14 -43.16
CA ASP F 46 14.76 15.32 -43.96
C ASP F 46 13.28 15.71 -43.93
N ILE F 47 12.39 14.77 -43.65
CA ILE F 47 10.99 15.13 -43.40
C ILE F 47 10.88 15.86 -42.07
N TYR F 48 11.66 15.43 -41.07
CA TYR F 48 11.63 15.96 -39.71
C TYR F 48 12.19 17.38 -39.62
N ARG F 49 13.06 17.78 -40.53
CA ARG F 49 13.66 19.12 -40.50
C ARG F 49 12.69 20.20 -40.96
N THR F 50 11.59 19.83 -41.59
CA THR F 50 10.61 20.79 -42.08
C THR F 50 9.54 21.11 -41.06
N PHE F 51 9.67 20.60 -39.84
CA PHE F 51 8.60 20.70 -38.86
C PHE F 51 8.80 21.85 -37.87
N GLY F 52 9.94 22.51 -37.90
CA GLY F 52 10.16 23.65 -37.03
C GLY F 52 11.64 23.96 -36.91
N SER F 53 11.93 24.93 -36.04
CA SER F 53 13.31 25.25 -35.70
C SER F 53 13.90 24.14 -34.86
N ALA F 54 15.23 24.12 -34.76
CA ALA F 54 15.91 23.01 -34.10
C ALA F 54 15.65 22.99 -32.60
N LEU F 55 15.39 24.16 -32.00
CA LEU F 55 14.99 24.18 -30.60
C LEU F 55 13.59 23.63 -30.41
N GLU F 56 12.70 23.79 -31.39
CA GLU F 56 11.36 23.22 -31.30
C GLU F 56 11.38 21.70 -31.33
N LEU F 57 12.21 21.12 -32.19
CA LEU F 57 12.28 19.66 -32.24
C LEU F 57 13.14 19.09 -31.12
N ALA F 58 14.07 19.86 -30.58
CA ALA F 58 14.71 19.43 -29.35
C ALA F 58 13.78 19.54 -28.14
N GLU F 59 12.80 20.45 -28.18
CA GLU F 59 11.67 20.41 -27.25
C GLU F 59 10.81 19.16 -27.46
N TYR F 60 10.61 18.76 -28.72
CA TYR F 60 9.88 17.51 -28.98
C TYR F 60 10.62 16.29 -28.45
N TYR F 61 11.95 16.33 -28.44
CA TYR F 61 12.73 15.34 -27.69
C TYR F 61 12.90 15.78 -26.23
N LYS F 62 11.80 16.22 -25.62
CA LYS F 62 11.69 16.35 -24.17
C LYS F 62 10.32 15.99 -23.64
N LEU F 63 9.29 15.90 -24.47
CA LEU F 63 7.98 15.51 -23.99
C LEU F 63 7.85 13.99 -24.03
N LYS F 64 7.94 13.40 -25.21
CA LYS F 64 8.24 11.98 -25.29
C LYS F 64 9.72 11.79 -25.04
N LYS F 65 10.06 10.68 -24.37
CA LYS F 65 11.35 10.46 -23.72
C LYS F 65 11.68 11.64 -22.80
N GLY F 66 10.88 11.76 -21.74
CA GLY F 66 10.81 12.97 -20.95
C GLY F 66 12.05 13.27 -20.14
N LYS F 67 13.13 13.58 -20.86
CA LYS F 67 14.47 13.80 -20.35
C LYS F 67 15.32 14.30 -21.52
N ILE F 68 16.28 15.17 -21.21
CA ILE F 68 17.32 15.49 -22.17
C ILE F 68 18.60 14.73 -21.84
N GLY F 69 18.47 13.61 -21.13
CA GLY F 69 19.58 12.80 -20.69
C GLY F 69 20.37 12.12 -21.78
N PRO F 70 19.75 11.20 -22.53
CA PRO F 70 20.46 10.56 -23.66
C PRO F 70 20.88 11.54 -24.74
N LEU F 71 20.13 12.62 -24.93
CA LEU F 71 20.57 13.69 -25.82
C LEU F 71 21.86 14.32 -25.33
N ARG F 72 21.94 14.61 -24.03
CA ARG F 72 23.15 15.16 -23.42
C ARG F 72 24.31 14.18 -23.56
N SER F 73 24.05 12.89 -23.37
CA SER F 73 25.10 11.88 -23.51
C SER F 73 25.58 11.76 -24.95
N TRP F 74 24.72 12.02 -25.93
CA TRP F 74 25.20 12.06 -27.30
C TRP F 74 26.02 13.30 -27.61
N MET F 75 25.58 14.49 -27.21
CA MET F 75 26.38 15.68 -27.52
C MET F 75 27.64 15.77 -26.68
N ASP F 76 27.67 15.15 -25.49
CA ASP F 76 28.90 15.12 -24.71
C ASP F 76 29.97 14.28 -25.38
N ARG F 77 29.55 13.20 -26.03
CA ARG F 77 30.48 12.34 -26.75
C ARG F 77 30.89 12.94 -28.08
N MET F 78 29.96 13.59 -28.80
CA MET F 78 30.26 14.08 -30.13
C MET F 78 30.91 15.46 -30.12
N TRP F 79 30.59 16.30 -29.13
CA TRP F 79 31.19 17.62 -29.01
C TRP F 79 32.57 17.60 -28.39
N HIS F 80 33.01 16.45 -27.87
CA HIS F 80 34.31 16.31 -27.21
C HIS F 80 35.05 15.12 -27.78
N SER F 81 35.09 15.03 -29.11
CA SER F 81 35.81 13.95 -29.76
C SER F 81 37.31 14.14 -29.63
N SER F 82 38.05 13.06 -29.82
CA SER F 82 39.50 13.11 -29.73
C SER F 82 40.14 13.75 -30.95
N ASP F 83 39.39 13.94 -32.04
CA ASP F 83 39.92 14.60 -33.22
C ASP F 83 40.14 16.09 -33.01
N ILE F 84 39.31 16.71 -32.18
CA ILE F 84 39.40 18.16 -31.96
C ILE F 84 40.54 18.44 -31.00
N ASP F 85 41.49 19.26 -31.45
CA ASP F 85 42.62 19.69 -30.62
C ASP F 85 42.57 21.19 -30.46
N ILE F 86 42.57 21.65 -29.22
CA ILE F 86 42.41 23.09 -28.94
C ILE F 86 43.69 23.87 -29.15
N ASN F 87 44.83 23.21 -29.30
CA ASN F 87 46.08 23.91 -29.55
C ASN F 87 46.15 24.50 -30.95
N LYS F 88 45.40 23.93 -31.90
CA LYS F 88 45.38 24.42 -33.26
C LYS F 88 44.36 25.53 -33.49
N SER F 89 43.55 25.86 -32.48
CA SER F 89 42.56 26.92 -32.59
C SER F 89 43.16 28.21 -32.05
N LYS F 90 43.42 29.16 -32.95
CA LYS F 90 44.03 30.42 -32.53
C LYS F 90 43.05 31.33 -31.80
N VAL F 91 41.75 31.17 -32.06
CA VAL F 91 40.75 31.98 -31.37
C VAL F 91 40.69 31.61 -29.89
N HIS F 92 40.65 30.32 -29.59
CA HIS F 92 40.65 29.86 -28.20
C HIS F 92 41.99 30.14 -27.51
N GLU F 93 43.09 30.08 -28.26
CA GLU F 93 44.39 30.46 -27.72
C GLU F 93 44.43 31.93 -27.35
N TYR F 94 43.85 32.79 -28.19
CA TYR F 94 43.84 34.22 -27.90
C TYR F 94 42.87 34.57 -26.79
N ILE F 95 41.80 33.78 -26.64
CA ILE F 95 40.89 33.96 -25.51
C ILE F 95 41.57 33.55 -24.21
N ALA F 96 42.29 32.42 -24.24
CA ALA F 96 42.92 31.91 -23.02
C ALA F 96 44.14 32.75 -22.62
N LYS F 97 44.79 33.40 -23.59
CA LYS F 97 45.94 34.23 -23.26
C LYS F 97 45.57 35.68 -22.98
N ALA F 98 44.29 36.02 -23.04
CA ALA F 98 43.84 37.38 -22.77
C ALA F 98 43.67 37.58 -21.27
N ASN F 99 43.17 38.75 -20.88
CA ASN F 99 42.98 39.10 -19.48
C ASN F 99 41.52 39.43 -19.18
N PHE F 100 40.61 38.62 -19.70
CA PHE F 100 39.19 38.78 -19.37
C PHE F 100 38.93 38.16 -18.01
N PRO F 101 38.45 38.92 -17.03
CA PRO F 101 38.25 38.35 -15.69
C PRO F 101 37.00 37.46 -15.60
N ILE F 102 35.95 37.83 -16.32
CA ILE F 102 34.71 37.05 -16.38
C ILE F 102 34.46 36.73 -17.85
N ILE F 103 34.23 35.46 -18.14
CA ILE F 103 33.99 35.00 -19.52
C ILE F 103 32.64 34.27 -19.52
N TYR F 104 31.59 34.96 -19.93
CA TYR F 104 30.31 34.31 -20.12
C TYR F 104 30.31 33.54 -21.43
N THR F 105 29.52 32.48 -21.49
CA THR F 105 29.40 31.70 -22.70
C THR F 105 28.04 31.03 -22.74
N THR F 106 27.48 30.92 -23.94
CA THR F 106 26.22 30.21 -24.16
C THR F 106 26.43 28.85 -24.79
N ASN F 107 27.68 28.40 -24.93
CA ASN F 107 27.93 27.06 -25.40
C ASN F 107 27.65 26.05 -24.30
N TYR F 108 27.56 24.79 -24.70
CA TYR F 108 27.39 23.69 -23.77
C TYR F 108 28.66 22.91 -23.53
N ASP F 109 29.63 23.02 -24.43
CA ASP F 109 30.82 22.18 -24.38
C ASP F 109 31.82 22.72 -23.38
N ARG F 110 33.03 22.17 -23.39
CA ARG F 110 34.05 22.45 -22.39
C ARG F 110 35.33 22.99 -23.02
N TRP F 111 35.26 23.45 -24.27
CA TRP F 111 36.48 23.80 -24.98
C TRP F 111 37.08 25.13 -24.56
N ILE F 112 36.28 26.06 -24.05
CA ILE F 112 36.85 27.28 -23.47
C ILE F 112 37.63 26.94 -22.20
N GLU F 113 37.06 26.10 -21.34
CA GLU F 113 37.76 25.68 -20.13
C GLU F 113 38.96 24.81 -20.45
N THR F 114 38.87 23.97 -21.49
CA THR F 114 40.03 23.20 -21.93
C THR F 114 41.13 24.12 -22.47
N ALA F 115 40.75 25.17 -23.19
CA ALA F 115 41.71 26.12 -23.72
C ALA F 115 42.40 26.90 -22.61
N LEU F 116 41.65 27.32 -21.59
CA LEU F 116 42.30 27.99 -20.46
C LEU F 116 43.12 27.01 -19.62
N SER F 117 42.73 25.73 -19.56
CA SER F 117 43.48 24.76 -18.77
C SER F 117 44.82 24.42 -19.43
N ASN F 118 44.82 24.18 -20.73
CA ASN F 118 46.05 23.75 -21.39
C ASN F 118 47.01 24.89 -21.66
N TYR F 119 46.60 26.14 -21.48
CA TYR F 119 47.49 27.28 -21.57
C TYR F 119 47.89 27.82 -20.20
N GLY F 120 47.60 27.08 -19.13
CA GLY F 120 48.11 27.40 -17.82
C GLY F 120 47.30 28.39 -17.01
N LYS F 121 46.19 28.90 -17.52
CA LYS F 121 45.39 29.85 -16.79
C LYS F 121 44.44 29.12 -15.84
N GLU F 122 44.52 29.45 -14.56
CA GLU F 122 43.65 28.83 -13.56
C GLU F 122 42.27 29.49 -13.63
N TYR F 123 41.23 28.67 -13.64
CA TYR F 123 39.87 29.13 -13.89
C TYR F 123 38.93 28.54 -12.87
N ILE F 124 37.65 28.92 -12.97
CA ILE F 124 36.58 28.30 -12.20
C ILE F 124 35.29 28.33 -13.01
N LYS F 125 34.69 27.16 -13.21
CA LYS F 125 33.47 27.03 -14.00
C LYS F 125 32.25 27.21 -13.11
N ILE F 126 31.34 28.10 -13.52
CA ILE F 126 30.11 28.38 -12.79
C ILE F 126 28.95 27.97 -13.68
N SER F 127 28.08 27.11 -13.17
CA SER F 127 26.91 26.67 -13.90
C SER F 127 25.62 26.71 -13.11
N SER F 128 25.65 26.96 -11.80
CA SER F 128 24.45 27.04 -10.99
C SER F 128 24.73 27.93 -9.79
N VAL F 129 23.81 27.93 -8.83
CA VAL F 129 23.95 28.75 -7.64
C VAL F 129 25.04 28.23 -6.72
N SER F 130 25.21 26.91 -6.64
CA SER F 130 26.21 26.32 -5.74
C SER F 130 27.64 26.59 -6.19
N ASP F 131 27.86 26.93 -7.45
CA ASP F 131 29.17 27.31 -7.92
C ASP F 131 29.49 28.78 -7.67
N ILE F 132 28.48 29.60 -7.40
CA ILE F 132 28.74 31.01 -7.07
C ILE F 132 29.37 31.12 -5.69
N ALA F 133 29.03 30.21 -4.77
CA ALA F 133 29.56 30.27 -3.42
C ALA F 133 31.05 29.91 -3.36
N LYS F 134 31.56 29.16 -4.33
CA LYS F 134 32.96 28.76 -4.36
C LYS F 134 33.83 29.70 -5.17
N ILE F 135 33.34 30.92 -5.45
CA ILE F 135 34.00 31.84 -6.36
C ILE F 135 35.30 32.35 -5.74
N ASP F 136 36.21 32.78 -6.62
CA ASP F 136 37.50 33.31 -6.21
C ASP F 136 37.82 34.45 -7.16
N ASN F 137 38.41 35.51 -6.63
CA ASN F 137 38.68 36.72 -7.38
C ASN F 137 40.01 36.69 -8.12
N ASN F 138 40.80 35.64 -7.95
CA ASN F 138 42.08 35.51 -8.63
C ASN F 138 42.03 34.55 -9.81
N LYS F 139 40.85 34.04 -10.17
CA LYS F 139 40.71 33.09 -11.25
C LYS F 139 39.62 33.53 -12.21
N THR F 140 39.77 33.12 -13.47
CA THR F 140 38.78 33.46 -14.49
C THR F 140 37.48 32.68 -14.25
N GLN F 141 36.36 33.36 -14.37
CA GLN F 141 35.05 32.74 -14.11
C GLN F 141 34.38 32.46 -15.45
N ILE F 142 34.56 31.25 -15.96
CA ILE F 142 33.80 30.81 -17.13
C ILE F 142 32.41 30.46 -16.65
N ILE F 143 31.42 31.24 -17.05
CA ILE F 143 30.05 31.09 -16.59
C ILE F 143 29.23 30.54 -17.74
N LYS F 144 28.75 29.31 -17.57
CA LYS F 144 27.89 28.69 -18.57
C LYS F 144 26.50 29.29 -18.47
N PHE F 145 26.17 30.21 -19.39
CA PHE F 145 24.87 30.87 -19.34
C PHE F 145 23.75 29.90 -19.68
N HIS F 146 23.87 29.18 -20.78
CA HIS F 146 22.86 28.20 -21.18
C HIS F 146 23.22 26.79 -20.75
N GLY F 147 23.57 26.61 -19.48
CA GLY F 147 23.88 25.29 -18.95
C GLY F 147 25.15 24.68 -19.52
N ASP F 148 25.40 23.44 -19.12
CA ASP F 148 26.50 22.65 -19.68
C ASP F 148 26.17 21.18 -19.46
N PHE F 149 27.03 20.32 -19.99
CA PHE F 149 26.80 18.88 -19.97
C PHE F 149 26.97 18.25 -18.60
N ASP F 150 27.46 19.00 -17.60
CA ASP F 150 27.53 18.53 -16.22
C ASP F 150 26.24 18.77 -15.45
N ASP F 151 25.12 18.92 -16.15
CA ASP F 151 23.80 19.07 -15.54
C ASP F 151 22.77 18.75 -16.61
N ASP F 152 21.69 18.08 -16.20
CA ASP F 152 20.57 17.82 -17.10
C ASP F 152 19.37 18.71 -16.83
N SER F 153 19.33 19.37 -15.68
CA SER F 153 18.24 20.27 -15.33
C SER F 153 18.54 21.72 -15.66
N SER F 154 19.70 22.00 -16.25
CA SER F 154 20.12 23.36 -16.54
C SER F 154 20.37 23.61 -18.02
N ILE F 155 20.32 22.58 -18.86
CA ILE F 155 20.67 22.73 -20.27
C ILE F 155 19.52 23.40 -20.99
N VAL F 156 19.79 24.53 -21.62
CA VAL F 156 18.77 25.27 -22.40
C VAL F 156 18.88 24.75 -23.83
N LEU F 157 18.16 23.67 -24.10
CA LEU F 157 18.13 23.03 -25.41
C LEU F 157 16.69 22.73 -25.81
N ASP F 158 15.82 23.72 -25.61
CA ASP F 158 14.41 23.61 -25.96
C ASP F 158 13.81 25.01 -25.94
N GLU F 159 12.65 25.17 -26.57
CA GLU F 159 12.04 26.49 -26.67
C GLU F 159 11.42 26.96 -25.37
N THR F 160 10.93 26.04 -24.53
CA THR F 160 10.27 26.44 -23.28
C THR F 160 11.25 27.07 -22.31
N SER F 161 12.39 26.43 -22.06
CA SER F 161 13.37 27.04 -21.17
C SER F 161 14.10 28.20 -21.82
N TYR F 162 14.17 28.23 -23.16
CA TYR F 162 14.71 29.41 -23.84
C TYR F 162 13.83 30.63 -23.60
N PHE F 163 12.52 30.47 -23.68
CA PHE F 163 11.64 31.59 -23.40
C PHE F 163 11.51 31.85 -21.90
N GLN F 164 11.88 30.88 -21.06
CA GLN F 164 12.07 31.16 -19.64
C GLN F 164 13.26 32.08 -19.42
N ARG F 165 14.41 31.74 -20.00
CA ARG F 165 15.62 32.54 -19.83
C ARG F 165 15.57 33.86 -20.57
N LEU F 166 14.62 34.04 -21.49
CA LEU F 166 14.41 35.37 -22.07
C LEU F 166 13.82 36.34 -21.04
N GLU F 167 13.14 35.83 -20.03
CA GLU F 167 12.70 36.64 -18.89
C GLU F 167 13.74 36.43 -17.78
N PHE F 168 14.60 37.43 -17.60
CA PHE F 168 15.84 37.26 -16.84
C PHE F 168 15.54 37.30 -15.34
N GLU F 169 15.07 36.17 -14.82
CA GLU F 169 14.86 35.98 -13.40
C GLU F 169 15.63 34.81 -12.83
N THR F 170 16.36 34.07 -13.67
CA THR F 170 17.20 32.97 -13.23
C THR F 170 18.39 33.53 -12.45
N PRO F 171 18.93 32.77 -11.48
CA PRO F 171 20.12 33.23 -10.76
C PRO F 171 21.34 33.55 -11.62
N LEU F 172 21.58 32.82 -12.70
CA LEU F 172 22.65 33.20 -13.60
C LEU F 172 22.32 34.49 -14.34
N ASP F 173 21.04 34.72 -14.62
CA ASP F 173 20.63 35.97 -15.26
C ASP F 173 20.77 37.15 -14.30
N ILE F 174 20.46 36.95 -13.02
CA ILE F 174 20.67 38.02 -12.02
C ILE F 174 22.15 38.28 -11.83
N LYS F 175 22.97 37.23 -11.85
CA LYS F 175 24.41 37.38 -11.78
C LYS F 175 24.96 38.16 -12.97
N PHE F 176 24.41 37.92 -14.16
CA PHE F 176 24.81 38.71 -15.32
C PHE F 176 24.35 40.16 -15.20
N ARG F 177 23.12 40.37 -14.72
CA ARG F 177 22.58 41.72 -14.60
C ARG F 177 23.29 42.55 -13.55
N SER F 178 23.94 41.91 -12.58
CA SER F 178 24.79 42.66 -11.67
C SER F 178 26.25 42.69 -12.08
N ASP F 179 26.70 41.76 -12.92
CA ASP F 179 28.06 41.80 -13.42
C ASP F 179 28.24 42.88 -14.49
N VAL F 180 27.17 43.19 -15.23
CA VAL F 180 27.26 44.24 -16.26
C VAL F 180 27.24 45.64 -15.70
N LEU F 181 27.04 45.80 -14.40
CA LEU F 181 26.93 47.12 -13.79
C LEU F 181 28.31 47.77 -13.75
N GLY F 182 28.50 48.81 -14.57
CA GLY F 182 29.76 49.51 -14.61
C GLY F 182 30.81 48.86 -15.48
N LYS F 183 30.46 47.82 -16.24
CA LYS F 183 31.41 47.12 -17.10
C LYS F 183 30.81 46.98 -18.49
N SER F 184 31.68 47.07 -19.50
CA SER F 184 31.26 46.82 -20.86
C SER F 184 31.31 45.32 -21.15
N VAL F 185 30.50 44.90 -22.11
CA VAL F 185 30.38 43.49 -22.48
C VAL F 185 30.80 43.36 -23.94
N LEU F 186 31.67 42.39 -24.22
CA LEU F 186 32.09 42.09 -25.58
C LEU F 186 31.45 40.78 -26.01
N PHE F 187 30.70 40.83 -27.10
CA PHE F 187 30.06 39.64 -27.66
C PHE F 187 30.84 39.19 -28.87
N ILE F 188 31.24 37.92 -28.90
CA ILE F 188 31.91 37.34 -30.04
C ILE F 188 31.20 36.05 -30.43
N GLY F 189 31.13 35.78 -31.73
CA GLY F 189 30.56 34.54 -32.21
C GLY F 189 29.06 34.51 -32.30
N TYR F 190 28.40 35.66 -32.41
CA TYR F 190 26.96 35.72 -32.53
C TYR F 190 26.55 36.30 -33.87
N SER F 191 25.53 35.71 -34.48
CA SER F 191 24.81 36.36 -35.56
C SER F 191 23.62 37.11 -34.98
N LEU F 192 22.84 37.74 -35.86
CA LEU F 192 21.62 38.42 -35.43
C LEU F 192 20.36 37.69 -35.88
N SER F 193 20.43 36.38 -36.04
CA SER F 193 19.24 35.57 -36.24
C SER F 193 18.71 34.97 -34.95
N ASP F 194 19.36 35.24 -33.82
CA ASP F 194 18.91 34.75 -32.52
C ASP F 194 18.40 35.90 -31.66
N ILE F 195 17.40 35.61 -30.84
CA ILE F 195 16.57 36.65 -30.23
C ILE F 195 17.13 37.06 -28.88
N ASN F 196 17.93 36.19 -28.26
CA ASN F 196 18.45 36.39 -26.91
C ASN F 196 19.39 37.59 -26.83
N ILE F 197 20.27 37.75 -27.82
CA ILE F 197 21.20 38.86 -27.84
C ILE F 197 20.49 40.19 -28.05
N ARG F 198 19.56 40.24 -29.01
CA ARG F 198 18.84 41.48 -29.25
C ARG F 198 17.79 41.78 -28.19
N LEU F 199 17.48 40.83 -27.31
CA LEU F 199 16.64 41.16 -26.16
C LEU F 199 17.49 41.54 -24.94
N LEU F 200 18.71 40.98 -24.83
CA LEU F 200 19.65 41.44 -23.82
C LEU F 200 20.04 42.89 -24.06
N PHE F 201 20.22 43.26 -25.32
CA PHE F 201 20.56 44.64 -25.68
C PHE F 201 19.44 45.59 -25.30
N TYR F 202 18.20 45.17 -25.56
CA TYR F 202 17.03 45.96 -25.23
C TYR F 202 16.85 46.09 -23.72
N LYS F 203 17.17 45.03 -22.98
CA LYS F 203 17.09 45.07 -21.52
C LYS F 203 18.14 46.00 -20.92
N LEU F 204 19.37 45.95 -21.44
CA LEU F 204 20.42 46.85 -20.95
C LEU F 204 20.14 48.29 -21.36
N SER F 205 19.58 48.52 -22.54
CA SER F 205 19.19 49.86 -22.96
C SER F 205 18.06 50.41 -22.10
N LYS F 206 17.09 49.56 -21.73
CA LYS F 206 16.03 49.99 -20.81
C LYS F 206 16.59 50.28 -19.42
N LEU F 207 17.56 49.48 -18.96
CA LEU F 207 18.22 49.75 -17.68
C LEU F 207 18.97 51.07 -17.71
N TRP F 208 19.54 51.43 -18.86
CA TRP F 208 20.09 52.76 -19.03
C TRP F 208 19.01 53.83 -18.98
N LYS F 209 17.91 53.62 -19.72
CA LYS F 209 16.96 54.71 -19.95
C LYS F 209 16.04 54.99 -18.77
N GLU F 210 15.74 54.02 -17.90
CA GLU F 210 14.93 54.34 -16.73
C GLU F 210 15.76 54.84 -15.55
N GLN F 211 16.90 54.23 -15.27
CA GLN F 211 17.73 54.65 -14.15
C GLN F 211 18.48 55.94 -14.44
N LYS F 212 18.66 56.29 -15.71
CA LYS F 212 19.30 57.50 -16.21
C LYS F 212 20.73 57.53 -15.65
N LEU F 213 21.41 56.40 -15.78
CA LEU F 213 22.85 56.37 -15.50
C LEU F 213 23.58 56.82 -16.76
N GLU F 214 24.34 57.91 -16.66
CA GLU F 214 24.80 58.58 -17.87
C GLU F 214 26.03 57.92 -18.49
N GLU F 215 27.15 57.87 -17.77
CA GLU F 215 28.34 57.18 -18.24
C GLU F 215 28.89 56.22 -17.20
N ALA F 216 28.11 55.92 -16.17
CA ALA F 216 28.51 55.00 -15.11
C ALA F 216 28.68 53.59 -15.68
N GLN F 217 27.77 53.18 -16.56
CA GLN F 217 27.91 51.93 -17.28
C GLN F 217 28.33 52.25 -18.72
N PRO F 218 29.53 51.86 -19.15
CA PRO F 218 29.93 52.11 -20.53
C PRO F 218 29.16 51.25 -21.51
N LYS F 219 29.19 51.66 -22.78
CA LYS F 219 28.49 50.92 -23.82
C LYS F 219 29.16 49.58 -24.07
N SER F 220 28.35 48.53 -24.18
CA SER F 220 28.82 47.20 -24.48
C SER F 220 28.94 47.00 -25.99
N TYR F 221 29.73 46.01 -26.39
CA TYR F 221 30.20 45.90 -27.76
C TYR F 221 29.94 44.52 -28.33
N ILE F 222 29.89 44.44 -29.67
CA ILE F 222 29.69 43.20 -30.40
C ILE F 222 30.65 43.23 -31.59
N PHE F 223 30.98 42.05 -32.11
CA PHE F 223 31.74 41.92 -33.34
C PHE F 223 30.93 41.04 -34.28
N LEU F 224 30.79 41.49 -35.53
CA LEU F 224 30.37 40.64 -36.63
C LEU F 224 31.42 40.69 -37.74
N PRO F 225 31.70 39.57 -38.40
CA PRO F 225 32.70 39.59 -39.48
C PRO F 225 32.22 40.29 -40.74
N ARG F 226 30.90 40.35 -40.99
CA ARG F 226 30.39 41.02 -42.18
C ARG F 226 29.82 42.37 -41.82
N PRO F 227 30.25 43.44 -42.47
CA PRO F 227 29.68 44.76 -42.24
C PRO F 227 28.18 44.82 -42.46
N ASN F 228 27.51 45.58 -41.60
CA ASN F 228 26.07 45.83 -41.71
C ASN F 228 25.80 47.23 -41.20
N PRO F 229 25.53 48.19 -42.09
CA PRO F 229 25.27 49.56 -41.61
C PRO F 229 23.95 49.70 -40.87
N ILE F 230 22.90 49.01 -41.31
CA ILE F 230 21.62 49.20 -40.64
C ILE F 230 21.60 48.49 -39.29
N GLN F 231 22.34 47.39 -39.16
CA GLN F 231 22.47 46.77 -37.85
C GLN F 231 23.36 47.61 -36.96
N GLU F 232 24.33 48.32 -37.54
CA GLU F 232 25.12 49.26 -36.75
C GLU F 232 24.25 50.39 -36.21
N GLU F 233 23.30 50.88 -37.03
CA GLU F 233 22.39 51.93 -36.56
C GLU F 233 21.44 51.42 -35.48
N ILE F 234 20.90 50.20 -35.65
CA ILE F 234 19.97 49.66 -34.67
C ILE F 234 20.67 49.37 -33.34
N LEU F 235 21.85 48.75 -33.40
CA LEU F 235 22.58 48.48 -32.17
C LEU F 235 23.13 49.74 -31.53
N GLU F 236 23.48 50.76 -32.32
CA GLU F 236 23.84 52.05 -31.74
C GLU F 236 22.66 52.73 -31.06
N GLN F 237 21.44 52.48 -31.57
CA GLN F 237 20.25 52.88 -30.82
C GLN F 237 20.09 52.08 -29.53
N TRP F 238 20.52 50.82 -29.51
CA TRP F 238 20.52 50.03 -28.27
C TRP F 238 21.82 50.17 -27.47
N ARG F 239 22.54 51.29 -27.67
CA ARG F 239 23.80 51.61 -26.97
C ARG F 239 24.86 50.53 -27.16
N ILE F 240 24.98 50.01 -28.37
CA ILE F 240 25.93 48.94 -28.68
C ILE F 240 26.80 49.39 -29.84
N GLY F 241 28.10 49.45 -29.61
CA GLY F 241 29.03 49.69 -30.70
C GLY F 241 29.30 48.42 -31.48
N MET F 242 29.65 48.60 -32.75
CA MET F 242 29.90 47.49 -33.66
C MET F 242 31.34 47.53 -34.12
N ILE F 243 32.02 46.38 -34.04
CA ILE F 243 33.40 46.25 -34.48
C ILE F 243 33.42 45.27 -35.65
N SER F 244 33.98 45.70 -36.76
CA SER F 244 33.96 44.94 -38.00
C SER F 244 35.38 44.70 -38.50
N SER F 245 35.48 44.05 -39.65
CA SER F 245 36.74 43.83 -40.34
C SER F 245 36.46 43.69 -41.82
N GLU F 246 37.51 43.89 -42.62
CA GLU F 246 37.40 43.82 -44.07
C GLU F 246 37.71 42.43 -44.63
N ASN F 247 38.09 41.48 -43.78
CA ASN F 247 38.37 40.12 -44.25
C ASN F 247 37.07 39.40 -44.56
N ASP F 248 36.98 38.85 -45.77
CA ASP F 248 35.78 38.12 -46.16
C ASP F 248 35.73 36.72 -45.56
N ASN F 249 36.84 36.22 -45.04
CA ASN F 249 36.85 34.93 -44.36
C ASN F 249 36.60 35.17 -42.87
N PRO F 250 35.48 34.69 -42.32
CA PRO F 250 35.18 34.97 -40.90
C PRO F 250 36.04 34.20 -39.91
N GLY F 251 36.81 33.21 -40.36
CA GLY F 251 37.69 32.50 -39.44
C GLY F 251 38.87 33.33 -38.98
N GLU F 252 39.53 34.03 -39.92
CA GLU F 252 40.68 34.85 -39.57
C GLU F 252 40.29 36.19 -38.98
N SER F 253 39.05 36.63 -39.18
CA SER F 253 38.61 37.94 -38.70
C SER F 253 38.57 37.99 -37.18
N LEU F 254 37.98 36.97 -36.55
CA LEU F 254 37.93 36.91 -35.10
C LEU F 254 39.30 36.72 -34.49
N GLU F 255 40.16 35.93 -35.15
CA GLU F 255 41.53 35.73 -34.66
C GLU F 255 42.31 37.04 -34.68
N GLU F 256 42.19 37.82 -35.76
CA GLU F 256 42.82 39.13 -35.79
C GLU F 256 42.13 40.13 -34.87
N PHE F 257 40.89 39.87 -34.47
CA PHE F 257 40.24 40.74 -33.49
C PHE F 257 40.79 40.52 -32.08
N LEU F 258 40.83 39.27 -31.61
CA LEU F 258 41.42 39.03 -30.30
C LEU F 258 42.95 39.07 -30.29
N LYS F 259 43.59 39.21 -31.46
CA LYS F 259 45.02 39.54 -31.49
C LYS F 259 45.32 40.87 -30.81
N ASN F 260 44.39 41.82 -30.85
CA ASN F 260 44.57 43.07 -30.12
C ASN F 260 44.51 42.86 -28.61
N PHE F 261 43.63 41.98 -28.14
CA PHE F 261 43.48 41.73 -26.72
C PHE F 261 44.51 40.77 -26.15
N VAL F 262 45.23 40.02 -27.01
CA VAL F 262 46.11 38.97 -26.53
C VAL F 262 47.38 39.51 -25.87
N LEU F 263 47.71 40.78 -26.06
CA LEU F 263 48.99 41.29 -25.57
C LEU F 263 48.99 41.58 -24.07
N VAL F 264 47.82 41.66 -23.45
CA VAL F 264 47.74 41.92 -22.01
C VAL F 264 47.27 40.68 -21.27
N MET G 1 23.89 31.98 16.60
CA MET G 1 23.76 30.88 17.54
C MET G 1 23.20 29.65 16.85
N GLU G 2 23.56 29.46 15.59
CA GLU G 2 22.98 28.43 14.72
C GLU G 2 24.08 27.93 13.80
N GLN G 3 23.70 27.37 12.65
CA GLN G 3 24.60 27.14 11.52
C GLN G 3 25.04 28.43 10.83
N LEU G 4 24.56 29.59 11.31
CA LEU G 4 25.05 30.89 10.83
C LEU G 4 26.54 31.05 11.11
N LEU G 5 27.03 30.52 12.24
CA LEU G 5 28.47 30.54 12.49
C LEU G 5 29.22 29.61 11.56
N ALA G 6 28.62 28.48 11.18
CA ALA G 6 29.26 27.57 10.23
C ALA G 6 29.31 28.18 8.84
N ASP G 7 28.32 28.96 8.47
CA ASP G 7 28.37 29.72 7.22
C ASP G 7 29.32 30.90 7.30
N TYR G 8 29.45 31.52 8.47
CA TYR G 8 30.45 32.56 8.69
C TYR G 8 31.86 32.03 8.53
N LYS G 9 32.12 30.82 9.04
CA LYS G 9 33.46 30.24 8.98
C LYS G 9 33.89 29.91 7.56
N LYS G 10 32.96 29.79 6.63
CA LYS G 10 33.26 29.65 5.21
C LYS G 10 33.28 30.99 4.48
N GLY G 11 33.02 32.08 5.18
CA GLY G 11 32.95 33.40 4.55
C GLY G 11 31.77 33.57 3.62
N ASN G 12 30.58 33.18 4.09
CA ASN G 12 29.36 33.21 3.29
C ASN G 12 28.24 33.91 4.04
N VAL G 13 28.53 35.05 4.65
CA VAL G 13 27.54 35.79 5.42
C VAL G 13 27.60 37.25 5.01
N ILE G 14 26.43 37.82 4.67
CA ILE G 14 26.30 39.20 4.26
C ILE G 14 25.56 39.95 5.37
N LEU G 15 26.16 41.01 5.87
CA LEU G 15 25.54 41.81 6.91
C LEU G 15 24.59 42.83 6.30
N PHE G 16 23.48 43.09 7.00
CA PHE G 16 22.43 43.99 6.52
C PHE G 16 22.00 44.92 7.66
N VAL G 17 22.98 45.64 8.22
CA VAL G 17 22.83 46.61 9.30
C VAL G 17 21.69 47.60 9.07
N GLY G 18 20.75 47.65 10.01
CA GLY G 18 19.59 48.52 9.92
C GLY G 18 19.76 49.82 10.65
N ALA G 19 18.64 50.42 11.04
CA ALA G 19 18.65 51.70 11.73
C ALA G 19 18.64 51.56 13.24
N GLY G 20 18.33 50.39 13.76
CA GLY G 20 18.28 50.16 15.20
C GLY G 20 19.60 49.73 15.81
N VAL G 21 20.70 49.77 15.04
CA VAL G 21 21.99 49.37 15.56
C VAL G 21 22.64 50.47 16.39
N SER G 22 22.13 51.70 16.30
CA SER G 22 22.80 52.87 16.83
C SER G 22 21.89 53.62 17.79
N MET G 23 21.26 52.88 18.69
CA MET G 23 20.45 53.50 19.73
C MET G 23 21.30 54.15 20.81
N ASN G 24 22.49 53.61 21.05
CA ASN G 24 23.37 54.10 22.09
C ASN G 24 24.28 55.24 21.64
N LEU G 25 24.28 55.56 20.35
CA LEU G 25 25.19 56.59 19.85
C LEU G 25 24.73 57.99 20.24
N GLY G 26 23.44 58.26 20.14
CA GLY G 26 22.89 59.57 20.45
C GLY G 26 22.55 60.41 19.24
N LEU G 27 22.25 59.81 18.10
CA LEU G 27 21.83 60.55 16.93
C LEU G 27 20.41 61.07 17.11
N PRO G 28 20.03 62.09 16.34
CA PRO G 28 18.62 62.50 16.33
C PRO G 28 17.72 61.40 15.80
N SER G 29 16.48 61.39 16.29
CA SER G 29 15.51 60.40 15.85
C SER G 29 14.84 60.87 14.56
N TRP G 30 13.85 60.08 14.13
CA TRP G 30 12.97 60.52 13.05
C TRP G 30 12.13 61.72 13.49
N SER G 31 11.69 61.73 14.75
CA SER G 31 10.74 62.72 15.23
C SER G 31 11.34 64.12 15.27
N GLN G 32 12.61 64.24 15.62
CA GLN G 32 13.27 65.54 15.58
C GLN G 32 13.40 66.04 14.14
N LEU G 33 13.56 65.13 13.18
CA LEU G 33 13.57 65.51 11.78
C LEU G 33 12.21 66.03 11.34
N VAL G 34 11.12 65.39 11.78
CA VAL G 34 9.78 65.91 11.46
C VAL G 34 9.53 67.26 12.12
N ASP G 35 10.02 67.46 13.36
CA ASP G 35 9.92 68.78 13.98
C ASP G 35 10.71 69.83 13.21
N HIS G 36 11.88 69.47 12.69
CA HIS G 36 12.66 70.41 11.90
C HIS G 36 11.98 70.74 10.56
N ILE G 37 11.33 69.74 9.95
CA ILE G 37 10.51 69.96 8.76
C ILE G 37 9.37 70.91 9.06
N ALA G 38 8.74 70.75 10.24
CA ALA G 38 7.67 71.65 10.65
C ALA G 38 8.18 73.07 10.90
N THR G 39 9.40 73.22 11.41
CA THR G 39 9.96 74.57 11.56
C THR G 39 10.21 75.23 10.21
N GLU G 40 10.77 74.51 9.23
CA GLU G 40 10.99 75.18 7.95
C GLU G 40 9.79 75.14 7.02
N LEU G 41 8.67 74.54 7.43
CA LEU G 41 7.46 74.55 6.62
C LEU G 41 6.35 75.40 7.21
N GLY G 42 6.58 76.07 8.33
CA GLY G 42 5.59 76.95 8.91
C GLY G 42 4.51 76.28 9.71
N TYR G 43 4.60 74.98 9.94
CA TYR G 43 3.59 74.26 10.70
C TYR G 43 4.00 74.13 12.16
N ASP G 44 3.00 74.07 13.03
CA ASP G 44 3.24 73.67 14.41
C ASP G 44 3.59 72.19 14.42
N PRO G 45 4.70 71.78 15.05
CA PRO G 45 5.09 70.36 15.06
C PRO G 45 4.07 69.42 15.71
N ASP G 46 3.31 69.89 16.70
CA ASP G 46 2.27 69.06 17.28
C ASP G 46 1.14 68.82 16.29
N ILE G 47 0.81 69.82 15.49
CA ILE G 47 -0.13 69.64 14.39
C ILE G 47 0.50 68.76 13.31
N TYR G 48 1.78 69.00 13.02
CA TYR G 48 2.41 68.37 11.86
C TYR G 48 2.69 66.88 12.06
N ARG G 49 3.01 66.46 13.29
CA ARG G 49 3.30 65.04 13.50
C ARG G 49 2.06 64.17 13.37
N THR G 50 0.88 64.72 13.68
CA THR G 50 -0.36 63.98 13.60
C THR G 50 -1.04 64.11 12.24
N PHE G 51 -0.29 64.45 11.20
CA PHE G 51 -0.86 64.69 9.88
C PHE G 51 -0.29 63.75 8.82
N GLY G 52 0.35 62.67 9.23
CA GLY G 52 0.93 61.74 8.28
C GLY G 52 1.88 60.80 8.99
N SER G 53 2.53 59.97 8.18
CA SER G 53 3.50 59.02 8.70
C SER G 53 4.86 59.69 8.86
N ALA G 54 5.90 58.86 9.07
CA ALA G 54 7.24 59.41 9.22
C ALA G 54 7.89 59.71 7.88
N LEU G 55 7.35 59.18 6.78
CA LEU G 55 7.97 59.34 5.47
C LEU G 55 7.14 60.18 4.50
N GLU G 56 5.83 60.33 4.74
CA GLU G 56 5.03 61.27 3.97
C GLU G 56 5.49 62.71 4.22
N LEU G 57 5.86 63.00 5.45
CA LEU G 57 6.34 64.32 5.83
C LEU G 57 7.80 64.52 5.48
N ALA G 58 8.49 63.46 5.04
CA ALA G 58 9.77 63.60 4.35
C ALA G 58 9.59 63.61 2.84
N GLU G 59 8.42 63.21 2.33
CA GLU G 59 8.08 63.50 0.94
C GLU G 59 7.73 64.97 0.77
N TYR G 60 7.11 65.60 1.77
CA TYR G 60 7.31 67.04 1.92
C TYR G 60 8.76 67.40 2.24
N TYR G 61 9.12 68.62 1.82
CA TYR G 61 10.43 69.26 1.69
C TYR G 61 11.11 68.74 0.42
N LYS G 62 10.47 67.80 -0.28
CA LYS G 62 10.68 67.61 -1.70
C LYS G 62 9.52 68.21 -2.48
N LEU G 63 8.30 67.86 -2.08
CA LEU G 63 7.13 68.58 -2.56
C LEU G 63 7.11 69.99 -1.97
N LYS G 64 6.73 70.96 -2.82
CA LYS G 64 6.72 72.42 -2.61
C LYS G 64 8.02 72.98 -2.00
N LYS G 65 9.14 72.27 -2.13
CA LYS G 65 10.45 72.85 -1.89
C LYS G 65 11.31 72.64 -3.14
N GLY G 66 11.28 71.43 -3.67
CA GLY G 66 11.90 71.10 -4.94
C GLY G 66 13.16 70.26 -4.85
N LYS G 67 13.78 70.18 -3.68
CA LYS G 67 15.05 69.46 -3.58
C LYS G 67 15.24 68.89 -2.19
N ILE G 68 15.87 67.71 -2.13
CA ILE G 68 16.25 67.12 -0.86
C ILE G 68 17.35 67.93 -0.20
N GLY G 69 18.26 68.50 -1.01
CA GLY G 69 19.51 69.12 -0.60
C GLY G 69 19.60 69.99 0.65
N PRO G 70 18.68 70.94 0.84
CA PRO G 70 18.67 71.68 2.12
C PRO G 70 18.39 70.81 3.34
N LEU G 71 17.61 69.74 3.18
CA LEU G 71 17.39 68.81 4.29
C LEU G 71 18.60 67.91 4.50
N ARG G 72 19.23 67.50 3.40
CA ARG G 72 20.43 66.67 3.48
C ARG G 72 21.57 67.42 4.15
N SER G 73 21.67 68.73 3.89
CA SER G 73 22.69 69.55 4.53
C SER G 73 22.50 69.63 6.04
N TRP G 74 21.26 69.70 6.51
CA TRP G 74 21.01 69.72 7.95
C TRP G 74 21.25 68.35 8.58
N MET G 75 20.84 67.27 7.90
CA MET G 75 21.00 65.94 8.46
C MET G 75 22.46 65.51 8.49
N ASP G 76 23.25 65.96 7.50
CA ASP G 76 24.68 65.66 7.45
C ASP G 76 25.46 66.31 8.58
N ARG G 77 25.00 67.44 9.09
CA ARG G 77 25.62 68.02 10.27
C ARG G 77 25.08 67.40 11.55
N MET G 78 23.75 67.27 11.66
CA MET G 78 23.17 67.00 12.96
C MET G 78 23.24 65.53 13.32
N TRP G 79 23.33 64.65 12.32
CA TRP G 79 23.59 63.23 12.56
C TRP G 79 25.08 62.91 12.71
N HIS G 80 25.96 63.88 12.44
CA HIS G 80 27.40 63.69 12.48
C HIS G 80 28.05 64.72 13.38
N SER G 81 27.43 64.98 14.53
CA SER G 81 27.91 66.03 15.41
C SER G 81 29.14 65.54 16.19
N SER G 82 29.75 66.47 16.91
CA SER G 82 31.02 66.20 17.57
C SER G 82 30.89 65.42 18.88
N ASP G 83 29.69 65.34 19.45
CA ASP G 83 29.49 64.67 20.73
C ASP G 83 29.06 63.22 20.58
N ILE G 84 29.42 62.57 19.47
CA ILE G 84 29.19 61.15 19.27
C ILE G 84 30.54 60.48 19.05
N ASP G 85 30.86 59.49 19.87
CA ASP G 85 32.14 58.79 19.84
C ASP G 85 31.91 57.33 19.48
N ILE G 86 32.59 56.86 18.44
CA ILE G 86 32.44 55.49 17.99
C ILE G 86 33.05 54.51 18.99
N ASN G 87 34.23 54.87 19.53
CA ASN G 87 34.99 53.97 20.40
C ASN G 87 34.28 53.71 21.74
N LYS G 88 33.36 54.58 22.14
CA LYS G 88 32.57 54.35 23.34
C LYS G 88 31.42 53.37 23.11
N SER G 89 31.10 53.05 21.86
CA SER G 89 30.03 52.13 21.52
C SER G 89 30.62 50.81 21.09
N LYS G 90 30.26 49.74 21.79
CA LYS G 90 30.88 48.44 21.54
C LYS G 90 30.33 47.75 20.30
N VAL G 91 29.06 48.01 19.94
CA VAL G 91 28.45 47.29 18.83
C VAL G 91 29.05 47.73 17.49
N HIS G 92 29.30 49.04 17.34
CA HIS G 92 29.94 49.54 16.13
C HIS G 92 31.41 49.13 16.06
N GLU G 93 32.04 48.91 17.21
CA GLU G 93 33.36 48.28 17.23
C GLU G 93 33.27 46.82 16.78
N TYR G 94 32.26 46.11 17.27
CA TYR G 94 32.12 44.68 17.02
C TYR G 94 31.78 44.37 15.57
N ILE G 95 31.10 45.30 14.89
CA ILE G 95 30.95 45.20 13.45
C ILE G 95 32.31 45.35 12.76
N ALA G 96 33.15 46.26 13.26
CA ALA G 96 34.41 46.54 12.60
C ALA G 96 35.45 45.44 12.82
N LYS G 97 35.47 44.81 13.99
CA LYS G 97 36.47 43.81 14.29
C LYS G 97 36.13 42.44 13.72
N ALA G 98 34.94 42.27 13.16
CA ALA G 98 34.51 41.00 12.62
C ALA G 98 35.01 40.85 11.19
N ASN G 99 34.63 39.76 10.53
CA ASN G 99 35.16 39.46 9.20
C ASN G 99 34.04 39.39 8.16
N PHE G 100 33.11 40.34 8.21
CA PHE G 100 32.06 40.41 7.21
C PHE G 100 32.66 40.98 5.92
N PRO G 101 32.59 40.26 4.80
CA PRO G 101 33.17 40.79 3.57
C PRO G 101 32.30 41.86 2.92
N ILE G 102 30.98 41.74 3.08
CA ILE G 102 30.02 42.66 2.49
C ILE G 102 29.07 43.11 3.60
N ILE G 103 28.94 44.42 3.78
CA ILE G 103 28.09 45.00 4.83
C ILE G 103 27.08 45.91 4.14
N TYR G 104 25.88 45.39 3.87
CA TYR G 104 24.80 46.26 3.42
C TYR G 104 24.28 47.08 4.59
N THR G 105 23.82 48.28 4.29
CA THR G 105 23.23 49.13 5.31
C THR G 105 22.18 50.05 4.72
N THR G 106 21.09 50.24 5.46
CA THR G 106 20.04 51.17 5.08
C THR G 106 20.17 52.50 5.77
N ASN G 107 21.24 52.70 6.53
CA ASN G 107 21.51 53.99 7.15
C ASN G 107 22.00 54.98 6.11
N TYR G 108 21.78 56.26 6.38
CA TYR G 108 22.38 57.32 5.57
C TYR G 108 23.68 57.82 6.18
N ASP G 109 23.85 57.65 7.48
CA ASP G 109 25.03 58.14 8.17
C ASP G 109 26.25 57.30 7.82
N ARG G 110 27.42 57.83 8.15
CA ARG G 110 28.70 57.22 7.80
C ARG G 110 29.44 56.69 9.02
N TRP G 111 28.72 56.25 10.05
CA TRP G 111 29.39 55.78 11.24
C TRP G 111 29.94 54.36 11.10
N ILE G 112 29.43 53.59 10.15
CA ILE G 112 30.01 52.27 9.90
C ILE G 112 31.39 52.40 9.24
N GLU G 113 31.51 53.32 8.28
CA GLU G 113 32.79 53.58 7.63
C GLU G 113 33.79 54.17 8.60
N THR G 114 33.32 55.08 9.46
CA THR G 114 34.18 55.63 10.52
C THR G 114 34.57 54.55 11.52
N ALA G 115 33.66 53.61 11.78
CA ALA G 115 33.96 52.52 12.69
C ALA G 115 35.01 51.58 12.12
N LEU G 116 34.95 51.29 10.82
CA LEU G 116 35.99 50.44 10.23
C LEU G 116 37.30 51.20 10.09
N SER G 117 37.24 52.53 9.89
CA SER G 117 38.45 53.32 9.81
C SER G 117 39.14 53.48 11.16
N ASN G 118 38.38 53.42 12.25
CA ASN G 118 38.96 53.54 13.58
C ASN G 118 39.60 52.26 14.07
N TYR G 119 39.49 51.15 13.34
CA TYR G 119 40.07 49.88 13.76
C TYR G 119 40.92 49.24 12.66
N GLY G 120 41.37 50.03 11.69
CA GLY G 120 42.34 49.58 10.72
C GLY G 120 41.78 48.95 9.47
N LYS G 121 40.48 48.69 9.41
CA LYS G 121 39.89 48.13 8.21
C LYS G 121 39.77 49.18 7.12
N GLU G 122 39.69 48.73 5.88
CA GLU G 122 39.59 49.60 4.72
C GLU G 122 38.31 49.28 3.95
N TYR G 123 37.69 50.32 3.40
CA TYR G 123 36.34 50.22 2.87
C TYR G 123 36.26 50.77 1.46
N ILE G 124 35.33 50.20 0.69
CA ILE G 124 35.07 50.52 -0.72
C ILE G 124 33.61 50.94 -0.82
N LYS G 125 33.19 51.84 0.08
CA LYS G 125 31.82 52.35 0.23
C LYS G 125 31.13 52.65 -1.09
N ILE G 126 30.00 51.97 -1.32
CA ILE G 126 29.29 52.00 -2.59
C ILE G 126 27.94 52.68 -2.36
N SER G 127 27.67 53.72 -3.15
CA SER G 127 26.37 54.37 -3.10
C SER G 127 25.73 54.55 -4.46
N SER G 128 26.41 54.19 -5.55
CA SER G 128 25.87 54.37 -6.89
C SER G 128 26.51 53.31 -7.79
N VAL G 129 26.39 53.50 -9.10
CA VAL G 129 26.87 52.49 -10.05
C VAL G 129 28.36 52.66 -10.30
N SER G 130 28.85 53.91 -10.32
CA SER G 130 30.25 54.19 -10.57
C SER G 130 31.17 53.72 -9.44
N ASP G 131 30.63 53.39 -8.28
CA ASP G 131 31.41 52.78 -7.21
C ASP G 131 31.51 51.27 -7.33
N ILE G 132 30.66 50.64 -8.14
CA ILE G 132 30.72 49.19 -8.34
C ILE G 132 31.96 48.84 -9.15
N ALA G 133 32.40 49.73 -10.03
CA ALA G 133 33.62 49.51 -10.80
C ALA G 133 34.89 49.64 -9.98
N LYS G 134 34.81 50.08 -8.73
CA LYS G 134 35.99 50.36 -7.91
C LYS G 134 36.28 49.30 -6.86
N ILE G 135 35.60 48.14 -6.90
CA ILE G 135 35.78 47.14 -5.85
C ILE G 135 37.14 46.47 -5.99
N ASP G 136 37.89 46.45 -4.89
CA ASP G 136 39.26 45.94 -4.85
C ASP G 136 39.34 44.53 -4.27
N ASN G 137 38.25 43.76 -4.37
CA ASN G 137 38.18 42.33 -4.04
C ASN G 137 38.46 42.04 -2.56
N ASN G 138 39.71 42.22 -2.13
CA ASN G 138 40.08 41.89 -0.75
C ASN G 138 39.93 43.09 0.20
N LYS G 139 38.77 43.75 0.13
CA LYS G 139 38.44 44.88 0.99
C LYS G 139 36.94 44.84 1.26
N THR G 140 36.54 45.42 2.38
CA THR G 140 35.14 45.38 2.80
C THR G 140 34.30 46.33 1.97
N GLN G 141 33.17 45.84 1.47
CA GLN G 141 32.28 46.61 0.61
C GLN G 141 31.06 47.02 1.43
N ILE G 142 31.06 48.24 1.94
CA ILE G 142 29.86 48.78 2.57
C ILE G 142 28.98 49.32 1.44
N ILE G 143 27.82 48.73 1.26
CA ILE G 143 26.88 49.19 0.25
C ILE G 143 25.73 49.87 0.96
N LYS G 144 25.63 51.18 0.80
CA LYS G 144 24.54 51.94 1.38
C LYS G 144 23.30 51.71 0.55
N PHE G 145 22.37 50.92 1.10
CA PHE G 145 21.19 50.48 0.35
C PHE G 145 20.26 51.64 0.05
N HIS G 146 20.08 52.55 1.01
CA HIS G 146 19.16 53.66 0.86
C HIS G 146 19.88 54.98 0.68
N GLY G 147 21.08 54.94 0.12
CA GLY G 147 21.82 56.15 -0.20
C GLY G 147 22.44 56.79 1.03
N ASP G 148 23.11 57.90 0.78
CA ASP G 148 23.72 58.67 1.85
C ASP G 148 23.72 60.15 1.45
N PHE G 149 24.54 60.93 2.13
CA PHE G 149 24.59 62.37 1.92
C PHE G 149 25.56 62.79 0.83
N ASP G 150 26.23 61.82 0.18
CA ASP G 150 27.12 62.17 -0.91
C ASP G 150 26.35 62.49 -2.19
N ASP G 151 25.25 61.79 -2.44
CA ASP G 151 24.43 62.01 -3.62
C ASP G 151 23.00 62.27 -3.18
N ASP G 152 22.46 63.43 -3.56
CA ASP G 152 21.10 63.79 -3.18
C ASP G 152 20.06 62.99 -3.96
N SER G 153 20.34 62.65 -5.21
CA SER G 153 19.39 61.89 -6.00
C SER G 153 19.35 60.42 -5.60
N SER G 154 20.45 59.91 -5.04
CA SER G 154 20.53 58.51 -4.66
C SER G 154 19.96 58.23 -3.28
N ILE G 155 19.61 59.25 -2.52
CA ILE G 155 19.05 59.05 -1.18
C ILE G 155 17.61 58.56 -1.32
N VAL G 156 17.14 57.85 -0.30
CA VAL G 156 15.75 57.39 -0.25
C VAL G 156 15.15 58.04 0.98
N LEU G 157 14.22 58.97 0.75
CA LEU G 157 13.52 59.65 1.83
C LEU G 157 12.04 59.82 1.57
N ASP G 158 11.57 59.60 0.34
CA ASP G 158 10.19 59.83 -0.02
C ASP G 158 9.33 58.64 0.37
N GLU G 159 8.02 58.78 0.13
CA GLU G 159 7.19 57.60 -0.04
C GLU G 159 7.31 57.06 -1.46
N THR G 160 7.49 57.95 -2.43
CA THR G 160 7.64 57.55 -3.83
C THR G 160 8.93 56.78 -4.06
N SER G 161 10.04 57.26 -3.49
CA SER G 161 11.31 56.56 -3.64
C SER G 161 11.31 55.22 -2.90
N TYR G 162 10.65 55.18 -1.73
CA TYR G 162 10.53 53.92 -1.00
C TYR G 162 9.69 52.91 -1.77
N PHE G 163 8.61 53.37 -2.41
CA PHE G 163 7.80 52.46 -3.21
C PHE G 163 8.48 52.06 -4.51
N GLN G 164 9.37 52.92 -5.03
CA GLN G 164 10.21 52.50 -6.15
C GLN G 164 11.18 51.41 -5.73
N ARG G 165 11.80 51.56 -4.57
CA ARG G 165 12.77 50.59 -4.10
C ARG G 165 12.13 49.31 -3.59
N LEU G 166 10.81 49.34 -3.33
CA LEU G 166 10.09 48.10 -3.01
C LEU G 166 10.10 47.13 -4.19
N GLU G 167 9.95 47.64 -5.41
CA GLU G 167 10.15 46.82 -6.60
C GLU G 167 11.63 46.82 -6.91
N PHE G 168 12.30 45.70 -6.61
CA PHE G 168 13.76 45.64 -6.62
C PHE G 168 14.26 45.57 -8.05
N GLU G 169 14.51 46.74 -8.64
CA GLU G 169 14.96 46.86 -10.02
C GLU G 169 16.19 47.75 -10.14
N THR G 170 16.42 48.67 -9.20
CA THR G 170 17.56 49.58 -9.24
C THR G 170 18.87 48.80 -9.08
N PRO G 171 19.98 49.34 -9.60
CA PRO G 171 21.25 48.58 -9.62
C PRO G 171 21.76 48.10 -8.26
N LEU G 172 21.48 48.83 -7.17
CA LEU G 172 21.86 48.31 -5.86
C LEU G 172 21.00 47.11 -5.47
N ASP G 173 19.73 47.10 -5.89
CA ASP G 173 18.88 45.94 -5.65
C ASP G 173 19.34 44.74 -6.48
N ILE G 174 19.79 44.98 -7.71
CA ILE G 174 20.33 43.89 -8.54
C ILE G 174 21.62 43.36 -7.94
N LYS G 175 22.46 44.26 -7.40
CA LYS G 175 23.69 43.84 -6.73
C LYS G 175 23.38 43.02 -5.48
N PHE G 176 22.34 43.38 -4.73
CA PHE G 176 21.95 42.57 -3.58
C PHE G 176 21.39 41.23 -4.01
N ARG G 177 20.56 41.21 -5.06
CA ARG G 177 19.94 39.97 -5.51
C ARG G 177 20.94 39.02 -6.15
N SER G 178 22.09 39.51 -6.58
CA SER G 178 23.16 38.61 -7.01
C SER G 178 24.17 38.30 -5.92
N ASP G 179 24.33 39.17 -4.92
CA ASP G 179 25.20 38.86 -3.80
C ASP G 179 24.58 37.80 -2.90
N VAL G 180 23.25 37.76 -2.83
CA VAL G 180 22.56 36.81 -1.98
C VAL G 180 22.65 35.37 -2.49
N LEU G 181 23.02 35.16 -3.75
CA LEU G 181 23.03 33.83 -4.33
C LEU G 181 24.19 33.02 -3.77
N GLY G 182 23.87 31.90 -3.12
CA GLY G 182 24.87 31.07 -2.50
C GLY G 182 25.41 31.59 -1.19
N LYS G 183 24.82 32.63 -0.62
CA LYS G 183 25.26 33.20 0.63
C LYS G 183 24.07 33.43 1.55
N SER G 184 24.36 33.48 2.85
CA SER G 184 23.34 33.77 3.86
C SER G 184 23.44 35.24 4.25
N VAL G 185 22.32 35.79 4.70
CA VAL G 185 22.23 37.20 5.07
C VAL G 185 21.84 37.30 6.54
N LEU G 186 22.56 38.12 7.29
CA LEU G 186 22.25 38.39 8.69
C LEU G 186 21.74 39.82 8.80
N PHE G 187 20.56 39.99 9.40
CA PHE G 187 19.96 41.30 9.58
C PHE G 187 20.10 41.71 11.04
N ILE G 188 20.57 42.92 11.29
CA ILE G 188 20.59 43.49 12.63
C ILE G 188 20.03 44.90 12.57
N GLY G 189 19.43 45.32 13.68
CA GLY G 189 18.92 46.68 13.78
C GLY G 189 17.58 46.93 13.12
N TYR G 190 16.77 45.90 12.91
CA TYR G 190 15.43 46.06 12.37
C TYR G 190 14.39 45.70 13.42
N SER G 191 13.12 45.86 13.07
CA SER G 191 12.04 45.73 14.06
C SER G 191 10.84 44.92 13.60
N LEU G 192 10.66 44.67 12.30
CA LEU G 192 9.49 44.04 11.66
C LEU G 192 8.17 44.77 11.89
N SER G 193 8.21 45.98 12.43
CA SER G 193 7.10 46.90 12.31
C SER G 193 7.42 47.83 11.15
N ASP G 194 8.61 47.62 10.58
CA ASP G 194 9.10 48.37 9.44
C ASP G 194 8.92 47.56 8.17
N ILE G 195 8.39 48.20 7.14
CA ILE G 195 8.19 47.59 5.83
C ILE G 195 9.51 47.42 5.12
N ASN G 196 9.46 46.71 3.98
CA ASN G 196 10.50 46.39 3.00
C ASN G 196 11.48 45.32 3.49
N ILE G 197 11.62 45.12 4.80
CA ILE G 197 12.17 43.84 5.22
C ILE G 197 10.97 42.99 5.59
N ARG G 198 10.10 42.76 4.61
CA ARG G 198 9.13 41.68 4.53
C ARG G 198 9.19 41.25 3.07
N LEU G 199 9.29 42.25 2.20
CA LEU G 199 9.36 42.02 0.76
C LEU G 199 10.77 41.61 0.35
N LEU G 200 11.79 42.10 1.06
CA LEU G 200 13.14 41.59 0.85
C LEU G 200 13.25 40.14 1.31
N PHE G 201 12.45 39.74 2.30
CA PHE G 201 12.39 38.33 2.65
C PHE G 201 11.63 37.54 1.59
N TYR G 202 10.51 38.12 1.13
CA TYR G 202 9.57 37.42 0.26
C TYR G 202 10.16 37.18 -1.13
N LYS G 203 10.91 38.15 -1.67
CA LYS G 203 11.47 38.01 -3.00
C LYS G 203 12.52 36.90 -3.05
N LEU G 204 13.37 36.84 -2.02
CA LEU G 204 14.33 35.74 -1.91
C LEU G 204 13.61 34.42 -1.64
N SER G 205 12.48 34.47 -0.94
CA SER G 205 11.68 33.27 -0.69
C SER G 205 11.10 32.69 -1.99
N LYS G 206 10.55 33.55 -2.86
CA LYS G 206 10.04 33.00 -4.12
C LYS G 206 11.17 32.64 -5.07
N LEU G 207 12.30 33.35 -5.00
CA LEU G 207 13.47 32.95 -5.78
C LEU G 207 13.97 31.58 -5.36
N TRP G 208 13.86 31.26 -4.06
CA TRP G 208 14.08 29.91 -3.59
C TRP G 208 13.03 28.93 -4.13
N LYS G 209 11.75 29.34 -4.15
CA LYS G 209 10.69 28.39 -4.50
C LYS G 209 10.63 28.05 -5.98
N GLU G 210 10.38 29.03 -6.87
CA GLU G 210 10.07 28.66 -8.25
C GLU G 210 11.31 28.25 -9.03
N GLN G 211 12.49 28.63 -8.55
CA GLN G 211 13.73 28.22 -9.19
C GLN G 211 14.32 26.96 -8.55
N LYS G 212 13.50 26.22 -7.78
CA LYS G 212 13.73 24.84 -7.29
C LYS G 212 15.07 24.65 -6.59
N LEU G 213 15.56 25.70 -5.91
CA LEU G 213 16.78 25.60 -5.13
C LEU G 213 16.57 24.70 -3.92
N GLU G 214 17.26 23.56 -3.88
CA GLU G 214 17.14 22.62 -2.77
C GLU G 214 18.45 22.61 -2.01
N GLU G 215 18.51 23.47 -0.99
CA GLU G 215 19.67 23.71 -0.11
C GLU G 215 20.90 24.20 -0.86
N ALA G 216 20.72 24.75 -2.06
CA ALA G 216 21.83 25.42 -2.75
C ALA G 216 22.09 26.78 -2.13
N GLN G 217 21.02 27.50 -1.78
CA GLN G 217 21.08 28.78 -1.10
C GLN G 217 20.80 28.58 0.39
N PRO G 218 21.69 29.01 1.27
CA PRO G 218 21.47 28.82 2.70
C PRO G 218 20.38 29.72 3.28
N LYS G 219 19.91 29.39 4.48
CA LYS G 219 18.92 30.20 5.17
C LYS G 219 19.53 31.53 5.60
N SER G 220 18.73 32.58 5.53
CA SER G 220 19.15 33.90 6.00
C SER G 220 18.60 34.08 7.41
N TYR G 221 19.17 35.04 8.14
CA TYR G 221 18.88 35.18 9.55
C TYR G 221 18.60 36.64 9.90
N ILE G 222 17.86 36.83 10.99
CA ILE G 222 17.57 38.16 11.51
C ILE G 222 17.74 38.10 13.04
N PHE G 223 18.23 39.18 13.63
CA PHE G 223 18.35 39.29 15.07
C PHE G 223 17.33 40.28 15.58
N LEU G 224 16.54 39.86 16.58
CA LEU G 224 15.66 40.75 17.29
C LEU G 224 15.82 40.55 18.80
N PRO G 225 15.93 41.64 19.56
CA PRO G 225 16.15 41.49 21.01
C PRO G 225 14.93 41.01 21.77
N ARG G 226 13.73 41.40 21.35
CA ARG G 226 12.53 40.88 22.01
C ARG G 226 12.11 39.58 21.35
N PRO G 227 12.08 38.48 22.08
CA PRO G 227 11.61 37.22 21.50
C PRO G 227 10.13 37.27 21.17
N ASN G 228 9.78 36.66 20.06
CA ASN G 228 8.42 36.68 19.56
C ASN G 228 8.15 35.37 18.84
N PRO G 229 7.23 34.54 19.34
CA PRO G 229 6.95 33.29 18.64
C PRO G 229 6.22 33.50 17.32
N ILE G 230 5.32 34.50 17.29
CA ILE G 230 4.45 34.72 16.14
C ILE G 230 5.27 35.07 14.90
N GLN G 231 6.17 36.03 15.05
CA GLN G 231 7.07 36.37 13.95
C GLN G 231 8.06 35.26 13.64
N GLU G 232 8.34 34.36 14.60
CA GLU G 232 9.26 33.27 14.31
C GLU G 232 8.64 32.24 13.37
N GLU G 233 7.44 31.72 13.68
CA GLU G 233 6.87 30.84 12.66
C GLU G 233 6.28 31.57 11.45
N ILE G 234 6.07 32.89 11.50
CA ILE G 234 5.77 33.59 10.26
C ILE G 234 7.02 33.65 9.37
N LEU G 235 8.16 33.99 9.96
CA LEU G 235 9.40 34.14 9.23
C LEU G 235 9.98 32.81 8.76
N GLU G 236 9.63 31.71 9.44
CA GLU G 236 10.11 30.40 9.01
C GLU G 236 9.52 29.96 7.69
N GLN G 237 8.37 30.51 7.29
CA GLN G 237 7.85 30.26 5.94
C GLN G 237 8.72 30.89 4.87
N TRP G 238 9.41 31.97 5.20
CA TRP G 238 10.40 32.58 4.30
C TRP G 238 11.79 32.02 4.55
N ARG G 239 11.87 30.84 5.19
CA ARG G 239 13.07 30.19 5.76
C ARG G 239 14.05 31.19 6.37
N ILE G 240 13.55 31.94 7.34
CA ILE G 240 14.35 32.96 8.01
C ILE G 240 14.54 32.51 9.46
N GLY G 241 15.78 32.44 9.89
CA GLY G 241 16.05 32.04 11.25
C GLY G 241 16.03 33.19 12.23
N MET G 242 14.96 33.30 13.02
CA MET G 242 14.88 34.31 14.06
C MET G 242 15.84 33.95 15.19
N ILE G 243 16.71 34.89 15.56
CA ILE G 243 17.63 34.73 16.68
C ILE G 243 17.32 35.82 17.70
N SER G 244 17.13 35.41 18.95
CA SER G 244 16.77 36.34 20.01
C SER G 244 17.60 36.07 21.25
N SER G 245 17.51 37.02 22.19
CA SER G 245 18.20 36.93 23.47
C SER G 245 17.25 37.36 24.58
N GLU G 246 17.53 36.89 25.79
CA GLU G 246 16.64 37.08 26.93
C GLU G 246 17.09 38.23 27.83
N ASN G 247 18.10 39.00 27.42
CA ASN G 247 18.54 40.17 28.18
C ASN G 247 17.46 41.24 28.05
N ASP G 248 17.14 41.89 29.17
CA ASP G 248 16.04 42.85 29.24
C ASP G 248 16.31 44.10 28.40
N ASN G 249 17.51 44.66 28.51
CA ASN G 249 17.88 45.81 27.73
C ASN G 249 18.44 45.36 26.37
N PRO G 250 17.92 45.88 25.26
CA PRO G 250 18.42 45.46 23.93
C PRO G 250 19.83 45.94 23.63
N GLY G 251 20.20 47.02 24.33
CA GLY G 251 21.43 47.74 24.15
C GLY G 251 22.67 46.89 24.32
N GLU G 252 22.68 46.00 25.31
CA GLU G 252 23.77 45.03 25.43
C GLU G 252 23.49 43.72 24.70
N SER G 253 22.23 43.46 24.34
CA SER G 253 21.89 42.24 23.60
C SER G 253 22.53 42.24 22.22
N LEU G 254 22.53 43.40 21.55
CA LEU G 254 23.17 43.51 20.24
C LEU G 254 24.68 43.30 20.33
N GLU G 255 25.32 43.84 21.37
CA GLU G 255 26.75 43.62 21.61
C GLU G 255 27.05 42.15 21.87
N GLU G 256 26.22 41.45 22.63
CA GLU G 256 26.46 40.04 22.89
C GLU G 256 26.30 39.20 21.61
N PHE G 257 25.29 39.53 20.80
CA PHE G 257 25.10 38.81 19.54
C PHE G 257 26.25 39.03 18.57
N LEU G 258 26.78 40.26 18.50
CA LEU G 258 27.95 40.48 17.65
C LEU G 258 29.24 39.94 18.27
N LYS G 259 29.30 39.87 19.60
CA LYS G 259 30.43 39.27 20.30
C LYS G 259 30.53 37.78 20.00
N ASN G 260 29.40 37.16 19.67
CA ASN G 260 29.44 35.80 19.11
C ASN G 260 30.24 35.75 17.79
N PHE G 261 30.25 36.84 17.01
CA PHE G 261 30.98 36.88 15.75
C PHE G 261 32.37 37.52 15.87
N VAL G 262 32.68 38.12 17.01
CA VAL G 262 33.91 38.90 17.15
C VAL G 262 35.14 37.99 17.12
N LEU G 263 35.03 36.79 17.68
CA LEU G 263 36.16 35.91 17.98
C LEU G 263 36.96 35.53 16.73
N VAL G 264 38.28 35.49 16.91
CA VAL G 264 39.29 35.29 15.86
C VAL G 264 39.13 36.30 14.72
N MET H 1 -13.96 67.19 -8.18
CA MET H 1 -15.32 67.37 -7.70
C MET H 1 -16.24 67.69 -8.87
N GLU H 2 -15.91 68.78 -9.58
CA GLU H 2 -16.73 69.22 -10.71
C GLU H 2 -16.57 68.33 -11.94
N GLN H 3 -15.49 67.56 -12.03
CA GLN H 3 -15.27 66.66 -13.14
C GLN H 3 -15.65 65.22 -12.83
N LEU H 4 -15.67 64.85 -11.55
CA LEU H 4 -16.15 63.52 -11.15
C LEU H 4 -17.62 63.33 -11.50
N LEU H 5 -18.44 64.36 -11.27
CA LEU H 5 -19.83 64.31 -11.71
C LEU H 5 -19.97 64.33 -13.22
N ALA H 6 -19.09 65.04 -13.92
CA ALA H 6 -19.14 65.07 -15.38
C ALA H 6 -18.82 63.70 -15.97
N ASP H 7 -17.88 62.99 -15.38
CA ASP H 7 -17.63 61.59 -15.76
C ASP H 7 -18.75 60.67 -15.27
N TYR H 8 -19.41 61.01 -14.16
CA TYR H 8 -20.53 60.23 -13.65
C TYR H 8 -21.75 60.33 -14.55
N LYS H 9 -21.89 61.42 -15.31
CA LYS H 9 -22.94 61.50 -16.32
C LYS H 9 -22.72 60.45 -17.41
N LYS H 10 -21.48 60.25 -17.83
CA LYS H 10 -21.17 59.32 -18.91
C LYS H 10 -21.02 57.88 -18.44
N GLY H 11 -21.17 57.62 -17.14
CA GLY H 11 -20.95 56.29 -16.61
C GLY H 11 -19.49 55.86 -16.70
N ASN H 12 -18.59 56.77 -16.33
CA ASN H 12 -17.16 56.51 -16.39
C ASN H 12 -16.53 56.46 -15.00
N VAL H 13 -17.32 56.20 -13.96
CA VAL H 13 -16.85 56.21 -12.58
C VAL H 13 -17.02 54.80 -12.02
N ILE H 14 -15.94 54.27 -11.47
CA ILE H 14 -15.91 52.93 -10.87
C ILE H 14 -15.79 53.10 -9.37
N LEU H 15 -16.74 52.55 -8.62
CA LEU H 15 -16.66 52.63 -7.17
C LEU H 15 -15.62 51.64 -6.65
N PHE H 16 -15.01 51.99 -5.52
CA PHE H 16 -14.07 51.11 -4.82
C PHE H 16 -14.40 51.23 -3.33
N VAL H 17 -15.31 50.40 -2.87
CA VAL H 17 -15.80 50.46 -1.49
C VAL H 17 -14.74 49.90 -0.55
N GLY H 18 -14.52 50.60 0.56
CA GLY H 18 -13.58 50.16 1.57
C GLY H 18 -14.26 49.63 2.81
N ALA H 19 -13.50 49.59 3.90
CA ALA H 19 -14.03 49.14 5.17
C ALA H 19 -14.60 50.27 6.02
N GLY H 20 -14.41 51.52 5.61
CA GLY H 20 -14.94 52.64 6.35
C GLY H 20 -16.38 52.98 6.04
N VAL H 21 -16.97 52.32 5.06
CA VAL H 21 -18.38 52.55 4.74
C VAL H 21 -19.29 51.92 5.81
N SER H 22 -18.93 50.75 6.30
CA SER H 22 -19.77 49.97 7.21
C SER H 22 -19.49 50.29 8.67
N MET H 23 -19.07 51.52 8.98
CA MET H 23 -18.85 51.88 10.37
C MET H 23 -20.16 52.12 11.12
N ASN H 24 -21.18 52.59 10.43
CA ASN H 24 -22.47 52.87 11.07
C ASN H 24 -23.36 51.65 11.15
N LEU H 25 -22.98 50.52 10.54
CA LEU H 25 -23.81 49.33 10.56
C LEU H 25 -23.82 48.68 11.93
N GLY H 26 -22.68 48.63 12.59
CA GLY H 26 -22.52 47.86 13.80
C GLY H 26 -21.79 46.56 13.63
N LEU H 27 -20.97 46.44 12.59
CA LEU H 27 -20.22 45.22 12.33
C LEU H 27 -19.09 45.07 13.34
N PRO H 28 -18.67 43.84 13.62
CA PRO H 28 -17.49 43.64 14.48
C PRO H 28 -16.22 44.19 13.83
N SER H 29 -15.34 44.72 14.68
CA SER H 29 -14.10 45.31 14.22
C SER H 29 -13.04 44.23 14.07
N TRP H 30 -11.80 44.64 13.84
CA TRP H 30 -10.71 43.67 13.77
C TRP H 30 -10.18 43.33 15.15
N SER H 31 -10.50 44.15 16.16
CA SER H 31 -10.08 43.86 17.53
C SER H 31 -10.79 42.64 18.08
N GLN H 32 -12.10 42.53 17.81
CA GLN H 32 -12.84 41.35 18.26
C GLN H 32 -12.42 40.10 17.49
N LEU H 33 -12.04 40.26 16.21
CA LEU H 33 -11.50 39.13 15.46
C LEU H 33 -10.17 38.67 16.04
N VAL H 34 -9.31 39.62 16.42
CA VAL H 34 -8.02 39.28 17.03
C VAL H 34 -8.22 38.63 18.38
N ASP H 35 -9.20 39.10 19.16
CA ASP H 35 -9.54 38.46 20.44
C ASP H 35 -10.07 37.05 20.23
N HIS H 36 -10.85 36.82 19.18
CA HIS H 36 -11.34 35.47 18.89
C HIS H 36 -10.20 34.54 18.47
N ILE H 37 -9.24 35.05 17.71
CA ILE H 37 -8.07 34.24 17.34
C ILE H 37 -7.23 33.94 18.58
N ALA H 38 -7.14 34.90 19.51
CA ALA H 38 -6.44 34.67 20.77
C ALA H 38 -7.13 33.61 21.61
N THR H 39 -8.46 33.63 21.66
CA THR H 39 -9.21 32.64 22.42
C THR H 39 -9.09 31.26 21.78
N GLU H 40 -9.12 31.20 20.45
CA GLU H 40 -9.01 29.92 19.75
C GLU H 40 -7.60 29.37 19.74
N LEU H 41 -6.59 30.20 19.99
CA LEU H 41 -5.21 29.74 19.98
C LEU H 41 -4.66 29.46 21.37
N GLY H 42 -5.16 30.13 22.40
CA GLY H 42 -4.75 29.90 23.77
C GLY H 42 -4.15 31.11 24.46
N TYR H 43 -3.70 32.10 23.71
CA TYR H 43 -3.09 33.29 24.31
C TYR H 43 -4.16 34.19 24.90
N ASP H 44 -3.73 35.04 25.83
CA ASP H 44 -4.59 36.12 26.29
C ASP H 44 -4.74 37.15 25.18
N PRO H 45 -5.91 37.82 25.10
CA PRO H 45 -6.09 38.84 24.04
C PRO H 45 -5.16 40.04 24.17
N ASP H 46 -4.88 40.50 25.40
CA ASP H 46 -3.94 41.61 25.55
C ASP H 46 -2.49 41.19 25.33
N ILE H 47 -2.17 39.91 25.57
CA ILE H 47 -0.87 39.39 25.19
C ILE H 47 -0.77 39.26 23.67
N TYR H 48 -1.84 38.81 23.03
CA TYR H 48 -1.82 38.55 21.58
C TYR H 48 -1.84 39.84 20.76
N ARG H 49 -2.50 40.89 21.28
CA ARG H 49 -2.66 42.12 20.50
C ARG H 49 -1.35 42.85 20.26
N THR H 50 -0.35 42.66 21.14
CA THR H 50 0.94 43.32 21.01
C THR H 50 1.93 42.54 20.18
N PHE H 51 1.52 41.41 19.62
CA PHE H 51 2.42 40.54 18.88
C PHE H 51 2.53 40.89 17.40
N GLY H 52 1.73 41.83 16.90
CA GLY H 52 1.82 42.22 15.51
C GLY H 52 0.58 42.96 15.08
N SER H 53 0.50 43.18 13.76
CA SER H 53 -0.65 43.81 13.15
C SER H 53 -1.80 42.80 13.03
N ALA H 54 -2.94 43.27 12.52
CA ALA H 54 -4.13 42.43 12.44
C ALA H 54 -4.04 41.37 11.35
N LEU H 55 -3.15 41.53 10.37
CA LEU H 55 -3.02 40.55 9.31
C LEU H 55 -2.10 39.42 9.69
N GLU H 56 -1.02 39.70 10.42
CA GLU H 56 -0.08 38.66 10.83
C GLU H 56 -0.57 37.88 12.04
N LEU H 57 -1.76 38.16 12.55
CA LEU H 57 -2.40 37.30 13.53
C LEU H 57 -3.40 36.35 12.87
N ALA H 58 -4.08 36.79 11.81
CA ALA H 58 -4.79 35.83 10.97
C ALA H 58 -3.82 34.91 10.24
N GLU H 59 -2.61 35.41 9.93
CA GLU H 59 -1.58 34.55 9.37
C GLU H 59 -1.12 33.48 10.38
N TYR H 60 -1.07 33.84 11.67
CA TYR H 60 -0.78 32.86 12.70
C TYR H 60 -2.02 32.12 13.18
N TYR H 61 -3.18 32.40 12.61
CA TYR H 61 -4.25 31.40 12.71
C TYR H 61 -4.14 30.38 11.60
N LYS H 62 -3.88 30.84 10.37
CA LYS H 62 -3.74 29.94 9.22
C LYS H 62 -2.54 29.01 9.38
N LEU H 63 -1.41 29.54 9.84
CA LEU H 63 -0.37 28.71 10.43
C LEU H 63 -0.79 28.35 11.83
N LYS H 64 -0.36 27.18 12.32
CA LYS H 64 -0.76 26.65 13.63
C LYS H 64 -2.02 25.83 13.39
N LYS H 65 -2.95 26.37 12.60
CA LYS H 65 -4.11 25.57 12.22
C LYS H 65 -3.74 25.01 10.88
N GLY H 66 -4.71 24.51 10.11
CA GLY H 66 -4.34 24.06 8.78
C GLY H 66 -5.06 24.85 7.71
N LYS H 67 -5.92 25.77 8.13
CA LYS H 67 -6.93 26.31 7.25
C LYS H 67 -7.42 27.64 7.80
N ILE H 68 -8.03 28.43 6.91
CA ILE H 68 -8.64 29.69 7.31
C ILE H 68 -10.13 29.49 7.58
N GLY H 69 -10.65 28.29 7.29
CA GLY H 69 -12.07 27.99 7.27
C GLY H 69 -12.91 28.21 8.52
N PRO H 70 -12.48 27.72 9.70
CA PRO H 70 -13.24 28.06 10.92
C PRO H 70 -13.25 29.54 11.24
N LEU H 71 -12.17 30.25 10.95
CA LEU H 71 -12.17 31.71 11.07
C LEU H 71 -13.17 32.34 10.12
N ARG H 72 -13.22 31.84 8.87
CA ARG H 72 -14.16 32.34 7.88
C ARG H 72 -15.60 32.09 8.32
N SER H 73 -15.86 30.93 8.92
CA SER H 73 -17.18 30.63 9.44
C SER H 73 -17.56 31.55 10.60
N TRP H 74 -16.58 31.88 11.46
CA TRP H 74 -16.88 32.78 12.57
C TRP H 74 -17.19 34.19 12.09
N MET H 75 -16.42 34.72 11.13
CA MET H 75 -16.78 36.05 10.65
C MET H 75 -18.01 36.04 9.76
N ASP H 76 -18.32 34.91 9.10
CA ASP H 76 -19.57 34.81 8.38
C ASP H 76 -20.77 34.80 9.33
N ARG H 77 -20.61 34.19 10.51
CA ARG H 77 -21.67 34.22 11.50
C ARG H 77 -21.81 35.59 12.13
N MET H 78 -20.69 36.22 12.49
CA MET H 78 -20.75 37.42 13.32
C MET H 78 -20.95 38.68 12.50
N TRP H 79 -20.41 38.76 11.29
CA TRP H 79 -20.48 39.96 10.49
C TRP H 79 -21.75 40.01 9.64
N HIS H 80 -22.59 38.99 9.73
CA HIS H 80 -23.86 38.93 9.04
C HIS H 80 -24.99 38.65 10.02
N SER H 81 -24.95 39.31 11.18
CA SER H 81 -25.89 39.03 12.24
C SER H 81 -27.26 39.60 11.92
N SER H 82 -28.26 39.17 12.68
CA SER H 82 -29.63 39.62 12.49
C SER H 82 -29.86 41.03 13.01
N ASP H 83 -28.98 41.54 13.89
CA ASP H 83 -29.13 42.88 14.43
C ASP H 83 -28.84 43.97 13.41
N ILE H 84 -28.02 43.67 12.41
CA ILE H 84 -27.65 44.64 11.39
C ILE H 84 -28.74 44.70 10.33
N ASP H 85 -29.24 45.91 10.07
CA ASP H 85 -30.23 46.12 9.03
C ASP H 85 -29.73 47.18 8.06
N ILE H 86 -29.97 46.94 6.77
CA ILE H 86 -29.49 47.83 5.72
C ILE H 86 -30.25 49.15 5.73
N ASN H 87 -31.56 49.08 6.00
CA ASN H 87 -32.46 50.22 5.80
C ASN H 87 -32.19 51.40 6.73
N LYS H 88 -31.44 51.19 7.81
CA LYS H 88 -31.02 52.28 8.68
C LYS H 88 -29.62 52.78 8.36
N SER H 89 -29.05 52.36 7.23
CA SER H 89 -27.75 52.85 6.76
C SER H 89 -27.98 53.62 5.47
N LYS H 90 -27.83 54.94 5.55
CA LYS H 90 -28.14 55.79 4.40
C LYS H 90 -27.07 55.72 3.32
N VAL H 91 -25.82 55.44 3.70
CA VAL H 91 -24.74 55.40 2.71
C VAL H 91 -24.90 54.18 1.79
N HIS H 92 -25.35 53.06 2.33
CA HIS H 92 -25.62 51.89 1.51
C HIS H 92 -26.83 52.09 0.61
N GLU H 93 -27.84 52.82 1.10
CA GLU H 93 -28.99 53.18 0.28
C GLU H 93 -28.58 54.09 -0.87
N TYR H 94 -27.67 55.03 -0.61
CA TYR H 94 -27.21 55.93 -1.67
C TYR H 94 -26.29 55.22 -2.66
N ILE H 95 -25.53 54.21 -2.21
CA ILE H 95 -24.76 53.38 -3.11
C ILE H 95 -25.69 52.56 -4.00
N ALA H 96 -26.75 51.99 -3.42
CA ALA H 96 -27.69 51.17 -4.18
C ALA H 96 -28.53 51.98 -5.15
N LYS H 97 -28.93 53.19 -4.78
CA LYS H 97 -29.76 54.00 -5.68
C LYS H 97 -28.95 54.70 -6.75
N ALA H 98 -27.62 54.68 -6.66
CA ALA H 98 -26.77 55.23 -7.70
C ALA H 98 -26.69 54.25 -8.87
N ASN H 99 -26.12 54.71 -9.99
CA ASN H 99 -25.97 53.89 -11.17
C ASN H 99 -24.51 53.65 -11.48
N PHE H 100 -23.73 53.29 -10.46
CA PHE H 100 -22.36 52.84 -10.67
C PHE H 100 -22.38 51.52 -11.41
N PRO H 101 -21.79 51.42 -12.59
CA PRO H 101 -21.91 50.18 -13.36
C PRO H 101 -21.00 49.07 -12.85
N ILE H 102 -19.83 49.43 -12.34
CA ILE H 102 -18.87 48.48 -11.80
C ILE H 102 -18.50 48.95 -10.40
N ILE H 103 -18.66 48.07 -9.42
CA ILE H 103 -18.39 48.39 -8.02
C ILE H 103 -17.37 47.40 -7.49
N TYR H 104 -16.22 47.91 -7.06
CA TYR H 104 -15.23 47.08 -6.39
C TYR H 104 -15.36 47.25 -4.90
N THR H 105 -14.98 46.21 -4.17
CA THR H 105 -14.99 46.28 -2.72
C THR H 105 -13.93 45.35 -2.15
N THR H 106 -13.25 45.81 -1.11
CA THR H 106 -12.30 45.00 -0.38
C THR H 106 -12.90 44.40 0.87
N ASN H 107 -14.20 44.58 1.09
CA ASN H 107 -14.89 43.91 2.16
C ASN H 107 -15.10 42.45 1.83
N TYR H 108 -15.19 41.62 2.86
CA TYR H 108 -15.58 40.23 2.72
C TYR H 108 -17.07 40.04 2.93
N ASP H 109 -17.82 41.12 3.09
CA ASP H 109 -19.21 41.04 3.54
C ASP H 109 -20.13 40.86 2.33
N ARG H 110 -21.42 40.79 2.60
CA ARG H 110 -22.44 40.74 1.56
C ARG H 110 -23.37 41.93 1.63
N TRP H 111 -23.02 42.98 2.40
CA TRP H 111 -23.94 44.07 2.64
C TRP H 111 -24.08 45.01 1.47
N ILE H 112 -23.08 45.11 0.60
CA ILE H 112 -23.26 45.87 -0.63
C ILE H 112 -24.28 45.19 -1.53
N GLU H 113 -24.16 43.87 -1.68
CA GLU H 113 -25.12 43.11 -2.48
C GLU H 113 -26.49 43.07 -1.82
N THR H 114 -26.53 42.96 -0.50
CA THR H 114 -27.81 42.99 0.21
C THR H 114 -28.49 44.34 0.08
N ALA H 115 -27.70 45.42 0.13
CA ALA H 115 -28.24 46.76 -0.07
C ALA H 115 -28.73 46.97 -1.49
N LEU H 116 -28.02 46.42 -2.48
CA LEU H 116 -28.47 46.57 -3.86
C LEU H 116 -29.72 45.75 -4.13
N SER H 117 -29.80 44.53 -3.58
CA SER H 117 -30.97 43.70 -3.79
C SER H 117 -32.17 44.14 -2.96
N ASN H 118 -31.94 44.92 -1.90
CA ASN H 118 -33.06 45.46 -1.13
C ASN H 118 -33.79 46.55 -1.89
N TYR H 119 -33.09 47.29 -2.75
CA TYR H 119 -33.67 48.41 -3.48
C TYR H 119 -33.95 48.07 -4.94
N GLY H 120 -34.08 46.79 -5.26
CA GLY H 120 -34.52 46.36 -6.56
C GLY H 120 -33.43 46.20 -7.60
N LYS H 121 -32.24 46.72 -7.35
CA LYS H 121 -31.16 46.58 -8.31
C LYS H 121 -30.61 45.17 -8.30
N GLU H 122 -30.30 44.66 -9.50
CA GLU H 122 -29.78 43.32 -9.66
C GLU H 122 -28.26 43.38 -9.79
N TYR H 123 -27.58 42.41 -9.17
CA TYR H 123 -26.14 42.40 -9.06
C TYR H 123 -25.59 41.12 -9.65
N ILE H 124 -24.30 41.13 -9.96
CA ILE H 124 -23.57 39.93 -10.34
C ILE H 124 -22.28 39.93 -9.52
N LYS H 125 -22.15 38.97 -8.60
CA LYS H 125 -21.00 38.91 -7.74
C LYS H 125 -19.85 38.19 -8.43
N ILE H 126 -18.68 38.81 -8.42
CA ILE H 126 -17.49 38.24 -9.04
C ILE H 126 -16.44 38.09 -7.95
N SER H 127 -15.96 36.87 -7.75
CA SER H 127 -14.93 36.60 -6.76
C SER H 127 -13.80 35.75 -7.29
N SER H 128 -13.87 35.32 -8.55
CA SER H 128 -12.89 34.43 -9.13
C SER H 128 -12.93 34.57 -10.64
N VAL H 129 -12.23 33.69 -11.34
CA VAL H 129 -12.24 33.73 -12.80
C VAL H 129 -13.47 33.04 -13.38
N SER H 130 -14.17 32.23 -12.59
CA SER H 130 -15.33 31.52 -13.09
C SER H 130 -16.58 32.40 -13.15
N ASP H 131 -16.58 33.52 -12.44
CA ASP H 131 -17.70 34.45 -12.48
C ASP H 131 -17.54 35.54 -13.53
N ILE H 132 -16.34 35.72 -14.07
CA ILE H 132 -16.15 36.66 -15.18
C ILE H 132 -16.75 36.13 -16.47
N ALA H 133 -16.99 34.82 -16.56
CA ALA H 133 -17.69 34.25 -17.70
C ALA H 133 -19.19 34.56 -17.70
N LYS H 134 -19.71 35.17 -16.64
CA LYS H 134 -21.13 35.49 -16.53
C LYS H 134 -21.31 36.98 -16.31
N ILE H 135 -20.66 37.80 -17.13
CA ILE H 135 -20.69 39.24 -16.93
C ILE H 135 -22.05 39.81 -17.33
N ASP H 136 -22.48 39.53 -18.57
CA ASP H 136 -23.73 39.81 -19.29
C ASP H 136 -23.93 41.28 -19.65
N ASN H 137 -23.09 42.15 -19.08
CA ASN H 137 -22.96 43.58 -19.44
C ASN H 137 -24.29 44.35 -19.33
N ASN H 138 -25.18 43.92 -18.45
CA ASN H 138 -26.46 44.59 -18.25
C ASN H 138 -26.83 44.62 -16.77
N LYS H 139 -25.84 44.51 -15.89
CA LYS H 139 -26.08 44.41 -14.47
C LYS H 139 -24.89 45.00 -13.73
N THR H 140 -25.12 45.40 -12.48
CA THR H 140 -24.06 45.94 -11.66
C THR H 140 -23.10 44.83 -11.25
N GLN H 141 -21.82 45.06 -11.42
CA GLN H 141 -20.78 44.07 -11.12
C GLN H 141 -20.17 44.41 -9.77
N ILE H 142 -20.60 43.72 -8.72
CA ILE H 142 -19.91 43.80 -7.44
C ILE H 142 -18.78 42.79 -7.48
N ILE H 143 -17.56 43.29 -7.35
CA ILE H 143 -16.36 42.46 -7.46
C ILE H 143 -15.67 42.49 -6.11
N LYS H 144 -15.68 41.35 -5.42
CA LYS H 144 -15.02 41.24 -4.13
C LYS H 144 -13.52 41.15 -4.42
N PHE H 145 -12.83 42.29 -4.27
CA PHE H 145 -11.42 42.38 -4.61
C PHE H 145 -10.57 41.53 -3.67
N HIS H 146 -10.92 41.50 -2.40
CA HIS H 146 -10.15 40.78 -1.39
C HIS H 146 -10.88 39.51 -0.94
N GLY H 147 -11.50 38.81 -1.88
CA GLY H 147 -12.13 37.54 -1.58
C GLY H 147 -13.47 37.71 -0.90
N ASP H 148 -14.07 36.57 -0.57
CA ASP H 148 -15.40 36.55 0.01
C ASP H 148 -15.47 35.42 1.02
N PHE H 149 -16.60 35.34 1.72
CA PHE H 149 -16.90 34.23 2.60
C PHE H 149 -17.45 33.02 1.86
N ASP H 150 -17.58 33.11 0.54
CA ASP H 150 -17.92 31.97 -0.29
C ASP H 150 -16.68 31.27 -0.84
N ASP H 151 -15.53 31.46 -0.20
CA ASP H 151 -14.26 30.89 -0.65
C ASP H 151 -13.26 30.99 0.48
N ASP H 152 -12.47 29.94 0.67
CA ASP H 152 -11.34 29.97 1.59
C ASP H 152 -10.01 30.01 0.87
N SER H 153 -10.00 29.87 -0.45
CA SER H 153 -8.76 29.90 -1.21
C SER H 153 -8.42 31.27 -1.75
N SER H 154 -9.41 32.15 -1.92
CA SER H 154 -9.18 33.47 -2.47
C SER H 154 -9.39 34.60 -1.47
N ILE H 155 -9.77 34.30 -0.24
CA ILE H 155 -9.98 35.35 0.76
C ILE H 155 -8.62 35.87 1.23
N VAL H 156 -8.49 37.19 1.26
CA VAL H 156 -7.22 37.82 1.64
C VAL H 156 -7.29 38.22 3.10
N LEU H 157 -6.86 37.33 3.98
CA LEU H 157 -6.72 37.61 5.40
C LEU H 157 -5.30 37.48 5.90
N ASP H 158 -4.42 36.80 5.17
CA ASP H 158 -3.06 36.60 5.58
C ASP H 158 -2.23 37.86 5.35
N GLU H 159 -1.04 37.88 5.94
CA GLU H 159 -0.03 38.83 5.51
C GLU H 159 0.62 38.39 4.20
N THR H 160 0.79 37.08 4.01
CA THR H 160 1.39 36.55 2.80
C THR H 160 0.49 36.80 1.58
N SER H 161 -0.81 36.55 1.71
CA SER H 161 -1.74 36.81 0.62
C SER H 161 -1.83 38.30 0.32
N TYR H 162 -1.82 39.14 1.35
CA TYR H 162 -1.86 40.59 1.16
C TYR H 162 -0.61 41.09 0.46
N PHE H 163 0.56 40.55 0.78
CA PHE H 163 1.78 41.01 0.14
C PHE H 163 1.97 40.39 -1.23
N GLN H 164 1.31 39.27 -1.52
CA GLN H 164 1.34 38.70 -2.86
C GLN H 164 0.38 39.39 -3.81
N ARG H 165 -0.78 39.85 -3.32
CA ARG H 165 -1.71 40.60 -4.16
C ARG H 165 -1.21 41.99 -4.50
N LEU H 166 -0.14 42.48 -3.88
CA LEU H 166 0.42 43.78 -4.19
C LEU H 166 1.21 43.81 -5.50
N GLU H 167 1.52 42.66 -6.08
CA GLU H 167 2.18 42.64 -7.37
C GLU H 167 1.20 42.74 -8.54
N PHE H 168 -0.11 42.58 -8.26
CA PHE H 168 -1.20 42.77 -9.22
C PHE H 168 -1.08 41.86 -10.44
N GLU H 169 -0.98 40.55 -10.19
CA GLU H 169 -0.93 39.55 -11.24
C GLU H 169 -2.12 38.60 -11.23
N THR H 170 -2.90 38.57 -10.15
CA THR H 170 -4.05 37.68 -10.06
C THR H 170 -5.16 38.16 -11.01
N PRO H 171 -6.06 37.26 -11.45
CA PRO H 171 -7.08 37.64 -12.44
C PRO H 171 -8.01 38.78 -12.03
N LEU H 172 -8.33 38.92 -10.75
CA LEU H 172 -9.11 40.07 -10.33
C LEU H 172 -8.33 41.37 -10.45
N ASP H 173 -7.01 41.31 -10.22
CA ASP H 173 -6.17 42.49 -10.42
C ASP H 173 -6.04 42.85 -11.89
N ILE H 174 -5.96 41.84 -12.78
CA ILE H 174 -5.93 42.11 -14.21
C ILE H 174 -7.26 42.70 -14.67
N LYS H 175 -8.37 42.20 -14.12
CA LYS H 175 -9.69 42.76 -14.43
C LYS H 175 -9.80 44.20 -13.96
N PHE H 176 -9.25 44.52 -12.79
CA PHE H 176 -9.25 45.91 -12.32
C PHE H 176 -8.36 46.79 -13.18
N ARG H 177 -7.19 46.28 -13.57
CA ARG H 177 -6.26 47.08 -14.37
C ARG H 177 -6.75 47.29 -15.79
N SER H 178 -7.67 46.45 -16.27
CA SER H 178 -8.30 46.72 -17.56
C SER H 178 -9.57 47.53 -17.43
N ASP H 179 -10.29 47.43 -16.31
CA ASP H 179 -11.48 48.25 -16.12
C ASP H 179 -11.12 49.70 -15.82
N VAL H 180 -9.94 49.94 -15.26
CA VAL H 180 -9.50 51.29 -14.96
C VAL H 180 -9.13 52.08 -16.21
N LEU H 181 -8.99 51.42 -17.37
CA LEU H 181 -8.52 52.07 -18.59
C LEU H 181 -9.61 52.96 -19.16
N GLY H 182 -9.37 54.26 -19.16
CA GLY H 182 -10.32 55.22 -19.69
C GLY H 182 -11.41 55.63 -18.74
N LYS H 183 -11.37 55.19 -17.48
CA LYS H 183 -12.42 55.48 -16.52
C LYS H 183 -11.80 55.99 -15.22
N SER H 184 -12.50 56.93 -14.59
CA SER H 184 -12.14 57.38 -13.24
C SER H 184 -12.62 56.36 -12.23
N VAL H 185 -11.93 56.30 -11.09
CA VAL H 185 -12.27 55.37 -10.03
C VAL H 185 -12.44 56.12 -8.72
N LEU H 186 -13.64 56.06 -8.15
CA LEU H 186 -13.88 56.63 -6.83
C LEU H 186 -13.29 55.73 -5.76
N PHE H 187 -13.15 56.29 -4.56
CA PHE H 187 -12.60 55.54 -3.44
C PHE H 187 -13.29 56.04 -2.18
N ILE H 188 -14.23 55.28 -1.66
CA ILE H 188 -14.96 55.64 -0.45
C ILE H 188 -14.72 54.59 0.61
N GLY H 189 -14.40 55.03 1.82
CA GLY H 189 -14.21 54.13 2.94
C GLY H 189 -12.78 53.74 3.23
N TYR H 190 -11.80 54.46 2.70
CA TYR H 190 -10.40 54.15 2.94
C TYR H 190 -9.77 55.26 3.78
N SER H 191 -9.08 54.87 4.84
CA SER H 191 -8.49 55.81 5.77
C SER H 191 -7.12 56.30 5.34
N LEU H 192 -6.57 55.75 4.26
CA LEU H 192 -5.34 56.16 3.55
C LEU H 192 -4.07 55.89 4.36
N SER H 193 -4.19 55.37 5.58
CA SER H 193 -3.09 54.71 6.24
C SER H 193 -2.91 53.28 5.76
N ASP H 194 -3.83 52.78 4.93
CA ASP H 194 -3.71 51.48 4.31
C ASP H 194 -2.70 51.54 3.17
N ILE H 195 -2.03 50.41 2.94
CA ILE H 195 -0.87 50.38 2.05
C ILE H 195 -1.24 50.02 0.61
N ASN H 196 -2.26 49.19 0.39
CA ASN H 196 -2.58 48.78 -0.97
C ASN H 196 -3.27 49.90 -1.72
N ILE H 197 -3.85 50.87 -1.01
CA ILE H 197 -4.46 52.08 -1.56
C ILE H 197 -3.37 53.16 -1.48
N ARG H 198 -2.12 52.73 -1.48
CA ARG H 198 -1.00 53.59 -1.80
C ARG H 198 -0.15 53.01 -2.93
N LEU H 199 0.03 51.70 -2.96
CA LEU H 199 0.69 51.10 -4.11
C LEU H 199 -0.21 51.04 -5.34
N LEU H 200 -1.53 51.03 -5.16
CA LEU H 200 -2.45 51.00 -6.30
C LEU H 200 -2.40 52.29 -7.10
N PHE H 201 -2.40 53.44 -6.42
CA PHE H 201 -2.30 54.70 -7.15
C PHE H 201 -0.94 54.86 -7.80
N TYR H 202 0.12 54.35 -7.18
CA TYR H 202 1.42 54.44 -7.82
C TYR H 202 1.50 53.53 -9.05
N LYS H 203 0.84 52.36 -9.01
CA LYS H 203 0.77 51.51 -10.18
C LYS H 203 0.00 52.17 -11.31
N LEU H 204 -1.14 52.81 -10.98
CA LEU H 204 -1.93 53.49 -12.01
C LEU H 204 -1.20 54.73 -12.55
N SER H 205 -0.47 55.43 -11.69
CA SER H 205 0.29 56.60 -12.15
C SER H 205 1.50 56.20 -12.98
N LYS H 206 2.13 55.07 -12.66
CA LYS H 206 3.19 54.54 -13.51
C LYS H 206 2.64 54.11 -14.87
N LEU H 207 1.44 53.52 -14.88
CA LEU H 207 0.73 53.19 -16.11
C LEU H 207 0.44 54.44 -16.93
N TRP H 208 0.04 55.53 -16.29
CA TRP H 208 -0.20 56.78 -17.00
C TRP H 208 1.08 57.45 -17.48
N LYS H 209 2.17 57.33 -16.71
CA LYS H 209 3.39 58.07 -17.02
C LYS H 209 4.22 57.39 -18.10
N GLU H 210 4.36 56.06 -18.06
CA GLU H 210 5.28 55.40 -18.97
C GLU H 210 4.76 55.36 -20.41
N GLN H 211 3.48 55.13 -20.60
CA GLN H 211 2.91 55.06 -21.94
C GLN H 211 2.41 56.40 -22.46
N LYS H 212 2.63 57.48 -21.71
CA LYS H 212 2.49 58.87 -22.16
C LYS H 212 1.07 59.21 -22.62
N LEU H 213 0.08 58.54 -22.04
CA LEU H 213 -1.30 58.79 -22.43
C LEU H 213 -1.82 60.02 -21.72
N GLU H 214 -2.44 60.92 -22.49
CA GLU H 214 -2.92 62.22 -21.99
C GLU H 214 -4.26 62.09 -21.28
N GLU H 215 -4.96 63.21 -21.13
CA GLU H 215 -6.23 63.32 -20.40
C GLU H 215 -7.40 62.52 -21.02
N ALA H 216 -7.20 61.72 -22.07
CA ALA H 216 -8.25 60.82 -22.54
C ALA H 216 -8.59 59.76 -21.50
N GLN H 217 -7.62 59.36 -20.68
CA GLN H 217 -7.89 58.56 -19.50
C GLN H 217 -8.01 59.51 -18.31
N PRO H 218 -9.20 59.66 -17.72
CA PRO H 218 -9.38 60.67 -16.67
C PRO H 218 -8.74 60.25 -15.36
N LYS H 219 -8.58 61.23 -14.49
CA LYS H 219 -7.96 61.02 -13.19
C LYS H 219 -8.99 60.47 -12.20
N SER H 220 -8.51 59.62 -11.30
CA SER H 220 -9.34 59.01 -10.28
C SER H 220 -9.25 59.79 -8.97
N TYR H 221 -10.14 59.46 -8.03
CA TYR H 221 -10.37 60.29 -6.87
C TYR H 221 -10.44 59.44 -5.61
N ILE H 222 -10.54 60.11 -4.47
CA ILE H 222 -10.70 59.47 -3.16
C ILE H 222 -11.48 60.42 -2.26
N PHE H 223 -12.31 59.87 -1.38
CA PHE H 223 -13.02 60.66 -0.39
C PHE H 223 -12.57 60.24 1.01
N LEU H 224 -12.14 61.22 1.80
CA LEU H 224 -11.93 61.06 3.23
C LEU H 224 -12.61 62.18 3.99
N PRO H 225 -13.19 61.90 5.16
CA PRO H 225 -13.88 62.95 5.91
C PRO H 225 -12.96 64.00 6.52
N ARG H 226 -11.68 63.70 6.68
CA ARG H 226 -10.75 64.67 7.25
C ARG H 226 -9.83 65.20 6.16
N PRO H 227 -9.91 66.49 5.81
CA PRO H 227 -9.00 67.04 4.82
C PRO H 227 -7.57 67.14 5.36
N ASN H 228 -6.62 67.00 4.44
CA ASN H 228 -5.21 66.97 4.79
C ASN H 228 -4.39 67.53 3.63
N PRO H 229 -3.71 68.66 3.83
CA PRO H 229 -2.90 69.23 2.74
C PRO H 229 -1.70 68.38 2.37
N ILE H 230 -1.17 67.59 3.31
CA ILE H 230 -0.06 66.68 3.01
C ILE H 230 -0.51 65.62 2.02
N GLN H 231 -1.64 64.97 2.31
CA GLN H 231 -2.15 63.96 1.41
C GLN H 231 -2.75 64.56 0.14
N GLU H 232 -3.23 65.81 0.19
CA GLU H 232 -3.52 66.58 -1.01
C GLU H 232 -2.32 66.65 -1.95
N GLU H 233 -1.21 67.22 -1.48
CA GLU H 233 -0.10 67.46 -2.41
C GLU H 233 0.70 66.20 -2.69
N ILE H 234 0.58 65.17 -1.85
CA ILE H 234 1.19 63.88 -2.17
C ILE H 234 0.37 63.15 -3.23
N LEU H 235 -0.94 63.08 -3.05
CA LEU H 235 -1.78 62.33 -3.96
C LEU H 235 -2.01 63.05 -5.28
N GLU H 236 -1.81 64.38 -5.32
CA GLU H 236 -1.96 65.12 -6.57
C GLU H 236 -0.91 64.71 -7.60
N GLN H 237 0.27 64.28 -7.16
CA GLN H 237 1.29 63.75 -8.05
C GLN H 237 0.98 62.35 -8.54
N TRP H 238 -0.04 61.69 -7.98
CA TRP H 238 -0.54 60.42 -8.49
C TRP H 238 -1.84 60.59 -9.25
N ARG H 239 -2.16 61.83 -9.65
CA ARG H 239 -3.39 62.21 -10.36
C ARG H 239 -4.64 61.85 -9.55
N ILE H 240 -4.59 62.13 -8.25
CA ILE H 240 -5.66 61.75 -7.32
C ILE H 240 -6.21 63.00 -6.65
N GLY H 241 -7.54 63.16 -6.70
CA GLY H 241 -8.19 64.25 -6.04
C GLY H 241 -8.28 64.05 -4.53
N MET H 242 -8.79 65.08 -3.86
CA MET H 242 -8.95 65.11 -2.41
C MET H 242 -10.33 65.63 -2.08
N ILE H 243 -11.35 64.99 -2.66
CA ILE H 243 -12.73 65.36 -2.36
C ILE H 243 -13.00 65.09 -0.89
N SER H 244 -13.40 66.14 -0.17
CA SER H 244 -13.54 66.07 1.28
C SER H 244 -14.47 67.17 1.74
N SER H 245 -15.15 66.91 2.86
CA SER H 245 -15.96 67.91 3.54
C SER H 245 -15.65 67.85 5.02
N GLU H 246 -15.56 69.02 5.66
CA GLU H 246 -15.20 69.10 7.07
C GLU H 246 -16.26 68.45 7.96
N ASN H 247 -17.41 69.11 8.10
CA ASN H 247 -18.66 68.57 8.65
C ASN H 247 -18.62 67.88 10.01
N ASP H 248 -17.49 68.00 10.74
CA ASP H 248 -17.08 67.08 11.79
C ASP H 248 -17.35 65.63 11.35
N ASN H 249 -18.08 64.85 12.18
CA ASN H 249 -18.96 63.72 11.86
C ASN H 249 -18.52 62.84 10.70
N PRO H 250 -17.51 61.97 10.88
CA PRO H 250 -17.00 61.18 9.74
C PRO H 250 -18.00 60.22 9.14
N GLY H 251 -19.03 59.81 9.87
CA GLY H 251 -20.11 59.05 9.25
C GLY H 251 -20.94 59.88 8.30
N GLU H 252 -21.20 61.14 8.65
CA GLU H 252 -22.13 61.96 7.88
C GLU H 252 -21.53 62.51 6.60
N SER H 253 -20.20 62.64 6.55
CA SER H 253 -19.55 63.16 5.35
C SER H 253 -19.70 62.21 4.17
N LEU H 254 -19.62 60.90 4.44
CA LEU H 254 -19.86 59.89 3.40
C LEU H 254 -21.29 59.96 2.88
N GLU H 255 -22.25 60.16 3.78
CA GLU H 255 -23.65 60.28 3.38
C GLU H 255 -23.88 61.52 2.52
N GLU H 256 -23.31 62.67 2.92
CA GLU H 256 -23.49 63.89 2.15
C GLU H 256 -22.74 63.85 0.83
N PHE H 257 -21.63 63.12 0.75
CA PHE H 257 -20.94 62.98 -0.52
C PHE H 257 -21.69 62.03 -1.45
N LEU H 258 -22.19 60.91 -0.94
CA LEU H 258 -22.94 59.98 -1.77
C LEU H 258 -24.33 60.47 -2.12
N LYS H 259 -24.80 61.55 -1.46
CA LYS H 259 -26.05 62.19 -1.87
C LYS H 259 -25.99 62.73 -3.29
N ASN H 260 -24.81 63.18 -3.74
CA ASN H 260 -24.65 63.76 -5.07
C ASN H 260 -24.82 62.77 -6.20
N PHE H 261 -24.80 61.47 -5.93
CA PHE H 261 -24.85 60.44 -6.98
C PHE H 261 -26.18 59.70 -7.02
N VAL H 262 -27.20 60.17 -6.30
CA VAL H 262 -28.39 59.34 -6.09
C VAL H 262 -29.32 59.40 -7.29
N LEU H 263 -29.85 60.59 -7.59
CA LEU H 263 -30.88 60.73 -8.61
C LEU H 263 -30.30 61.03 -9.99
N VAL H 264 -29.01 60.78 -10.18
CA VAL H 264 -28.35 61.02 -11.46
C VAL H 264 -28.10 59.69 -12.16
N MET I 1 -25.76 -64.90 -4.38
CA MET I 1 -26.47 -64.67 -5.63
C MET I 1 -27.94 -64.39 -5.39
N GLU I 2 -28.62 -65.36 -4.77
CA GLU I 2 -30.03 -65.17 -4.42
C GLU I 2 -30.20 -64.26 -3.21
N GLN I 3 -29.22 -64.23 -2.32
CA GLN I 3 -29.28 -63.33 -1.16
C GLN I 3 -29.16 -61.88 -1.58
N LEU I 4 -28.39 -61.61 -2.64
CA LEU I 4 -28.31 -60.26 -3.18
C LEU I 4 -29.65 -59.81 -3.76
N LEU I 5 -30.37 -60.72 -4.43
CA LEU I 5 -31.72 -60.38 -4.91
C LEU I 5 -32.70 -60.25 -3.77
N ALA I 6 -32.51 -61.01 -2.68
CA ALA I 6 -33.36 -60.87 -1.51
C ALA I 6 -33.17 -59.52 -0.84
N ASP I 7 -31.92 -59.05 -0.74
CA ASP I 7 -31.65 -57.70 -0.25
C ASP I 7 -32.10 -56.62 -1.23
N TYR I 8 -32.11 -56.94 -2.53
CA TYR I 8 -32.62 -56.02 -3.53
C TYR I 8 -34.12 -55.79 -3.36
N LYS I 9 -34.88 -56.87 -3.14
CA LYS I 9 -36.34 -56.79 -3.17
C LYS I 9 -36.93 -56.07 -1.97
N LYS I 10 -36.15 -55.85 -0.91
CA LYS I 10 -36.58 -55.01 0.19
C LYS I 10 -36.02 -53.59 0.10
N GLY I 11 -35.35 -53.25 -0.99
CA GLY I 11 -34.72 -51.95 -1.14
C GLY I 11 -33.57 -51.72 -0.18
N ASN I 12 -32.71 -52.73 -0.03
CA ASN I 12 -31.57 -52.65 0.88
C ASN I 12 -30.26 -52.87 0.16
N VAL I 13 -30.14 -52.35 -1.06
CA VAL I 13 -28.91 -52.48 -1.84
C VAL I 13 -28.49 -51.09 -2.33
N ILE I 14 -27.20 -50.92 -2.53
CA ILE I 14 -26.60 -49.66 -2.97
C ILE I 14 -25.74 -49.94 -4.18
N LEU I 15 -25.94 -49.18 -5.25
CA LEU I 15 -25.10 -49.35 -6.42
C LEU I 15 -23.84 -48.52 -6.28
N PHE I 16 -22.71 -49.07 -6.73
CA PHE I 16 -21.40 -48.43 -6.61
C PHE I 16 -20.70 -48.47 -7.96
N VAL I 17 -21.37 -47.91 -8.97
CA VAL I 17 -20.89 -47.93 -10.35
C VAL I 17 -19.52 -47.27 -10.48
N GLY I 18 -18.63 -47.92 -11.21
CA GLY I 18 -17.27 -47.43 -11.34
C GLY I 18 -16.85 -47.05 -12.74
N ALA I 19 -15.55 -47.09 -13.00
CA ALA I 19 -14.98 -46.66 -14.26
C ALA I 19 -15.02 -47.73 -15.34
N GLY I 20 -15.26 -48.99 -14.98
CA GLY I 20 -15.27 -50.08 -15.92
C GLY I 20 -16.61 -50.34 -16.58
N VAL I 21 -17.59 -49.47 -16.38
CA VAL I 21 -18.93 -49.69 -16.93
C VAL I 21 -19.10 -49.05 -18.31
N SER I 22 -18.34 -48.00 -18.64
CA SER I 22 -18.56 -47.19 -19.82
C SER I 22 -17.62 -47.56 -20.97
N MET I 23 -17.17 -48.81 -21.03
CA MET I 23 -16.28 -49.22 -22.11
C MET I 23 -16.99 -49.30 -23.45
N ASN I 24 -18.31 -49.45 -23.47
CA ASN I 24 -19.08 -49.54 -24.70
C ASN I 24 -19.54 -48.18 -25.21
N LEU I 25 -19.39 -47.12 -24.42
CA LEU I 25 -19.81 -45.79 -24.85
C LEU I 25 -18.84 -45.21 -25.88
N GLY I 26 -17.54 -45.40 -25.66
CA GLY I 26 -16.54 -44.78 -26.49
C GLY I 26 -15.91 -43.54 -25.89
N LEU I 27 -15.91 -43.42 -24.56
CA LEU I 27 -15.31 -42.28 -23.90
C LEU I 27 -13.79 -42.33 -24.03
N PRO I 28 -13.12 -41.19 -23.94
CA PRO I 28 -11.66 -41.19 -23.90
C PRO I 28 -11.12 -41.94 -22.69
N SER I 29 -10.03 -42.67 -22.90
CA SER I 29 -9.38 -43.40 -21.84
C SER I 29 -8.37 -42.50 -21.13
N TRP I 30 -7.70 -43.04 -20.12
CA TRP I 30 -6.67 -42.28 -19.43
C TRP I 30 -5.40 -42.15 -20.25
N SER I 31 -5.22 -43.04 -21.23
CA SER I 31 -4.08 -42.93 -22.14
C SER I 31 -4.18 -41.69 -23.02
N GLN I 32 -5.38 -41.28 -23.39
CA GLN I 32 -5.54 -40.01 -24.10
C GLN I 32 -5.41 -38.82 -23.15
N LEU I 33 -5.80 -38.99 -21.89
CA LEU I 33 -5.69 -37.90 -20.93
C LEU I 33 -4.23 -37.58 -20.62
N VAL I 34 -3.40 -38.61 -20.46
CA VAL I 34 -1.99 -38.35 -20.19
C VAL I 34 -1.29 -37.83 -21.44
N ASP I 35 -1.80 -38.17 -22.63
CA ASP I 35 -1.30 -37.55 -23.85
C ASP I 35 -1.64 -36.06 -23.90
N HIS I 36 -2.84 -35.69 -23.46
CA HIS I 36 -3.21 -34.28 -23.42
C HIS I 36 -2.40 -33.52 -22.38
N ILE I 37 -2.12 -34.15 -21.23
CA ILE I 37 -1.28 -33.52 -20.22
C ILE I 37 0.15 -33.34 -20.73
N ALA I 38 0.66 -34.34 -21.47
CA ALA I 38 1.97 -34.23 -22.09
C ALA I 38 2.03 -33.12 -23.15
N THR I 39 0.98 -33.00 -23.95
CA THR I 39 0.95 -31.96 -24.99
C THR I 39 0.86 -30.57 -24.38
N GLU I 40 0.00 -30.41 -23.37
CA GLU I 40 -0.15 -29.10 -22.74
C GLU I 40 0.99 -28.77 -21.79
N LEU I 41 1.79 -29.75 -21.39
CA LEU I 41 2.93 -29.49 -20.52
C LEU I 41 4.21 -29.24 -21.28
N GLY I 42 4.34 -29.75 -22.50
CA GLY I 42 5.53 -29.57 -23.30
C GLY I 42 6.37 -30.82 -23.47
N TYR I 43 5.97 -31.96 -22.92
CA TYR I 43 6.73 -33.19 -23.07
C TYR I 43 6.31 -33.92 -24.34
N ASP I 44 6.91 -35.09 -24.55
CA ASP I 44 6.46 -36.00 -25.60
C ASP I 44 5.51 -37.00 -24.97
N PRO I 45 4.40 -37.37 -25.63
CA PRO I 45 3.47 -38.35 -25.05
C PRO I 45 4.08 -39.72 -24.75
N ASP I 46 4.98 -40.18 -25.59
CA ASP I 46 5.61 -41.49 -25.38
C ASP I 46 6.73 -41.44 -24.35
N ILE I 47 7.25 -40.27 -24.03
CA ILE I 47 8.14 -40.10 -22.88
C ILE I 47 7.38 -39.70 -21.62
N TYR I 48 6.08 -39.45 -21.74
CA TYR I 48 5.25 -39.15 -20.59
C TYR I 48 4.33 -40.30 -20.20
N ARG I 49 4.21 -41.34 -21.03
CA ARG I 49 3.49 -42.54 -20.61
C ARG I 49 4.26 -43.28 -19.51
N THR I 50 5.58 -43.17 -19.53
CA THR I 50 6.44 -43.49 -18.40
C THR I 50 6.47 -42.29 -17.44
N PHE I 51 7.51 -42.21 -16.58
CA PHE I 51 7.77 -41.11 -15.64
C PHE I 51 6.78 -41.12 -14.48
N GLY I 52 5.95 -42.16 -14.38
CA GLY I 52 5.00 -42.26 -13.30
C GLY I 52 3.77 -43.02 -13.74
N SER I 53 2.85 -43.17 -12.79
CA SER I 53 1.59 -43.87 -13.02
C SER I 53 0.58 -42.94 -13.68
N ALA I 54 -0.69 -43.36 -13.68
CA ALA I 54 -1.72 -42.63 -14.43
C ALA I 54 -2.30 -41.47 -13.66
N LEU I 55 -2.07 -41.36 -12.36
CA LEU I 55 -2.64 -40.28 -11.56
C LEU I 55 -1.61 -39.25 -11.12
N GLU I 56 -0.35 -39.63 -10.96
CA GLU I 56 0.65 -38.66 -10.54
C GLU I 56 1.03 -37.69 -11.66
N LEU I 57 0.76 -38.01 -12.91
CA LEU I 57 0.90 -37.02 -13.97
C LEU I 57 -0.16 -35.94 -13.86
N ALA I 58 -1.40 -36.30 -13.52
CA ALA I 58 -2.41 -35.29 -13.26
C ALA I 58 -2.12 -34.54 -11.96
N GLU I 59 -1.42 -35.18 -11.02
CA GLU I 59 -0.92 -34.47 -9.85
C GLU I 59 0.15 -33.44 -10.24
N TYR I 60 1.03 -33.81 -11.17
CA TYR I 60 2.06 -32.89 -11.65
C TYR I 60 1.47 -31.74 -12.45
N TYR I 61 0.35 -31.98 -13.14
CA TYR I 61 -0.40 -30.90 -13.75
C TYR I 61 -0.93 -29.91 -12.72
N LYS I 62 -1.46 -30.40 -11.60
CA LYS I 62 -1.85 -29.57 -10.45
C LYS I 62 -0.66 -28.82 -9.88
N LEU I 63 0.53 -29.39 -9.95
CA LEU I 63 1.74 -28.73 -9.49
C LEU I 63 2.21 -27.60 -10.40
N LYS I 64 2.27 -27.84 -11.70
CA LYS I 64 2.83 -26.85 -12.61
C LYS I 64 1.80 -25.79 -13.01
N LYS I 65 0.62 -26.21 -13.42
CA LYS I 65 -0.39 -25.23 -13.83
C LYS I 65 -1.04 -24.55 -12.62
N GLY I 66 -1.09 -25.24 -11.48
CA GLY I 66 -1.65 -24.67 -10.28
C GLY I 66 -3.12 -24.90 -10.07
N LYS I 67 -3.83 -25.52 -11.03
CA LYS I 67 -5.26 -25.72 -10.91
C LYS I 67 -5.68 -26.88 -11.80
N ILE I 68 -6.74 -27.57 -11.37
CA ILE I 68 -7.31 -28.65 -12.17
C ILE I 68 -7.98 -28.10 -13.42
N GLY I 69 -8.62 -26.92 -13.29
CA GLY I 69 -9.55 -26.34 -14.25
C GLY I 69 -9.35 -26.44 -15.75
N PRO I 70 -8.16 -26.08 -16.28
CA PRO I 70 -7.93 -26.27 -17.72
C PRO I 70 -7.95 -27.72 -18.15
N LEU I 71 -7.56 -28.65 -17.27
CA LEU I 71 -7.72 -30.06 -17.56
C LEU I 71 -9.18 -30.49 -17.43
N ARG I 72 -9.88 -29.92 -16.44
CA ARG I 72 -11.28 -30.27 -16.20
C ARG I 72 -12.16 -29.86 -17.37
N SER I 73 -11.88 -28.70 -17.98
CA SER I 73 -12.63 -28.26 -19.15
C SER I 73 -12.42 -29.18 -20.33
N TRP I 74 -11.19 -29.67 -20.52
CA TRP I 74 -10.93 -30.60 -21.62
C TRP I 74 -11.60 -31.95 -21.40
N MET I 75 -11.58 -32.46 -20.16
CA MET I 75 -12.27 -33.72 -19.88
C MET I 75 -13.79 -33.56 -19.99
N ASP I 76 -14.32 -32.41 -19.60
CA ASP I 76 -15.75 -32.14 -19.78
C ASP I 76 -16.12 -32.04 -21.25
N ARG I 77 -15.24 -31.46 -22.08
CA ARG I 77 -15.53 -31.32 -23.49
C ARG I 77 -15.42 -32.65 -24.21
N MET I 78 -14.44 -33.49 -23.83
CA MET I 78 -14.20 -34.72 -24.58
C MET I 78 -15.07 -35.87 -24.09
N TRP I 79 -15.35 -35.94 -22.79
CA TRP I 79 -16.18 -37.01 -22.25
C TRP I 79 -17.63 -36.88 -22.70
N HIS I 80 -18.18 -35.67 -22.69
CA HIS I 80 -19.56 -35.43 -23.05
C HIS I 80 -19.68 -34.96 -24.50
N SER I 81 -19.17 -35.77 -25.41
CA SER I 81 -19.29 -35.45 -26.82
C SER I 81 -20.69 -35.80 -27.31
N SER I 82 -21.06 -35.24 -28.47
CA SER I 82 -22.35 -35.53 -29.07
C SER I 82 -22.35 -36.84 -29.83
N ASP I 83 -21.18 -37.45 -30.07
CA ASP I 83 -21.13 -38.73 -30.75
C ASP I 83 -21.56 -39.87 -29.83
N ILE I 84 -21.37 -39.72 -28.52
CA ILE I 84 -21.77 -40.74 -27.57
C ILE I 84 -23.26 -40.62 -27.31
N ASP I 85 -24.00 -41.71 -27.56
CA ASP I 85 -25.43 -41.75 -27.32
C ASP I 85 -25.71 -42.74 -26.19
N ILE I 86 -26.44 -42.28 -25.18
CA ILE I 86 -26.76 -43.13 -24.03
C ILE I 86 -27.92 -44.06 -24.32
N ASN I 87 -28.66 -43.84 -25.41
CA ASN I 87 -29.78 -44.71 -25.76
C ASN I 87 -29.34 -46.06 -26.30
N LYS I 88 -28.09 -46.18 -26.76
CA LYS I 88 -27.59 -47.43 -27.32
C LYS I 88 -26.82 -48.28 -26.31
N SER I 89 -26.51 -47.75 -25.14
CA SER I 89 -25.81 -48.50 -24.11
C SER I 89 -26.83 -49.21 -23.23
N LYS I 90 -26.86 -50.54 -23.30
CA LYS I 90 -27.84 -51.31 -22.54
C LYS I 90 -27.56 -51.34 -21.05
N VAL I 91 -26.30 -51.15 -20.65
CA VAL I 91 -25.97 -51.21 -19.22
C VAL I 91 -26.53 -50.00 -18.48
N HIS I 92 -26.37 -48.81 -19.05
CA HIS I 92 -26.95 -47.61 -18.45
C HIS I 92 -28.47 -47.64 -18.51
N GLU I 93 -29.03 -48.23 -19.58
CA GLU I 93 -30.48 -48.41 -19.68
C GLU I 93 -31.00 -49.32 -18.58
N TYR I 94 -30.28 -50.41 -18.30
CA TYR I 94 -30.70 -51.31 -17.24
C TYR I 94 -30.46 -50.72 -15.86
N ILE I 95 -29.45 -49.87 -15.71
CA ILE I 95 -29.25 -49.16 -14.45
C ILE I 95 -30.39 -48.18 -14.20
N ALA I 96 -30.82 -47.46 -15.25
CA ALA I 96 -31.88 -46.46 -15.10
C ALA I 96 -33.25 -47.11 -14.90
N LYS I 97 -33.52 -48.22 -15.60
CA LYS I 97 -34.82 -48.86 -15.46
C LYS I 97 -34.99 -49.58 -14.13
N ALA I 98 -33.94 -50.22 -13.63
CA ALA I 98 -34.01 -50.87 -12.33
C ALA I 98 -34.02 -49.83 -11.22
N ASN I 99 -34.84 -50.08 -10.20
CA ASN I 99 -34.89 -49.18 -9.06
C ASN I 99 -33.64 -49.39 -8.21
N PHE I 100 -33.10 -48.30 -7.68
CA PHE I 100 -31.94 -48.33 -6.82
C PHE I 100 -32.11 -47.10 -5.94
N PRO I 101 -31.99 -47.24 -4.62
CA PRO I 101 -32.13 -46.05 -3.77
C PRO I 101 -30.92 -45.12 -3.83
N ILE I 102 -29.70 -45.66 -3.82
CA ILE I 102 -28.48 -44.87 -3.87
C ILE I 102 -27.55 -45.46 -4.92
N ILE I 103 -27.04 -44.60 -5.80
CA ILE I 103 -26.23 -44.98 -6.97
C ILE I 103 -24.88 -44.25 -6.88
N TYR I 104 -24.16 -44.41 -5.77
CA TYR I 104 -22.78 -43.95 -5.64
C TYR I 104 -21.96 -44.24 -6.90
N THR I 105 -21.27 -43.21 -7.40
CA THR I 105 -20.43 -43.35 -8.59
C THR I 105 -19.04 -42.82 -8.31
N THR I 106 -18.04 -43.54 -8.79
CA THR I 106 -16.65 -43.09 -8.79
C THR I 106 -16.38 -42.19 -10.00
N ASN I 107 -17.19 -42.28 -11.04
CA ASN I 107 -17.03 -41.60 -12.31
C ASN I 107 -17.11 -40.08 -12.15
N TYR I 108 -16.45 -39.38 -13.07
CA TYR I 108 -16.55 -37.93 -13.14
C TYR I 108 -17.64 -37.47 -14.09
N ASP I 109 -17.95 -38.26 -15.12
CA ASP I 109 -18.88 -37.83 -16.16
C ASP I 109 -20.32 -37.89 -15.66
N ARG I 110 -21.22 -37.32 -16.46
CA ARG I 110 -22.63 -37.22 -16.11
C ARG I 110 -23.51 -38.15 -16.93
N TRP I 111 -22.95 -39.25 -17.45
CA TRP I 111 -23.72 -40.13 -18.30
C TRP I 111 -24.74 -40.98 -17.55
N ILE I 112 -24.51 -41.25 -16.26
CA ILE I 112 -25.49 -41.98 -15.47
C ILE I 112 -26.73 -41.14 -15.21
N GLU I 113 -26.55 -39.86 -14.86
CA GLU I 113 -27.70 -38.99 -14.65
C GLU I 113 -28.40 -38.66 -15.96
N THR I 114 -27.64 -38.59 -17.06
CA THR I 114 -28.25 -38.46 -18.39
C THR I 114 -29.06 -39.69 -18.74
N ALA I 115 -28.57 -40.88 -18.37
CA ALA I 115 -29.32 -42.11 -18.58
C ALA I 115 -30.58 -42.17 -17.73
N LEU I 116 -30.52 -41.67 -16.49
CA LEU I 116 -31.71 -41.70 -15.64
C LEU I 116 -32.74 -40.68 -16.11
N SER I 117 -32.31 -39.51 -16.59
CA SER I 117 -33.26 -38.56 -17.15
C SER I 117 -33.75 -38.96 -18.54
N ASN I 118 -33.03 -39.86 -19.22
CA ASN I 118 -33.50 -40.32 -20.52
C ASN I 118 -34.67 -41.30 -20.37
N TYR I 119 -34.78 -41.96 -19.22
CA TYR I 119 -35.80 -42.97 -18.99
C TYR I 119 -36.83 -42.54 -17.94
N GLY I 120 -36.96 -41.23 -17.70
CA GLY I 120 -38.02 -40.72 -16.87
C GLY I 120 -37.69 -40.59 -15.40
N LYS I 121 -36.60 -41.19 -14.93
CA LYS I 121 -36.25 -41.09 -13.52
C LYS I 121 -35.64 -39.72 -13.21
N GLU I 122 -35.71 -39.35 -11.94
CA GLU I 122 -35.22 -38.07 -11.46
C GLU I 122 -34.05 -38.30 -10.49
N TYR I 123 -33.11 -37.36 -10.49
CA TYR I 123 -31.91 -37.48 -9.68
C TYR I 123 -31.76 -36.27 -8.76
N ILE I 124 -31.12 -36.50 -7.61
CA ILE I 124 -30.89 -35.44 -6.63
C ILE I 124 -29.37 -35.43 -6.42
N LYS I 125 -28.63 -35.54 -7.54
CA LYS I 125 -27.18 -35.71 -7.65
C LYS I 125 -26.36 -34.88 -6.66
N ILE I 126 -25.52 -35.56 -5.89
CA ILE I 126 -24.81 -34.98 -4.75
C ILE I 126 -23.31 -35.05 -5.03
N SER I 127 -22.63 -33.91 -4.88
CA SER I 127 -21.17 -33.92 -4.98
C SER I 127 -20.50 -33.09 -3.90
N SER I 128 -21.24 -32.62 -2.90
CA SER I 128 -20.66 -31.78 -1.86
C SER I 128 -21.54 -31.88 -0.61
N VAL I 129 -21.23 -31.05 0.39
CA VAL I 129 -22.03 -31.02 1.62
C VAL I 129 -23.39 -30.38 1.37
N SER I 130 -23.41 -29.30 0.58
CA SER I 130 -24.64 -28.53 0.39
C SER I 130 -25.70 -29.27 -0.40
N ASP I 131 -25.32 -30.27 -1.18
CA ASP I 131 -26.31 -31.08 -1.89
C ASP I 131 -26.97 -32.10 -0.98
N ILE I 132 -26.37 -32.40 0.18
CA ILE I 132 -27.01 -33.29 1.14
C ILE I 132 -28.17 -32.59 1.82
N ALA I 133 -28.12 -31.26 1.92
CA ALA I 133 -29.20 -30.51 2.55
C ALA I 133 -30.49 -30.52 1.74
N LYS I 134 -30.39 -30.71 0.43
CA LYS I 134 -31.56 -30.74 -0.44
C LYS I 134 -31.96 -32.16 -0.81
N ILE I 135 -31.61 -33.13 0.03
CA ILE I 135 -31.86 -34.54 -0.29
C ILE I 135 -33.36 -34.84 -0.21
N ASP I 136 -33.78 -35.83 -0.98
CA ASP I 136 -35.18 -36.21 -1.05
C ASP I 136 -35.27 -37.73 -1.07
N ASN I 137 -36.23 -38.26 -0.33
CA ASN I 137 -36.37 -39.71 -0.18
C ASN I 137 -37.15 -40.34 -1.33
N ASN I 138 -37.76 -39.54 -2.20
CA ASN I 138 -38.52 -40.06 -3.33
C ASN I 138 -37.75 -40.02 -4.64
N LYS I 139 -36.56 -39.43 -4.65
CA LYS I 139 -35.75 -39.32 -5.85
C LYS I 139 -34.45 -40.08 -5.68
N THR I 140 -33.92 -40.57 -6.79
CA THR I 140 -32.71 -41.38 -6.77
C THR I 140 -31.49 -40.51 -6.48
N GLN I 141 -30.62 -40.97 -5.58
CA GLN I 141 -29.42 -40.24 -5.21
C GLN I 141 -28.23 -40.81 -5.98
N ILE I 142 -27.65 -39.99 -6.85
CA ILE I 142 -26.41 -40.34 -7.53
C ILE I 142 -25.32 -39.48 -6.93
N ILE I 143 -24.51 -40.07 -6.06
CA ILE I 143 -23.49 -39.34 -5.31
C ILE I 143 -22.14 -39.59 -5.96
N LYS I 144 -21.55 -38.53 -6.50
CA LYS I 144 -20.24 -38.61 -7.12
C LYS I 144 -19.20 -38.77 -6.03
N PHE I 145 -18.68 -40.00 -5.87
CA PHE I 145 -17.72 -40.28 -4.82
C PHE I 145 -16.39 -39.57 -5.06
N HIS I 146 -16.03 -39.32 -6.32
CA HIS I 146 -14.79 -38.65 -6.65
C HIS I 146 -15.03 -37.28 -7.28
N GLY I 147 -16.24 -36.75 -7.18
CA GLY I 147 -16.54 -35.43 -7.68
C GLY I 147 -16.75 -35.42 -9.19
N ASP I 148 -17.49 -34.41 -9.65
CA ASP I 148 -17.73 -34.25 -11.08
C ASP I 148 -17.23 -32.90 -11.56
N PHE I 149 -17.51 -32.57 -12.82
CA PHE I 149 -16.97 -31.38 -13.46
C PHE I 149 -17.61 -30.09 -13.00
N ASP I 150 -18.54 -30.13 -12.03
CA ASP I 150 -19.12 -28.93 -11.45
C ASP I 150 -18.36 -28.47 -10.22
N ASP I 151 -17.08 -28.84 -10.08
CA ASP I 151 -16.18 -28.38 -9.04
C ASP I 151 -14.75 -28.76 -9.38
N ASP I 152 -13.80 -27.85 -9.25
CA ASP I 152 -12.39 -28.24 -9.33
C ASP I 152 -11.77 -28.49 -7.95
N SER I 153 -12.48 -28.19 -6.87
CA SER I 153 -11.97 -28.43 -5.54
C SER I 153 -12.39 -29.79 -4.98
N SER I 154 -13.10 -30.60 -5.77
CA SER I 154 -13.54 -31.91 -5.32
C SER I 154 -13.18 -33.02 -6.28
N ILE I 155 -12.61 -32.72 -7.45
CA ILE I 155 -12.24 -33.73 -8.42
C ILE I 155 -10.96 -34.41 -7.96
N VAL I 156 -10.97 -35.73 -7.88
CA VAL I 156 -9.85 -36.51 -7.37
C VAL I 156 -9.11 -37.09 -8.57
N LEU I 157 -8.11 -36.36 -9.05
CA LEU I 157 -7.09 -36.90 -9.94
C LEU I 157 -5.70 -36.92 -9.35
N ASP I 158 -5.43 -36.09 -8.35
CA ASP I 158 -4.10 -36.06 -7.74
C ASP I 158 -3.88 -37.31 -6.90
N GLU I 159 -2.61 -37.74 -6.83
CA GLU I 159 -2.26 -38.82 -5.92
C GLU I 159 -2.37 -38.36 -4.46
N THR I 160 -2.06 -37.08 -4.20
CA THR I 160 -2.28 -36.51 -2.88
C THR I 160 -3.76 -36.50 -2.53
N SER I 161 -4.61 -36.12 -3.48
CA SER I 161 -6.05 -36.14 -3.27
C SER I 161 -6.57 -37.55 -3.06
N TYR I 162 -6.05 -38.51 -3.81
CA TYR I 162 -6.44 -39.92 -3.65
C TYR I 162 -6.03 -40.46 -2.29
N PHE I 163 -4.82 -40.16 -1.84
CA PHE I 163 -4.37 -40.65 -0.54
C PHE I 163 -5.02 -39.91 0.61
N GLN I 164 -5.53 -38.70 0.36
CA GLN I 164 -6.36 -38.02 1.35
C GLN I 164 -7.76 -38.64 1.41
N ARG I 165 -8.31 -39.03 0.26
CA ARG I 165 -9.59 -39.74 0.23
C ARG I 165 -9.51 -41.12 0.86
N LEU I 166 -8.32 -41.73 0.87
CA LEU I 166 -8.15 -43.06 1.42
C LEU I 166 -8.34 -43.14 2.94
N GLU I 167 -8.35 -42.02 3.66
CA GLU I 167 -8.58 -42.04 5.09
C GLU I 167 -10.06 -42.02 5.47
N PHE I 168 -10.94 -41.68 4.53
CA PHE I 168 -12.40 -41.68 4.69
C PHE I 168 -12.85 -40.75 5.83
N GLU I 169 -12.52 -39.47 5.69
CA GLU I 169 -12.93 -38.47 6.66
C GLU I 169 -13.54 -37.22 6.05
N THR I 170 -13.41 -37.01 4.75
CA THR I 170 -14.15 -35.96 4.07
C THR I 170 -15.64 -36.30 4.10
N PRO I 171 -16.55 -35.30 4.17
CA PRO I 171 -17.96 -35.62 4.39
C PRO I 171 -18.72 -36.24 3.22
N LEU I 172 -18.02 -36.66 2.17
CA LEU I 172 -18.65 -37.53 1.18
C LEU I 172 -18.43 -39.01 1.49
N ASP I 173 -17.56 -39.34 2.44
CA ASP I 173 -17.38 -40.73 2.84
C ASP I 173 -18.04 -41.06 4.17
N ILE I 174 -18.28 -40.08 5.04
CA ILE I 174 -19.08 -40.32 6.23
C ILE I 174 -20.51 -40.66 5.85
N LYS I 175 -21.02 -40.00 4.80
CA LYS I 175 -22.33 -40.35 4.26
C LYS I 175 -22.34 -41.77 3.71
N PHE I 176 -21.25 -42.20 3.10
CA PHE I 176 -21.19 -43.57 2.58
C PHE I 176 -21.10 -44.60 3.69
N ARG I 177 -20.28 -44.36 4.70
CA ARG I 177 -20.17 -45.33 5.77
C ARG I 177 -21.31 -45.26 6.76
N SER I 178 -22.21 -44.28 6.63
CA SER I 178 -23.50 -44.36 7.29
C SER I 178 -24.59 -44.97 6.40
N ASP I 179 -24.48 -44.83 5.07
CA ASP I 179 -25.45 -45.47 4.19
C ASP I 179 -25.22 -46.97 4.11
N VAL I 180 -23.99 -47.42 4.36
CA VAL I 180 -23.67 -48.84 4.42
C VAL I 180 -24.39 -49.56 5.55
N LEU I 181 -24.59 -48.89 6.69
CA LEU I 181 -25.12 -49.49 7.91
C LEU I 181 -26.53 -50.02 7.69
N GLY I 182 -26.67 -51.34 7.75
CA GLY I 182 -27.94 -51.99 7.53
C GLY I 182 -28.21 -52.39 6.10
N LYS I 183 -27.36 -52.01 5.15
CA LYS I 183 -27.58 -52.30 3.74
C LYS I 183 -26.37 -53.00 3.14
N SER I 184 -26.58 -53.61 1.99
CA SER I 184 -25.48 -54.09 1.17
C SER I 184 -25.20 -53.08 0.06
N VAL I 185 -23.99 -53.16 -0.49
CA VAL I 185 -23.57 -52.28 -1.57
C VAL I 185 -22.98 -53.12 -2.71
N LEU I 186 -23.51 -52.92 -3.92
CA LEU I 186 -23.12 -53.68 -5.09
C LEU I 186 -22.11 -52.88 -5.91
N PHE I 187 -21.02 -53.53 -6.30
CA PHE I 187 -19.95 -52.88 -7.04
C PHE I 187 -19.92 -53.42 -8.47
N ILE I 188 -19.98 -52.51 -9.44
CA ILE I 188 -19.85 -52.87 -10.85
C ILE I 188 -18.86 -51.92 -11.51
N GLY I 189 -17.90 -52.50 -12.23
CA GLY I 189 -16.95 -51.71 -12.97
C GLY I 189 -15.57 -51.54 -12.35
N TYR I 190 -15.10 -52.52 -11.59
CA TYR I 190 -13.78 -52.48 -11.00
C TYR I 190 -13.02 -53.76 -11.30
N SER I 191 -11.70 -53.65 -11.41
CA SER I 191 -10.84 -54.77 -11.75
C SER I 191 -9.96 -55.20 -10.58
N LEU I 192 -10.15 -54.60 -9.41
CA LEU I 192 -9.29 -54.78 -8.23
C LEU I 192 -7.81 -54.56 -8.55
N SER I 193 -7.54 -53.54 -9.36
CA SER I 193 -6.21 -52.97 -9.49
C SER I 193 -6.13 -51.61 -8.80
N ASP I 194 -7.19 -51.22 -8.09
CA ASP I 194 -7.25 -49.94 -7.38
C ASP I 194 -7.19 -50.18 -5.88
N ILE I 195 -6.40 -49.35 -5.20
CA ILE I 195 -6.15 -49.52 -3.77
C ILE I 195 -7.40 -49.18 -2.96
N ASN I 196 -8.19 -48.21 -3.43
CA ASN I 196 -9.30 -47.68 -2.64
C ASN I 196 -10.44 -48.68 -2.51
N ILE I 197 -10.61 -49.56 -3.49
CA ILE I 197 -11.69 -50.54 -3.45
C ILE I 197 -11.40 -51.59 -2.38
N ARG I 198 -10.17 -52.08 -2.34
CA ARG I 198 -9.78 -53.07 -1.34
C ARG I 198 -9.70 -52.45 0.05
N LEU I 199 -9.24 -51.20 0.15
CA LEU I 199 -9.20 -50.56 1.46
C LEU I 199 -10.59 -50.18 1.95
N LEU I 200 -11.53 -49.90 1.04
CA LEU I 200 -12.93 -49.73 1.41
C LEU I 200 -13.52 -51.01 1.95
N PHE I 201 -13.22 -52.15 1.29
CA PHE I 201 -13.67 -53.44 1.82
C PHE I 201 -13.07 -53.75 3.18
N TYR I 202 -11.79 -53.41 3.35
CA TYR I 202 -11.11 -53.64 4.63
C TYR I 202 -11.71 -52.77 5.72
N LYS I 203 -12.08 -51.53 5.38
CA LYS I 203 -12.71 -50.64 6.35
C LYS I 203 -14.09 -51.15 6.76
N LEU I 204 -14.87 -51.65 5.80
CA LEU I 204 -16.19 -52.21 6.14
C LEU I 204 -16.06 -53.49 6.96
N SER I 205 -15.05 -54.31 6.66
CA SER I 205 -14.82 -55.52 7.44
C SER I 205 -14.34 -55.19 8.86
N LYS I 206 -13.51 -54.15 9.00
CA LYS I 206 -13.13 -53.67 10.34
C LYS I 206 -14.33 -53.16 11.11
N LEU I 207 -15.24 -52.45 10.43
CA LEU I 207 -16.47 -51.99 11.06
C LEU I 207 -17.36 -53.15 11.46
N TRP I 208 -17.29 -54.28 10.74
CA TRP I 208 -18.11 -55.41 11.12
C TRP I 208 -17.50 -56.20 12.28
N LYS I 209 -16.21 -56.56 12.20
CA LYS I 209 -15.63 -57.37 13.27
C LYS I 209 -15.21 -56.55 14.50
N GLU I 210 -15.23 -55.22 14.42
CA GLU I 210 -14.79 -54.43 15.55
C GLU I 210 -15.91 -54.00 16.47
N GLN I 211 -17.09 -53.71 15.92
CA GLN I 211 -18.25 -53.35 16.73
C GLN I 211 -19.17 -54.53 16.99
N LYS I 212 -18.79 -55.73 16.53
CA LYS I 212 -19.53 -56.98 16.71
C LYS I 212 -20.96 -56.87 16.19
N LEU I 213 -21.11 -56.33 14.97
CA LEU I 213 -22.42 -56.22 14.36
C LEU I 213 -22.96 -57.56 13.85
N GLU I 214 -22.10 -58.58 13.76
CA GLU I 214 -22.44 -59.95 13.37
C GLU I 214 -23.11 -60.02 12.00
N GLU I 215 -24.34 -60.54 11.96
CA GLU I 215 -25.08 -60.70 10.71
C GLU I 215 -26.12 -59.61 10.52
N ALA I 216 -26.12 -58.58 11.36
CA ALA I 216 -27.05 -57.47 11.22
C ALA I 216 -26.69 -56.56 10.05
N GLN I 217 -25.45 -56.59 9.59
CA GLN I 217 -25.03 -55.89 8.39
C GLN I 217 -24.94 -56.89 7.25
N PRO I 218 -25.72 -56.74 6.18
CA PRO I 218 -25.69 -57.68 5.06
C PRO I 218 -24.32 -57.82 4.41
N LYS I 219 -24.05 -59.00 3.87
CA LYS I 219 -22.88 -59.20 3.04
C LYS I 219 -23.06 -58.45 1.73
N SER I 220 -22.05 -57.66 1.35
CA SER I 220 -22.20 -56.92 0.11
C SER I 220 -21.35 -57.56 -0.99
N TYR I 221 -21.57 -57.12 -2.23
CA TYR I 221 -21.20 -57.92 -3.39
C TYR I 221 -20.49 -57.06 -4.43
N ILE I 222 -19.76 -57.74 -5.32
CA ILE I 222 -19.02 -57.08 -6.40
C ILE I 222 -19.07 -57.99 -7.63
N PHE I 223 -19.37 -57.40 -8.78
CA PHE I 223 -19.46 -58.13 -10.03
C PHE I 223 -18.14 -58.06 -10.79
N LEU I 224 -17.77 -59.17 -11.42
CA LEU I 224 -16.63 -59.23 -12.33
C LEU I 224 -17.00 -59.97 -13.60
N PRO I 225 -16.37 -59.62 -14.73
CA PRO I 225 -16.61 -60.40 -15.95
C PRO I 225 -15.81 -61.68 -16.03
N ARG I 226 -14.62 -61.72 -15.44
CA ARG I 226 -13.76 -62.90 -15.47
C ARG I 226 -13.65 -63.48 -14.07
N PRO I 227 -14.04 -64.72 -13.85
CA PRO I 227 -13.93 -65.31 -12.51
C PRO I 227 -12.49 -65.57 -12.13
N ASN I 228 -12.21 -65.45 -10.83
CA ASN I 228 -10.88 -65.67 -10.31
C ASN I 228 -10.96 -66.63 -9.12
N PRO I 229 -10.08 -67.62 -9.03
CA PRO I 229 -10.17 -68.57 -7.92
C PRO I 229 -9.68 -68.00 -6.61
N ILE I 230 -8.62 -67.18 -6.65
CA ILE I 230 -8.01 -66.72 -5.40
C ILE I 230 -8.80 -65.56 -4.80
N GLN I 231 -9.19 -64.59 -5.64
CA GLN I 231 -9.79 -63.35 -5.18
C GLN I 231 -11.14 -63.56 -4.53
N GLU I 232 -11.85 -64.64 -4.86
CA GLU I 232 -13.09 -64.96 -4.16
C GLU I 232 -12.83 -65.29 -2.70
N GLU I 233 -11.78 -66.06 -2.40
CA GLU I 233 -11.47 -66.39 -1.01
C GLU I 233 -10.86 -65.21 -0.25
N ILE I 234 -9.99 -64.44 -0.92
CA ILE I 234 -9.47 -63.22 -0.30
C ILE I 234 -10.58 -62.22 -0.02
N LEU I 235 -11.57 -62.13 -0.91
CA LEU I 235 -12.67 -61.20 -0.70
C LEU I 235 -13.65 -61.72 0.34
N GLU I 236 -13.85 -63.03 0.39
CA GLU I 236 -14.68 -63.65 1.42
C GLU I 236 -14.06 -63.53 2.80
N GLN I 237 -12.74 -63.36 2.89
CA GLN I 237 -12.13 -62.98 4.16
C GLN I 237 -12.54 -61.58 4.61
N TRP I 238 -13.05 -60.75 3.70
CA TRP I 238 -13.61 -59.44 4.02
C TRP I 238 -15.14 -59.44 4.01
N ARG I 239 -15.77 -60.62 4.08
CA ARG I 239 -17.23 -60.84 4.09
C ARG I 239 -17.83 -60.41 2.73
N ILE I 240 -16.98 -60.38 1.71
CA ILE I 240 -17.37 -59.81 0.44
C ILE I 240 -17.52 -60.94 -0.56
N GLY I 241 -18.68 -61.03 -1.21
CA GLY I 241 -18.94 -62.06 -2.19
C GLY I 241 -18.69 -61.54 -3.60
N MET I 242 -18.19 -62.43 -4.45
CA MET I 242 -17.96 -62.12 -5.86
C MET I 242 -19.01 -62.82 -6.72
N ILE I 243 -19.61 -62.05 -7.63
CA ILE I 243 -20.54 -62.57 -8.62
C ILE I 243 -19.86 -62.47 -9.98
N SER I 244 -19.82 -63.58 -10.71
CA SER I 244 -19.16 -63.63 -12.01
C SER I 244 -20.10 -64.26 -13.03
N SER I 245 -19.62 -64.30 -14.28
CA SER I 245 -20.39 -64.87 -15.38
C SER I 245 -19.45 -65.60 -16.32
N GLU I 246 -20.03 -66.50 -17.12
CA GLU I 246 -19.26 -67.36 -18.01
C GLU I 246 -18.93 -66.71 -19.34
N ASN I 247 -19.50 -65.54 -19.64
CA ASN I 247 -19.23 -64.87 -20.90
C ASN I 247 -17.83 -64.28 -20.89
N ASP I 248 -17.07 -64.52 -21.96
CA ASP I 248 -15.74 -63.93 -22.07
C ASP I 248 -15.81 -62.44 -22.36
N ASN I 249 -16.84 -62.01 -23.07
CA ASN I 249 -17.03 -60.58 -23.34
C ASN I 249 -17.58 -59.90 -22.09
N PRO I 250 -16.91 -58.85 -21.58
CA PRO I 250 -17.41 -58.18 -20.37
C PRO I 250 -18.73 -57.45 -20.56
N GLY I 251 -18.98 -56.92 -21.75
CA GLY I 251 -20.20 -56.15 -21.98
C GLY I 251 -21.46 -56.98 -21.88
N GLU I 252 -21.44 -58.18 -22.47
CA GLU I 252 -22.59 -59.07 -22.36
C GLU I 252 -22.78 -59.60 -20.95
N SER I 253 -21.67 -59.79 -20.21
CA SER I 253 -21.77 -60.22 -18.81
C SER I 253 -22.44 -59.16 -17.95
N LEU I 254 -22.01 -57.89 -18.10
CA LEU I 254 -22.63 -56.80 -17.37
C LEU I 254 -24.08 -56.58 -17.79
N GLU I 255 -24.37 -56.72 -19.09
CA GLU I 255 -25.73 -56.58 -19.58
C GLU I 255 -26.65 -57.67 -19.03
N GLU I 256 -26.17 -58.91 -18.96
CA GLU I 256 -26.99 -59.99 -18.43
C GLU I 256 -27.19 -59.86 -16.92
N PHE I 257 -26.15 -59.42 -16.20
CA PHE I 257 -26.27 -59.22 -14.76
C PHE I 257 -27.26 -58.09 -14.43
N LEU I 258 -27.18 -56.98 -15.14
CA LEU I 258 -28.12 -55.90 -14.92
C LEU I 258 -29.52 -56.21 -15.46
N LYS I 259 -29.63 -57.05 -16.50
CA LYS I 259 -30.94 -57.54 -16.96
C LYS I 259 -31.59 -58.42 -15.90
N ASN I 260 -30.80 -59.25 -15.22
CA ASN I 260 -31.29 -59.96 -14.04
C ASN I 260 -31.71 -58.98 -12.96
N PHE I 261 -31.00 -57.86 -12.85
CA PHE I 261 -31.33 -56.88 -11.82
C PHE I 261 -32.46 -55.93 -12.21
N VAL I 262 -32.98 -55.99 -13.43
CA VAL I 262 -34.07 -55.08 -13.80
C VAL I 262 -35.40 -55.63 -13.34
N LEU I 263 -35.76 -56.85 -13.79
CA LEU I 263 -37.08 -57.47 -13.66
C LEU I 263 -38.25 -56.52 -13.89
N VAL I 264 -38.69 -55.84 -12.83
CA VAL I 264 -39.80 -54.92 -12.90
C VAL I 264 -39.34 -53.51 -12.51
N MET J 1 22.03 -31.91 -1.11
CA MET J 1 22.62 -33.16 -0.64
C MET J 1 23.65 -32.90 0.45
N GLU J 2 24.24 -31.70 0.45
CA GLU J 2 25.18 -31.33 1.49
C GLU J 2 24.51 -31.07 2.82
N GLN J 3 23.21 -30.77 2.82
CA GLN J 3 22.45 -30.68 4.06
C GLN J 3 22.30 -32.05 4.71
N LEU J 4 22.14 -33.09 3.90
CA LEU J 4 22.09 -34.45 4.42
C LEU J 4 23.42 -34.85 5.05
N LEU J 5 24.55 -34.46 4.43
CA LEU J 5 25.85 -34.75 5.02
C LEU J 5 26.11 -33.92 6.27
N ALA J 6 25.59 -32.69 6.31
CA ALA J 6 25.69 -31.88 7.52
C ALA J 6 24.88 -32.47 8.66
N ASP J 7 23.71 -33.02 8.37
CA ASP J 7 22.94 -33.74 9.38
C ASP J 7 23.59 -35.05 9.77
N TYR J 8 24.27 -35.71 8.83
CA TYR J 8 25.04 -36.91 9.14
C TYR J 8 26.18 -36.62 10.11
N LYS J 9 26.87 -35.49 9.92
CA LYS J 9 27.98 -35.14 10.79
C LYS J 9 27.54 -34.81 12.21
N LYS J 10 26.26 -34.48 12.40
CA LYS J 10 25.69 -34.36 13.74
C LYS J 10 25.14 -35.66 14.26
N GLY J 11 24.93 -36.65 13.41
CA GLY J 11 24.37 -37.92 13.81
C GLY J 11 22.87 -37.91 13.88
N ASN J 12 22.23 -37.24 12.92
CA ASN J 12 20.78 -37.07 12.90
C ASN J 12 20.16 -37.67 11.64
N VAL J 13 20.70 -38.78 11.16
CA VAL J 13 20.22 -39.42 9.93
C VAL J 13 19.83 -40.86 10.25
N ILE J 14 18.61 -41.24 9.87
CA ILE J 14 18.11 -42.58 10.04
C ILE J 14 18.18 -43.29 8.68
N LEU J 15 18.68 -44.51 8.67
CA LEU J 15 18.75 -45.27 7.43
C LEU J 15 17.50 -46.12 7.27
N PHE J 16 16.97 -46.17 6.04
CA PHE J 16 15.83 -47.00 5.70
C PHE J 16 16.20 -47.83 4.48
N VAL J 17 16.32 -49.13 4.67
CA VAL J 17 16.86 -50.03 3.66
C VAL J 17 15.71 -50.75 2.96
N GLY J 18 15.69 -50.69 1.63
CA GLY J 18 14.69 -51.35 0.84
C GLY J 18 15.17 -52.64 0.23
N ALA J 19 14.41 -53.14 -0.75
CA ALA J 19 14.75 -54.38 -1.42
C ALA J 19 15.75 -54.20 -2.55
N GLY J 20 15.98 -52.98 -3.01
CA GLY J 20 16.92 -52.72 -4.08
C GLY J 20 18.36 -52.65 -3.64
N VAL J 21 18.61 -52.72 -2.33
CA VAL J 21 19.97 -52.81 -1.80
C VAL J 21 20.64 -54.13 -2.18
N SER J 22 19.87 -55.22 -2.24
CA SER J 22 20.44 -56.56 -2.38
C SER J 22 20.02 -57.16 -3.71
N MET J 23 20.12 -56.37 -4.78
CA MET J 23 19.78 -56.86 -6.11
C MET J 23 20.97 -57.49 -6.84
N ASN J 24 22.19 -57.04 -6.57
CA ASN J 24 23.36 -57.57 -7.24
C ASN J 24 24.01 -58.73 -6.50
N LEU J 25 23.51 -59.07 -5.31
CA LEU J 25 24.11 -60.14 -4.53
C LEU J 25 23.81 -61.51 -5.13
N GLY J 26 22.62 -61.70 -5.66
CA GLY J 26 22.20 -62.98 -6.16
C GLY J 26 21.11 -63.66 -5.36
N LEU J 27 20.41 -62.92 -4.50
CA LEU J 27 19.25 -63.47 -3.81
C LEU J 27 18.14 -63.78 -4.82
N PRO J 28 17.31 -64.80 -4.55
CA PRO J 28 16.26 -65.15 -5.51
C PRO J 28 15.20 -64.07 -5.62
N SER J 29 14.62 -63.99 -6.82
CA SER J 29 13.73 -62.90 -7.16
C SER J 29 12.34 -63.12 -6.55
N TRP J 30 11.46 -62.14 -6.75
CA TRP J 30 10.11 -62.19 -6.23
C TRP J 30 9.19 -63.03 -7.11
N SER J 31 9.67 -63.50 -8.26
CA SER J 31 8.92 -64.29 -9.22
C SER J 31 9.10 -65.79 -9.05
N GLN J 32 10.30 -66.24 -8.70
CA GLN J 32 10.50 -67.66 -8.40
C GLN J 32 9.81 -68.04 -7.09
N LEU J 33 9.64 -67.07 -6.19
CA LEU J 33 8.80 -67.27 -5.01
C LEU J 33 7.36 -67.54 -5.42
N VAL J 34 6.85 -66.77 -6.37
CA VAL J 34 5.49 -66.95 -6.89
C VAL J 34 5.36 -68.31 -7.57
N ASP J 35 6.40 -68.70 -8.31
CA ASP J 35 6.43 -70.02 -8.92
C ASP J 35 6.43 -71.13 -7.88
N HIS J 36 7.12 -70.93 -6.76
CA HIS J 36 7.12 -71.89 -5.66
C HIS J 36 5.74 -72.03 -5.03
N ILE J 37 5.06 -70.91 -4.78
CA ILE J 37 3.71 -70.96 -4.22
C ILE J 37 2.74 -71.61 -5.20
N ALA J 38 2.94 -71.37 -6.50
CA ALA J 38 2.09 -71.99 -7.52
C ALA J 38 2.30 -73.50 -7.57
N THR J 39 3.55 -73.94 -7.65
CA THR J 39 3.86 -75.36 -7.75
C THR J 39 3.65 -76.10 -6.43
N GLU J 40 3.49 -75.39 -5.32
CA GLU J 40 3.11 -76.02 -4.07
C GLU J 40 1.60 -76.08 -3.88
N LEU J 41 0.87 -75.08 -4.38
CA LEU J 41 -0.56 -74.98 -4.20
C LEU J 41 -1.37 -75.69 -5.28
N GLY J 42 -0.70 -76.37 -6.21
CA GLY J 42 -1.40 -77.07 -7.26
C GLY J 42 -1.71 -76.25 -8.48
N TYR J 43 -0.84 -75.31 -8.83
CA TYR J 43 -1.01 -74.48 -10.02
C TYR J 43 0.25 -74.54 -10.87
N ASP J 44 0.06 -74.47 -12.19
CA ASP J 44 1.28 -74.34 -12.98
C ASP J 44 1.76 -72.89 -12.93
N PRO J 45 3.07 -72.64 -12.83
CA PRO J 45 3.56 -71.31 -12.46
C PRO J 45 3.49 -70.26 -13.56
N ASP J 46 3.09 -70.61 -14.79
CA ASP J 46 2.90 -69.61 -15.82
C ASP J 46 1.48 -69.10 -15.93
N ILE J 47 0.49 -69.95 -15.65
CA ILE J 47 -0.90 -69.51 -15.60
C ILE J 47 -1.16 -68.64 -14.38
N TYR J 48 -0.54 -68.97 -13.24
CA TYR J 48 -0.70 -68.32 -11.93
C TYR J 48 -0.18 -66.86 -11.87
N ARG J 49 0.33 -66.24 -12.93
CA ARG J 49 0.80 -64.86 -12.87
C ARG J 49 -0.25 -63.85 -13.30
N THR J 50 -1.37 -64.29 -13.85
CA THR J 50 -2.32 -63.35 -14.43
C THR J 50 -3.48 -63.01 -13.49
N PHE J 51 -3.49 -63.55 -12.27
CA PHE J 51 -4.56 -63.24 -11.32
C PHE J 51 -4.13 -62.30 -10.20
N GLY J 52 -3.13 -61.46 -10.42
CA GLY J 52 -2.84 -60.39 -9.49
C GLY J 52 -1.37 -60.35 -9.12
N SER J 53 -1.08 -59.49 -8.14
CA SER J 53 0.29 -59.29 -7.67
C SER J 53 0.66 -60.38 -6.67
N ALA J 54 1.89 -60.33 -6.16
CA ALA J 54 2.41 -61.42 -5.33
C ALA J 54 1.85 -61.39 -3.91
N LEU J 55 1.34 -60.25 -3.46
CA LEU J 55 0.73 -60.17 -2.14
C LEU J 55 -0.55 -60.99 -2.04
N GLU J 56 -1.37 -60.98 -3.09
CA GLU J 56 -2.59 -61.77 -3.12
C GLU J 56 -2.34 -63.28 -3.23
N LEU J 57 -1.16 -63.68 -3.72
CA LEU J 57 -0.77 -65.08 -3.72
C LEU J 57 -0.11 -65.52 -2.43
N ALA J 58 0.64 -64.64 -1.79
CA ALA J 58 1.15 -64.94 -0.46
C ALA J 58 0.03 -64.92 0.58
N GLU J 59 -1.07 -64.22 0.31
CA GLU J 59 -2.28 -64.33 1.11
C GLU J 59 -3.00 -65.65 0.88
N TYR J 60 -2.95 -66.17 -0.36
CA TYR J 60 -3.52 -67.48 -0.62
C TYR J 60 -2.66 -68.59 -0.03
N TYR J 61 -1.36 -68.35 0.14
CA TYR J 61 -0.57 -69.15 1.07
C TYR J 61 -0.55 -68.52 2.46
N LYS J 62 -1.72 -68.08 2.91
CA LYS J 62 -2.03 -67.84 4.31
C LYS J 62 -3.43 -68.32 4.67
N LEU J 63 -4.34 -68.37 3.69
CA LEU J 63 -5.71 -68.81 3.98
C LEU J 63 -5.78 -70.31 4.16
N LYS J 64 -5.46 -71.07 3.12
CA LYS J 64 -5.35 -72.52 3.21
C LYS J 64 -3.92 -72.91 3.55
N LYS J 65 -3.79 -73.99 4.32
CA LYS J 65 -2.60 -74.30 5.12
C LYS J 65 -2.19 -73.07 5.92
N GLY J 66 -3.07 -72.74 6.87
CA GLY J 66 -3.08 -71.43 7.52
C GLY J 66 -1.94 -71.14 8.47
N LYS J 67 -0.71 -71.21 7.95
CA LYS J 67 0.48 -70.75 8.63
C LYS J 67 1.43 -70.20 7.58
N ILE J 68 2.25 -69.24 8.00
CA ILE J 68 3.31 -68.73 7.12
C ILE J 68 4.59 -69.53 7.28
N GLY J 69 4.60 -70.51 8.18
CA GLY J 69 5.78 -71.27 8.57
C GLY J 69 6.53 -72.05 7.49
N PRO J 70 5.85 -72.86 6.67
CA PRO J 70 6.56 -73.50 5.55
C PRO J 70 7.12 -72.52 4.53
N LEU J 71 6.37 -71.47 4.20
CA LEU J 71 6.88 -70.43 3.30
C LEU J 71 8.03 -69.66 3.93
N ARG J 72 7.95 -69.42 5.24
CA ARG J 72 9.04 -68.77 5.97
C ARG J 72 10.30 -69.64 5.97
N SER J 73 10.13 -70.95 6.16
CA SER J 73 11.27 -71.86 6.13
C SER J 73 11.90 -71.96 4.76
N TRP J 74 11.08 -71.99 3.70
CA TRP J 74 11.61 -72.00 2.34
C TRP J 74 12.33 -70.70 2.01
N MET J 75 11.80 -69.57 2.47
CA MET J 75 12.49 -68.29 2.32
C MET J 75 13.79 -68.23 3.09
N ASP J 76 13.82 -68.79 4.30
CA ASP J 76 15.05 -68.80 5.09
C ASP J 76 16.10 -69.72 4.49
N ARG J 77 15.69 -70.78 3.81
CA ARG J 77 16.64 -71.64 3.12
C ARG J 77 17.11 -71.07 1.79
N MET J 78 16.25 -70.37 1.04
CA MET J 78 16.64 -69.89 -0.28
C MET J 78 17.27 -68.50 -0.26
N TRP J 79 16.82 -67.62 0.63
CA TRP J 79 17.37 -66.28 0.75
C TRP J 79 18.72 -66.27 1.46
N HIS J 80 19.08 -67.37 2.13
CA HIS J 80 20.33 -67.43 2.87
C HIS J 80 21.16 -68.62 2.38
N SER J 81 21.28 -68.76 1.07
CA SER J 81 22.05 -69.86 0.50
C SER J 81 23.54 -69.61 0.69
N SER J 82 24.32 -70.69 0.56
CA SER J 82 25.75 -70.65 0.88
C SER J 82 26.59 -69.89 -0.13
N ASP J 83 26.11 -69.71 -1.36
CA ASP J 83 26.90 -69.08 -2.40
C ASP J 83 26.90 -67.56 -2.33
N ILE J 84 26.08 -66.97 -1.46
CA ILE J 84 26.02 -65.51 -1.34
C ILE J 84 27.16 -65.05 -0.44
N ASP J 85 28.07 -64.25 -0.99
CA ASP J 85 29.21 -63.72 -0.26
C ASP J 85 28.95 -62.26 0.08
N ILE J 86 28.84 -61.96 1.37
CA ILE J 86 28.55 -60.60 1.79
C ILE J 86 29.77 -59.69 1.69
N ASN J 87 30.98 -60.26 1.59
CA ASN J 87 32.17 -59.44 1.41
C ASN J 87 32.32 -58.93 -0.01
N LYS J 88 31.70 -59.60 -0.98
CA LYS J 88 31.76 -59.16 -2.37
C LYS J 88 30.75 -58.06 -2.68
N SER J 89 29.77 -57.83 -1.81
CA SER J 89 28.78 -56.80 -2.02
C SER J 89 29.30 -55.47 -1.49
N LYS J 90 29.50 -54.51 -2.38
CA LYS J 90 30.02 -53.20 -1.98
C LYS J 90 28.97 -52.36 -1.27
N VAL J 91 27.69 -52.58 -1.57
CA VAL J 91 26.62 -51.78 -0.97
C VAL J 91 26.49 -52.09 0.52
N HIS J 92 26.46 -53.38 0.87
CA HIS J 92 26.34 -53.76 2.28
C HIS J 92 27.61 -53.43 3.05
N GLU J 93 28.78 -53.50 2.40
CA GLU J 93 30.01 -53.11 3.08
C GLU J 93 30.08 -51.59 3.28
N TYR J 94 29.48 -50.80 2.38
CA TYR J 94 29.43 -49.36 2.56
C TYR J 94 28.40 -48.98 3.61
N ILE J 95 27.34 -49.76 3.75
CA ILE J 95 26.38 -49.56 4.82
C ILE J 95 27.01 -49.89 6.17
N ALA J 96 27.73 -51.01 6.25
CA ALA J 96 28.33 -51.45 7.50
C ALA J 96 29.50 -50.57 7.92
N LYS J 97 30.23 -50.00 6.98
CA LYS J 97 31.32 -49.10 7.33
C LYS J 97 30.84 -47.69 7.67
N ALA J 98 29.54 -47.41 7.54
CA ALA J 98 29.01 -46.09 7.85
C ALA J 98 28.76 -45.95 9.35
N ASN J 99 28.13 -44.85 9.74
CA ASN J 99 27.87 -44.53 11.14
C ASN J 99 26.41 -44.16 11.35
N PHE J 100 25.50 -44.96 10.80
CA PHE J 100 24.08 -44.77 11.08
C PHE J 100 23.76 -45.36 12.44
N PRO J 101 23.21 -44.58 13.37
CA PRO J 101 22.89 -45.13 14.69
C PRO J 101 21.66 -46.02 14.68
N ILE J 102 20.69 -45.70 13.84
CA ILE J 102 19.45 -46.45 13.71
C ILE J 102 19.26 -46.80 12.24
N ILE J 103 19.13 -48.09 11.94
CA ILE J 103 18.93 -48.57 10.58
C ILE J 103 17.59 -49.28 10.51
N TYR J 104 16.72 -48.81 9.62
CA TYR J 104 15.47 -49.50 9.36
C TYR J 104 15.60 -50.32 8.08
N THR J 105 14.86 -51.42 8.03
CA THR J 105 14.83 -52.22 6.81
C THR J 105 13.46 -52.87 6.66
N THR J 106 12.98 -52.92 5.42
CA THR J 106 11.76 -53.63 5.11
C THR J 106 12.01 -55.07 4.66
N ASN J 107 13.28 -55.45 4.53
CA ASN J 107 13.62 -56.80 4.10
C ASN J 107 13.35 -57.81 5.22
N TYR J 108 13.29 -59.07 4.84
CA TYR J 108 13.19 -60.15 5.80
C TYR J 108 14.51 -60.90 5.99
N ASP J 109 15.42 -60.82 5.02
CA ASP J 109 16.71 -61.48 5.15
C ASP J 109 17.59 -60.72 6.14
N ARG J 110 18.66 -61.39 6.58
CA ARG J 110 19.54 -60.86 7.61
C ARG J 110 20.93 -60.55 7.07
N TRP J 111 21.01 -60.01 5.86
CA TRP J 111 22.31 -59.74 5.26
C TRP J 111 22.90 -58.42 5.73
N ILE J 112 22.05 -57.45 6.12
CA ILE J 112 22.56 -56.23 6.73
C ILE J 112 23.17 -56.54 8.09
N GLU J 113 22.50 -57.37 8.88
CA GLU J 113 23.03 -57.80 10.18
C GLU J 113 24.28 -58.65 10.03
N THR J 114 24.35 -59.51 9.02
CA THR J 114 25.55 -60.29 8.78
C THR J 114 26.72 -59.39 8.33
N ALA J 115 26.42 -58.38 7.50
CA ALA J 115 27.45 -57.44 7.06
C ALA J 115 27.95 -56.58 8.22
N LEU J 116 27.09 -56.30 9.20
CA LEU J 116 27.60 -55.65 10.41
C LEU J 116 28.32 -56.63 11.32
N SER J 117 27.95 -57.91 11.28
CA SER J 117 28.55 -58.91 12.16
C SER J 117 30.00 -59.21 11.77
N ASN J 118 30.26 -59.41 10.49
CA ASN J 118 31.61 -59.80 10.09
C ASN J 118 32.58 -58.63 10.04
N TYR J 119 32.12 -57.40 10.26
CA TYR J 119 32.98 -56.23 10.23
C TYR J 119 33.26 -55.66 11.62
N GLY J 120 32.91 -56.40 12.67
CA GLY J 120 33.19 -55.96 14.01
C GLY J 120 32.22 -54.95 14.60
N LYS J 121 31.14 -54.63 13.89
CA LYS J 121 30.15 -53.68 14.39
C LYS J 121 29.11 -54.43 15.20
N GLU J 122 29.12 -54.23 16.51
CA GLU J 122 28.09 -54.82 17.36
C GLU J 122 26.77 -54.10 17.15
N TYR J 123 25.68 -54.87 17.21
CA TYR J 123 24.36 -54.35 16.88
C TYR J 123 23.33 -54.96 17.80
N ILE J 124 22.09 -54.49 17.66
CA ILE J 124 20.91 -55.12 18.24
C ILE J 124 19.85 -55.24 17.16
N LYS J 125 19.17 -56.39 17.13
CA LYS J 125 18.10 -56.62 16.18
C LYS J 125 16.76 -56.42 16.87
N ILE J 126 15.91 -55.58 16.30
CA ILE J 126 14.61 -55.27 16.85
C ILE J 126 13.55 -55.74 15.88
N SER J 127 12.65 -56.61 16.35
CA SER J 127 11.58 -57.14 15.51
C SER J 127 10.21 -57.11 16.16
N SER J 128 10.11 -56.91 17.47
CA SER J 128 8.82 -56.88 18.15
C SER J 128 8.94 -55.93 19.34
N VAL J 129 7.94 -55.98 20.23
CA VAL J 129 7.94 -55.14 21.42
C VAL J 129 8.99 -55.61 22.42
N SER J 130 9.27 -56.92 22.46
CA SER J 130 10.18 -57.48 23.44
C SER J 130 11.63 -57.07 23.21
N ASP J 131 12.03 -56.83 21.96
CA ASP J 131 13.38 -56.41 21.67
C ASP J 131 13.60 -54.91 21.85
N ILE J 132 12.53 -54.13 22.00
CA ILE J 132 12.66 -52.70 22.22
C ILE J 132 13.21 -52.42 23.62
N ALA J 133 12.76 -53.20 24.60
CA ALA J 133 13.14 -52.97 26.00
C ALA J 133 14.60 -53.31 26.31
N LYS J 134 15.30 -54.00 25.41
CA LYS J 134 16.67 -54.44 25.66
C LYS J 134 17.71 -53.58 24.95
N ILE J 135 17.36 -52.35 24.60
CA ILE J 135 18.22 -51.51 23.75
C ILE J 135 19.45 -51.08 24.52
N ASP J 136 20.62 -51.36 23.95
CA ASP J 136 21.89 -50.77 24.37
C ASP J 136 22.25 -49.72 23.32
N ASN J 137 22.53 -48.51 23.77
CA ASN J 137 22.65 -47.37 22.87
C ASN J 137 24.05 -47.18 22.32
N ASN J 138 24.99 -48.07 22.64
CA ASN J 138 26.30 -48.08 22.03
C ASN J 138 26.35 -48.99 20.80
N LYS J 139 25.20 -49.51 20.38
CA LYS J 139 25.13 -50.46 19.28
C LYS J 139 24.06 -50.02 18.29
N THR J 140 24.26 -50.38 17.03
CA THR J 140 23.31 -50.06 15.98
C THR J 140 22.02 -50.85 16.17
N GLN J 141 20.89 -50.20 15.89
CA GLN J 141 19.58 -50.84 16.00
C GLN J 141 19.05 -51.12 14.60
N ILE J 142 19.21 -52.37 14.16
CA ILE J 142 18.59 -52.81 12.91
C ILE J 142 17.16 -53.20 13.25
N ILE J 143 16.21 -52.40 12.80
CA ILE J 143 14.81 -52.59 13.13
C ILE J 143 14.12 -53.16 11.90
N LYS J 144 13.69 -54.42 12.00
CA LYS J 144 12.99 -55.07 10.91
C LYS J 144 11.57 -54.53 10.85
N PHE J 145 11.30 -53.67 9.86
CA PHE J 145 10.01 -53.01 9.77
C PHE J 145 8.91 -53.98 9.39
N HIS J 146 9.09 -54.70 8.29
CA HIS J 146 8.09 -55.65 7.81
C HIS J 146 8.40 -57.07 8.30
N GLY J 147 8.58 -57.22 9.61
CA GLY J 147 8.76 -58.54 10.19
C GLY J 147 10.13 -59.14 9.89
N ASP J 148 10.25 -60.41 10.29
CA ASP J 148 11.50 -61.15 10.14
C ASP J 148 11.17 -62.63 10.08
N PHE J 149 12.21 -63.45 9.89
CA PHE J 149 12.07 -64.89 9.87
C PHE J 149 12.09 -65.51 11.26
N ASP J 150 12.32 -64.71 12.31
CA ASP J 150 12.34 -65.21 13.67
C ASP J 150 10.96 -65.19 14.32
N ASP J 151 9.93 -64.72 13.61
CA ASP J 151 8.59 -64.65 14.18
C ASP J 151 7.58 -64.80 13.04
N ASP J 152 6.79 -65.86 13.09
CA ASP J 152 5.77 -66.09 12.08
C ASP J 152 4.56 -65.18 12.23
N SER J 153 4.30 -64.68 13.44
CA SER J 153 3.16 -63.82 13.69
C SER J 153 3.49 -62.35 13.54
N SER J 154 4.74 -62.02 13.22
CA SER J 154 5.16 -60.63 13.06
C SER J 154 5.52 -60.28 11.62
N ILE J 155 5.63 -61.26 10.73
CA ILE J 155 6.02 -60.99 9.35
C ILE J 155 4.85 -60.35 8.60
N VAL J 156 5.20 -59.63 7.54
CA VAL J 156 4.21 -59.02 6.65
C VAL J 156 4.35 -59.75 5.32
N LEU J 157 3.49 -60.75 5.09
CA LEU J 157 3.55 -61.56 3.90
C LEU J 157 2.15 -61.85 3.38
N ASP J 158 1.29 -60.84 3.41
CA ASP J 158 -0.07 -60.95 2.87
C ASP J 158 -0.57 -59.55 2.57
N GLU J 159 -1.70 -59.50 1.87
CA GLU J 159 -2.35 -58.22 1.60
C GLU J 159 -2.95 -57.61 2.86
N THR J 160 -3.51 -58.46 3.74
CA THR J 160 -4.22 -57.98 4.91
C THR J 160 -3.28 -57.30 5.91
N SER J 161 -2.15 -57.93 6.22
CA SER J 161 -1.19 -57.33 7.13
C SER J 161 -0.48 -56.14 6.51
N TYR J 162 -0.30 -56.13 5.19
CA TYR J 162 0.27 -54.97 4.51
C TYR J 162 -0.67 -53.77 4.61
N PHE J 163 -1.97 -53.98 4.40
CA PHE J 163 -2.91 -52.88 4.49
C PHE J 163 -3.15 -52.47 5.94
N GLN J 164 -2.94 -53.40 6.88
CA GLN J 164 -2.97 -53.02 8.29
C GLN J 164 -1.74 -52.18 8.66
N ARG J 165 -0.60 -52.49 8.07
CA ARG J 165 0.61 -51.69 8.28
C ARG J 165 0.54 -50.36 7.55
N LEU J 166 -0.34 -50.22 6.56
CA LEU J 166 -0.52 -48.94 5.87
C LEU J 166 -1.03 -47.84 6.81
N GLU J 167 -1.82 -48.20 7.82
CA GLU J 167 -2.07 -47.29 8.92
C GLU J 167 -1.02 -47.58 9.99
N PHE J 168 -0.45 -46.52 10.57
CA PHE J 168 0.78 -46.66 11.35
C PHE J 168 0.42 -46.67 12.84
N GLU J 169 0.02 -47.84 13.32
CA GLU J 169 -0.42 -48.00 14.70
C GLU J 169 0.20 -49.18 15.44
N THR J 170 0.94 -50.06 14.76
CA THR J 170 1.66 -51.12 15.45
C THR J 170 2.85 -50.50 16.19
N PRO J 171 3.39 -51.20 17.22
CA PRO J 171 4.50 -50.61 18.01
C PRO J 171 5.74 -50.23 17.22
N LEU J 172 6.09 -50.96 16.16
CA LEU J 172 7.21 -50.55 15.34
C LEU J 172 6.92 -49.26 14.58
N ASP J 173 5.66 -49.05 14.19
CA ASP J 173 5.32 -47.80 13.51
C ASP J 173 5.36 -46.62 14.48
N ILE J 174 4.95 -46.82 15.74
CA ILE J 174 5.07 -45.77 16.75
C ILE J 174 6.54 -45.49 17.05
N LYS J 175 7.38 -46.54 17.05
CA LYS J 175 8.81 -46.37 17.21
C LYS J 175 9.41 -45.54 16.07
N PHE J 176 8.95 -45.79 14.84
CA PHE J 176 9.44 -45.00 13.71
C PHE J 176 8.91 -43.57 13.75
N ARG J 177 7.65 -43.40 14.16
CA ARG J 177 7.05 -42.07 14.24
C ARG J 177 7.67 -41.22 15.33
N SER J 178 8.29 -41.83 16.34
CA SER J 178 9.04 -41.06 17.31
C SER J 178 10.53 -40.96 16.99
N ASP J 179 11.09 -41.91 16.24
CA ASP J 179 12.48 -41.81 15.82
C ASP J 179 12.65 -40.82 14.68
N VAL J 180 11.58 -40.51 13.96
CA VAL J 180 11.61 -39.50 12.89
C VAL J 180 11.61 -38.08 13.44
N LEU J 181 11.36 -37.89 14.73
CA LEU J 181 11.19 -36.56 15.31
C LEU J 181 12.55 -35.89 15.42
N GLY J 182 12.76 -34.83 14.65
CA GLY J 182 14.02 -34.13 14.67
C GLY J 182 15.16 -34.85 13.98
N LYS J 183 14.86 -35.82 13.13
CA LYS J 183 15.88 -36.58 12.41
C LYS J 183 15.43 -36.78 10.97
N SER J 184 16.41 -36.99 10.10
CA SER J 184 16.16 -37.25 8.69
C SER J 184 16.24 -38.75 8.42
N VAL J 185 15.39 -39.22 7.50
CA VAL J 185 15.34 -40.63 7.12
C VAL J 185 15.83 -40.73 5.69
N LEU J 186 16.78 -41.63 5.47
CA LEU J 186 17.35 -41.87 4.15
C LEU J 186 16.79 -43.20 3.63
N PHE J 187 16.06 -43.14 2.53
CA PHE J 187 15.47 -44.33 1.93
C PHE J 187 16.33 -44.76 0.74
N ILE J 188 16.76 -46.01 0.74
CA ILE J 188 17.51 -46.58 -0.37
C ILE J 188 16.93 -47.93 -0.73
N GLY J 189 16.68 -48.16 -2.02
CA GLY J 189 16.21 -49.42 -2.53
C GLY J 189 14.84 -49.36 -3.20
N TYR J 190 13.95 -48.52 -2.69
CA TYR J 190 12.60 -48.42 -3.23
C TYR J 190 12.61 -47.68 -4.56
N SER J 191 11.58 -47.94 -5.37
CA SER J 191 11.55 -47.46 -6.75
C SER J 191 10.21 -46.82 -7.06
N LEU J 192 9.45 -46.46 -6.02
CA LEU J 192 8.16 -45.76 -6.06
C LEU J 192 7.05 -46.44 -6.87
N SER J 193 7.24 -47.70 -7.24
CA SER J 193 6.12 -48.49 -7.73
C SER J 193 5.50 -49.29 -6.62
N ASP J 194 6.15 -49.19 -5.47
CA ASP J 194 5.76 -49.88 -4.25
C ASP J 194 5.11 -48.88 -3.31
N ILE J 195 3.93 -49.24 -2.82
CA ILE J 195 3.16 -48.42 -1.89
C ILE J 195 3.80 -48.45 -0.51
N ASN J 196 3.29 -47.59 0.37
CA ASN J 196 3.61 -47.24 1.76
C ASN J 196 4.84 -46.34 1.88
N ILE J 197 5.63 -46.22 0.82
CA ILE J 197 6.67 -45.19 0.83
C ILE J 197 6.03 -43.82 0.61
N ARG J 198 5.13 -43.74 -0.36
CA ARG J 198 4.35 -42.52 -0.59
C ARG J 198 3.44 -42.23 0.59
N LEU J 199 2.90 -43.28 1.23
CA LEU J 199 2.03 -43.06 2.38
C LEU J 199 2.81 -42.63 3.61
N LEU J 200 4.03 -43.14 3.79
CA LEU J 200 4.93 -42.63 4.83
C LEU J 200 5.28 -41.18 4.59
N PHE J 201 5.54 -40.82 3.32
CA PHE J 201 5.86 -39.44 2.99
C PHE J 201 4.67 -38.53 3.25
N TYR J 202 3.46 -38.98 2.91
CA TYR J 202 2.25 -38.20 3.15
C TYR J 202 1.97 -38.04 4.64
N LYS J 203 2.22 -39.09 5.43
CA LYS J 203 2.00 -38.99 6.87
C LYS J 203 3.02 -38.09 7.54
N LEU J 204 4.28 -38.17 7.14
CA LEU J 204 5.28 -37.26 7.67
C LEU J 204 5.09 -35.83 7.18
N SER J 205 4.47 -35.65 6.02
CA SER J 205 4.17 -34.31 5.53
C SER J 205 3.00 -33.71 6.30
N LYS J 206 1.97 -34.49 6.58
CA LYS J 206 0.83 -33.95 7.32
C LYS J 206 1.16 -33.78 8.80
N LEU J 207 2.15 -34.52 9.31
CA LEU J 207 2.64 -34.26 10.66
C LEU J 207 3.33 -32.90 10.75
N TRP J 208 3.96 -32.46 9.66
CA TRP J 208 4.62 -31.16 9.63
C TRP J 208 3.66 -30.04 9.23
N LYS J 209 2.58 -30.37 8.52
CA LYS J 209 1.63 -29.35 8.09
C LYS J 209 0.51 -29.11 9.09
N GLU J 210 0.14 -30.10 9.91
CA GLU J 210 -0.85 -29.87 10.95
C GLU J 210 -0.24 -29.25 12.19
N GLN J 211 0.74 -29.90 12.79
CA GLN J 211 1.58 -29.31 13.83
C GLN J 211 2.75 -28.69 13.08
N LYS J 212 2.95 -27.39 13.28
CA LYS J 212 3.82 -26.56 12.43
C LYS J 212 5.28 -27.00 12.45
N LEU J 213 5.92 -26.91 13.62
CA LEU J 213 7.27 -27.36 13.94
C LEU J 213 8.40 -26.63 13.19
N GLU J 214 8.04 -25.72 12.27
CA GLU J 214 8.94 -25.01 11.36
C GLU J 214 10.01 -25.90 10.73
N GLU J 215 11.28 -25.52 10.89
CA GLU J 215 12.39 -26.31 10.39
C GLU J 215 13.09 -27.11 11.49
N ALA J 216 12.47 -27.25 12.67
CA ALA J 216 13.03 -28.11 13.70
C ALA J 216 12.97 -29.58 13.27
N GLN J 217 11.93 -29.95 12.53
CA GLN J 217 11.88 -31.25 11.87
C GLN J 217 12.60 -31.09 10.53
N PRO J 218 13.73 -31.77 10.32
CA PRO J 218 14.44 -31.62 9.04
C PRO J 218 13.75 -32.40 7.94
N LYS J 219 14.04 -32.02 6.70
CA LYS J 219 13.54 -32.78 5.56
C LYS J 219 14.29 -34.09 5.45
N SER J 220 13.59 -35.13 5.02
CA SER J 220 14.19 -36.45 4.85
C SER J 220 14.31 -36.76 3.37
N TYR J 221 15.21 -37.68 3.04
CA TYR J 221 15.70 -37.82 1.68
C TYR J 221 15.49 -39.24 1.15
N ILE J 222 15.44 -39.37 -0.17
CA ILE J 222 15.36 -40.65 -0.84
C ILE J 222 16.40 -40.65 -1.96
N PHE J 223 16.95 -41.83 -2.27
CA PHE J 223 17.86 -42.01 -3.38
C PHE J 223 17.23 -42.90 -4.43
N LEU J 224 17.40 -42.52 -5.69
CA LEU J 224 16.87 -43.23 -6.85
C LEU J 224 17.85 -43.16 -8.01
N PRO J 225 18.17 -44.30 -8.64
CA PRO J 225 19.13 -44.28 -9.74
C PRO J 225 18.61 -43.66 -11.02
N ARG J 226 17.29 -43.63 -11.20
CA ARG J 226 16.70 -43.02 -12.38
C ARG J 226 16.17 -41.65 -12.01
N PRO J 227 16.73 -40.56 -12.54
CA PRO J 227 16.28 -39.22 -12.15
C PRO J 227 14.94 -38.89 -12.80
N ASN J 228 13.92 -38.70 -11.97
CA ASN J 228 12.56 -38.47 -12.44
C ASN J 228 12.15 -37.04 -12.11
N PRO J 229 12.10 -36.12 -13.07
CA PRO J 229 11.69 -34.75 -12.78
C PRO J 229 10.23 -34.60 -12.34
N ILE J 230 9.36 -35.55 -12.68
CA ILE J 230 7.99 -35.52 -12.17
C ILE J 230 7.99 -35.85 -10.68
N GLN J 231 8.65 -36.95 -10.32
CA GLN J 231 8.69 -37.40 -8.94
C GLN J 231 9.50 -36.47 -8.06
N GLU J 232 10.43 -35.69 -8.63
CA GLU J 232 11.17 -34.71 -7.84
C GLU J 232 10.24 -33.64 -7.26
N GLU J 233 9.34 -33.10 -8.10
CA GLU J 233 8.39 -32.10 -7.62
C GLU J 233 7.32 -32.74 -6.73
N ILE J 234 6.87 -33.95 -7.09
CA ILE J 234 5.82 -34.61 -6.31
C ILE J 234 6.32 -34.95 -4.91
N LEU J 235 7.55 -35.44 -4.80
CA LEU J 235 8.14 -35.67 -3.49
C LEU J 235 8.55 -34.38 -2.79
N GLU J 236 8.83 -33.31 -3.54
CA GLU J 236 9.14 -32.02 -2.93
C GLU J 236 7.92 -31.44 -2.23
N GLN J 237 6.72 -31.79 -2.70
CA GLN J 237 5.51 -31.48 -1.92
C GLN J 237 5.48 -32.20 -0.58
N TRP J 238 6.08 -33.39 -0.49
CA TRP J 238 6.09 -34.16 0.75
C TRP J 238 7.38 -33.96 1.54
N ARG J 239 8.06 -32.84 1.31
CA ARG J 239 9.31 -32.46 1.98
C ARG J 239 10.39 -33.53 1.82
N ILE J 240 10.45 -34.14 0.65
CA ILE J 240 11.33 -35.27 0.39
C ILE J 240 12.36 -34.82 -0.62
N GLY J 241 13.62 -34.91 -0.25
CA GLY J 241 14.68 -34.61 -1.18
C GLY J 241 14.83 -35.67 -2.25
N MET J 242 15.40 -35.26 -3.38
CA MET J 242 15.54 -36.11 -4.56
C MET J 242 17.03 -36.22 -4.87
N ILE J 243 17.63 -37.37 -4.54
CA ILE J 243 19.04 -37.61 -4.81
C ILE J 243 19.13 -38.66 -5.90
N SER J 244 19.82 -38.32 -6.98
CA SER J 244 19.94 -39.22 -8.13
C SER J 244 21.35 -39.13 -8.68
N SER J 245 21.73 -40.16 -9.44
CA SER J 245 23.05 -40.26 -10.02
C SER J 245 22.95 -40.38 -11.53
N GLU J 246 24.03 -40.01 -12.22
CA GLU J 246 24.07 -40.01 -13.67
C GLU J 246 24.51 -41.34 -14.27
N ASN J 247 24.89 -42.30 -13.45
CA ASN J 247 25.31 -43.60 -13.96
C ASN J 247 24.10 -44.38 -14.45
N ASP J 248 24.24 -45.00 -15.62
CA ASP J 248 23.12 -45.71 -16.23
C ASP J 248 22.81 -47.00 -15.49
N ASN J 249 23.83 -47.69 -14.99
CA ASN J 249 23.61 -48.91 -14.24
C ASN J 249 23.29 -48.56 -12.78
N PRO J 250 22.18 -49.06 -12.22
CA PRO J 250 21.87 -48.77 -10.82
C PRO J 250 22.79 -49.43 -9.81
N GLY J 251 23.62 -50.39 -10.22
CA GLY J 251 24.52 -51.07 -9.31
C GLY J 251 25.60 -50.19 -8.72
N GLU J 252 26.34 -49.45 -9.55
CA GLU J 252 27.40 -48.60 -9.05
C GLU J 252 26.90 -47.27 -8.52
N SER J 253 25.67 -46.87 -8.87
CA SER J 253 25.14 -45.59 -8.43
C SER J 253 24.93 -45.55 -6.92
N LEU J 254 24.41 -46.63 -6.35
CA LEU J 254 24.20 -46.69 -4.91
C LEU J 254 25.52 -46.76 -4.15
N GLU J 255 26.52 -47.46 -4.70
CA GLU J 255 27.84 -47.49 -4.08
C GLU J 255 28.50 -46.12 -4.11
N GLU J 256 28.38 -45.41 -5.23
CA GLU J 256 28.93 -44.06 -5.33
C GLU J 256 28.21 -43.09 -4.38
N PHE J 257 26.90 -43.27 -4.22
CA PHE J 257 26.14 -42.45 -3.28
C PHE J 257 26.54 -42.73 -1.83
N LEU J 258 26.78 -44.00 -1.49
CA LEU J 258 27.19 -44.34 -0.14
C LEU J 258 28.66 -44.06 0.14
N LYS J 259 29.46 -43.84 -0.91
CA LYS J 259 30.88 -43.52 -0.74
C LYS J 259 31.09 -42.20 0.00
N ASN J 260 30.14 -41.27 -0.10
CA ASN J 260 30.17 -40.08 0.74
C ASN J 260 29.81 -40.38 2.19
N PHE J 261 29.26 -41.57 2.47
CA PHE J 261 28.86 -41.95 3.81
C PHE J 261 29.81 -42.92 4.49
N VAL J 262 30.74 -43.52 3.73
CA VAL J 262 31.66 -44.50 4.30
C VAL J 262 32.63 -43.85 5.29
N LEU J 263 33.17 -42.68 4.95
CA LEU J 263 34.34 -42.12 5.63
C LEU J 263 34.06 -41.72 7.07
N VAL J 264 32.91 -41.12 7.34
CA VAL J 264 32.59 -40.71 8.70
C VAL J 264 31.65 -41.72 9.35
N MET K 1 6.13 -51.84 45.79
CA MET K 1 5.65 -52.84 46.72
C MET K 1 5.40 -54.13 45.92
N GLU K 2 5.52 -54.01 44.60
CA GLU K 2 5.20 -55.08 43.67
C GLU K 2 6.44 -55.39 42.84
N GLN K 3 6.24 -56.15 41.75
CA GLN K 3 7.28 -56.53 40.80
C GLN K 3 7.84 -55.36 39.98
N LEU K 4 7.28 -54.16 40.14
CA LEU K 4 7.84 -53.00 39.47
C LEU K 4 9.20 -52.61 40.05
N LEU K 5 9.52 -53.05 41.27
CA LEU K 5 10.89 -52.91 41.75
C LEU K 5 11.87 -53.77 40.96
N ALA K 6 11.47 -54.99 40.60
CA ALA K 6 12.30 -55.82 39.73
C ALA K 6 12.38 -55.26 38.33
N ASP K 7 11.30 -54.60 37.88
CA ASP K 7 11.37 -53.86 36.63
C ASP K 7 12.29 -52.64 36.73
N TYR K 8 12.28 -51.97 37.89
CA TYR K 8 13.12 -50.81 38.18
C TYR K 8 14.60 -51.18 38.15
N LYS K 9 14.97 -52.31 38.75
CA LYS K 9 16.38 -52.70 38.82
C LYS K 9 16.96 -53.08 37.46
N LYS K 10 16.10 -53.34 36.47
CA LYS K 10 16.53 -53.45 35.08
C LYS K 10 16.42 -52.14 34.32
N GLY K 11 16.03 -51.06 35.00
CA GLY K 11 15.86 -49.77 34.35
C GLY K 11 14.70 -49.69 33.38
N ASN K 12 13.54 -50.24 33.76
CA ASN K 12 12.38 -50.28 32.90
C ASN K 12 11.17 -49.61 33.57
N VAL K 13 11.40 -48.48 34.23
CA VAL K 13 10.35 -47.75 34.91
C VAL K 13 10.44 -46.29 34.51
N ILE K 14 9.32 -45.70 34.09
CA ILE K 14 9.23 -44.32 33.64
C ILE K 14 8.39 -43.56 34.65
N LEU K 15 8.92 -42.46 35.17
CA LEU K 15 8.16 -41.64 36.10
C LEU K 15 7.24 -40.70 35.36
N PHE K 16 6.06 -40.45 35.95
CA PHE K 16 5.04 -39.59 35.35
C PHE K 16 4.48 -38.65 36.42
N VAL K 17 5.39 -37.87 37.03
CA VAL K 17 5.08 -36.86 38.05
C VAL K 17 3.95 -35.96 37.61
N GLY K 18 3.02 -35.70 38.53
CA GLY K 18 1.90 -34.81 38.30
C GLY K 18 2.02 -33.53 39.10
N ALA K 19 0.87 -32.99 39.47
CA ALA K 19 0.81 -31.78 40.29
C ALA K 19 0.71 -32.08 41.77
N GLY K 20 0.60 -33.34 42.17
CA GLY K 20 0.39 -33.69 43.55
C GLY K 20 1.62 -33.83 44.40
N VAL K 21 2.82 -33.78 43.82
CA VAL K 21 4.04 -33.89 44.61
C VAL K 21 4.49 -32.56 45.18
N SER K 22 3.86 -31.45 44.79
CA SER K 22 4.25 -30.12 45.23
C SER K 22 3.25 -29.52 46.20
N MET K 23 2.58 -30.37 46.98
CA MET K 23 1.63 -29.86 47.97
C MET K 23 2.34 -29.24 49.16
N ASN K 24 3.51 -29.78 49.53
CA ASN K 24 4.29 -29.26 50.64
C ASN K 24 5.25 -28.16 50.23
N LEU K 25 5.36 -27.87 48.93
CA LEU K 25 6.26 -26.80 48.49
C LEU K 25 5.70 -25.42 48.79
N GLY K 26 4.37 -25.30 48.85
CA GLY K 26 3.76 -24.01 49.07
C GLY K 26 3.55 -23.17 47.82
N LEU K 27 3.53 -23.80 46.64
CA LEU K 27 3.25 -23.07 45.42
C LEU K 27 1.80 -22.62 45.40
N PRO K 28 1.50 -21.53 44.68
CA PRO K 28 0.09 -21.14 44.50
C PRO K 28 -0.71 -22.20 43.77
N SER K 29 -1.94 -22.39 44.23
CA SER K 29 -2.82 -23.40 43.67
C SER K 29 -3.47 -22.87 42.39
N TRP K 30 -4.36 -23.66 41.81
CA TRP K 30 -5.07 -23.19 40.63
C TRP K 30 -6.10 -22.12 40.97
N SER K 31 -6.61 -22.13 42.21
CA SER K 31 -7.61 -21.15 42.63
C SER K 31 -7.06 -19.73 42.61
N GLN K 32 -5.80 -19.57 43.02
CA GLN K 32 -5.16 -18.26 42.94
C GLN K 32 -4.95 -17.81 41.50
N LEU K 33 -4.76 -18.77 40.58
CA LEU K 33 -4.73 -18.42 39.17
C LEU K 33 -6.10 -17.93 38.69
N VAL K 34 -7.19 -18.54 39.19
CA VAL K 34 -8.52 -18.03 38.89
C VAL K 34 -8.73 -16.63 39.43
N ASP K 35 -8.28 -16.37 40.66
CA ASP K 35 -8.43 -14.99 41.18
C ASP K 35 -7.58 -14.00 40.42
N HIS K 36 -6.40 -14.41 39.93
CA HIS K 36 -5.59 -13.51 39.11
C HIS K 36 -6.25 -13.21 37.77
N ILE K 37 -6.83 -14.23 37.13
CA ILE K 37 -7.55 -14.03 35.87
C ILE K 37 -8.77 -13.14 36.08
N ALA K 38 -9.48 -13.34 37.19
CA ALA K 38 -10.65 -12.51 37.50
C ALA K 38 -10.26 -11.06 37.80
N THR K 39 -9.14 -10.86 38.50
CA THR K 39 -8.65 -9.51 38.78
C THR K 39 -8.22 -8.81 37.51
N GLU K 40 -7.49 -9.51 36.63
CA GLU K 40 -7.01 -8.90 35.39
C GLU K 40 -8.05 -8.91 34.29
N LEU K 41 -9.24 -9.46 34.52
CA LEU K 41 -10.30 -9.44 33.52
C LEU K 41 -11.44 -8.50 33.86
N GLY K 42 -11.68 -8.22 35.15
CA GLY K 42 -12.71 -7.28 35.57
C GLY K 42 -13.77 -7.90 36.47
N TYR K 43 -13.95 -9.22 36.38
CA TYR K 43 -14.99 -9.87 37.15
C TYR K 43 -14.60 -9.98 38.62
N ASP K 44 -15.61 -10.07 39.47
CA ASP K 44 -15.39 -10.39 40.87
C ASP K 44 -14.95 -11.86 40.98
N PRO K 45 -13.90 -12.15 41.75
CA PRO K 45 -13.38 -13.53 41.82
C PRO K 45 -14.36 -14.56 42.36
N ASP K 46 -15.18 -14.20 43.35
CA ASP K 46 -16.18 -15.13 43.84
C ASP K 46 -17.29 -15.35 42.82
N ILE K 47 -17.61 -14.32 42.03
CA ILE K 47 -18.54 -14.50 40.92
C ILE K 47 -17.88 -15.32 39.83
N TYR K 48 -16.61 -15.02 39.52
CA TYR K 48 -15.91 -15.66 38.40
C TYR K 48 -15.67 -17.15 38.63
N ARG K 49 -15.48 -17.56 39.89
CA ARG K 49 -15.22 -18.96 40.19
C ARG K 49 -16.40 -19.87 39.83
N THR K 50 -17.63 -19.34 39.91
CA THR K 50 -18.83 -20.12 39.68
C THR K 50 -19.26 -20.13 38.21
N PHE K 51 -18.50 -19.52 37.31
CA PHE K 51 -18.85 -19.46 35.91
C PHE K 51 -18.28 -20.62 35.11
N GLY K 52 -17.69 -21.59 35.77
CA GLY K 52 -17.15 -22.75 35.10
C GLY K 52 -16.00 -23.34 35.91
N SER K 53 -15.43 -24.41 35.37
CA SER K 53 -14.26 -25.01 35.98
C SER K 53 -13.00 -24.24 35.57
N ALA K 54 -11.84 -24.72 36.01
CA ALA K 54 -10.62 -23.95 35.87
C ALA K 54 -10.08 -23.93 34.45
N LEU K 55 -10.33 -24.99 33.67
CA LEU K 55 -9.71 -25.09 32.36
C LEU K 55 -10.36 -24.16 31.34
N GLU K 56 -11.69 -24.07 31.33
CA GLU K 56 -12.35 -23.12 30.45
C GLU K 56 -12.12 -21.68 30.92
N LEU K 57 -11.93 -21.50 32.22
CA LEU K 57 -11.66 -20.18 32.76
C LEU K 57 -10.23 -19.74 32.50
N ALA K 58 -9.32 -20.68 32.23
CA ALA K 58 -8.02 -20.36 31.69
C ALA K 58 -8.01 -20.37 30.16
N GLU K 59 -9.07 -20.87 29.52
CA GLU K 59 -9.27 -20.62 28.10
C GLU K 59 -9.68 -19.16 27.87
N TYR K 60 -10.57 -18.63 28.70
CA TYR K 60 -10.57 -17.19 28.93
C TYR K 60 -9.23 -16.72 29.51
N TYR K 61 -8.86 -15.48 29.17
CA TYR K 61 -7.55 -14.81 29.22
C TYR K 61 -6.67 -15.27 28.06
N LYS K 62 -7.12 -16.22 27.25
CA LYS K 62 -6.60 -16.37 25.90
C LYS K 62 -7.64 -15.92 24.87
N LEU K 63 -8.86 -16.40 25.00
CA LEU K 63 -9.99 -15.66 24.47
C LEU K 63 -10.15 -14.38 25.29
N LYS K 64 -10.62 -13.33 24.63
CA LYS K 64 -10.79 -11.95 25.11
C LYS K 64 -9.47 -11.25 25.44
N LYS K 65 -8.32 -11.90 25.28
CA LYS K 65 -7.02 -11.28 25.48
C LYS K 65 -6.09 -11.51 24.31
N GLY K 66 -6.17 -12.67 23.66
CA GLY K 66 -5.42 -12.96 22.46
C GLY K 66 -4.16 -13.79 22.69
N LYS K 67 -3.68 -13.87 23.92
CA LYS K 67 -2.40 -14.54 24.16
C LYS K 67 -2.38 -15.08 25.59
N ILE K 68 -1.57 -16.13 25.78
CA ILE K 68 -1.33 -16.68 27.11
C ILE K 68 -0.10 -16.06 27.77
N GLY K 69 0.51 -15.08 27.11
CA GLY K 69 1.74 -14.46 27.55
C GLY K 69 1.78 -13.80 28.92
N PRO K 70 0.90 -12.84 29.20
CA PRO K 70 0.84 -12.26 30.56
C PRO K 70 0.50 -13.26 31.65
N LEU K 71 -0.34 -14.25 31.35
CA LEU K 71 -0.62 -15.32 32.31
C LEU K 71 0.61 -16.15 32.60
N ARG K 72 1.39 -16.46 31.55
CA ARG K 72 2.63 -17.20 31.73
C ARG K 72 3.65 -16.38 32.50
N SER K 73 3.71 -15.07 32.24
CA SER K 73 4.64 -14.21 32.96
C SER K 73 4.28 -14.05 34.43
N TRP K 74 3.00 -14.07 34.77
CA TRP K 74 2.62 -14.08 36.17
C TRP K 74 2.88 -15.43 36.82
N MET K 75 2.59 -16.52 36.11
CA MET K 75 2.74 -17.85 36.68
C MET K 75 4.21 -18.22 36.89
N ASP K 76 5.10 -17.76 36.01
CA ASP K 76 6.52 -18.02 36.16
C ASP K 76 7.06 -17.28 37.37
N ARG K 77 6.58 -16.06 37.60
CA ARG K 77 7.04 -15.28 38.75
C ARG K 77 6.47 -15.80 40.06
N MET K 78 5.23 -16.26 40.07
CA MET K 78 4.61 -16.69 41.32
C MET K 78 4.84 -18.16 41.64
N TRP K 79 5.17 -18.99 40.66
CA TRP K 79 5.41 -20.40 40.90
C TRP K 79 6.87 -20.71 41.19
N HIS K 80 7.75 -19.71 41.12
CA HIS K 80 9.18 -19.87 41.33
C HIS K 80 9.68 -18.82 42.31
N SER K 81 8.90 -18.56 43.36
CA SER K 81 9.24 -17.52 44.31
C SER K 81 10.40 -17.96 45.19
N SER K 82 11.05 -16.97 45.82
CA SER K 82 12.20 -17.23 46.67
C SER K 82 11.82 -17.88 48.00
N ASP K 83 10.54 -17.88 48.37
CA ASP K 83 10.10 -18.54 49.59
C ASP K 83 10.08 -20.05 49.48
N ILE K 84 10.18 -20.60 48.27
CA ILE K 84 10.14 -22.04 48.07
C ILE K 84 11.59 -22.55 48.05
N ASP K 85 11.90 -23.45 48.98
CA ASP K 85 13.22 -24.07 49.05
C ASP K 85 13.11 -25.56 48.71
N ILE K 86 13.83 -25.99 47.68
CA ILE K 86 13.75 -27.37 47.23
C ILE K 86 14.61 -28.30 48.08
N ASN K 87 15.50 -27.77 48.91
CA ASN K 87 16.30 -28.61 49.79
C ASN K 87 15.49 -29.14 50.97
N LYS K 88 14.49 -28.38 51.41
CA LYS K 88 13.62 -28.82 52.49
C LYS K 88 12.46 -29.68 52.01
N SER K 89 12.29 -29.82 50.70
CA SER K 89 11.28 -30.70 50.14
C SER K 89 11.88 -32.08 49.98
N LYS K 90 11.29 -33.07 50.65
CA LYS K 90 11.89 -34.39 50.70
C LYS K 90 11.43 -35.29 49.56
N VAL K 91 10.21 -35.08 49.05
CA VAL K 91 9.71 -35.86 47.92
C VAL K 91 10.53 -35.59 46.66
N HIS K 92 10.84 -34.32 46.41
CA HIS K 92 11.70 -33.98 45.29
C HIS K 92 13.13 -34.48 45.51
N GLU K 93 13.57 -34.56 46.77
CA GLU K 93 14.88 -35.12 47.06
C GLU K 93 14.94 -36.61 46.75
N TYR K 94 13.89 -37.36 47.08
CA TYR K 94 13.87 -38.78 46.74
C TYR K 94 13.64 -39.02 45.26
N ILE K 95 12.94 -38.10 44.58
CA ILE K 95 12.83 -38.19 43.12
C ILE K 95 14.19 -37.95 42.48
N ALA K 96 14.94 -36.97 43.00
CA ALA K 96 16.24 -36.63 42.43
C ALA K 96 17.28 -37.70 42.70
N LYS K 97 17.25 -38.33 43.87
CA LYS K 97 18.27 -39.31 44.22
C LYS K 97 17.97 -40.71 43.70
N ALA K 98 16.88 -40.90 42.96
CA ALA K 98 16.51 -42.19 42.44
C ALA K 98 17.18 -42.43 41.09
N ASN K 99 16.78 -43.48 40.38
CA ASN K 99 17.43 -43.89 39.13
C ASN K 99 16.33 -43.99 38.07
N PHE K 100 15.56 -42.93 37.92
CA PHE K 100 14.57 -42.86 36.85
C PHE K 100 15.25 -42.36 35.58
N PRO K 101 15.28 -43.16 34.51
CA PRO K 101 15.96 -42.70 33.29
C PRO K 101 15.17 -41.65 32.53
N ILE K 102 13.85 -41.81 32.45
CA ILE K 102 12.97 -40.85 31.81
C ILE K 102 11.91 -40.42 32.82
N ILE K 103 11.74 -39.11 32.97
CA ILE K 103 10.79 -38.54 33.92
C ILE K 103 9.82 -37.68 33.12
N TYR K 104 8.63 -38.17 32.86
CA TYR K 104 7.60 -37.31 32.30
C TYR K 104 6.94 -36.49 33.39
N THR K 105 6.48 -35.31 33.03
CA THR K 105 5.78 -34.47 34.00
C THR K 105 4.75 -33.62 33.29
N THR K 106 3.59 -33.45 33.92
CA THR K 106 2.54 -32.57 33.43
C THR K 106 2.56 -31.22 34.12
N ASN K 107 3.55 -30.97 34.96
CA ASN K 107 3.70 -29.69 35.62
C ASN K 107 4.26 -28.66 34.65
N TYR K 108 4.16 -27.39 35.04
CA TYR K 108 4.78 -26.31 34.30
C TYR K 108 6.03 -25.77 34.97
N ASP K 109 6.18 -25.97 36.27
CA ASP K 109 7.32 -25.42 37.00
C ASP K 109 8.59 -26.22 36.70
N ARG K 110 9.73 -25.63 37.05
CA ARG K 110 11.04 -26.23 36.82
C ARG K 110 11.64 -26.82 38.09
N TRP K 111 10.79 -27.22 39.05
CA TRP K 111 11.31 -27.66 40.33
C TRP K 111 11.92 -29.06 40.30
N ILE K 112 11.49 -29.91 39.37
CA ILE K 112 12.15 -31.20 39.22
C ILE K 112 13.56 -31.02 38.64
N GLU K 113 13.71 -30.10 37.68
CA GLU K 113 15.01 -29.79 37.14
C GLU K 113 15.93 -29.15 38.17
N THR K 114 15.37 -28.27 39.01
CA THR K 114 16.14 -27.69 40.10
C THR K 114 16.50 -28.72 41.15
N ALA K 115 15.63 -29.71 41.37
CA ALA K 115 15.95 -30.79 42.29
C ALA K 115 17.07 -31.68 41.74
N LEU K 116 17.09 -31.90 40.42
CA LEU K 116 18.19 -32.66 39.83
C LEU K 116 19.49 -31.87 39.87
N SER K 117 19.44 -30.56 39.61
CA SER K 117 20.64 -29.74 39.64
C SER K 117 21.17 -29.54 41.06
N ASN K 118 20.31 -29.57 42.07
CA ASN K 118 20.75 -29.42 43.45
C ASN K 118 21.34 -30.68 44.03
N TYR K 119 21.30 -31.79 43.31
CA TYR K 119 21.77 -33.06 43.86
C TYR K 119 22.70 -33.81 42.89
N GLY K 120 23.30 -33.10 41.94
CA GLY K 120 24.36 -33.63 41.12
C GLY K 120 23.94 -34.14 39.76
N LYS K 121 22.68 -34.53 39.61
CA LYS K 121 22.23 -35.11 38.35
C LYS K 121 22.05 -34.02 37.29
N GLU K 122 22.13 -34.45 36.03
CA GLU K 122 22.03 -33.54 34.89
C GLU K 122 20.80 -33.90 34.07
N TYR K 123 20.01 -32.89 33.71
CA TYR K 123 18.78 -33.09 32.97
C TYR K 123 18.92 -32.58 31.55
N ILE K 124 18.13 -33.16 30.65
CA ILE K 124 18.22 -32.86 29.23
C ILE K 124 16.81 -32.44 28.77
N LYS K 125 16.13 -31.66 29.64
CA LYS K 125 14.72 -31.27 29.62
C LYS K 125 14.15 -30.99 28.24
N ILE K 126 13.04 -31.65 27.92
CA ILE K 126 12.42 -31.64 26.60
C ILE K 126 11.05 -31.01 26.71
N SER K 127 10.77 -30.04 25.85
CA SER K 127 9.45 -29.42 25.78
C SER K 127 8.88 -29.36 24.38
N SER K 128 9.65 -29.67 23.34
CA SER K 128 9.16 -29.62 21.98
C SER K 128 10.00 -30.58 21.14
N VAL K 129 9.88 -30.46 19.81
CA VAL K 129 10.56 -31.36 18.88
C VAL K 129 12.06 -31.10 18.88
N SER K 130 12.46 -29.83 18.92
CA SER K 130 13.86 -29.45 18.79
C SER K 130 14.71 -29.86 19.98
N ASP K 131 14.11 -30.26 21.10
CA ASP K 131 14.86 -30.80 22.22
C ASP K 131 15.00 -32.32 22.16
N ILE K 132 14.21 -32.99 21.32
CA ILE K 132 14.34 -34.43 21.16
C ILE K 132 15.65 -34.78 20.45
N ALA K 133 16.10 -33.90 19.56
CA ALA K 133 17.41 -34.08 18.92
C ALA K 133 18.57 -33.78 19.85
N LYS K 134 18.31 -33.22 21.03
CA LYS K 134 19.35 -32.86 21.99
C LYS K 134 19.68 -33.97 22.97
N ILE K 135 19.08 -35.16 22.82
CA ILE K 135 19.23 -36.20 23.81
C ILE K 135 20.64 -36.76 23.75
N ASP K 136 21.38 -36.62 24.84
CA ASP K 136 22.75 -37.11 24.96
C ASP K 136 22.79 -38.44 25.70
N ASN K 137 21.69 -39.20 25.63
CA ASN K 137 21.56 -40.58 26.07
C ASN K 137 21.69 -40.80 27.57
N ASN K 138 22.90 -40.71 28.13
CA ASN K 138 23.07 -41.06 29.54
C ASN K 138 22.83 -39.87 30.45
N LYS K 139 21.68 -39.22 30.29
CA LYS K 139 21.20 -38.16 31.15
C LYS K 139 19.73 -38.39 31.41
N THR K 140 19.25 -37.89 32.55
CA THR K 140 17.84 -38.01 32.89
C THR K 140 17.02 -37.06 32.04
N GLN K 141 15.95 -37.57 31.43
CA GLN K 141 15.10 -36.79 30.53
C GLN K 141 13.88 -36.33 31.31
N ILE K 142 13.81 -35.05 31.64
CA ILE K 142 12.60 -34.47 32.21
C ILE K 142 11.78 -33.89 31.07
N ILE K 143 10.91 -34.72 30.50
CA ILE K 143 10.07 -34.33 29.38
C ILE K 143 8.80 -33.71 29.94
N LYS K 144 8.63 -32.42 29.71
CA LYS K 144 7.45 -31.71 30.20
C LYS K 144 6.29 -31.99 29.25
N PHE K 145 5.32 -32.79 29.71
CA PHE K 145 4.24 -33.24 28.85
C PHE K 145 3.30 -32.10 28.50
N HIS K 146 2.96 -31.25 29.47
CA HIS K 146 2.00 -30.17 29.26
C HIS K 146 2.67 -28.83 29.06
N GLY K 147 3.82 -28.81 28.39
CA GLY K 147 4.48 -27.56 28.07
C GLY K 147 5.24 -26.99 29.25
N ASP K 148 5.89 -25.86 28.98
CA ASP K 148 6.73 -25.19 29.95
C ASP K 148 6.37 -23.71 29.99
N PHE K 149 6.99 -23.00 30.93
CA PHE K 149 7.01 -21.55 30.92
C PHE K 149 8.05 -20.98 29.97
N ASP K 150 8.82 -21.84 29.30
CA ASP K 150 9.78 -21.35 28.32
C ASP K 150 9.06 -20.79 27.10
N ASP K 151 8.06 -21.50 26.59
CA ASP K 151 7.32 -21.06 25.42
C ASP K 151 5.84 -20.93 25.73
N ASP K 152 5.17 -20.08 24.94
CA ASP K 152 3.75 -19.82 25.10
C ASP K 152 2.88 -20.61 24.15
N SER K 153 3.45 -21.12 23.05
CA SER K 153 2.64 -21.82 22.05
C SER K 153 2.27 -23.23 22.50
N SER K 154 3.19 -23.91 23.20
CA SER K 154 3.01 -25.31 23.53
C SER K 154 2.53 -25.55 24.95
N ILE K 155 2.27 -24.49 25.71
CA ILE K 155 1.78 -24.67 27.08
C ILE K 155 0.32 -25.08 27.02
N VAL K 156 -0.07 -26.00 27.91
CA VAL K 156 -1.43 -26.52 27.94
C VAL K 156 -2.12 -25.92 29.16
N LEU K 157 -2.89 -24.86 28.92
CA LEU K 157 -3.72 -24.25 29.94
C LEU K 157 -5.18 -24.17 29.55
N ASP K 158 -5.51 -24.38 28.28
CA ASP K 158 -6.84 -24.15 27.75
C ASP K 158 -7.70 -25.40 27.87
N GLU K 159 -8.98 -25.24 27.53
CA GLU K 159 -9.83 -26.39 27.29
C GLU K 159 -9.60 -26.97 25.90
N THR K 160 -9.42 -26.10 24.91
CA THR K 160 -9.17 -26.54 23.54
C THR K 160 -7.82 -27.25 23.41
N SER K 161 -6.79 -26.71 24.08
CA SER K 161 -5.48 -27.36 24.08
C SER K 161 -5.52 -28.69 24.82
N TYR K 162 -6.32 -28.76 25.89
CA TYR K 162 -6.49 -30.02 26.61
C TYR K 162 -7.18 -31.07 25.75
N PHE K 163 -8.19 -30.66 24.97
CA PHE K 163 -8.87 -31.63 24.12
C PHE K 163 -8.03 -32.00 22.90
N GLN K 164 -7.12 -31.10 22.49
CA GLN K 164 -6.15 -31.47 21.46
C GLN K 164 -5.15 -32.48 22.00
N ARG K 165 -4.71 -32.32 23.24
CA ARG K 165 -3.78 -33.27 23.83
C ARG K 165 -4.43 -34.57 24.23
N LEU K 166 -5.76 -34.59 24.36
CA LEU K 166 -6.46 -35.85 24.60
C LEU K 166 -6.35 -36.80 23.41
N GLU K 167 -6.43 -36.29 22.18
CA GLU K 167 -6.14 -37.09 21.00
C GLU K 167 -4.63 -37.08 20.81
N PHE K 168 -3.97 -38.18 21.16
CA PHE K 168 -2.52 -38.21 21.29
C PHE K 168 -1.90 -38.28 19.90
N GLU K 169 -1.65 -37.10 19.34
CA GLU K 169 -1.03 -36.99 18.02
C GLU K 169 0.07 -35.94 17.94
N THR K 170 0.22 -35.07 18.94
CA THR K 170 1.35 -34.16 18.96
C THR K 170 2.62 -34.95 19.26
N PRO K 171 3.79 -34.46 18.79
CA PRO K 171 5.04 -35.25 18.91
C PRO K 171 5.47 -35.66 20.31
N LEU K 172 5.09 -34.91 21.36
CA LEU K 172 5.41 -35.35 22.71
C LEU K 172 4.60 -36.59 23.09
N ASP K 173 3.34 -36.67 22.65
CA ASP K 173 2.57 -37.88 22.89
C ASP K 173 3.07 -39.05 22.07
N ILE K 174 3.59 -38.80 20.86
CA ILE K 174 4.21 -39.86 20.08
C ILE K 174 5.46 -40.37 20.77
N LYS K 175 6.25 -39.46 21.34
CA LYS K 175 7.43 -39.87 22.10
C LYS K 175 7.05 -40.66 23.35
N PHE K 176 5.95 -40.30 24.03
CA PHE K 176 5.51 -41.09 25.16
C PHE K 176 5.00 -42.46 24.74
N ARG K 177 4.24 -42.52 23.64
CA ARG K 177 3.68 -43.79 23.17
C ARG K 177 4.74 -44.72 22.63
N SER K 178 5.90 -44.19 22.23
CA SER K 178 7.01 -45.07 21.89
C SER K 178 7.92 -45.37 23.07
N ASP K 179 8.01 -44.47 24.05
CA ASP K 179 8.81 -44.73 25.25
C ASP K 179 8.17 -45.77 26.14
N VAL K 180 6.84 -45.86 26.14
CA VAL K 180 6.14 -46.79 27.01
C VAL K 180 6.19 -48.22 26.48
N LEU K 181 6.63 -48.44 25.24
CA LEU K 181 6.67 -49.77 24.68
C LEU K 181 7.78 -50.60 25.33
N GLY K 182 7.40 -51.71 25.94
CA GLY K 182 8.34 -52.57 26.63
C GLY K 182 8.72 -52.11 28.02
N LYS K 183 8.18 -50.99 28.48
CA LYS K 183 8.51 -50.44 29.79
C LYS K 183 7.23 -50.17 30.56
N SER K 184 7.38 -49.94 31.85
CA SER K 184 6.28 -49.58 32.73
C SER K 184 6.38 -48.10 33.09
N VAL K 185 5.22 -47.46 33.24
CA VAL K 185 5.16 -46.05 33.62
C VAL K 185 4.50 -45.95 34.99
N LEU K 186 5.17 -45.27 35.91
CA LEU K 186 4.70 -45.10 37.28
C LEU K 186 4.18 -43.68 37.47
N PHE K 187 2.88 -43.56 37.72
CA PHE K 187 2.24 -42.26 37.91
C PHE K 187 2.26 -41.91 39.39
N ILE K 188 2.65 -40.68 39.71
CA ILE K 188 2.56 -40.16 41.07
C ILE K 188 1.95 -38.76 41.02
N GLY K 189 1.15 -38.45 42.03
CA GLY K 189 0.57 -37.13 42.15
C GLY K 189 -0.77 -36.93 41.50
N TYR K 190 -1.47 -37.99 41.12
CA TYR K 190 -2.77 -37.89 40.47
C TYR K 190 -3.87 -38.38 41.39
N SER K 191 -5.12 -38.03 41.02
CA SER K 191 -6.27 -38.28 41.88
C SER K 191 -7.48 -38.88 41.18
N LEU K 192 -7.44 -39.05 39.85
CA LEU K 192 -8.52 -39.56 39.00
C LEU K 192 -9.85 -38.81 39.11
N SER K 193 -9.84 -37.58 39.60
CA SER K 193 -10.96 -36.70 39.42
C SER K 193 -10.69 -35.86 38.17
N ASP K 194 -9.50 -36.04 37.60
CA ASP K 194 -9.06 -35.33 36.42
C ASP K 194 -9.05 -36.27 35.22
N ILE K 195 -8.64 -35.73 34.08
CA ILE K 195 -8.72 -36.43 32.81
C ILE K 195 -7.24 -36.56 32.39
N ASN K 196 -6.99 -37.16 31.22
CA ASN K 196 -5.75 -37.60 30.55
C ASN K 196 -5.18 -38.86 31.19
N ILE K 197 -5.58 -39.18 32.41
CA ILE K 197 -5.21 -40.43 33.08
C ILE K 197 -6.42 -41.34 32.97
N ARG K 198 -7.23 -41.07 31.96
CA ARG K 198 -8.24 -42.01 31.48
C ARG K 198 -7.87 -42.51 30.10
N LEU K 199 -7.47 -41.62 29.19
CA LEU K 199 -7.12 -42.07 27.85
C LEU K 199 -5.65 -42.47 27.75
N LEU K 200 -4.78 -41.92 28.61
CA LEU K 200 -3.41 -42.41 28.78
C LEU K 200 -3.36 -43.85 29.27
N PHE K 201 -4.46 -44.29 29.86
CA PHE K 201 -4.64 -45.60 30.48
C PHE K 201 -5.34 -46.53 29.48
N TYR K 202 -6.44 -46.04 28.90
CA TYR K 202 -7.24 -46.78 27.94
C TYR K 202 -6.46 -47.05 26.65
N LYS K 203 -5.63 -46.10 26.21
CA LYS K 203 -4.93 -46.28 24.94
C LYS K 203 -3.86 -47.35 25.03
N LEU K 204 -3.11 -47.38 26.13
CA LEU K 204 -2.16 -48.46 26.32
C LEU K 204 -2.86 -49.79 26.60
N SER K 205 -4.02 -49.76 27.25
CA SER K 205 -4.80 -50.98 27.45
C SER K 205 -5.26 -51.57 26.12
N LYS K 206 -5.81 -50.74 25.24
CA LYS K 206 -6.26 -51.25 23.95
C LYS K 206 -5.09 -51.53 23.00
N LEU K 207 -3.93 -50.91 23.21
CA LEU K 207 -2.74 -51.28 22.46
C LEU K 207 -2.26 -52.66 22.87
N TRP K 208 -2.29 -52.94 24.18
CA TRP K 208 -1.96 -54.28 24.66
C TRP K 208 -2.98 -55.33 24.23
N LYS K 209 -4.26 -54.97 24.13
CA LYS K 209 -5.30 -55.92 23.73
C LYS K 209 -5.35 -56.17 22.22
N GLU K 210 -5.27 -55.13 21.40
CA GLU K 210 -5.56 -55.30 19.98
C GLU K 210 -4.37 -55.81 19.17
N GLN K 211 -3.14 -55.73 19.71
CA GLN K 211 -1.98 -56.25 19.01
C GLN K 211 -1.43 -57.53 19.63
N LYS K 212 -2.19 -58.13 20.55
CA LYS K 212 -1.89 -59.44 21.16
C LYS K 212 -0.55 -59.46 21.88
N LEU K 213 -0.21 -58.35 22.55
CA LEU K 213 0.96 -58.32 23.43
C LEU K 213 0.63 -59.12 24.68
N GLU K 214 1.40 -60.17 24.94
CA GLU K 214 1.28 -60.96 26.16
C GLU K 214 2.66 -61.01 26.82
N GLU K 215 2.81 -60.30 27.94
CA GLU K 215 4.00 -60.23 28.80
C GLU K 215 5.19 -59.54 28.13
N ALA K 216 5.03 -59.09 26.88
CA ALA K 216 6.10 -58.33 26.23
C ALA K 216 6.21 -56.93 26.80
N GLN K 217 5.08 -56.25 26.99
CA GLN K 217 5.04 -54.95 27.63
C GLN K 217 4.39 -55.10 29.00
N PRO K 218 5.10 -54.79 30.09
CA PRO K 218 4.58 -55.09 31.43
C PRO K 218 3.45 -54.17 31.87
N LYS K 219 2.88 -54.46 33.04
CA LYS K 219 1.84 -53.63 33.62
C LYS K 219 2.42 -52.28 34.04
N SER K 220 1.58 -51.26 34.02
CA SER K 220 1.97 -49.94 34.49
C SER K 220 1.16 -49.59 35.72
N TYR K 221 1.72 -48.73 36.56
CA TYR K 221 1.27 -48.60 37.94
C TYR K 221 1.04 -47.13 38.30
N ILE K 222 0.22 -46.92 39.33
CA ILE K 222 -0.12 -45.61 39.84
C ILE K 222 -0.23 -45.67 41.35
N PHE K 223 0.17 -44.59 42.03
CA PHE K 223 0.06 -44.51 43.48
C PHE K 223 -0.97 -43.43 43.82
N LEU K 224 -1.78 -43.70 44.84
CA LEU K 224 -2.68 -42.77 45.50
C LEU K 224 -2.42 -42.77 47.00
N PRO K 225 -2.61 -41.64 47.69
CA PRO K 225 -2.49 -41.65 49.15
C PRO K 225 -3.69 -42.28 49.86
N ARG K 226 -4.84 -42.36 49.20
CA ARG K 226 -6.04 -42.94 49.79
C ARG K 226 -6.39 -44.24 49.10
N PRO K 227 -6.56 -45.34 49.84
CA PRO K 227 -6.95 -46.61 49.23
C PRO K 227 -8.38 -46.57 48.72
N ASN K 228 -8.60 -47.31 47.64
CA ASN K 228 -9.92 -47.40 47.03
C ASN K 228 -10.07 -48.71 46.28
N PRO K 229 -10.96 -49.60 46.71
CA PRO K 229 -11.12 -50.88 46.00
C PRO K 229 -11.81 -50.74 44.66
N ILE K 230 -12.76 -49.80 44.55
CA ILE K 230 -13.47 -49.57 43.30
C ILE K 230 -12.52 -49.07 42.21
N GLN K 231 -11.67 -48.09 42.54
CA GLN K 231 -10.73 -47.58 41.54
C GLN K 231 -9.67 -48.61 41.18
N GLU K 232 -9.27 -49.44 42.14
CA GLU K 232 -8.30 -50.49 41.85
C GLU K 232 -8.88 -51.54 40.92
N GLU K 233 -10.13 -51.94 41.17
CA GLU K 233 -10.75 -52.93 40.30
C GLU K 233 -11.08 -52.37 38.92
N ILE K 234 -11.47 -51.10 38.84
CA ILE K 234 -11.71 -50.45 37.56
C ILE K 234 -10.41 -50.36 36.77
N LEU K 235 -9.32 -49.96 37.44
CA LEU K 235 -8.04 -49.82 36.78
C LEU K 235 -7.43 -51.16 36.39
N GLU K 236 -7.77 -52.24 37.09
CA GLU K 236 -7.25 -53.55 36.69
C GLU K 236 -7.82 -54.04 35.36
N GLN K 237 -8.94 -53.47 34.91
CA GLN K 237 -9.37 -53.71 33.53
C GLN K 237 -8.43 -53.05 32.54
N TRP K 238 -7.76 -51.97 32.96
CA TRP K 238 -6.76 -51.30 32.14
C TRP K 238 -5.36 -51.83 32.41
N ARG K 239 -5.26 -52.98 33.09
CA ARG K 239 -4.01 -53.67 33.46
C ARG K 239 -3.11 -52.79 34.33
N ILE K 240 -3.69 -52.27 35.41
CA ILE K 240 -3.04 -51.29 36.28
C ILE K 240 -3.08 -51.81 37.71
N GLY K 241 -1.95 -51.75 38.41
CA GLY K 241 -1.91 -52.02 39.83
C GLY K 241 -1.76 -50.73 40.62
N MET K 242 -2.77 -50.42 41.41
CA MET K 242 -2.70 -49.30 42.33
C MET K 242 -1.95 -49.69 43.59
N ILE K 243 -0.95 -48.90 43.95
CA ILE K 243 -0.27 -49.01 45.23
C ILE K 243 -0.80 -47.93 46.15
N SER K 244 -1.44 -48.33 47.24
CA SER K 244 -2.00 -47.40 48.20
C SER K 244 -1.18 -47.43 49.49
N SER K 245 -1.49 -46.50 50.39
CA SER K 245 -0.82 -46.41 51.67
C SER K 245 -1.84 -46.19 52.77
N GLU K 246 -1.49 -46.64 53.97
CA GLU K 246 -2.34 -46.49 55.15
C GLU K 246 -2.03 -45.25 55.96
N ASN K 247 -1.07 -44.44 55.53
CA ASN K 247 -0.75 -43.21 56.23
C ASN K 247 -1.81 -42.15 55.99
N ASP K 248 -2.10 -41.37 57.02
CA ASP K 248 -3.15 -40.35 56.92
C ASP K 248 -2.69 -39.15 56.10
N ASN K 249 -1.45 -38.72 56.28
CA ASN K 249 -0.95 -37.54 55.58
C ASN K 249 -0.64 -37.89 54.12
N PRO K 250 -1.09 -37.08 53.17
CA PRO K 250 -0.76 -37.36 51.76
C PRO K 250 0.71 -37.14 51.45
N GLY K 251 1.39 -36.24 52.16
CA GLY K 251 2.80 -36.00 51.88
C GLY K 251 3.69 -37.14 52.31
N GLU K 252 3.47 -37.67 53.51
CA GLU K 252 4.33 -38.72 54.05
C GLU K 252 4.15 -40.05 53.34
N SER K 253 2.98 -40.31 52.75
CA SER K 253 2.78 -41.53 51.98
C SER K 253 3.65 -41.54 50.73
N LEU K 254 3.64 -40.44 49.98
CA LEU K 254 4.53 -40.28 48.83
C LEU K 254 5.99 -40.24 49.25
N GLU K 255 6.27 -39.65 50.42
CA GLU K 255 7.62 -39.56 50.95
C GLU K 255 8.22 -40.95 51.21
N GLU K 256 7.47 -41.81 51.90
CA GLU K 256 7.95 -43.17 52.15
C GLU K 256 7.90 -44.03 50.89
N PHE K 257 6.96 -43.73 49.97
CA PHE K 257 6.86 -44.50 48.74
C PHE K 257 8.07 -44.28 47.84
N LEU K 258 8.58 -43.04 47.78
CA LEU K 258 9.82 -42.79 47.05
C LEU K 258 11.08 -43.11 47.87
N LYS K 259 10.97 -43.12 49.21
CA LYS K 259 12.06 -43.63 50.05
C LYS K 259 12.31 -45.10 49.77
N ASN K 260 11.27 -45.85 49.44
CA ASN K 260 11.40 -47.20 48.89
C ASN K 260 12.23 -47.19 47.59
N PHE K 261 12.09 -46.17 46.75
CA PHE K 261 12.76 -46.14 45.45
C PHE K 261 14.18 -45.60 45.48
N VAL K 262 14.59 -44.98 46.59
CA VAL K 262 15.90 -44.35 46.67
C VAL K 262 17.05 -45.36 46.62
N LEU K 263 16.84 -46.54 47.20
CA LEU K 263 17.89 -47.56 47.30
C LEU K 263 18.26 -48.12 45.94
N VAL K 264 19.49 -47.85 45.50
CA VAL K 264 20.00 -48.06 44.13
C VAL K 264 19.11 -47.39 43.09
N MET L 1 -30.27 -17.42 16.54
CA MET L 1 -31.60 -17.17 17.09
C MET L 1 -32.63 -17.20 15.97
N GLU L 2 -32.64 -16.14 15.16
CA GLU L 2 -33.55 -16.08 14.02
C GLU L 2 -33.12 -17.04 12.92
N GLN L 3 -31.82 -17.35 12.84
CA GLN L 3 -31.34 -18.31 11.87
C GLN L 3 -31.79 -19.73 12.17
N LEU L 4 -32.03 -20.05 13.45
CA LEU L 4 -32.56 -21.36 13.82
C LEU L 4 -33.98 -21.54 13.28
N LEU L 5 -34.83 -20.52 13.43
CA LEU L 5 -36.15 -20.58 12.82
C LEU L 5 -36.10 -20.44 11.31
N ALA L 6 -35.06 -19.81 10.77
CA ALA L 6 -34.89 -19.81 9.31
C ALA L 6 -34.55 -21.19 8.79
N ASP L 7 -33.74 -21.95 9.52
CA ASP L 7 -33.41 -23.32 9.16
C ASP L 7 -34.53 -24.29 9.48
N TYR L 8 -35.45 -23.91 10.38
CA TYR L 8 -36.56 -24.80 10.71
C TYR L 8 -37.53 -24.96 9.55
N LYS L 9 -37.81 -23.86 8.83
CA LYS L 9 -38.78 -23.91 7.73
C LYS L 9 -38.30 -24.75 6.57
N LYS L 10 -36.99 -24.88 6.38
CA LYS L 10 -36.44 -25.79 5.40
C LYS L 10 -36.29 -27.21 5.92
N GLY L 11 -36.56 -27.44 7.21
CA GLY L 11 -36.40 -28.74 7.81
C GLY L 11 -34.96 -29.14 7.95
N ASN L 12 -34.17 -28.31 8.63
CA ASN L 12 -32.73 -28.50 8.72
C ASN L 12 -32.23 -28.52 10.16
N VAL L 13 -33.09 -28.87 11.12
CA VAL L 13 -32.76 -28.80 12.53
C VAL L 13 -32.95 -30.18 13.15
N ILE L 14 -31.91 -30.67 13.82
CA ILE L 14 -31.93 -31.97 14.48
C ILE L 14 -32.01 -31.73 15.99
N LEU L 15 -33.02 -32.31 16.63
CA LEU L 15 -33.12 -32.20 18.08
C LEU L 15 -32.15 -33.14 18.76
N PHE L 16 -31.60 -32.71 19.89
CA PHE L 16 -30.65 -33.50 20.67
C PHE L 16 -30.98 -33.25 22.15
N VAL L 17 -31.84 -34.09 22.70
CA VAL L 17 -32.31 -33.90 24.07
C VAL L 17 -31.32 -34.53 25.04
N GLY L 18 -31.46 -34.16 26.31
CA GLY L 18 -30.59 -34.70 27.35
C GLY L 18 -31.34 -35.06 28.61
N ALA L 19 -30.63 -35.11 29.74
CA ALA L 19 -31.26 -35.44 31.01
C ALA L 19 -32.05 -34.29 31.59
N GLY L 20 -31.66 -33.04 31.30
CA GLY L 20 -32.33 -31.89 31.88
C GLY L 20 -33.67 -31.55 31.27
N VAL L 21 -34.03 -32.19 30.16
CA VAL L 21 -35.34 -32.00 29.56
C VAL L 21 -36.43 -32.78 30.29
N SER L 22 -36.03 -33.66 31.20
CA SER L 22 -36.98 -34.51 31.92
C SER L 22 -36.80 -34.33 33.42
N MET L 23 -36.75 -33.10 33.90
CA MET L 23 -36.69 -32.84 35.33
C MET L 23 -38.04 -32.50 35.93
N ASN L 24 -39.03 -32.12 35.12
CA ASN L 24 -40.37 -31.85 35.59
C ASN L 24 -41.25 -33.09 35.62
N LEU L 25 -40.81 -34.21 35.05
CA LEU L 25 -41.56 -35.45 35.14
C LEU L 25 -41.56 -35.99 36.56
N GLY L 26 -40.42 -35.95 37.23
CA GLY L 26 -40.29 -36.48 38.57
C GLY L 26 -39.71 -37.86 38.67
N LEU L 27 -38.86 -38.26 37.73
CA LEU L 27 -38.27 -39.59 37.75
C LEU L 27 -37.18 -39.65 38.83
N PRO L 28 -36.78 -40.86 39.25
CA PRO L 28 -35.59 -40.98 40.11
C PRO L 28 -34.34 -40.42 39.47
N SER L 29 -33.52 -39.79 40.29
CA SER L 29 -32.27 -39.20 39.85
C SER L 29 -31.14 -40.22 40.03
N TRP L 30 -29.90 -39.78 39.84
CA TRP L 30 -28.76 -40.68 39.99
C TRP L 30 -28.41 -40.97 41.44
N SER L 31 -28.87 -40.14 42.37
CA SER L 31 -28.53 -40.34 43.79
C SER L 31 -29.19 -41.59 44.36
N GLN L 32 -30.48 -41.79 44.07
CA GLN L 32 -31.15 -43.01 44.49
C GLN L 32 -30.63 -44.24 43.76
N LEU L 33 -30.12 -44.05 42.54
CA LEU L 33 -29.45 -45.14 41.83
C LEU L 33 -28.17 -45.54 42.54
N VAL L 34 -27.37 -44.55 42.98
CA VAL L 34 -26.16 -44.82 43.75
C VAL L 34 -26.51 -45.49 45.08
N ASP L 35 -27.62 -45.09 45.69
CA ASP L 35 -28.12 -45.76 46.88
C ASP L 35 -28.49 -47.21 46.60
N HIS L 36 -29.06 -47.48 45.42
CA HIS L 36 -29.37 -48.86 45.04
C HIS L 36 -28.12 -49.70 44.85
N ILE L 37 -27.09 -49.15 44.20
CA ILE L 37 -25.85 -49.91 44.02
C ILE L 37 -25.14 -50.12 45.36
N ALA L 38 -25.24 -49.14 46.26
CA ALA L 38 -24.68 -49.32 47.60
C ALA L 38 -25.43 -50.38 48.40
N THR L 39 -26.75 -50.46 48.22
CA THR L 39 -27.52 -51.51 48.91
C THR L 39 -27.24 -52.89 48.31
N GLU L 40 -27.11 -52.97 46.99
CA GLU L 40 -26.93 -54.26 46.33
C GLU L 40 -25.51 -54.81 46.54
N LEU L 41 -24.50 -53.94 46.48
CA LEU L 41 -23.12 -54.38 46.58
C LEU L 41 -22.69 -54.67 48.02
N GLY L 42 -23.55 -54.43 49.01
CA GLY L 42 -23.19 -54.62 50.39
C GLY L 42 -22.53 -53.42 51.04
N TYR L 43 -22.44 -52.30 50.33
CA TYR L 43 -21.83 -51.09 50.87
C TYR L 43 -22.86 -50.30 51.67
N ASP L 44 -22.49 -49.07 52.04
CA ASP L 44 -23.34 -48.15 52.76
C ASP L 44 -23.33 -46.84 51.97
N PRO L 45 -24.48 -46.15 51.84
CA PRO L 45 -24.55 -45.00 50.91
C PRO L 45 -23.61 -43.84 51.19
N ASP L 46 -23.35 -43.51 52.46
CA ASP L 46 -22.59 -42.30 52.74
C ASP L 46 -21.09 -42.52 52.58
N ILE L 47 -20.65 -43.78 52.47
CA ILE L 47 -19.27 -44.09 52.16
C ILE L 47 -19.10 -44.50 50.70
N TYR L 48 -20.16 -45.00 50.05
CA TYR L 48 -20.13 -45.36 48.64
C TYR L 48 -20.40 -44.19 47.71
N ARG L 49 -21.03 -43.11 48.18
CA ARG L 49 -21.15 -41.89 47.39
C ARG L 49 -19.80 -41.23 47.16
N THR L 50 -18.98 -41.17 48.20
CA THR L 50 -17.74 -40.39 48.20
C THR L 50 -16.62 -41.10 47.42
N PHE L 51 -16.85 -42.34 47.04
CA PHE L 51 -15.79 -43.15 46.43
C PHE L 51 -15.69 -42.99 44.91
N GLY L 52 -16.35 -41.98 44.36
CA GLY L 52 -16.20 -41.67 42.95
C GLY L 52 -17.44 -41.00 42.38
N SER L 53 -17.43 -40.87 41.06
CA SER L 53 -18.51 -40.23 40.30
C SER L 53 -19.60 -41.25 40.00
N ALA L 54 -20.57 -40.86 39.18
CA ALA L 54 -21.77 -41.66 38.98
C ALA L 54 -21.52 -42.86 38.05
N LEU L 55 -20.80 -42.65 36.95
CA LEU L 55 -20.63 -43.68 35.94
C LEU L 55 -19.63 -44.76 36.35
N GLU L 56 -18.66 -44.44 37.21
CA GLU L 56 -17.74 -45.45 37.71
C GLU L 56 -18.44 -46.47 38.59
N LEU L 57 -19.57 -46.11 39.19
CA LEU L 57 -20.32 -47.08 40.00
C LEU L 57 -21.11 -48.04 39.12
N ALA L 58 -21.57 -47.59 37.95
CA ALA L 58 -22.14 -48.53 37.00
C ALA L 58 -21.07 -49.42 36.39
N GLU L 59 -19.86 -48.86 36.21
CA GLU L 59 -18.71 -49.67 35.80
C GLU L 59 -18.36 -50.70 36.87
N TYR L 60 -18.52 -50.34 38.15
CA TYR L 60 -18.32 -51.26 39.27
C TYR L 60 -19.58 -52.07 39.59
N TYR L 61 -20.63 -51.94 38.80
CA TYR L 61 -21.66 -52.97 38.75
C TYR L 61 -21.38 -54.01 37.67
N LYS L 62 -21.00 -53.54 36.46
CA LYS L 62 -20.57 -54.46 35.41
C LYS L 62 -19.32 -55.23 35.80
N LEU L 63 -18.48 -54.64 36.65
CA LEU L 63 -17.48 -55.36 37.41
C LEU L 63 -18.13 -55.81 38.71
N LYS L 64 -17.77 -57.03 39.15
CA LYS L 64 -18.22 -57.71 40.36
C LYS L 64 -19.68 -58.16 40.33
N LYS L 65 -20.47 -57.74 39.33
CA LYS L 65 -21.60 -58.55 38.88
C LYS L 65 -21.38 -58.91 37.42
N GLY L 66 -22.15 -59.89 36.95
CA GLY L 66 -21.88 -60.45 35.64
C GLY L 66 -22.54 -59.74 34.49
N LYS L 67 -23.48 -58.85 34.78
CA LYS L 67 -24.31 -58.28 33.73
C LYS L 67 -24.90 -56.96 34.22
N ILE L 68 -25.12 -56.04 33.28
CA ILE L 68 -25.85 -54.80 33.57
C ILE L 68 -27.35 -55.01 33.56
N GLY L 69 -27.81 -56.22 33.25
CA GLY L 69 -29.20 -56.59 33.15
C GLY L 69 -30.07 -56.38 34.37
N PRO L 70 -29.64 -56.80 35.57
CA PRO L 70 -30.42 -56.45 36.78
C PRO L 70 -30.55 -54.95 37.02
N LEU L 71 -29.50 -54.17 36.75
CA LEU L 71 -29.61 -52.72 36.87
C LEU L 71 -30.53 -52.16 35.80
N ARG L 72 -30.51 -52.73 34.60
CA ARG L 72 -31.44 -52.34 33.54
C ARG L 72 -32.88 -52.67 33.91
N SER L 73 -33.11 -53.80 34.60
CA SER L 73 -34.46 -54.14 35.03
C SER L 73 -34.94 -53.24 36.16
N TRP L 74 -34.03 -52.85 37.06
CA TRP L 74 -34.34 -51.86 38.10
C TRP L 74 -34.75 -50.52 37.48
N MET L 75 -33.98 -50.09 36.48
CA MET L 75 -34.28 -48.87 35.73
C MET L 75 -35.59 -48.98 34.97
N ASP L 76 -35.87 -50.13 34.36
CA ASP L 76 -37.14 -50.30 33.65
C ASP L 76 -38.32 -50.37 34.61
N ARG L 77 -38.08 -50.82 35.84
CA ARG L 77 -39.16 -50.94 36.81
C ARG L 77 -39.59 -49.57 37.34
N MET L 78 -38.67 -48.82 37.95
CA MET L 78 -39.08 -47.52 38.51
C MET L 78 -38.45 -46.30 37.87
N TRP L 79 -37.92 -46.43 36.65
CA TRP L 79 -37.71 -45.28 35.80
C TRP L 79 -38.86 -45.08 34.82
N HIS L 80 -39.69 -46.11 34.64
CA HIS L 80 -40.91 -46.04 33.84
C HIS L 80 -42.12 -46.36 34.71
N SER L 81 -42.18 -45.78 35.90
CA SER L 81 -43.25 -46.08 36.84
C SER L 81 -44.58 -45.47 36.37
N SER L 82 -45.65 -45.95 36.96
CA SER L 82 -47.00 -45.54 36.58
C SER L 82 -47.41 -44.19 37.17
N ASP L 83 -46.61 -43.64 38.09
CA ASP L 83 -46.93 -42.36 38.69
C ASP L 83 -46.57 -41.17 37.81
N ILE L 84 -45.67 -41.36 36.85
CA ILE L 84 -45.27 -40.27 35.96
C ILE L 84 -46.29 -40.11 34.85
N ASP L 85 -46.77 -38.88 34.66
CA ASP L 85 -47.76 -38.56 33.64
C ASP L 85 -47.13 -37.62 32.61
N ILE L 86 -47.21 -38.02 31.34
CA ILE L 86 -46.66 -37.20 30.26
C ILE L 86 -47.50 -35.94 30.05
N ASN L 87 -48.83 -36.09 30.09
CA ASN L 87 -49.75 -35.03 29.69
C ASN L 87 -49.72 -33.82 30.62
N LYS L 88 -49.21 -33.97 31.83
CA LYS L 88 -49.05 -32.84 32.74
C LYS L 88 -47.71 -32.13 32.57
N SER L 89 -46.87 -32.57 31.62
CA SER L 89 -45.61 -31.92 31.32
C SER L 89 -45.73 -31.17 29.99
N LYS L 90 -45.28 -29.93 29.97
CA LYS L 90 -45.49 -29.09 28.81
C LYS L 90 -44.37 -29.25 27.79
N VAL L 91 -43.14 -29.50 28.25
CA VAL L 91 -41.99 -29.51 27.36
C VAL L 91 -42.01 -30.73 26.44
N HIS L 92 -42.43 -31.88 26.96
CA HIS L 92 -42.59 -33.06 26.11
C HIS L 92 -43.72 -32.90 25.11
N GLU L 93 -44.78 -32.20 25.50
CA GLU L 93 -45.85 -31.87 24.57
C GLU L 93 -45.37 -30.95 23.45
N TYR L 94 -44.54 -29.96 23.79
CA TYR L 94 -44.00 -29.07 22.77
C TYR L 94 -42.98 -29.77 21.87
N ILE L 95 -42.28 -30.77 22.41
CA ILE L 95 -41.38 -31.58 21.59
C ILE L 95 -42.20 -32.43 20.62
N ALA L 96 -43.26 -33.06 21.11
CA ALA L 96 -44.05 -33.97 20.27
C ALA L 96 -44.89 -33.22 19.24
N LYS L 97 -45.28 -31.98 19.52
CA LYS L 97 -46.06 -31.20 18.58
C LYS L 97 -45.19 -30.43 17.60
N ALA L 98 -43.87 -30.57 17.66
CA ALA L 98 -42.97 -29.86 16.77
C ALA L 98 -42.84 -30.61 15.45
N ASN L 99 -42.00 -30.08 14.56
CA ASN L 99 -41.76 -30.67 13.24
C ASN L 99 -40.32 -31.12 13.11
N PHE L 100 -39.79 -31.75 14.15
CA PHE L 100 -38.43 -32.27 14.12
C PHE L 100 -38.40 -33.58 13.35
N PRO L 101 -37.62 -33.69 12.28
CA PRO L 101 -37.59 -34.96 11.53
C PRO L 101 -36.73 -36.02 12.20
N ILE L 102 -35.63 -35.61 12.82
CA ILE L 102 -34.69 -36.52 13.48
C ILE L 102 -34.48 -36.01 14.91
N ILE L 103 -34.68 -36.88 15.89
CA ILE L 103 -34.52 -36.52 17.29
C ILE L 103 -33.50 -37.49 17.90
N TYR L 104 -32.45 -36.94 18.51
CA TYR L 104 -31.46 -37.73 19.22
C TYR L 104 -31.69 -37.64 20.72
N THR L 105 -31.43 -38.74 21.41
CA THR L 105 -31.75 -38.85 22.83
C THR L 105 -30.67 -39.66 23.51
N THR L 106 -30.00 -39.07 24.50
CA THR L 106 -29.08 -39.80 25.35
C THR L 106 -29.73 -40.34 26.62
N ASN L 107 -30.99 -39.98 26.87
CA ASN L 107 -31.76 -40.66 27.89
C ASN L 107 -32.05 -42.09 27.45
N TYR L 108 -32.03 -43.02 28.40
CA TYR L 108 -32.29 -44.42 28.09
C TYR L 108 -33.77 -44.76 28.15
N ASP L 109 -34.66 -43.76 28.11
CA ASP L 109 -36.05 -43.97 28.45
C ASP L 109 -36.91 -44.07 27.19
N ARG L 110 -38.23 -44.11 27.39
CA ARG L 110 -39.17 -44.13 26.29
C ARG L 110 -40.20 -43.01 26.42
N TRP L 111 -39.98 -42.07 27.36
CA TRP L 111 -40.96 -41.02 27.61
C TRP L 111 -41.02 -39.99 26.48
N ILE L 112 -39.93 -39.79 25.74
CA ILE L 112 -40.01 -38.99 24.52
C ILE L 112 -40.88 -39.71 23.49
N GLU L 113 -40.66 -41.02 23.33
CA GLU L 113 -41.50 -41.82 22.44
C GLU L 113 -42.92 -41.95 22.96
N THR L 114 -43.10 -42.01 24.29
CA THR L 114 -44.43 -42.02 24.88
C THR L 114 -45.16 -40.71 24.60
N ALA L 115 -44.44 -39.58 24.68
CA ALA L 115 -45.02 -38.28 24.36
C ALA L 115 -45.35 -38.17 22.88
N LEU L 116 -44.51 -38.74 22.02
CA LEU L 116 -44.77 -38.70 20.58
C LEU L 116 -45.97 -39.56 20.21
N SER L 117 -46.08 -40.76 20.77
CA SER L 117 -47.22 -41.63 20.48
C SER L 117 -48.50 -41.17 21.18
N ASN L 118 -48.38 -40.42 22.27
CA ASN L 118 -49.56 -39.95 22.99
C ASN L 118 -50.28 -38.84 22.22
N TYR L 119 -49.53 -38.02 21.50
CA TYR L 119 -50.09 -36.88 20.78
C TYR L 119 -50.36 -37.20 19.31
N GLY L 120 -50.30 -38.46 18.90
CA GLY L 120 -50.67 -38.87 17.57
C GLY L 120 -49.56 -38.93 16.56
N LYS L 121 -48.37 -38.46 16.89
CA LYS L 121 -47.26 -38.55 15.95
C LYS L 121 -46.71 -39.97 15.91
N GLU L 122 -46.24 -40.36 14.73
CA GLU L 122 -45.66 -41.67 14.51
C GLU L 122 -44.14 -41.57 14.54
N TYR L 123 -43.49 -42.56 15.13
CA TYR L 123 -42.05 -42.54 15.33
C TYR L 123 -41.45 -43.89 14.96
N ILE L 124 -40.13 -43.90 14.81
CA ILE L 124 -39.35 -45.11 14.68
C ILE L 124 -38.21 -45.04 15.69
N LYS L 125 -38.00 -46.12 16.42
CA LYS L 125 -36.98 -46.17 17.46
C LYS L 125 -35.73 -46.83 16.90
N ILE L 126 -34.60 -46.14 17.05
CA ILE L 126 -33.30 -46.63 16.58
C ILE L 126 -32.39 -46.78 17.78
N SER L 127 -31.84 -47.97 17.97
CA SER L 127 -30.89 -48.20 19.05
C SER L 127 -29.68 -49.03 18.64
N SER L 128 -29.62 -49.51 17.40
CA SER L 128 -28.51 -50.32 16.92
C SER L 128 -28.47 -50.21 15.40
N VAL L 129 -27.62 -51.03 14.78
CA VAL L 129 -27.52 -51.07 13.32
C VAL L 129 -28.76 -51.70 12.69
N SER L 130 -29.40 -52.66 13.36
CA SER L 130 -30.53 -53.38 12.79
C SER L 130 -31.79 -52.53 12.66
N ASP L 131 -31.87 -51.40 13.38
CA ASP L 131 -33.02 -50.53 13.28
C ASP L 131 -32.87 -49.44 12.21
N ILE L 132 -31.69 -49.32 11.59
CA ILE L 132 -31.48 -48.34 10.53
C ILE L 132 -32.07 -48.83 9.21
N ALA L 133 -32.40 -50.12 9.11
CA ALA L 133 -33.04 -50.66 7.92
C ALA L 133 -34.56 -50.56 7.98
N LYS L 134 -35.11 -49.71 8.85
CA LYS L 134 -36.55 -49.55 9.02
C LYS L 134 -36.92 -48.08 9.12
N ILE L 135 -36.35 -47.26 8.24
CA ILE L 135 -36.49 -45.81 8.37
C ILE L 135 -37.86 -45.36 7.87
N ASP L 136 -38.19 -45.69 6.61
CA ASP L 136 -39.45 -45.48 5.87
C ASP L 136 -39.60 -44.01 5.48
N ASN L 137 -38.78 -43.12 6.08
CA ASN L 137 -38.68 -41.69 5.75
C ASN L 137 -40.03 -40.98 5.77
N ASN L 138 -40.85 -41.32 6.75
CA ASN L 138 -42.12 -40.64 6.96
C ASN L 138 -42.40 -40.31 8.42
N LYS L 139 -41.67 -40.92 9.36
CA LYS L 139 -41.93 -40.77 10.77
C LYS L 139 -40.70 -40.20 11.47
N THR L 140 -40.93 -39.64 12.66
CA THR L 140 -39.87 -38.97 13.41
C THR L 140 -38.90 -40.00 13.98
N GLN L 141 -37.65 -39.93 13.54
CA GLN L 141 -36.63 -40.90 13.93
C GLN L 141 -36.16 -40.59 15.34
N ILE L 142 -36.65 -41.34 16.31
CA ILE L 142 -36.16 -41.25 17.69
C ILE L 142 -34.94 -42.16 17.78
N ILE L 143 -33.76 -41.56 17.90
CA ILE L 143 -32.50 -42.30 17.90
C ILE L 143 -31.95 -42.27 19.32
N LYS L 144 -31.91 -43.44 19.95
CA LYS L 144 -31.35 -43.56 21.29
C LYS L 144 -29.84 -43.54 21.18
N PHE L 145 -29.25 -42.39 21.49
CA PHE L 145 -27.82 -42.21 21.32
C PHE L 145 -27.01 -42.98 22.34
N HIS L 146 -27.55 -43.19 23.54
CA HIS L 146 -26.82 -43.84 24.61
C HIS L 146 -27.50 -45.15 25.06
N GLY L 147 -28.16 -45.84 24.13
CA GLY L 147 -28.76 -47.11 24.44
C GLY L 147 -30.19 -46.99 24.95
N ASP L 148 -30.74 -48.15 25.32
CA ASP L 148 -32.13 -48.24 25.72
C ASP L 148 -32.29 -49.40 26.68
N PHE L 149 -33.49 -49.54 27.23
CA PHE L 149 -33.81 -50.58 28.20
C PHE L 149 -34.30 -51.86 27.54
N ASP L 150 -33.98 -52.08 26.27
CA ASP L 150 -34.33 -53.31 25.57
C ASP L 150 -33.11 -54.02 25.01
N ASP L 151 -31.91 -53.54 25.32
CA ASP L 151 -30.68 -54.18 24.87
C ASP L 151 -29.59 -53.88 25.90
N ASP L 152 -29.08 -54.93 26.55
CA ASP L 152 -28.08 -54.78 27.58
C ASP L 152 -26.66 -54.64 27.04
N SER L 153 -26.48 -54.78 25.73
CA SER L 153 -25.16 -54.70 25.11
C SER L 153 -24.89 -53.34 24.49
N SER L 154 -25.92 -52.55 24.19
CA SER L 154 -25.75 -51.26 23.54
C SER L 154 -26.04 -50.09 24.47
N ILE L 155 -26.33 -50.34 25.75
CA ILE L 155 -26.55 -49.24 26.68
C ILE L 155 -25.18 -48.67 27.09
N VAL L 156 -25.14 -47.36 27.32
CA VAL L 156 -23.93 -46.68 27.74
C VAL L 156 -24.17 -46.28 29.19
N LEU L 157 -23.59 -47.03 30.09
CA LEU L 157 -23.76 -46.81 31.52
C LEU L 157 -22.43 -46.70 32.24
N ASP L 158 -21.41 -47.40 31.76
CA ASP L 158 -20.14 -47.52 32.46
C ASP L 158 -19.26 -46.31 32.16
N GLU L 159 -18.00 -46.38 32.57
CA GLU L 159 -17.01 -45.40 32.16
C GLU L 159 -16.18 -45.89 30.98
N THR L 160 -15.99 -47.20 30.87
CA THR L 160 -15.28 -47.77 29.73
C THR L 160 -16.09 -47.59 28.45
N SER L 161 -17.39 -47.86 28.50
CA SER L 161 -18.26 -47.65 27.35
C SER L 161 -18.39 -46.17 27.01
N TYR L 162 -18.49 -45.32 28.03
CA TYR L 162 -18.60 -43.88 27.83
C TYR L 162 -17.34 -43.32 27.18
N PHE L 163 -16.17 -43.75 27.62
CA PHE L 163 -14.93 -43.27 27.04
C PHE L 163 -14.64 -43.91 25.68
N GLN L 164 -15.18 -45.10 25.42
CA GLN L 164 -15.08 -45.68 24.08
C GLN L 164 -15.95 -44.93 23.09
N ARG L 165 -17.13 -44.47 23.53
CA ARG L 165 -18.03 -43.74 22.65
C ARG L 165 -17.58 -42.30 22.42
N LEU L 166 -16.51 -41.84 23.04
CA LEU L 166 -15.96 -40.52 22.79
C LEU L 166 -15.10 -40.45 21.53
N GLU L 167 -14.76 -41.59 20.93
CA GLU L 167 -14.02 -41.58 19.68
C GLU L 167 -14.93 -41.43 18.47
N PHE L 168 -16.25 -41.61 18.65
CA PHE L 168 -17.27 -41.45 17.61
C PHE L 168 -17.02 -42.36 16.41
N GLU L 169 -16.96 -43.67 16.70
CA GLU L 169 -16.77 -44.69 15.68
C GLU L 169 -17.84 -45.77 15.69
N THR L 170 -18.78 -45.72 16.62
CA THR L 170 -19.90 -46.65 16.62
C THR L 170 -20.86 -46.30 15.48
N PRO L 171 -21.67 -47.27 15.03
CA PRO L 171 -22.62 -46.98 13.93
C PRO L 171 -23.62 -45.86 14.21
N LEU L 172 -24.09 -45.72 15.45
CA LEU L 172 -24.96 -44.59 15.77
C LEU L 172 -24.19 -43.28 15.70
N ASP L 173 -22.90 -43.29 16.07
CA ASP L 173 -22.09 -42.09 16.02
C ASP L 173 -21.74 -41.72 14.59
N ILE L 174 -21.51 -42.72 13.73
CA ILE L 174 -21.32 -42.49 12.30
C ILE L 174 -22.60 -41.93 11.67
N LYS L 175 -23.74 -42.47 12.10
CA LYS L 175 -25.04 -41.97 11.63
C LYS L 175 -25.26 -40.52 12.04
N PHE L 176 -24.85 -40.16 13.26
CA PHE L 176 -24.95 -38.77 13.68
C PHE L 176 -23.99 -37.86 12.90
N ARG L 177 -22.77 -38.33 12.66
CA ARG L 177 -21.80 -37.52 11.92
C ARG L 177 -22.17 -37.37 10.46
N SER L 178 -23.01 -38.25 9.92
CA SER L 178 -23.54 -38.05 8.57
C SER L 178 -24.83 -37.25 8.56
N ASP L 179 -25.66 -37.37 9.60
CA ASP L 179 -26.89 -36.59 9.67
C ASP L 179 -26.62 -35.13 9.98
N VAL L 180 -25.49 -34.82 10.62
CA VAL L 180 -25.14 -33.43 10.90
C VAL L 180 -24.70 -32.64 9.67
N LEU L 181 -24.48 -33.31 8.54
CA LEU L 181 -23.92 -32.67 7.36
C LEU L 181 -24.98 -31.80 6.69
N GLY L 182 -24.78 -30.49 6.73
CA GLY L 182 -25.73 -29.57 6.14
C GLY L 182 -26.91 -29.22 7.01
N LYS L 183 -26.96 -29.69 8.25
CA LYS L 183 -28.08 -29.46 9.14
C LYS L 183 -27.58 -28.95 10.49
N SER L 184 -28.39 -28.11 11.12
CA SER L 184 -28.08 -27.64 12.46
C SER L 184 -28.58 -28.65 13.50
N VAL L 185 -27.94 -28.62 14.67
CA VAL L 185 -28.32 -29.50 15.78
C VAL L 185 -28.67 -28.63 16.97
N LEU L 186 -29.88 -28.82 17.51
CA LEU L 186 -30.32 -28.09 18.69
C LEU L 186 -30.19 -28.99 19.91
N PHE L 187 -29.47 -28.52 20.92
CA PHE L 187 -29.23 -29.25 22.14
C PHE L 187 -30.13 -28.67 23.24
N ILE L 188 -30.89 -29.54 23.91
CA ILE L 188 -31.68 -29.13 25.06
C ILE L 188 -31.43 -30.09 26.20
N GLY L 189 -31.57 -29.58 27.41
CA GLY L 189 -31.41 -30.38 28.61
C GLY L 189 -29.99 -30.69 29.02
N TYR L 190 -29.02 -29.88 28.61
CA TYR L 190 -27.62 -30.10 28.95
C TYR L 190 -27.10 -28.96 29.80
N SER L 191 -26.34 -29.30 30.84
CA SER L 191 -25.81 -28.34 31.79
C SER L 191 -24.43 -27.82 31.43
N LEU L 192 -23.90 -28.23 30.28
CA LEU L 192 -22.62 -27.79 29.70
C LEU L 192 -21.42 -28.16 30.58
N SER L 193 -21.61 -29.05 31.54
CA SER L 193 -20.51 -29.66 32.26
C SER L 193 -20.26 -31.10 31.83
N ASP L 194 -20.90 -31.53 30.75
CA ASP L 194 -20.82 -32.92 30.29
C ASP L 194 -19.67 -33.01 29.29
N ILE L 195 -18.76 -33.95 29.52
CA ILE L 195 -17.54 -34.06 28.74
C ILE L 195 -17.81 -34.51 27.29
N ASN L 196 -18.80 -35.41 27.10
CA ASN L 196 -19.17 -35.86 25.77
C ASN L 196 -19.76 -34.73 24.95
N ILE L 197 -20.46 -33.81 25.61
CA ILE L 197 -21.07 -32.67 24.94
C ILE L 197 -19.98 -31.77 24.35
N ARG L 198 -18.98 -31.41 25.16
CA ARG L 198 -17.95 -30.51 24.67
C ARG L 198 -16.99 -31.18 23.71
N LEU L 199 -16.78 -32.49 23.80
CA LEU L 199 -15.98 -33.11 22.76
C LEU L 199 -16.80 -33.29 21.47
N LEU L 200 -18.12 -33.37 21.57
CA LEU L 200 -18.97 -33.44 20.39
C LEU L 200 -18.94 -32.13 19.60
N PHE L 201 -19.08 -30.98 20.28
CA PHE L 201 -18.97 -29.73 19.53
C PHE L 201 -17.57 -29.52 18.97
N TYR L 202 -16.54 -30.00 19.67
CA TYR L 202 -15.19 -29.91 19.14
C TYR L 202 -15.01 -30.80 17.91
N LYS L 203 -15.67 -31.96 17.89
CA LYS L 203 -15.61 -32.83 16.71
C LYS L 203 -16.32 -32.19 15.52
N LEU L 204 -17.48 -31.57 15.75
CA LEU L 204 -18.18 -30.88 14.66
C LEU L 204 -17.39 -29.67 14.17
N SER L 205 -16.75 -28.93 15.07
CA SER L 205 -15.91 -27.80 14.67
C SER L 205 -14.67 -28.25 13.92
N LYS L 206 -14.10 -29.40 14.30
CA LYS L 206 -12.96 -29.95 13.57
C LYS L 206 -13.38 -30.38 12.17
N LEU L 207 -14.57 -30.98 12.03
CA LEU L 207 -15.10 -31.33 10.72
C LEU L 207 -15.33 -30.08 9.87
N TRP L 208 -15.80 -29.00 10.49
CA TRP L 208 -16.01 -27.76 9.77
C TRP L 208 -14.70 -27.09 9.36
N LYS L 209 -13.67 -27.19 10.19
CA LYS L 209 -12.43 -26.46 9.94
C LYS L 209 -11.45 -27.20 9.03
N GLU L 210 -11.36 -28.53 9.16
CA GLU L 210 -10.36 -29.27 8.39
C GLU L 210 -10.74 -29.36 6.91
N GLN L 211 -12.02 -29.57 6.62
CA GLN L 211 -12.45 -29.75 5.24
C GLN L 211 -12.80 -28.44 4.55
N LYS L 212 -12.68 -27.31 5.26
CA LYS L 212 -12.75 -25.95 4.72
C LYS L 212 -14.15 -25.64 4.16
N LEU L 213 -15.16 -26.41 4.55
CA LEU L 213 -16.52 -26.16 4.08
C LEU L 213 -17.08 -24.94 4.79
N GLU L 214 -17.71 -24.06 4.01
CA GLU L 214 -18.26 -22.80 4.51
C GLU L 214 -19.63 -23.01 5.13
N GLU L 215 -20.39 -21.93 5.29
CA GLU L 215 -21.72 -21.92 5.92
C GLU L 215 -22.80 -22.67 5.12
N ALA L 216 -22.47 -23.45 4.09
CA ALA L 216 -23.39 -24.46 3.58
C ALA L 216 -23.83 -25.41 4.69
N GLN L 217 -22.91 -25.79 5.58
CA GLN L 217 -23.29 -26.40 6.85
C GLN L 217 -23.58 -25.30 7.87
N PRO L 218 -24.79 -25.20 8.39
CA PRO L 218 -25.13 -24.13 9.32
C PRO L 218 -24.55 -24.40 10.71
N LYS L 219 -24.87 -23.49 11.63
CA LYS L 219 -24.32 -23.51 12.98
C LYS L 219 -25.28 -24.19 13.94
N SER L 220 -24.72 -25.01 14.84
CA SER L 220 -25.54 -25.70 15.83
C SER L 220 -25.82 -24.80 17.03
N TYR L 221 -26.85 -25.16 17.79
CA TYR L 221 -27.30 -24.35 18.91
C TYR L 221 -27.51 -25.21 20.14
N ILE L 222 -27.47 -24.57 21.30
CA ILE L 222 -27.69 -25.23 22.58
C ILE L 222 -28.49 -24.27 23.47
N PHE L 223 -29.46 -24.82 24.21
CA PHE L 223 -30.23 -24.04 25.16
C PHE L 223 -29.68 -24.24 26.57
N LEU L 224 -29.58 -23.14 27.31
CA LEU L 224 -29.16 -23.16 28.69
C LEU L 224 -30.18 -22.42 29.55
N PRO L 225 -30.42 -22.85 30.79
CA PRO L 225 -31.32 -22.10 31.67
C PRO L 225 -30.74 -20.75 32.07
N ARG L 226 -29.50 -20.72 32.55
CA ARG L 226 -28.95 -19.44 32.93
C ARG L 226 -27.89 -18.99 31.93
N PRO L 227 -27.78 -17.68 31.66
CA PRO L 227 -26.77 -17.20 30.73
C PRO L 227 -25.37 -17.26 31.34
N ASN L 228 -24.39 -17.39 30.45
CA ASN L 228 -22.99 -17.44 30.85
C ASN L 228 -22.14 -16.84 29.75
N PRO L 229 -21.54 -15.65 29.98
CA PRO L 229 -20.68 -15.06 28.94
C PRO L 229 -19.42 -15.85 28.66
N ILE L 230 -18.88 -16.54 29.67
CA ILE L 230 -17.69 -17.37 29.50
C ILE L 230 -17.99 -18.50 28.52
N GLN L 231 -19.07 -19.24 28.76
CA GLN L 231 -19.41 -20.37 27.91
C GLN L 231 -19.91 -19.91 26.55
N GLU L 232 -20.54 -18.74 26.47
CA GLU L 232 -20.98 -18.22 25.18
C GLU L 232 -19.80 -17.86 24.29
N GLU L 233 -18.79 -17.17 24.85
CA GLU L 233 -17.63 -16.83 24.05
C GLU L 233 -16.74 -18.04 23.77
N ILE L 234 -16.74 -19.03 24.66
CA ILE L 234 -15.98 -20.26 24.39
C ILE L 234 -16.66 -21.07 23.29
N LEU L 235 -17.97 -21.21 23.36
CA LEU L 235 -18.71 -22.00 22.37
C LEU L 235 -18.84 -21.28 21.03
N GLU L 236 -18.65 -19.96 20.99
CA GLU L 236 -18.63 -19.26 19.72
C GLU L 236 -17.43 -19.64 18.87
N GLN L 237 -16.34 -20.12 19.48
CA GLN L 237 -15.22 -20.65 18.71
C GLN L 237 -15.59 -21.95 18.01
N TRP L 238 -16.57 -22.68 18.54
CA TRP L 238 -17.08 -23.89 17.91
C TRP L 238 -18.28 -23.62 17.02
N ARG L 239 -18.55 -22.34 16.72
CA ARG L 239 -19.66 -21.86 15.88
C ARG L 239 -21.01 -22.22 16.48
N ILE L 240 -21.17 -21.99 17.78
CA ILE L 240 -22.33 -22.42 18.53
C ILE L 240 -22.99 -21.23 19.21
N GLY L 241 -24.31 -21.15 19.13
CA GLY L 241 -25.05 -20.14 19.87
C GLY L 241 -25.22 -20.50 21.33
N MET L 242 -25.75 -19.53 22.08
CA MET L 242 -26.04 -19.66 23.51
C MET L 242 -27.46 -19.12 23.73
N ILE L 243 -28.38 -19.66 22.94
CA ILE L 243 -29.78 -19.26 22.99
C ILE L 243 -30.34 -19.56 24.37
N SER L 244 -30.73 -18.52 25.09
CA SER L 244 -31.15 -18.66 26.47
C SER L 244 -32.04 -17.49 26.85
N SER L 245 -32.90 -17.74 27.84
CA SER L 245 -33.67 -16.70 28.50
C SER L 245 -33.44 -16.84 29.99
N GLU L 246 -33.39 -15.70 30.69
CA GLU L 246 -33.07 -15.70 32.12
C GLU L 246 -34.17 -16.40 32.93
N ASN L 247 -35.35 -15.77 33.01
CA ASN L 247 -36.61 -16.36 33.47
C ASN L 247 -36.58 -17.07 34.82
N ASP L 248 -35.58 -16.77 35.66
CA ASP L 248 -35.37 -17.35 36.99
C ASP L 248 -35.33 -18.88 36.97
N ASN L 249 -36.47 -19.51 37.28
CA ASN L 249 -36.62 -20.95 37.43
C ASN L 249 -36.41 -21.67 36.11
N PRO L 250 -35.63 -22.76 36.08
CA PRO L 250 -35.30 -23.42 34.81
C PRO L 250 -36.44 -24.21 34.20
N GLY L 251 -37.48 -24.50 34.99
CA GLY L 251 -38.58 -25.33 34.56
C GLY L 251 -39.40 -24.76 33.41
N GLU L 252 -39.75 -23.49 33.49
CA GLU L 252 -40.49 -22.83 32.43
C GLU L 252 -39.61 -22.24 31.35
N SER L 253 -38.29 -22.22 31.54
CA SER L 253 -37.38 -21.71 30.53
C SER L 253 -37.36 -22.58 29.29
N LEU L 254 -37.31 -23.91 29.49
CA LEU L 254 -37.35 -24.84 28.36
C LEU L 254 -38.70 -24.80 27.66
N GLU L 255 -39.78 -24.63 28.40
CA GLU L 255 -41.11 -24.50 27.79
C GLU L 255 -41.21 -23.23 26.97
N GLU L 256 -40.67 -22.12 27.48
CA GLU L 256 -40.69 -20.86 26.75
C GLU L 256 -39.81 -20.91 25.51
N PHE L 257 -38.70 -21.65 25.57
CA PHE L 257 -37.88 -21.84 24.37
C PHE L 257 -38.57 -22.75 23.35
N LEU L 258 -39.23 -23.81 23.82
CA LEU L 258 -39.89 -24.76 22.93
C LEU L 258 -41.21 -24.24 22.39
N LYS L 259 -41.73 -23.14 22.95
CA LYS L 259 -42.97 -22.54 22.46
C LYS L 259 -42.83 -21.97 21.06
N ASN L 260 -41.60 -21.66 20.62
CA ASN L 260 -41.39 -21.14 19.28
C ASN L 260 -41.41 -22.21 18.20
N PHE L 261 -41.49 -23.50 18.56
CA PHE L 261 -41.34 -24.60 17.61
C PHE L 261 -42.61 -25.40 17.38
N VAL L 262 -43.78 -24.89 17.76
CA VAL L 262 -44.99 -25.71 17.63
C VAL L 262 -45.73 -25.46 16.32
N LEU L 263 -46.14 -24.21 16.06
CA LEU L 263 -46.90 -23.89 14.86
C LEU L 263 -45.97 -23.34 13.78
N VAL L 264 -45.15 -24.26 13.25
CA VAL L 264 -44.16 -23.95 12.22
C VAL L 264 -44.10 -25.09 11.21
#